data_7YE2
#
_entry.id   7YE2
#
_cell.length_a   1.00
_cell.length_b   1.00
_cell.length_c   1.00
_cell.angle_alpha   90.00
_cell.angle_beta   90.00
_cell.angle_gamma   90.00
#
_symmetry.space_group_name_H-M   'P 1'
#
loop_
_entity.id
_entity.type
_entity.pdbx_description
1 polymer 'DNA-directed RNA polymerase subunit alpha'
2 polymer 'DNA-directed RNA polymerase subunit beta'
3 polymer "DNA-directed RNA polymerase subunit beta'"
4 polymer 'DNA-directed RNA polymerase subunit omega'
5 polymer 'RNA polymerase sigma factor RpoD'
6 polymer 'DNA (90-MER)-non template'
7 polymer 'DNA (90-MER)-template'
8 polymer 'Cell cycle regulatory protein GcrA'
9 non-polymer 'ZINC ION'
10 non-polymer 'MAGNESIUM ION'
#
loop_
_entity_poly.entity_id
_entity_poly.type
_entity_poly.pdbx_seq_one_letter_code
_entity_poly.pdbx_strand_id
1 'polypeptide(L)'
;MIERNWNELIRPEKPQIETGADATRKARIVAEPLERGFGVTLGNALRRVLLSSLQGAAVTAIQIDGVVHEFSSLEGVRED
VVDIVLNIKQLAVRMHAEGPKRMTLRATGPGPVTAGQIETPADIEILNPDHVLCTLDDGASVRMEFTVNNGKGYVPADRN
RPEDAPIGLIAVDALYSPVKRVAYRVEPTRQGQSLDYDKLILEVETNGAVTPVDAVAYAARILQDQLQIFITFEEPKAKS
ADESKPELPFNPALLKKVDELELSVRSANCLKNDNIVYIGDLIQKTEAEMLRTPNFGRKSLNEIKEVLAGMGLHLGMDVP
NWPPENIEDLAKKFEDQI
;
A,B
2 'polypeptide(L)'
;MAQSFTGKKRIRKSFGRIPEAVQMPNLIEVQRSSYEQFLQRETRPGLRRDEGVEAVFKSVFPIKDFNERAVLEYVSYEFE
EPKYDVEECIQRDMTFAAPLKVKLRLIVFETEEETGARSVKDIKEQDVYMGDIPLMTDKGTFIVNGTERVIVSQMHRSPG
VFFDHDKGKTHASGKLLFAARVIPYRGSWLDFEFDAKDIVYVRIDRRRKLPATTFLYALGMDGEEILTTFYDVVPFEKRS
GGWATPYKPERWRGVKPEFPLVDADTGEEVAPAGTKITARQAKKFADGGLKTLLLAPEALTGRYLARDAVNMATGEIYAE
AGDELDVTSIQALADQGFSTIDVLDIDHVTVGAYMRNTLRVDKNAIREDALFDIYRVMRPGEPPTVEAAEAMFKSLFFDA
ERYDLSSVGRVKMNMRLEQDVSDEVRILRKEDVLAVLKVLVGLRDGRGEIDDIDNLGNRRVRSVGELLENQYRVGLLRME
RAIKERMSSVDIDTVMPHDLINAKPAAAAVREFFGSSQLSQFMDQTNPLSEITHKRRLSALGPGGLTRERAGFEVRDVHP
THYGRICPIETPEGPNIGLINSLATHARVNKYGFIESPYRRVKDGKPQDEVVYMSAMEESKHVIAQSNIKVAEGEIVEDL
VPGRINGEPTLLQKETVDLMDVSPRQVVSVAAALIPFLENDDANRALMGSNMQRQAVPLVQSDAPLVGTGMEAVVARDSG
AVVIAKRTGVVEQIDGTRIVIRATEETDPARSGVDIYRMSKFQRSNQSTCINQRPLVKVGDRIVAGDIIADGPSTELGEL
ALGRNALVAFMPWNGYNFEDSILISERIVRDDVFTSIHIEEFEVMARDTKLGPEEITRDIPNVGEEALRNLDEAGIVAIG
AEVQPGDILVGKVTPKGESPMTPEEKLLRAIFGEKASDVRDTSLRLPPGVAGTIVDVRVFNRHGVDKDERALAIERAEID
RLGKDRDDEFAILNRNISGRLKELLIGKVALSGPKGLSRGEITAEGLAQVASGLWWQIALEDEKAMGELESLRRLFDENR
KRLDRRFEDKVDKLQRGDELPPGVMKMVKVFVAVKRKLQPGDKMAGRHGNKGVISRILPIEDMPFLADGTHVDVVLNPLG
VPSRMNVGQIFETHLGWACANLGKQITNLLEDWQQGGQKQALVERLTEIYGPDEELPDTEEGLVELARNLGKGVPIATPV
FDGARMDDIEGHLEMAGVNKSGQSILFDGLTGEQFKRPVTVGYIYMLKLHHLVDDKIHARSIGPYSLVTQQPLGGKAQFG
GQRFGEMEVWALEAYGAAYTLQEMLTVKSDDVAGRTKVYESIVRGDDTFEAGIPESFNVLVKEMRSLGLNVELENS
;
C
3 'polypeptide(L)'
;MNQEVLNIFNPVQAAPTFDQIRISLASPEKIRSWSFGEIKKPETINYRTFKPERDGLFCARIFGPTKDYECLCGKYKRMK
YKGIICEKCGVEVTLARVRRERMGHIELASPVAHIWFLKSLPSRIAMMLDMPLKDIERVLYFEYYIVTEPGLTPLKQHQL
LSEDDYMRAQEEYGDDSFTAEIGAEAIQNLLKAIDLEKEAERLREELSGTVSDMKQKKFSKRLKILEAFQESGNRPEWMV
LTVVPVIPPELRPLVPLDGGRFATSDLNDLYRRVINRNNRLKRLIELRAPDIIIRNEKRMLQESVDALFDNGRRGRVITG
ANKRPLKSLADMLKGKQGRFRQNLLGKRVDYSGRSVIVVGPELKLHECGLPKKMALELFKPFIYARLDAKGLSGTVKQSK
RMVEREQPQVWDILEEVIREHPVLLNRAPTLHRLGIQAFEPKLIEGKAIQLHPLVCAAFNADFDGDQMAVHVPLSLEAQL
EARVLMMSTNNILSPANGRPIIVPSQDIVLGLYYLSVARDGEPGEGKIFADLGEIEAAMDAGVVSLHAKIKARHTEMTPE
GVLLRKVIDTTPGRMKIAALLPHHPQIGHRLIEKALTKKEIGNLIDIVYRHCGQKATVIFADKVMGLGFKEAAKAGISFG
KDDIIIPVRKTAIVEETRKLAEEYEQQYADGLITKGEKYNKVVDAWAKATDRVADEMMAELQMKHKDENGREKEINAIYM
MAHSGARGSQAQMKQLGGMRGLMAKPSGEIIETPIVSNFKEGLTVQEYFNSTHGARKGLADTALKTANSGYLTRRLVDVA
QDCIIVEEDCGTTKGITLRAVVEGGDVLVSLGSRVLGRFTAEDVKDPGTGELVVPADTYIDENIADAIEAAVVQSVKVRS
VLTCEAKIGVCGACYGRDLARGTPVNIGEAVGVIAAQSIGEPGTQLTMRTFHIGGTAQVAEQSFFEASNEGTVRVIGPTV
VGSDGALVIMSRNTSVSVLVDGKERETYKPPYGARLRVKDGDLVKRGQRLGDWDPYTTPIITEVAGKIRAEDLVDGLSIR
EEVDEATGIAQRVVADWRTSARGSDLRPAMGVLSEDGSYKRLSNGGEARYLLSAGAILSVADGDEVKPGEVIARIPTEGA
KTRDITGGLPRVAELFEARRPKDCAVIAEMDGRVEFGKDYKNKRRIKITPDVDADGNQPEAVEFLIPKGKHIAVHDGDYI
TKGEYIIDGNPDPHDILRILGVEALANFLVDEIQEVYRLQGVPINDKHIETIVRQMLQKVEILEPGDTGLIKGDHLDKPE
FDKEQEKAIARGGRPAVTQPVLLGITKASLQTKSFISAASFQETTRVLTEASVHGKTDTLEGLKENVIVGRLIPAGTGSY
LRSLQRVAAKRDEQLAQQREDAMEPLPAEIALSDAE
;
D
4 'polypeptide(L)'
;MARVTVEDCVEKVPNRFALVLLSAHRARGISAGAALMVDRDNDKNPVVALREIADDVIDHEGLKEHLISTLQRVDEHTEA
EEEAETLALLADPSHMQMSELELVRALQSDRDGGQEERY
;
E
5 'polypeptide(L)'
;MSNNSSAETEAPETTGGDGPLLDLTDAGVKKFIKQAKARGYVTMDELNKVLPSEEVSPDAIEDTLAMLSEMGVNVVEAEE
DAENAEGGEVATRDENTTVIASDKPAAYDRTDDPVRMYLREMGSVELLSREGEIAIAKRIEAGRDTMIRGLCESALTFEA
IMVWREELGTGRILLREVIDLEGTYAAINGVAAQPAAEDDEGPAEPVDDEAGEAKAEGAEGEDEDDFDDGAGPTVSAMEG
ELREGVMAILDAIASEFEAFRKLQDKLVGSRLKGEDLSDADRKAYEGLSATIIQHLKTLKLNNNRIEALVEQLYAINKRL
IGLEGRLLRLADSYGISRGEFLKAYFGSELNPTWSEQVKAMGVRWTKFVENDSQSVTDIRSEIAALATETGVPIDDYRRI
VQTVQKGEREARQAKKEMVEANLRLVISIAKKYTNRGLQFLDLIQEGNIGLMKAVDKFEYRRGYKFSTYATWWIRQAITR
SIADQARTIRIPVHMIETINKIVRTSRQMLHEIGREPTPEELAEKLAMPLEKVRKVLKIAKEPISLETPIGDEEDSHLGD
FIEDKNAILPIDAAIQSNLRETTTRVLASLTPREERVLRMRFGIGMNTDHTLEEVGQQFSVTRERIRQIEAKALRKLKHP
SRSRKLRSFLDS
;
F
6 'polydeoxyribonucleotide'
;(DC)(DT)(DG)(DT)(DG)(DG)(DA)(DT)(DT)(DG)(DA)(DG)(DG)(DC)(DC)(DC)(DT)(DT)(DA)(DG)
(DC)(DC)(DC)(DC)(DT)(DT)(DG)(DA)(DC)(DA)(DG)(DG)(DC)(DG)(DG)(DG)(DA)(DA)(DA)(DC)
(DA)(DT)(DC)(DG)(DT)(DG)(DT)(DT)(DA)(DA)(DC)(DC)(DT)(DT)(DC)(DG)(DA)(DT)(DT)(DA)
(DA)(DG)(6MA)(DG)(DT)(DC)(DG)(DC)(DT)(DG)(6MA)(DG)(DT)(DC)(DG)(DC)(DG)(DA)(DC)
(DG)(DC)(DA)(DG)(DA)(DA)(DG)(DG)(DA)(DT)(DC)
;
H
7 'polydeoxyribonucleotide'
;(DG)(DA)(DT)(DC)(DC)(DT)(DT)(DC)(DT)(DG)(DC)(DG)(DT)(DC)(DG)(DC)(DG)(6MA)(DC)
(DT)(DC)(DA)(DG)(DC)(DG)(6MA)(DC)(DT)(DC)(DT)(DT)(DA)(DA)(DT)(DC)(DG)(DA)(DA)
(DG)(DG)(DT)(DT)(DA)(DA)(DC)(DA)(DC)(DG)(DA)(DT)(DG)(DT)(DT)(DT)(DC)(DC)(DC)(DG)
(DC)(DC)(DT)(DG)(DT)(DC)(DA)(DA)(DG)(DG)(DG)(DG)(DC)(DT)(DA)(DA)(DG)(DG)(DG)(DC)
(DC)(DT)(DC)(DA)(DA)(DT)(DC)(DC)(DA)(DC)(DA)(DG)
;
I
8 'polypeptide(L)'
;MSWTDERVSTLKKLWLDGLSASQIAKQLGGVTRNAVIGKVHRLGLSGRAAPSQPARPAFKAPRPARPAAQAMPSAPRRVT
PVEAPTSVPVAAAPAPLPAFRHEEPGSATVLTLGAHMCKWPIGDPSSEGFTFCGRRSSEGPYCVEHARVAYQPQQTKKKS
GGAELARSLRRYI
;
G
#
loop_
_chem_comp.id
_chem_comp.type
_chem_comp.name
_chem_comp.formula
6MA DNA linking N6-METHYL-DEOXY-ADENOSINE-5'-MONOPHOSPHATE 'C11 H16 N5 O6 P'
DA DNA linking 2'-DEOXYADENOSINE-5'-MONOPHOSPHATE 'C10 H14 N5 O6 P'
DC DNA linking 2'-DEOXYCYTIDINE-5'-MONOPHOSPHATE 'C9 H14 N3 O7 P'
DG DNA linking 2'-DEOXYGUANOSINE-5'-MONOPHOSPHATE 'C10 H14 N5 O7 P'
DT DNA linking THYMIDINE-5'-MONOPHOSPHATE 'C10 H15 N2 O8 P'
MG non-polymer 'MAGNESIUM ION' 'Mg 2'
ZN non-polymer 'ZINC ION' 'Zn 2'
#
# COMPACT_ATOMS: atom_id res chain seq x y z
N ARG A 4 -4.79 32.49 60.37
CA ARG A 4 -4.62 32.51 58.92
C ARG A 4 -5.95 32.40 58.21
N ASN A 5 -6.97 33.08 58.75
CA ASN A 5 -8.31 33.05 58.17
C ASN A 5 -9.07 34.28 58.65
N TRP A 6 -9.71 34.97 57.72
CA TRP A 6 -10.49 36.17 58.01
C TRP A 6 -9.60 37.29 58.56
N ASN A 7 -8.32 37.29 58.20
CA ASN A 7 -7.38 38.31 58.63
C ASN A 7 -6.97 39.27 57.53
N GLU A 8 -6.93 38.81 56.28
CA GLU A 8 -6.55 39.66 55.17
C GLU A 8 -7.68 40.62 54.82
N LEU A 9 -7.43 41.48 53.82
CA LEU A 9 -8.42 42.45 53.38
C LEU A 9 -9.59 41.71 52.73
N ILE A 10 -10.76 41.78 53.36
CA ILE A 10 -11.93 41.08 52.82
C ILE A 10 -12.46 41.82 51.60
N ARG A 11 -13.19 41.07 50.76
CA ARG A 11 -13.76 41.63 49.55
C ARG A 11 -14.80 42.70 49.89
N PRO A 12 -15.18 43.53 48.93
CA PRO A 12 -16.18 44.58 49.20
C PRO A 12 -17.54 43.95 49.47
N GLU A 13 -18.10 44.27 50.64
CA GLU A 13 -19.41 43.75 51.01
C GLU A 13 -20.47 44.28 50.04
N LYS A 14 -21.22 43.35 49.43
CA LYS A 14 -22.22 43.69 48.43
C LYS A 14 -21.57 44.42 47.26
N PRO A 15 -20.74 43.74 46.47
CA PRO A 15 -20.10 44.39 45.33
C PRO A 15 -21.12 44.86 44.30
N GLN A 16 -20.76 45.92 43.59
CA GLN A 16 -21.65 46.52 42.60
C GLN A 16 -21.67 45.67 41.33
N ILE A 17 -22.85 45.22 40.93
CA ILE A 17 -23.03 44.47 39.69
C ILE A 17 -23.55 45.47 38.66
N GLU A 18 -22.62 46.07 37.92
CA GLU A 18 -22.97 47.05 36.90
C GLU A 18 -23.72 46.34 35.77
N THR A 19 -25.03 46.53 35.73
CA THR A 19 -25.85 45.85 34.73
C THR A 19 -25.53 46.37 33.34
N GLY A 20 -25.48 45.45 32.38
CA GLY A 20 -25.22 45.78 30.99
C GLY A 20 -26.49 46.12 30.23
N ALA A 21 -26.41 45.98 28.91
CA ALA A 21 -27.53 46.26 28.02
C ALA A 21 -28.03 45.00 27.33
N ASP A 22 -27.86 43.84 27.98
CA ASP A 22 -28.28 42.56 27.43
C ASP A 22 -29.45 41.95 28.19
N ALA A 23 -30.13 42.74 29.03
CA ALA A 23 -31.27 42.29 29.80
C ALA A 23 -30.88 41.15 30.75
N THR A 24 -29.96 41.48 31.67
CA THR A 24 -29.49 40.55 32.68
C THR A 24 -28.78 39.35 32.03
N ARG A 25 -27.89 39.65 31.09
CA ARG A 25 -27.08 38.63 30.44
C ARG A 25 -25.60 38.99 30.32
N LYS A 26 -25.21 40.23 30.66
CA LYS A 26 -23.82 40.64 30.60
C LYS A 26 -23.43 41.49 31.81
N ALA A 27 -24.11 41.28 32.94
CA ALA A 27 -23.82 42.05 34.15
C ALA A 27 -22.44 41.67 34.68
N ARG A 28 -21.48 42.57 34.50
CA ARG A 28 -20.10 42.31 34.91
C ARG A 28 -19.94 42.65 36.39
N ILE A 29 -19.49 41.69 37.18
CA ILE A 29 -19.25 41.90 38.60
C ILE A 29 -17.95 42.66 38.79
N VAL A 30 -17.88 43.40 39.89
CA VAL A 30 -16.70 44.21 40.21
C VAL A 30 -16.40 44.05 41.70
N ALA A 31 -15.11 43.93 42.03
CA ALA A 31 -14.67 43.83 43.41
C ALA A 31 -13.38 44.63 43.55
N GLU A 32 -13.50 45.87 44.06
CA GLU A 32 -12.33 46.74 44.15
C GLU A 32 -11.35 46.25 45.20
N PRO A 33 -11.71 46.17 46.50
CA PRO A 33 -10.73 45.74 47.51
C PRO A 33 -10.50 44.25 47.46
N LEU A 34 -9.28 43.87 47.07
CA LEU A 34 -8.90 42.46 46.98
C LEU A 34 -7.39 42.35 47.07
N GLU A 35 -6.93 41.20 47.55
CA GLU A 35 -5.50 40.99 47.70
C GLU A 35 -4.80 41.02 46.34
N ARG A 36 -3.54 41.48 46.35
CA ARG A 36 -2.80 41.68 45.11
C ARG A 36 -2.62 40.35 44.37
N GLY A 37 -1.91 39.41 44.99
CA GLY A 37 -1.73 38.11 44.38
C GLY A 37 -2.98 37.25 44.32
N PHE A 38 -4.04 37.67 45.01
CA PHE A 38 -5.29 36.91 45.07
C PHE A 38 -6.28 37.31 43.98
N GLY A 39 -6.06 38.44 43.30
CA GLY A 39 -7.02 38.92 42.32
C GLY A 39 -7.21 37.95 41.17
N VAL A 40 -6.12 37.54 40.53
CA VAL A 40 -6.21 36.61 39.42
C VAL A 40 -6.55 35.20 39.89
N THR A 41 -6.27 34.89 41.15
CA THR A 41 -6.57 33.55 41.67
C THR A 41 -8.09 33.35 41.79
N LEU A 42 -8.75 34.23 42.54
CA LEU A 42 -10.19 34.10 42.73
C LEU A 42 -10.94 34.24 41.41
N GLY A 43 -10.56 35.24 40.59
CA GLY A 43 -11.25 35.46 39.34
C GLY A 43 -11.13 34.29 38.39
N ASN A 44 -9.92 33.75 38.24
CA ASN A 44 -9.72 32.62 37.34
C ASN A 44 -10.39 31.36 37.88
N ALA A 45 -10.25 31.09 39.18
CA ALA A 45 -10.88 29.91 39.77
C ALA A 45 -12.40 30.01 39.70
N LEU A 46 -12.95 31.22 39.66
CA LEU A 46 -14.38 31.38 39.50
C LEU A 46 -14.80 31.21 38.05
N ARG A 47 -14.04 31.81 37.12
CA ARG A 47 -14.40 31.72 35.71
C ARG A 47 -14.28 30.30 35.19
N ARG A 48 -13.30 29.55 35.69
CA ARG A 48 -13.08 28.18 35.25
C ARG A 48 -14.08 27.24 35.91
N VAL A 49 -14.15 27.29 37.24
CA VAL A 49 -15.07 26.44 37.97
C VAL A 49 -16.51 26.74 37.59
N LEU A 50 -16.84 28.02 37.45
CA LEU A 50 -18.19 28.41 37.08
C LEU A 50 -18.53 27.90 35.68
N LEU A 51 -17.59 28.05 34.76
CA LEU A 51 -17.79 27.59 33.39
C LEU A 51 -17.90 26.06 33.35
N SER A 52 -17.03 25.40 34.11
CA SER A 52 -17.01 23.94 34.17
C SER A 52 -18.27 23.37 34.80
N SER A 53 -18.73 24.00 35.88
CA SER A 53 -19.93 23.55 36.58
C SER A 53 -20.98 24.65 36.65
N LEU A 54 -22.19 24.32 36.22
CA LEU A 54 -23.32 25.24 36.23
C LEU A 54 -24.56 24.51 35.75
N GLN A 55 -25.17 23.76 36.66
CA GLN A 55 -26.36 22.99 36.34
C GLN A 55 -27.35 23.86 35.55
N GLY A 56 -27.55 23.52 34.29
CA GLY A 56 -28.47 24.25 33.43
C GLY A 56 -29.51 23.32 32.85
N ALA A 57 -29.84 23.54 31.58
CA ALA A 57 -30.81 22.70 30.91
C ALA A 57 -30.80 23.02 29.43
N ALA A 58 -30.95 21.98 28.60
CA ALA A 58 -31.03 22.15 27.16
C ALA A 58 -31.70 20.92 26.57
N VAL A 59 -32.12 21.04 25.31
CA VAL A 59 -32.86 19.98 24.66
C VAL A 59 -31.91 18.82 24.35
N THR A 60 -31.98 17.77 25.15
CA THR A 60 -31.08 16.63 25.02
C THR A 60 -31.69 15.47 24.25
N ALA A 61 -32.98 15.53 23.91
CA ALA A 61 -33.63 14.48 23.15
C ALA A 61 -34.77 15.10 22.36
N ILE A 62 -34.55 15.35 21.08
CA ILE A 62 -35.56 15.92 20.20
C ILE A 62 -36.41 14.79 19.63
N GLN A 63 -37.72 15.01 19.56
CA GLN A 63 -38.67 14.03 19.03
C GLN A 63 -39.55 14.74 18.00
N ILE A 64 -39.12 14.69 16.75
CA ILE A 64 -39.87 15.30 15.65
C ILE A 64 -40.75 14.24 15.02
N ASP A 65 -42.03 14.58 14.80
CA ASP A 65 -42.97 13.63 14.23
C ASP A 65 -42.78 13.45 12.72
N GLY A 66 -42.16 14.41 12.05
CA GLY A 66 -41.95 14.30 10.62
C GLY A 66 -40.58 13.80 10.24
N VAL A 67 -39.95 13.06 11.14
CA VAL A 67 -38.61 12.51 10.88
C VAL A 67 -38.36 11.40 11.89
N VAL A 68 -37.49 10.46 11.52
CA VAL A 68 -37.15 9.35 12.39
C VAL A 68 -35.71 9.43 12.90
N HIS A 69 -34.81 10.07 12.16
CA HIS A 69 -33.42 10.23 12.58
C HIS A 69 -33.01 11.69 12.42
N GLU A 70 -31.82 12.00 12.95
CA GLU A 70 -31.30 13.36 12.94
C GLU A 70 -30.56 13.70 11.66
N PHE A 71 -30.80 12.97 10.57
CA PHE A 71 -30.13 13.21 9.31
C PHE A 71 -31.08 13.43 8.13
N SER A 72 -32.38 13.24 8.33
CA SER A 72 -33.35 13.43 7.26
C SER A 72 -33.73 14.91 7.18
N SER A 73 -34.75 15.22 6.38
CA SER A 73 -35.24 16.58 6.22
C SER A 73 -36.75 16.60 6.41
N LEU A 74 -37.23 17.60 7.14
CA LEU A 74 -38.65 17.74 7.38
C LEU A 74 -39.39 18.06 6.08
N GLU A 75 -40.72 17.91 6.13
CA GLU A 75 -41.52 18.10 4.93
C GLU A 75 -41.54 19.56 4.49
N GLY A 76 -42.04 20.44 5.35
CA GLY A 76 -42.17 21.84 4.99
C GLY A 76 -41.28 22.76 5.79
N VAL A 77 -40.04 22.36 6.03
CA VAL A 77 -39.08 23.13 6.80
C VAL A 77 -37.82 23.35 5.97
N ARG A 78 -37.33 24.59 5.98
CA ARG A 78 -36.15 24.91 5.19
C ARG A 78 -34.91 24.17 5.71
N GLU A 79 -34.58 24.39 6.98
CA GLU A 79 -33.41 23.73 7.56
C GLU A 79 -33.68 22.24 7.74
N ASP A 80 -32.67 21.43 7.47
CA ASP A 80 -32.79 19.99 7.62
C ASP A 80 -32.91 19.62 9.10
N VAL A 81 -33.09 18.32 9.36
CA VAL A 81 -33.22 17.85 10.74
C VAL A 81 -31.92 18.05 11.50
N VAL A 82 -30.78 17.85 10.83
CA VAL A 82 -29.51 18.04 11.49
C VAL A 82 -29.25 19.52 11.76
N ASP A 83 -29.76 20.40 10.90
CA ASP A 83 -29.59 21.83 11.13
C ASP A 83 -30.44 22.31 12.30
N ILE A 84 -31.61 21.70 12.50
CA ILE A 84 -32.43 22.04 13.66
C ILE A 84 -31.72 21.65 14.95
N VAL A 85 -30.99 20.54 14.92
CA VAL A 85 -30.20 20.13 16.09
C VAL A 85 -29.10 21.15 16.37
N LEU A 86 -28.56 21.76 15.32
CA LEU A 86 -27.56 22.82 15.50
C LEU A 86 -28.18 24.07 16.11
N ASN A 87 -29.48 24.29 15.94
CA ASN A 87 -30.18 25.41 16.54
C ASN A 87 -30.85 25.05 17.86
N ILE A 88 -31.41 23.84 17.96
CA ILE A 88 -32.02 23.42 19.22
C ILE A 88 -30.95 23.21 20.29
N LYS A 89 -29.72 22.91 19.88
CA LYS A 89 -28.63 22.71 20.84
C LYS A 89 -28.36 23.99 21.61
N GLN A 90 -28.26 25.12 20.92
CA GLN A 90 -28.05 26.42 21.55
C GLN A 90 -29.36 27.07 21.94
N LEU A 91 -30.19 26.34 22.69
CA LEU A 91 -31.51 26.78 23.12
C LEU A 91 -31.49 26.87 24.65
N ALA A 92 -31.11 28.03 25.17
CA ALA A 92 -31.03 28.23 26.61
C ALA A 92 -32.41 28.13 27.24
N VAL A 93 -32.57 27.19 28.16
CA VAL A 93 -33.84 26.95 28.84
C VAL A 93 -33.56 26.58 30.27
N ARG A 94 -34.22 27.26 31.22
CA ARG A 94 -34.12 26.95 32.64
C ARG A 94 -35.40 26.29 33.10
N MET A 95 -35.25 25.23 33.90
CA MET A 95 -36.39 24.45 34.37
C MET A 95 -36.57 24.50 35.88
N HIS A 96 -35.48 24.45 36.65
CA HIS A 96 -35.56 24.45 38.11
C HIS A 96 -36.33 23.24 38.62
N ALA A 97 -36.05 22.08 38.03
CA ALA A 97 -36.73 20.85 38.42
C ALA A 97 -35.90 19.67 37.95
N GLU A 98 -35.98 18.58 38.71
CA GLU A 98 -35.24 17.35 38.38
C GLU A 98 -36.09 16.42 37.55
N GLY A 99 -35.49 15.86 36.51
CA GLY A 99 -36.17 14.92 35.65
C GLY A 99 -36.34 15.44 34.23
N PRO A 100 -36.33 14.52 33.26
CA PRO A 100 -36.53 14.93 31.86
C PRO A 100 -37.91 15.50 31.64
N LYS A 101 -37.98 16.56 30.85
CA LYS A 101 -39.23 17.25 30.56
C LYS A 101 -39.74 16.82 29.18
N ARG A 102 -40.87 17.42 28.78
CA ARG A 102 -41.57 17.07 27.56
C ARG A 102 -41.94 18.33 26.78
N MET A 103 -40.96 19.22 26.59
CA MET A 103 -41.17 20.46 25.84
C MET A 103 -41.64 20.17 24.43
N THR A 104 -42.88 20.54 24.12
CA THR A 104 -43.47 20.30 22.81
C THR A 104 -43.44 21.58 21.98
N LEU A 105 -43.17 21.44 20.69
CA LEU A 105 -43.13 22.55 19.76
C LEU A 105 -43.92 22.20 18.51
N ARG A 106 -44.97 22.98 18.25
CA ARG A 106 -45.80 22.76 17.06
C ARG A 106 -46.25 24.13 16.56
N ALA A 107 -45.53 24.65 15.57
CA ALA A 107 -45.83 25.97 15.02
C ALA A 107 -45.75 25.91 13.50
N THR A 108 -46.41 26.86 12.86
CA THR A 108 -46.44 26.95 11.40
C THR A 108 -46.90 28.36 11.02
N GLY A 109 -47.21 28.55 9.75
CA GLY A 109 -47.66 29.82 9.26
C GLY A 109 -46.63 30.51 8.38
N PRO A 110 -46.01 31.57 8.91
CA PRO A 110 -45.01 32.30 8.10
C PRO A 110 -43.79 31.46 7.78
N GLY A 111 -43.25 30.74 8.75
CA GLY A 111 -42.10 29.89 8.52
C GLY A 111 -40.95 30.09 9.49
N PRO A 112 -40.63 31.35 9.83
CA PRO A 112 -39.58 31.53 10.86
C PRO A 112 -40.10 31.27 12.27
N VAL A 113 -40.18 29.99 12.62
CA VAL A 113 -40.63 29.61 13.96
C VAL A 113 -39.58 29.99 14.98
N THR A 114 -39.99 30.70 16.02
CA THR A 114 -39.09 31.15 17.08
C THR A 114 -39.12 30.18 18.24
N ALA A 115 -38.04 30.21 19.04
CA ALA A 115 -37.96 29.35 20.21
C ALA A 115 -39.01 29.70 21.24
N GLY A 116 -39.39 30.98 21.32
CA GLY A 116 -40.40 31.40 22.29
C GLY A 116 -41.77 30.83 22.01
N GLN A 117 -42.05 30.45 20.77
CA GLN A 117 -43.34 29.86 20.40
C GLN A 117 -43.34 28.35 20.59
N ILE A 118 -42.98 27.91 21.79
CA ILE A 118 -42.91 26.49 22.12
C ILE A 118 -43.86 26.22 23.28
N GLU A 119 -44.62 25.12 23.18
CA GLU A 119 -45.57 24.73 24.22
C GLU A 119 -44.81 24.09 25.39
N THR A 120 -44.11 24.94 26.14
CA THR A 120 -43.32 24.50 27.28
C THR A 120 -44.17 24.49 28.55
N PRO A 121 -43.85 23.61 29.50
CA PRO A 121 -44.60 23.59 30.76
C PRO A 121 -44.40 24.85 31.58
N ALA A 122 -45.05 24.92 32.75
CA ALA A 122 -44.99 26.09 33.61
C ALA A 122 -43.75 26.10 34.51
N ASP A 123 -42.73 25.30 34.20
CA ASP A 123 -41.53 25.26 35.01
C ASP A 123 -40.28 25.47 34.15
N ILE A 124 -40.36 25.08 32.88
CA ILE A 124 -39.22 25.16 31.97
C ILE A 124 -39.39 26.44 31.17
N GLU A 125 -38.80 27.53 31.67
CA GLU A 125 -38.90 28.82 31.01
C GLU A 125 -37.88 28.86 29.87
N ILE A 126 -38.36 28.74 28.64
CA ILE A 126 -37.48 28.79 27.48
C ILE A 126 -36.99 30.21 27.28
N LEU A 127 -35.69 30.37 27.08
CA LEU A 127 -35.08 31.67 26.85
C LEU A 127 -34.88 31.89 25.35
N ASN A 128 -34.39 33.08 25.00
CA ASN A 128 -34.18 33.47 23.62
C ASN A 128 -35.50 33.45 22.85
N PRO A 129 -36.44 34.33 23.20
CA PRO A 129 -37.74 34.31 22.49
C PRO A 129 -37.62 34.70 21.03
N ASP A 130 -36.62 35.52 20.67
CA ASP A 130 -36.40 35.91 19.29
C ASP A 130 -35.41 34.99 18.58
N HIS A 131 -35.26 33.75 19.04
CA HIS A 131 -34.34 32.79 18.45
C HIS A 131 -35.10 31.88 17.50
N VAL A 132 -34.61 31.78 16.27
CA VAL A 132 -35.24 30.96 15.24
C VAL A 132 -34.62 29.56 15.27
N LEU A 133 -35.47 28.54 15.17
CA LEU A 133 -35.03 27.15 15.14
C LEU A 133 -34.98 26.59 13.73
N CYS A 134 -35.91 26.98 12.87
CA CYS A 134 -35.93 26.54 11.48
C CYS A 134 -36.82 27.51 10.70
N THR A 135 -37.10 27.16 9.45
CA THR A 135 -37.92 28.00 8.58
C THR A 135 -38.85 27.12 7.77
N LEU A 136 -40.12 27.54 7.68
CA LEU A 136 -41.13 26.82 6.92
C LEU A 136 -41.40 27.53 5.59
N ASP A 137 -42.14 26.85 4.73
CA ASP A 137 -42.46 27.35 3.39
C ASP A 137 -43.96 27.57 3.24
N ASP A 138 -44.60 28.08 4.29
CA ASP A 138 -46.04 28.33 4.29
C ASP A 138 -46.84 27.05 4.08
N GLY A 139 -46.32 25.93 4.57
CA GLY A 139 -46.97 24.65 4.39
C GLY A 139 -47.20 23.88 5.67
N ALA A 140 -46.78 22.62 5.69
CA ALA A 140 -47.01 21.78 6.86
C ALA A 140 -46.16 22.25 8.04
N SER A 141 -46.62 21.92 9.24
CA SER A 141 -45.94 22.28 10.48
C SER A 141 -45.07 21.11 10.94
N VAL A 142 -44.51 21.24 12.14
CA VAL A 142 -43.67 20.20 12.73
C VAL A 142 -44.02 20.09 14.21
N ARG A 143 -44.34 18.88 14.65
CA ARG A 143 -44.71 18.62 16.04
C ARG A 143 -43.48 18.15 16.82
N MET A 144 -42.51 19.05 16.93
CA MET A 144 -41.27 18.73 17.64
C MET A 144 -41.54 18.62 19.14
N GLU A 145 -41.11 17.51 19.73
CA GLU A 145 -41.26 17.27 21.16
C GLU A 145 -39.88 17.14 21.78
N PHE A 146 -39.55 18.07 22.68
CA PHE A 146 -38.23 18.11 23.31
C PHE A 146 -38.22 17.31 24.60
N THR A 147 -37.03 16.99 25.06
CA THR A 147 -36.80 16.22 26.29
C THR A 147 -35.71 16.88 27.12
N VAL A 148 -35.87 18.19 27.36
CA VAL A 148 -34.85 18.96 28.06
C VAL A 148 -34.62 18.42 29.45
N ASN A 149 -33.36 18.20 29.80
CA ASN A 149 -32.93 17.75 31.11
C ASN A 149 -32.06 18.83 31.75
N ASN A 150 -31.53 18.52 32.94
CA ASN A 150 -30.64 19.42 33.66
C ASN A 150 -29.31 18.70 33.86
N GLY A 151 -28.27 19.20 33.19
CA GLY A 151 -26.95 18.60 33.28
C GLY A 151 -25.88 19.59 33.68
N LYS A 152 -24.67 19.36 33.19
CA LYS A 152 -23.54 20.25 33.50
C LYS A 152 -22.50 20.22 32.38
N GLY A 153 -22.04 21.40 31.97
CA GLY A 153 -21.05 21.52 30.93
C GLY A 153 -21.60 21.14 29.57
N TYR A 154 -21.16 19.99 29.05
CA TYR A 154 -21.59 19.51 27.76
C TYR A 154 -21.49 17.99 27.73
N VAL A 155 -22.56 17.33 27.31
CA VAL A 155 -22.57 15.87 27.22
C VAL A 155 -22.67 15.47 25.75
N PRO A 156 -21.94 14.44 25.32
CA PRO A 156 -22.03 14.01 23.93
C PRO A 156 -23.40 13.46 23.59
N ALA A 157 -23.63 13.23 22.30
CA ALA A 157 -24.91 12.73 21.84
C ALA A 157 -25.10 11.24 22.17
N ASP A 158 -24.03 10.46 22.12
CA ASP A 158 -24.11 9.02 22.38
C ASP A 158 -23.92 8.71 23.86
N ARG A 159 -24.71 9.37 24.72
CA ARG A 159 -24.67 9.13 26.15
C ARG A 159 -26.03 8.99 26.80
N ASN A 160 -27.08 9.56 26.23
CA ASN A 160 -28.41 9.48 26.84
C ASN A 160 -29.47 9.07 25.82
N ARG A 161 -29.22 9.35 24.54
CA ARG A 161 -30.16 9.04 23.49
C ARG A 161 -30.16 7.55 23.14
N PRO A 162 -29.02 6.95 22.80
CA PRO A 162 -29.02 5.52 22.43
C PRO A 162 -29.13 4.57 23.62
N GLU A 163 -29.31 5.06 24.84
CA GLU A 163 -29.43 4.18 25.99
C GLU A 163 -30.75 3.42 25.96
N ASP A 164 -31.87 4.15 26.00
CA ASP A 164 -33.18 3.53 25.93
C ASP A 164 -34.16 4.58 25.41
N ALA A 165 -34.51 4.48 24.13
CA ALA A 165 -35.42 5.44 23.51
C ALA A 165 -36.04 4.79 22.28
N PRO A 166 -37.26 5.18 21.92
CA PRO A 166 -37.88 4.60 20.71
C PRO A 166 -37.22 5.10 19.45
N ILE A 167 -37.47 4.38 18.36
CA ILE A 167 -36.93 4.75 17.05
C ILE A 167 -37.62 6.05 16.61
N GLY A 168 -36.87 7.14 16.60
CA GLY A 168 -37.42 8.42 16.21
C GLY A 168 -36.98 9.57 17.10
N LEU A 169 -36.31 9.24 18.21
CA LEU A 169 -35.81 10.24 19.14
C LEU A 169 -34.46 10.75 18.67
N ILE A 170 -34.36 12.05 18.42
CA ILE A 170 -33.11 12.63 17.94
C ILE A 170 -32.05 12.56 19.04
N ALA A 171 -30.84 12.19 18.66
CA ALA A 171 -29.72 12.09 19.60
C ALA A 171 -28.92 13.39 19.59
N VAL A 172 -29.54 14.43 20.14
CA VAL A 172 -28.94 15.76 20.20
C VAL A 172 -28.13 15.87 21.49
N ASP A 173 -26.90 16.37 21.36
CA ASP A 173 -26.01 16.54 22.50
C ASP A 173 -26.16 17.97 23.01
N ALA A 174 -27.16 18.18 23.86
CA ALA A 174 -27.42 19.51 24.39
C ALA A 174 -26.31 19.94 25.33
N LEU A 175 -25.90 21.21 25.20
CA LEU A 175 -24.91 21.79 26.10
C LEU A 175 -25.63 22.44 27.28
N TYR A 176 -25.19 22.10 28.49
CA TYR A 176 -25.85 22.54 29.70
C TYR A 176 -25.23 23.80 30.31
N SER A 177 -24.08 24.23 29.81
CA SER A 177 -23.43 25.42 30.35
C SER A 177 -24.31 26.65 30.10
N PRO A 178 -24.67 27.39 31.15
CA PRO A 178 -25.52 28.58 30.97
C PRO A 178 -24.75 29.88 30.74
N VAL A 179 -23.44 29.81 30.52
CA VAL A 179 -22.62 30.99 30.23
C VAL A 179 -22.00 30.81 28.85
N LYS A 180 -22.09 31.85 28.02
CA LYS A 180 -21.55 31.78 26.67
C LYS A 180 -20.07 32.17 26.64
N ARG A 181 -19.71 33.28 27.26
CA ARG A 181 -18.31 33.71 27.33
C ARG A 181 -18.13 34.52 28.60
N VAL A 182 -17.23 34.06 29.46
CA VAL A 182 -16.92 34.74 30.71
C VAL A 182 -15.67 35.58 30.51
N ALA A 183 -15.72 36.84 30.94
CA ALA A 183 -14.59 37.74 30.79
C ALA A 183 -13.73 37.68 32.05
N TYR A 184 -12.69 38.53 32.08
CA TYR A 184 -11.77 38.56 33.21
C TYR A 184 -10.90 39.81 33.17
N ARG A 185 -10.82 40.51 34.30
CA ARG A 185 -10.00 41.71 34.40
C ARG A 185 -9.55 41.87 35.84
N VAL A 186 -8.30 42.31 36.02
CA VAL A 186 -7.73 42.57 37.33
C VAL A 186 -7.03 43.93 37.25
N GLU A 187 -7.73 44.98 37.69
CA GLU A 187 -7.18 46.33 37.64
C GLU A 187 -6.72 46.73 39.03
N PRO A 188 -5.42 46.96 39.23
CA PRO A 188 -4.95 47.34 40.57
C PRO A 188 -5.45 48.73 40.96
N THR A 189 -5.81 48.87 42.23
CA THR A 189 -6.31 50.14 42.75
C THR A 189 -5.26 50.85 43.58
N LEU A 195 -0.58 48.06 50.05
CA LEU A 195 -1.59 49.12 49.97
C LEU A 195 -2.20 49.17 48.58
N ASP A 196 -1.53 48.57 47.61
CA ASP A 196 -1.99 48.54 46.22
C ASP A 196 -2.79 47.25 46.01
N TYR A 197 -4.11 47.36 46.11
CA TYR A 197 -5.01 46.23 45.93
C TYR A 197 -5.63 46.29 44.54
N ASP A 198 -5.73 45.14 43.89
CA ASP A 198 -6.27 45.06 42.54
C ASP A 198 -7.77 44.80 42.58
N LYS A 199 -8.47 45.31 41.58
CA LYS A 199 -9.91 45.16 41.45
C LYS A 199 -10.21 44.06 40.45
N LEU A 200 -11.12 43.15 40.83
CA LEU A 200 -11.51 42.02 40.00
C LEU A 200 -12.77 42.40 39.22
N ILE A 201 -12.64 42.52 37.91
CA ILE A 201 -13.76 42.86 37.05
C ILE A 201 -14.17 41.65 36.24
N LEU A 202 -15.12 40.87 36.76
CA LEU A 202 -15.62 39.69 36.07
C LEU A 202 -16.83 40.08 35.24
N GLU A 203 -16.80 39.78 33.95
CA GLU A 203 -17.83 40.21 33.01
C GLU A 203 -18.52 39.02 32.36
N VAL A 204 -18.93 38.05 33.16
CA VAL A 204 -19.54 36.82 32.64
C VAL A 204 -20.79 37.18 31.84
N GLU A 205 -20.78 36.80 30.56
CA GLU A 205 -21.91 37.04 29.67
C GLU A 205 -22.79 35.79 29.57
N THR A 206 -23.39 35.42 30.69
CA THR A 206 -24.26 34.26 30.74
C THR A 206 -25.58 34.55 30.03
N ASN A 207 -26.20 33.48 29.54
CA ASN A 207 -27.45 33.61 28.80
C ASN A 207 -28.61 33.80 29.78
N GLY A 208 -29.84 33.72 29.26
CA GLY A 208 -31.02 33.95 30.08
C GLY A 208 -31.33 32.85 31.08
N ALA A 209 -30.60 31.74 31.04
CA ALA A 209 -30.82 30.66 32.00
C ALA A 209 -30.58 31.14 33.42
N VAL A 210 -29.42 31.74 33.66
CA VAL A 210 -29.08 32.33 34.95
C VAL A 210 -28.53 33.72 34.71
N THR A 211 -28.90 34.66 35.57
CA THR A 211 -28.42 36.02 35.43
C THR A 211 -26.95 36.10 35.83
N PRO A 212 -26.19 37.04 35.25
CA PRO A 212 -24.76 37.15 35.58
C PRO A 212 -24.50 37.40 37.05
N VAL A 213 -25.39 38.14 37.74
CA VAL A 213 -25.22 38.35 39.17
C VAL A 213 -25.45 37.06 39.95
N ASP A 214 -26.16 36.10 39.36
CA ASP A 214 -26.40 34.81 40.00
C ASP A 214 -25.45 33.73 39.52
N ALA A 215 -24.93 33.83 38.31
CA ALA A 215 -23.98 32.84 37.83
C ALA A 215 -22.69 32.88 38.63
N VAL A 216 -22.17 34.08 38.90
CA VAL A 216 -20.97 34.22 39.71
C VAL A 216 -21.23 33.70 41.12
N ALA A 217 -22.42 33.94 41.65
CA ALA A 217 -22.76 33.44 42.98
C ALA A 217 -22.78 31.91 42.98
N TYR A 218 -23.36 31.30 41.95
CA TYR A 218 -23.38 29.85 41.86
C TYR A 218 -21.97 29.28 41.74
N ALA A 219 -21.12 29.93 40.95
CA ALA A 219 -19.74 29.47 40.81
C ALA A 219 -18.98 29.59 42.13
N ALA A 220 -19.18 30.70 42.85
CA ALA A 220 -18.53 30.85 44.14
C ALA A 220 -19.03 29.82 45.14
N ARG A 221 -20.32 29.51 45.12
CA ARG A 221 -20.85 28.48 46.01
C ARG A 221 -20.30 27.11 45.65
N ILE A 222 -20.14 26.83 44.36
CA ILE A 222 -19.56 25.56 43.93
C ILE A 222 -18.10 25.45 44.40
N LEU A 223 -17.34 26.54 44.27
CA LEU A 223 -15.97 26.52 44.74
C LEU A 223 -15.89 26.35 46.26
N GLN A 224 -16.79 27.02 46.99
CA GLN A 224 -16.81 26.88 48.44
C GLN A 224 -17.17 25.46 48.84
N ASP A 225 -18.11 24.83 48.12
CA ASP A 225 -18.47 23.45 48.43
C ASP A 225 -17.31 22.51 48.12
N GLN A 226 -16.58 22.76 47.02
CA GLN A 226 -15.44 21.92 46.69
C GLN A 226 -14.30 22.10 47.69
N LEU A 227 -14.19 23.28 48.29
CA LEU A 227 -13.13 23.53 49.26
C LEU A 227 -13.50 23.14 50.68
N GLN A 228 -14.79 23.03 50.99
CA GLN A 228 -15.20 22.65 52.34
C GLN A 228 -14.72 21.26 52.70
N ILE A 229 -14.58 20.37 51.70
CA ILE A 229 -14.03 19.04 51.94
C ILE A 229 -12.52 19.05 52.11
N PHE A 230 -11.85 20.16 51.78
CA PHE A 230 -10.41 20.28 51.97
C PHE A 230 -10.05 20.78 53.36
N ILE A 231 -10.96 21.46 54.05
CA ILE A 231 -10.70 22.00 55.37
C ILE A 231 -11.06 20.96 56.42
N THR A 232 -10.14 20.71 57.35
CA THR A 232 -10.40 19.76 58.43
C THR A 232 -11.53 20.25 59.31
N PHE A 233 -11.34 21.39 59.97
CA PHE A 233 -12.37 21.96 60.83
C PHE A 233 -12.49 23.47 60.70
N GLU A 234 -11.74 24.11 59.80
CA GLU A 234 -11.80 25.55 59.64
C GLU A 234 -12.92 25.95 58.69
N ASN A 251 -26.45 -12.82 51.10
CA ASN A 251 -26.66 -14.26 51.17
C ASN A 251 -28.04 -14.65 50.64
N PRO A 252 -28.11 -14.97 49.33
CA PRO A 252 -29.37 -15.36 48.71
C PRO A 252 -29.68 -16.85 48.86
N ALA A 253 -29.60 -17.34 50.09
CA ALA A 253 -29.89 -18.76 50.35
C ALA A 253 -31.39 -19.03 50.34
N LEU A 254 -32.19 -18.10 50.86
CA LEU A 254 -33.64 -18.25 50.89
C LEU A 254 -34.32 -17.63 49.67
N LEU A 255 -33.55 -17.03 48.77
CA LEU A 255 -34.11 -16.42 47.57
C LEU A 255 -34.30 -17.41 46.42
N LYS A 256 -33.84 -18.64 46.58
CA LYS A 256 -33.98 -19.65 45.54
C LYS A 256 -35.36 -20.29 45.59
N LYS A 257 -35.67 -21.05 44.54
CA LYS A 257 -36.96 -21.72 44.45
C LYS A 257 -36.98 -22.97 45.34
N VAL A 258 -38.18 -23.47 45.60
CA VAL A 258 -38.32 -24.67 46.43
C VAL A 258 -37.79 -25.89 45.70
N ASP A 259 -37.80 -25.88 44.37
CA ASP A 259 -37.29 -26.98 43.57
C ASP A 259 -36.02 -26.61 42.81
N GLU A 260 -35.34 -25.55 43.24
CA GLU A 260 -34.13 -25.09 42.57
C GLU A 260 -32.86 -25.77 43.09
N LEU A 261 -32.97 -26.60 44.12
CA LEU A 261 -31.82 -27.30 44.67
C LEU A 261 -31.75 -28.76 44.26
N GLU A 262 -32.90 -29.40 44.00
CA GLU A 262 -32.96 -30.79 43.59
C GLU A 262 -32.37 -31.70 44.67
N LEU A 263 -32.92 -31.58 45.89
CA LEU A 263 -32.46 -32.41 46.99
C LEU A 263 -32.82 -33.88 46.77
N SER A 264 -34.07 -34.14 46.39
CA SER A 264 -34.54 -35.49 46.14
C SER A 264 -35.91 -35.39 45.49
N VAL A 265 -36.52 -36.55 45.22
CA VAL A 265 -37.84 -36.57 44.61
C VAL A 265 -38.93 -36.38 45.65
N ARG A 266 -38.66 -36.74 46.91
CA ARG A 266 -39.63 -36.58 47.98
C ARG A 266 -39.53 -35.24 48.69
N SER A 267 -38.56 -34.41 48.31
CA SER A 267 -38.37 -33.09 48.92
C SER A 267 -39.01 -31.97 48.10
N ALA A 268 -38.82 -31.98 46.78
CA ALA A 268 -39.42 -30.95 45.94
C ALA A 268 -40.93 -31.04 45.95
N ASN A 269 -41.47 -32.26 45.93
CA ASN A 269 -42.92 -32.43 45.99
C ASN A 269 -43.48 -31.90 47.30
N CYS A 270 -42.81 -32.19 48.41
CA CYS A 270 -43.26 -31.69 49.71
C CYS A 270 -43.17 -30.16 49.77
N LEU A 271 -42.09 -29.59 49.23
CA LEU A 271 -41.95 -28.13 49.24
C LEU A 271 -43.00 -27.46 48.35
N LYS A 272 -43.42 -28.14 47.28
CA LYS A 272 -44.43 -27.57 46.40
C LYS A 272 -45.84 -27.75 46.95
N ASN A 273 -46.07 -28.81 47.71
CA ASN A 273 -47.39 -29.06 48.30
C ASN A 273 -47.58 -28.40 49.66
N ASP A 274 -46.50 -27.92 50.28
CA ASP A 274 -46.59 -27.27 51.59
C ASP A 274 -46.85 -25.76 51.47
N ASN A 275 -47.24 -25.29 50.29
CA ASN A 275 -47.53 -23.86 50.07
C ASN A 275 -46.27 -23.02 50.33
N ILE A 276 -45.22 -23.33 49.58
CA ILE A 276 -43.95 -22.62 49.70
C ILE A 276 -43.22 -22.72 48.36
N VAL A 277 -42.60 -21.62 47.96
CA VAL A 277 -41.85 -21.58 46.71
C VAL A 277 -40.41 -21.14 46.88
N TYR A 278 -40.07 -20.43 47.96
CA TYR A 278 -38.71 -19.98 48.21
C TYR A 278 -38.00 -20.96 49.12
N ILE A 279 -36.80 -20.58 49.57
CA ILE A 279 -36.01 -21.44 50.45
C ILE A 279 -36.11 -21.02 51.92
N GLY A 280 -36.55 -19.80 52.20
CA GLY A 280 -36.66 -19.37 53.58
C GLY A 280 -37.70 -20.16 54.36
N ASP A 281 -38.80 -20.53 53.69
CA ASP A 281 -39.83 -21.33 54.36
C ASP A 281 -39.30 -22.71 54.73
N LEU A 282 -38.50 -23.32 53.86
CA LEU A 282 -37.93 -24.63 54.16
C LEU A 282 -36.78 -24.53 55.16
N ILE A 283 -36.11 -23.37 55.23
CA ILE A 283 -35.01 -23.20 56.17
C ILE A 283 -35.47 -22.75 57.54
N GLN A 284 -36.68 -22.22 57.66
CA GLN A 284 -37.17 -21.78 58.97
C GLN A 284 -37.56 -22.97 59.85
N LYS A 285 -38.19 -23.98 59.26
CA LYS A 285 -38.61 -25.17 59.99
C LYS A 285 -37.64 -26.31 59.70
N THR A 286 -37.16 -26.96 60.76
CA THR A 286 -36.24 -28.07 60.63
C THR A 286 -36.98 -29.42 60.61
N GLU A 287 -37.75 -29.69 61.64
CA GLU A 287 -38.52 -30.93 61.73
C GLU A 287 -39.98 -30.73 62.08
N ALA A 288 -40.38 -29.57 62.58
CA ALA A 288 -41.79 -29.33 62.89
C ALA A 288 -42.65 -29.34 61.64
N GLU A 289 -42.09 -28.94 60.49
CA GLU A 289 -42.84 -28.94 59.24
C GLU A 289 -42.85 -30.30 58.57
N MET A 290 -42.09 -31.27 59.08
CA MET A 290 -42.07 -32.62 58.53
C MET A 290 -43.15 -33.53 59.10
N LEU A 291 -43.87 -33.08 60.14
CA LEU A 291 -44.93 -33.86 60.76
C LEU A 291 -46.31 -33.30 60.41
N ARG A 292 -46.40 -32.33 59.51
CA ARG A 292 -47.67 -31.76 59.10
C ARG A 292 -48.19 -32.29 57.77
N THR A 293 -47.32 -32.86 56.96
CA THR A 293 -47.67 -33.41 55.65
C THR A 293 -47.09 -34.80 55.52
N PRO A 294 -47.46 -35.53 54.47
CA PRO A 294 -46.93 -36.87 54.26
C PRO A 294 -45.60 -36.86 53.52
N ASN A 295 -44.97 -38.04 53.48
CA ASN A 295 -43.68 -38.21 52.82
C ASN A 295 -42.59 -37.36 53.48
N PHE A 296 -42.70 -37.15 54.78
CA PHE A 296 -41.73 -36.37 55.54
C PHE A 296 -41.40 -37.06 56.85
N GLY A 297 -41.18 -38.38 56.79
CA GLY A 297 -40.87 -39.15 57.98
C GLY A 297 -39.45 -38.95 58.47
N ARG A 298 -38.94 -39.93 59.21
CA ARG A 298 -37.59 -39.85 59.77
C ARG A 298 -36.50 -40.18 58.77
N LYS A 299 -36.85 -40.75 57.60
CA LYS A 299 -35.84 -41.07 56.60
C LYS A 299 -35.17 -39.82 56.07
N SER A 300 -35.96 -38.82 55.70
CA SER A 300 -35.46 -37.53 55.20
C SER A 300 -35.95 -36.45 56.15
N LEU A 301 -35.19 -36.20 57.22
CA LEU A 301 -35.54 -35.19 58.20
C LEU A 301 -34.36 -34.27 58.48
N ASN A 302 -33.14 -34.78 58.28
CA ASN A 302 -31.93 -34.02 58.51
C ASN A 302 -31.09 -33.80 57.26
N GLU A 303 -31.29 -34.58 56.20
CA GLU A 303 -30.51 -34.40 54.98
C GLU A 303 -30.81 -33.06 54.33
N ILE A 304 -32.09 -32.66 54.30
CA ILE A 304 -32.45 -31.37 53.71
C ILE A 304 -31.87 -30.23 54.53
N LYS A 305 -31.90 -30.34 55.86
CA LYS A 305 -31.32 -29.30 56.70
C LYS A 305 -29.81 -29.22 56.51
N GLU A 306 -29.14 -30.36 56.39
CA GLU A 306 -27.70 -30.34 56.15
C GLU A 306 -27.37 -29.73 54.79
N VAL A 307 -28.16 -30.05 53.77
CA VAL A 307 -27.92 -29.48 52.45
C VAL A 307 -28.15 -27.97 52.47
N LEU A 308 -29.16 -27.51 53.20
CA LEU A 308 -29.41 -26.08 53.29
C LEU A 308 -28.29 -25.38 54.07
N ALA A 309 -27.78 -26.01 55.12
CA ALA A 309 -26.68 -25.42 55.87
C ALA A 309 -25.40 -25.35 55.04
N GLY A 310 -25.14 -26.40 54.24
CA GLY A 310 -23.95 -26.39 53.41
C GLY A 310 -23.98 -25.33 52.34
N MET A 311 -25.17 -24.96 51.88
CA MET A 311 -25.27 -23.91 50.86
C MET A 311 -24.86 -22.55 51.40
N GLY A 312 -25.04 -22.32 52.70
CA GLY A 312 -24.68 -21.06 53.30
C GLY A 312 -25.67 -20.60 54.36
N LEU A 313 -26.88 -21.15 54.31
CA LEU A 313 -27.92 -20.81 55.28
C LEU A 313 -27.85 -21.76 56.47
N HIS A 314 -28.87 -21.73 57.31
CA HIS A 314 -28.93 -22.61 58.48
C HIS A 314 -30.40 -22.81 58.85
N LEU A 315 -30.64 -23.48 59.97
CA LEU A 315 -31.99 -23.75 60.46
C LEU A 315 -32.55 -22.47 61.08
N GLY A 316 -33.02 -21.58 60.22
CA GLY A 316 -33.56 -20.31 60.66
C GLY A 316 -32.57 -19.17 60.56
N MET A 317 -32.30 -18.50 61.68
CA MET A 317 -31.35 -17.39 61.73
C MET A 317 -31.78 -16.24 60.82
N ASP A 318 -33.08 -16.02 60.70
CA ASP A 318 -33.62 -14.95 59.86
C ASP A 318 -35.00 -14.59 60.38
N VAL A 319 -35.73 -13.79 59.60
CA VAL A 319 -37.07 -13.36 59.97
C VAL A 319 -38.09 -14.30 59.33
N PRO A 320 -39.17 -14.64 60.02
CA PRO A 320 -40.17 -15.54 59.43
C PRO A 320 -40.89 -14.88 58.27
N ASN A 321 -40.69 -15.43 57.07
CA ASN A 321 -41.30 -14.90 55.86
C ASN A 321 -40.81 -13.47 55.58
N TRP A 322 -39.52 -13.23 55.84
CA TRP A 322 -38.97 -11.89 55.60
C TRP A 322 -38.94 -11.55 54.12
N PRO A 323 -38.21 -12.28 53.28
CA PRO A 323 -38.19 -11.94 51.85
C PRO A 323 -39.32 -12.64 51.12
N PRO A 324 -40.56 -12.43 51.55
CA PRO A 324 -41.71 -13.05 50.88
C PRO A 324 -42.29 -12.24 49.73
N GLU A 325 -41.76 -11.07 49.44
CA GLU A 325 -42.23 -10.21 48.37
C GLU A 325 -41.14 -10.08 47.30
N ASN A 326 -41.41 -9.24 46.30
CA ASN A 326 -40.49 -9.02 45.21
C ASN A 326 -39.43 -7.97 45.52
N ILE A 327 -39.36 -7.50 46.77
CA ILE A 327 -38.37 -6.49 47.13
C ILE A 327 -36.97 -7.08 47.06
N GLU A 328 -36.78 -8.25 47.68
CA GLU A 328 -35.49 -8.93 47.70
C GLU A 328 -35.40 -10.04 46.65
N ASP A 329 -36.08 -9.86 45.52
CA ASP A 329 -36.06 -10.86 44.47
C ASP A 329 -34.80 -10.71 43.62
N LEU A 330 -34.16 -11.84 43.33
CA LEU A 330 -32.95 -11.85 42.53
C LEU A 330 -32.58 -13.27 42.11
N GLU B 3 -32.63 25.12 43.38
CA GLU B 3 -31.54 24.69 42.51
C GLU B 3 -30.32 24.31 43.33
N ARG B 4 -29.61 23.26 42.89
CA ARG B 4 -28.40 22.78 43.55
C ARG B 4 -27.43 22.33 42.46
N ASN B 5 -26.55 23.23 42.05
CA ASN B 5 -25.53 22.92 41.05
C ASN B 5 -24.17 22.64 41.65
N TRP B 6 -24.07 22.60 42.99
CA TRP B 6 -22.84 22.23 43.67
C TRP B 6 -22.91 20.86 44.32
N ASN B 7 -24.04 20.16 44.19
CA ASN B 7 -24.20 18.83 44.76
C ASN B 7 -24.41 17.74 43.72
N GLU B 8 -24.76 18.08 42.49
CA GLU B 8 -25.01 17.12 41.44
C GLU B 8 -23.73 16.73 40.70
N LEU B 9 -22.56 17.04 41.26
CA LEU B 9 -21.28 16.73 40.66
C LEU B 9 -20.45 15.88 41.62
N ILE B 10 -19.40 15.27 41.08
CA ILE B 10 -18.54 14.38 41.87
C ILE B 10 -17.75 15.20 42.88
N ARG B 11 -17.65 14.69 44.10
CA ARG B 11 -16.95 15.37 45.18
C ARG B 11 -16.04 14.37 45.89
N PRO B 12 -14.77 14.69 46.09
CA PRO B 12 -13.87 13.76 46.80
C PRO B 12 -14.11 13.76 48.30
N GLU B 13 -15.08 12.95 48.74
CA GLU B 13 -15.40 12.87 50.16
C GLU B 13 -14.23 12.38 51.01
N LYS B 14 -13.28 11.67 50.40
CA LYS B 14 -12.11 11.18 51.12
C LYS B 14 -10.86 11.89 50.63
N PRO B 15 -10.62 13.13 51.08
CA PRO B 15 -9.40 13.84 50.64
C PRO B 15 -8.18 13.52 51.47
N GLN B 16 -8.33 12.77 52.56
CA GLN B 16 -7.20 12.44 53.44
C GLN B 16 -6.34 11.35 52.80
N ILE B 17 -5.61 11.77 51.77
CA ILE B 17 -4.67 10.90 51.05
C ILE B 17 -3.33 11.64 51.01
N GLU B 18 -2.47 11.36 51.99
CA GLU B 18 -1.17 12.02 52.12
C GLU B 18 -0.09 10.95 51.97
N THR B 19 0.41 10.78 50.75
CA THR B 19 1.47 9.80 50.50
C THR B 19 2.75 10.19 51.22
N GLY B 20 3.27 11.39 50.95
CA GLY B 20 4.46 11.86 51.62
C GLY B 20 4.23 12.17 53.08
N ALA B 21 4.85 11.39 53.96
CA ALA B 21 4.72 11.57 55.41
C ALA B 21 6.09 11.48 56.08
N ASP B 22 7.10 12.08 55.45
CA ASP B 22 8.43 12.07 56.03
C ASP B 22 8.48 12.90 57.31
N ALA B 23 7.80 14.03 57.33
CA ALA B 23 7.76 14.90 58.49
C ALA B 23 6.50 15.76 58.41
N THR B 24 6.42 16.79 59.26
CA THR B 24 5.29 17.71 59.28
C THR B 24 5.49 18.92 58.37
N ARG B 25 6.32 18.79 57.33
CA ARG B 25 6.57 19.88 56.40
C ARG B 25 6.22 19.55 54.97
N LYS B 26 6.24 18.28 54.58
CA LYS B 26 5.89 17.84 53.23
C LYS B 26 4.70 16.90 53.30
N ALA B 27 3.68 17.18 52.49
CA ALA B 27 2.48 16.35 52.47
C ALA B 27 1.91 16.36 51.06
N ARG B 28 1.73 15.17 50.48
CA ARG B 28 1.18 15.04 49.13
C ARG B 28 -0.33 14.84 49.22
N ILE B 29 -1.04 15.97 49.33
CA ILE B 29 -2.49 15.94 49.41
C ILE B 29 -3.07 15.44 48.11
N VAL B 30 -3.98 14.48 48.18
CA VAL B 30 -4.55 13.84 47.00
C VAL B 30 -6.07 13.91 47.09
N ALA B 31 -6.72 13.98 45.93
CA ALA B 31 -8.18 13.97 45.82
C ALA B 31 -8.54 13.08 44.64
N GLU B 32 -8.98 11.85 44.93
CA GLU B 32 -9.23 10.88 43.87
C GLU B 32 -10.36 11.32 42.95
N PRO B 33 -11.60 11.51 43.42
CA PRO B 33 -12.67 11.93 42.52
C PRO B 33 -12.80 13.45 42.49
N LEU B 34 -13.02 13.98 41.28
CA LEU B 34 -13.18 15.41 41.13
C LEU B 34 -13.62 15.70 39.70
N GLU B 35 -14.40 16.76 39.54
CA GLU B 35 -14.97 17.09 38.25
C GLU B 35 -13.87 17.42 37.23
N ARG B 36 -14.18 17.19 35.97
CA ARG B 36 -13.24 17.45 34.88
C ARG B 36 -12.87 18.92 34.82
N GLY B 37 -11.61 19.24 35.13
CA GLY B 37 -11.14 20.61 35.19
C GLY B 37 -11.12 21.20 36.57
N PHE B 38 -11.92 20.66 37.50
CA PHE B 38 -11.89 21.15 38.87
C PHE B 38 -10.53 20.91 39.51
N GLY B 39 -9.82 19.86 39.08
CA GLY B 39 -8.51 19.58 39.65
C GLY B 39 -7.52 20.70 39.43
N VAL B 40 -7.37 21.14 38.18
CA VAL B 40 -6.39 22.16 37.88
C VAL B 40 -6.79 23.50 38.49
N THR B 41 -8.09 23.81 38.50
CA THR B 41 -8.52 25.09 39.06
C THR B 41 -8.33 25.12 40.57
N LEU B 42 -8.66 24.03 41.26
CA LEU B 42 -8.44 23.98 42.70
C LEU B 42 -6.95 23.98 43.03
N GLY B 43 -6.14 23.27 42.23
CA GLY B 43 -4.71 23.28 42.46
C GLY B 43 -4.11 24.66 42.27
N ASN B 44 -4.55 25.40 41.26
CA ASN B 44 -4.06 26.75 41.06
C ASN B 44 -4.53 27.68 42.18
N ALA B 45 -5.80 27.56 42.57
CA ALA B 45 -6.32 28.41 43.64
C ALA B 45 -5.64 28.12 44.97
N LEU B 46 -5.15 26.90 45.17
CA LEU B 46 -4.44 26.58 46.40
C LEU B 46 -2.98 26.99 46.33
N ARG B 47 -2.34 26.82 45.16
CA ARG B 47 -0.93 27.17 45.02
C ARG B 47 -0.73 28.67 45.06
N ARG B 48 -1.53 29.41 44.30
CA ARG B 48 -1.40 30.87 44.26
C ARG B 48 -2.00 31.55 45.48
N VAL B 49 -2.57 30.79 46.42
CA VAL B 49 -3.05 31.33 47.68
C VAL B 49 -2.12 30.99 48.83
N LEU B 50 -1.56 29.79 48.83
CA LEU B 50 -0.56 29.44 49.83
C LEU B 50 0.69 30.30 49.68
N LEU B 51 1.15 30.50 48.44
CA LEU B 51 2.25 31.41 48.18
C LEU B 51 1.84 32.87 48.24
N SER B 52 0.55 33.16 48.31
CA SER B 52 0.06 34.53 48.41
C SER B 52 0.16 34.99 49.85
N SER B 53 -0.53 36.09 50.16
CA SER B 53 -0.51 36.64 51.51
C SER B 53 -1.07 35.64 52.51
N LEU B 54 -0.31 35.38 53.57
CA LEU B 54 -0.70 34.47 54.63
C LEU B 54 -0.10 34.96 55.94
N GLN B 55 -0.08 34.09 56.95
CA GLN B 55 0.48 34.39 58.25
C GLN B 55 1.78 33.63 58.41
N GLY B 56 2.91 34.33 58.35
CA GLY B 56 4.20 33.71 58.50
C GLY B 56 5.13 34.52 59.39
N ALA B 57 6.41 34.58 59.01
CA ALA B 57 7.38 35.34 59.78
C ALA B 57 8.69 35.40 59.01
N ALA B 58 9.43 36.48 59.21
CA ALA B 58 10.71 36.68 58.54
C ALA B 58 11.80 36.99 59.55
N VAL B 59 12.97 37.41 59.07
CA VAL B 59 14.07 37.84 59.93
C VAL B 59 14.48 39.28 59.63
N THR B 60 14.70 39.60 58.35
CA THR B 60 15.03 40.93 57.84
C THR B 60 16.00 41.73 58.71
N ALA B 61 17.03 41.07 59.23
CA ALA B 61 17.97 41.73 60.13
C ALA B 61 19.32 41.05 60.04
N ILE B 62 20.34 41.76 60.51
CA ILE B 62 21.73 41.28 60.43
C ILE B 62 22.51 42.01 61.52
N GLN B 63 23.65 41.43 61.90
CA GLN B 63 24.53 42.06 62.89
C GLN B 63 24.99 43.43 62.39
N ILE B 64 25.33 44.30 63.35
CA ILE B 64 25.75 45.65 63.01
C ILE B 64 27.04 45.61 62.19
N ASP B 65 27.20 46.62 61.32
CA ASP B 65 28.35 46.75 60.44
C ASP B 65 28.40 45.67 59.37
N GLY B 66 27.27 45.01 59.09
CA GLY B 66 27.21 44.02 58.04
C GLY B 66 26.12 44.31 57.04
N VAL B 67 25.91 45.59 56.74
CA VAL B 67 24.84 45.97 55.82
C VAL B 67 25.15 45.51 54.40
N VAL B 68 26.42 45.42 54.05
CA VAL B 68 26.84 45.01 52.71
C VAL B 68 27.25 43.55 52.73
N HIS B 69 26.96 42.84 51.64
CA HIS B 69 27.27 41.42 51.53
C HIS B 69 28.67 41.17 50.98
N GLU B 70 29.47 42.21 50.76
CA GLU B 70 30.81 42.01 50.23
C GLU B 70 31.70 41.30 51.24
N PHE B 71 31.54 41.61 52.53
CA PHE B 71 32.31 41.00 53.60
C PHE B 71 31.37 40.36 54.62
N SER B 72 31.94 39.52 55.47
CA SER B 72 31.19 38.85 56.52
C SER B 72 30.88 39.82 57.64
N SER B 73 30.30 39.32 58.73
CA SER B 73 29.99 40.16 59.89
C SER B 73 31.26 40.74 60.49
N LEU B 74 32.14 39.87 61.00
CA LEU B 74 33.45 40.29 61.50
C LEU B 74 34.60 39.66 60.73
N GLU B 75 34.65 38.33 60.66
CA GLU B 75 35.67 37.65 59.88
C GLU B 75 35.14 36.49 59.05
N GLY B 76 33.92 36.01 59.29
CA GLY B 76 33.39 34.89 58.55
C GLY B 76 33.56 33.58 59.29
N VAL B 77 32.47 33.03 59.83
CA VAL B 77 32.57 31.80 60.60
C VAL B 77 32.86 30.61 59.68
N ARG B 78 31.93 30.29 58.79
CA ARG B 78 32.14 29.23 57.82
C ARG B 78 31.73 29.58 56.40
N GLU B 79 30.85 30.55 56.19
CA GLU B 79 30.40 30.93 54.86
C GLU B 79 30.25 32.44 54.80
N ASP B 80 30.00 32.94 53.59
CA ASP B 80 29.78 34.37 53.39
C ASP B 80 28.47 34.80 54.06
N VAL B 81 28.38 36.09 54.36
CA VAL B 81 27.19 36.62 55.01
C VAL B 81 25.96 36.44 54.16
N VAL B 82 26.12 36.39 52.83
CA VAL B 82 24.98 36.16 51.96
C VAL B 82 24.40 34.77 52.20
N ASP B 83 25.26 33.77 52.36
CA ASP B 83 24.77 32.43 52.67
C ASP B 83 24.09 32.39 54.03
N ILE B 84 24.61 33.15 54.99
CA ILE B 84 24.01 33.17 56.33
C ILE B 84 22.61 33.78 56.27
N VAL B 85 22.47 34.90 55.56
CA VAL B 85 21.15 35.54 55.47
C VAL B 85 20.20 34.69 54.65
N LEU B 86 20.70 33.97 53.64
CA LEU B 86 19.83 33.09 52.87
C LEU B 86 19.35 31.92 53.71
N ASN B 87 20.22 31.35 54.54
CA ASN B 87 19.79 30.25 55.41
C ASN B 87 18.89 30.73 56.54
N ILE B 88 19.04 31.99 56.95
CA ILE B 88 18.18 32.53 58.00
C ILE B 88 16.83 32.93 57.44
N LYS B 89 16.75 33.26 56.14
CA LYS B 89 15.47 33.65 55.55
C LYS B 89 14.48 32.50 55.60
N GLN B 90 14.95 31.26 55.47
CA GLN B 90 14.09 30.08 55.55
C GLN B 90 13.93 29.57 56.97
N LEU B 91 14.25 30.41 57.98
CA LEU B 91 14.13 30.01 59.37
C LEU B 91 12.65 29.94 59.75
N ALA B 92 12.15 28.72 59.96
CA ALA B 92 10.74 28.54 60.31
C ALA B 92 10.47 29.12 61.69
N VAL B 93 9.49 30.03 61.76
CA VAL B 93 9.09 30.65 63.02
C VAL B 93 7.67 31.15 62.91
N ARG B 94 6.86 30.87 63.94
CA ARG B 94 5.45 31.26 63.96
C ARG B 94 5.23 32.20 65.15
N MET B 95 5.03 33.47 64.85
CA MET B 95 4.79 34.47 65.88
C MET B 95 3.29 34.58 66.16
N HIS B 96 2.94 34.62 67.45
CA HIS B 96 1.54 34.73 67.86
C HIS B 96 1.08 36.18 67.88
N ALA B 97 1.76 37.03 68.64
CA ALA B 97 1.37 38.43 68.75
C ALA B 97 1.90 39.22 67.56
N GLU B 98 1.09 40.15 67.07
CA GLU B 98 1.49 40.98 65.94
C GLU B 98 2.52 42.01 66.38
N GLY B 99 3.46 42.31 65.49
CA GLY B 99 4.50 43.28 65.76
C GLY B 99 5.87 42.77 65.35
N PRO B 100 6.71 43.68 64.85
CA PRO B 100 8.06 43.28 64.42
C PRO B 100 8.98 42.99 65.59
N LYS B 101 8.83 41.82 66.20
CA LYS B 101 9.68 41.44 67.31
C LYS B 101 11.12 41.23 66.85
N ARG B 102 12.04 41.27 67.81
CA ARG B 102 13.46 41.07 67.56
C ARG B 102 13.89 39.69 68.05
N MET B 103 14.91 39.14 67.39
CA MET B 103 15.44 37.84 67.73
C MET B 103 16.96 37.93 67.73
N THR B 104 17.57 37.91 68.91
CA THR B 104 19.01 37.95 69.04
C THR B 104 19.59 36.55 69.00
N LEU B 105 20.85 36.46 68.56
CA LEU B 105 21.54 35.19 68.44
C LEU B 105 23.00 35.38 68.82
N ARG B 106 23.44 34.69 69.87
CA ARG B 106 24.83 34.75 70.32
C ARG B 106 25.37 33.34 70.42
N ALA B 107 26.50 33.09 69.76
CA ALA B 107 27.12 31.76 69.73
C ALA B 107 28.61 31.91 70.01
N THR B 108 29.04 31.46 71.18
CA THR B 108 30.44 31.50 71.58
C THR B 108 30.96 30.07 71.69
N GLY B 109 32.06 29.79 70.98
CA GLY B 109 32.68 28.49 71.03
C GLY B 109 32.63 27.78 69.69
N PRO B 110 33.58 26.87 69.46
CA PRO B 110 33.60 26.11 68.21
C PRO B 110 32.37 25.22 68.07
N GLY B 111 31.55 25.52 67.08
CA GLY B 111 30.34 24.76 66.84
C GLY B 111 29.34 25.52 66.01
N PRO B 112 28.67 24.82 65.08
CA PRO B 112 27.66 25.47 64.23
C PRO B 112 26.48 25.95 65.05
N VAL B 113 26.23 27.26 65.04
CA VAL B 113 25.11 27.82 65.78
C VAL B 113 23.81 27.35 65.15
N THR B 114 22.95 26.76 65.97
CA THR B 114 21.68 26.22 65.52
C THR B 114 20.54 27.16 65.90
N ALA B 115 19.33 26.81 65.46
CA ALA B 115 18.16 27.62 65.78
C ALA B 115 17.84 27.59 67.26
N GLY B 116 18.18 26.51 67.95
CA GLY B 116 17.93 26.41 69.38
C GLY B 116 18.70 27.42 70.21
N GLN B 117 19.81 27.92 69.69
CA GLN B 117 20.63 28.89 70.40
C GLN B 117 20.14 30.33 70.24
N ILE B 118 19.07 30.54 69.47
CA ILE B 118 18.57 31.90 69.27
C ILE B 118 17.92 32.40 70.56
N GLU B 119 17.99 33.73 70.75
CA GLU B 119 17.38 34.39 71.90
C GLU B 119 16.35 35.37 71.38
N THR B 120 15.07 35.10 71.64
CA THR B 120 13.99 35.97 71.18
C THR B 120 12.74 35.72 72.02
N PRO B 121 12.68 36.23 73.24
CA PRO B 121 11.49 36.04 74.10
C PRO B 121 10.37 37.02 73.76
N ALA B 122 9.86 36.93 72.54
CA ALA B 122 8.80 37.80 72.05
C ALA B 122 7.62 36.98 71.54
N ASP B 123 7.31 35.88 72.23
CA ASP B 123 6.19 35.01 71.87
C ASP B 123 6.40 34.40 70.48
N ILE B 124 7.62 33.93 70.22
CA ILE B 124 7.97 33.31 68.95
C ILE B 124 8.80 32.07 69.24
N GLU B 125 8.51 30.99 68.52
CA GLU B 125 9.18 29.72 68.72
C GLU B 125 9.73 29.23 67.38
N ILE B 126 10.98 28.78 67.38
CA ILE B 126 11.62 28.25 66.19
C ILE B 126 11.36 26.75 66.13
N LEU B 127 10.83 26.28 65.00
CA LEU B 127 10.49 24.87 64.84
C LEU B 127 11.64 24.05 64.26
N ASN B 128 12.36 24.60 63.29
CA ASN B 128 13.50 23.90 62.71
C ASN B 128 14.77 24.29 63.46
N PRO B 129 15.25 23.45 64.37
CA PRO B 129 16.42 23.83 65.18
C PRO B 129 17.75 23.61 64.50
N ASP B 130 17.83 22.77 63.47
CA ASP B 130 19.08 22.46 62.79
C ASP B 130 18.93 22.82 61.32
N HIS B 131 19.17 24.10 60.99
CA HIS B 131 19.19 24.55 59.60
C HIS B 131 20.37 25.43 59.25
N VAL B 132 21.06 26.05 60.22
CA VAL B 132 22.19 26.93 59.96
C VAL B 132 23.40 26.40 60.71
N LEU B 133 24.58 26.56 60.11
CA LEU B 133 25.84 26.15 60.70
C LEU B 133 26.84 27.27 60.55
N CYS B 134 27.31 27.81 61.67
CA CYS B 134 28.25 28.91 61.71
C CYS B 134 29.38 28.63 62.70
N THR B 135 29.94 27.43 62.62
CA THR B 135 31.00 27.03 63.53
C THR B 135 32.26 27.87 63.30
N LEU B 136 33.02 28.08 64.38
CA LEU B 136 34.26 28.83 64.30
C LEU B 136 35.08 28.53 65.54
N ASP B 137 36.38 28.30 65.35
CA ASP B 137 37.27 28.00 66.46
C ASP B 137 37.40 29.22 67.37
N ASP B 138 36.79 29.15 68.55
CA ASP B 138 36.80 30.26 69.51
C ASP B 138 36.13 31.49 68.92
N GLY B 139 35.09 31.27 68.12
CA GLY B 139 34.36 32.35 67.49
C GLY B 139 33.13 32.79 68.26
N ALA B 140 33.08 34.08 68.61
CA ALA B 140 31.95 34.63 69.34
C ALA B 140 31.44 35.93 68.71
N SER B 141 31.90 36.28 67.51
CA SER B 141 31.50 37.53 66.87
C SER B 141 30.36 37.27 65.89
N VAL B 142 29.20 36.94 66.46
CA VAL B 142 27.99 36.79 65.66
C VAL B 142 27.10 38.02 65.84
N ARG B 143 26.66 38.28 67.07
CA ARG B 143 25.93 39.50 67.44
C ARG B 143 24.74 39.76 66.51
N MET B 144 24.09 38.70 66.07
CA MET B 144 23.04 38.79 65.06
C MET B 144 21.68 38.85 65.74
N GLU B 145 21.02 39.99 65.64
CA GLU B 145 19.65 40.16 66.10
C GLU B 145 18.73 40.20 64.88
N PHE B 146 17.51 39.69 65.06
CA PHE B 146 16.55 39.57 63.97
C PHE B 146 15.44 40.59 64.14
N THR B 147 14.62 40.70 63.09
CA THR B 147 13.50 41.65 63.02
C THR B 147 12.27 40.93 62.50
N VAL B 148 11.94 39.79 63.13
CA VAL B 148 10.81 38.98 62.69
C VAL B 148 9.52 39.78 62.79
N ASN B 149 8.75 39.80 61.70
CA ASN B 149 7.49 40.51 61.65
C ASN B 149 6.46 39.65 60.93
N ASN B 150 5.25 39.62 61.48
CA ASN B 150 4.16 38.84 60.90
C ASN B 150 3.56 39.64 59.74
N GLY B 151 3.77 39.17 58.52
CA GLY B 151 3.27 39.87 57.35
C GLY B 151 2.22 39.09 56.59
N LYS B 152 2.29 39.14 55.25
CA LYS B 152 1.30 38.48 54.40
C LYS B 152 1.99 38.11 53.09
N GLY B 153 2.33 36.83 52.95
CA GLY B 153 2.94 36.35 51.73
C GLY B 153 4.34 36.90 51.52
N TYR B 154 4.94 36.48 50.40
CA TYR B 154 6.28 36.92 50.05
C TYR B 154 6.28 38.42 49.77
N VAL B 155 7.00 39.17 50.60
CA VAL B 155 7.14 40.61 50.45
C VAL B 155 8.61 40.91 50.22
N PRO B 156 8.98 41.60 49.13
CA PRO B 156 10.40 41.88 48.89
C PRO B 156 10.97 42.91 49.86
N ALA B 157 12.25 43.21 49.72
CA ALA B 157 12.91 44.18 50.59
C ALA B 157 12.36 45.58 50.29
N ASP B 158 11.58 46.12 51.22
CA ASP B 158 11.00 47.45 51.04
C ASP B 158 12.06 48.54 51.21
N PRO B 166 17.25 52.36 58.87
CA PRO B 166 18.48 52.67 59.60
C PRO B 166 19.72 52.12 58.91
N ILE B 167 20.90 52.43 59.46
CA ILE B 167 22.17 51.97 58.91
C ILE B 167 22.49 50.59 59.47
N GLY B 168 22.93 49.69 58.60
CA GLY B 168 23.30 48.34 58.99
C GLY B 168 22.18 47.33 58.87
N LEU B 169 20.92 47.77 58.95
CA LEU B 169 19.80 46.86 58.83
C LEU B 169 19.72 46.30 57.41
N ILE B 170 19.90 44.98 57.28
CA ILE B 170 19.84 44.35 55.97
C ILE B 170 18.40 44.31 55.48
N ALA B 171 18.22 44.49 54.18
CA ALA B 171 16.88 44.45 53.56
C ALA B 171 16.64 43.04 53.04
N VAL B 172 16.21 42.17 53.94
CA VAL B 172 15.95 40.77 53.62
C VAL B 172 14.53 40.66 53.10
N ASP B 173 14.38 40.06 51.91
CA ASP B 173 13.06 39.87 51.30
C ASP B 173 12.47 38.53 51.68
N ALA B 174 12.41 38.25 52.98
CA ALA B 174 11.85 36.99 53.45
C ALA B 174 10.33 36.99 53.32
N LEU B 175 9.78 35.81 53.04
CA LEU B 175 8.36 35.66 52.81
C LEU B 175 7.61 35.50 54.12
N TYR B 176 6.46 36.18 54.22
CA TYR B 176 5.58 36.04 55.38
C TYR B 176 4.52 34.97 55.11
N SER B 177 4.99 33.78 54.79
CA SER B 177 4.13 32.67 54.45
C SER B 177 4.58 31.40 55.16
N PRO B 178 3.65 30.52 55.52
CA PRO B 178 4.03 29.28 56.20
C PRO B 178 4.49 28.21 55.23
N VAL B 179 4.03 28.27 54.00
CA VAL B 179 4.39 27.30 52.96
C VAL B 179 5.51 27.88 52.12
N LYS B 180 6.49 27.04 51.80
CA LYS B 180 7.64 27.44 50.99
C LYS B 180 7.57 26.91 49.57
N ARG B 181 7.38 25.61 49.40
CA ARG B 181 7.30 24.98 48.08
C ARG B 181 5.94 24.29 47.96
N VAL B 182 5.22 24.61 46.89
CA VAL B 182 3.90 24.03 46.63
C VAL B 182 3.77 23.76 45.14
N ALA B 183 3.28 22.58 44.80
CA ALA B 183 3.09 22.19 43.40
C ALA B 183 1.92 21.23 43.32
N TYR B 184 1.18 21.32 42.22
CA TYR B 184 0.00 20.50 42.01
C TYR B 184 0.11 19.75 40.68
N ARG B 185 -0.71 18.72 40.54
CA ARG B 185 -0.78 17.93 39.32
C ARG B 185 -2.21 17.47 39.13
N VAL B 186 -2.58 17.29 37.86
CA VAL B 186 -3.94 16.90 37.48
C VAL B 186 -3.85 15.78 36.48
N GLU B 187 -4.31 14.58 36.87
CA GLU B 187 -4.36 13.43 35.99
C GLU B 187 -5.71 12.74 36.16
N PRO B 188 -6.34 12.36 35.04
CA PRO B 188 -7.67 11.76 35.14
C PRO B 188 -7.62 10.39 35.80
N THR B 189 -8.67 10.09 36.56
CA THR B 189 -8.80 8.82 37.29
C THR B 189 -10.17 8.24 36.97
N ARG B 190 -10.26 7.47 35.89
CA ARG B 190 -11.51 6.86 35.48
C ARG B 190 -11.33 5.36 35.22
N ASP B 196 -12.43 10.84 33.13
CA ASP B 196 -12.30 12.27 32.86
C ASP B 196 -12.15 13.06 34.15
N TYR B 197 -12.48 12.41 35.27
CA TYR B 197 -12.39 13.07 36.57
C TYR B 197 -10.93 13.28 36.95
N ASP B 198 -10.59 14.52 37.32
CA ASP B 198 -9.23 14.85 37.68
C ASP B 198 -8.94 14.41 39.12
N LYS B 199 -7.65 14.22 39.40
CA LYS B 199 -7.17 13.81 40.72
C LYS B 199 -6.17 14.85 41.19
N LEU B 200 -6.66 15.82 41.95
CA LEU B 200 -5.80 16.88 42.48
C LEU B 200 -4.84 16.29 43.51
N ILE B 201 -3.55 16.25 43.15
CA ILE B 201 -2.54 15.57 43.95
C ILE B 201 -1.42 16.53 44.34
N LEU B 202 -1.77 17.78 44.60
CA LEU B 202 -0.77 18.81 44.86
C LEU B 202 0.10 18.44 46.06
N GLU B 203 1.39 18.77 45.96
CA GLU B 203 2.35 18.49 47.01
C GLU B 203 2.79 19.82 47.61
N VAL B 204 2.32 20.11 48.83
CA VAL B 204 2.63 21.35 49.51
C VAL B 204 3.77 21.10 50.49
N GLU B 205 4.65 22.09 50.63
CA GLU B 205 5.77 22.04 51.55
C GLU B 205 5.85 23.37 52.29
N THR B 206 5.71 23.33 53.61
CA THR B 206 5.66 24.54 54.42
C THR B 206 7.05 24.85 55.00
N ASN B 207 7.16 26.05 55.56
CA ASN B 207 8.42 26.45 56.18
C ASN B 207 8.70 25.63 57.43
N GLY B 208 7.66 25.14 58.09
CA GLY B 208 7.84 24.30 59.27
C GLY B 208 6.85 24.60 60.38
N ALA B 209 6.43 25.85 60.52
CA ALA B 209 5.48 26.21 61.57
C ALA B 209 4.03 26.14 61.07
N VAL B 210 3.71 25.02 60.40
CA VAL B 210 2.34 24.69 60.03
C VAL B 210 2.34 23.27 59.47
N THR B 211 1.29 22.52 59.75
CA THR B 211 1.21 21.18 59.16
C THR B 211 0.63 21.28 57.75
N PRO B 212 1.24 20.59 56.77
CA PRO B 212 0.74 20.71 55.39
C PRO B 212 -0.67 20.17 55.21
N VAL B 213 -1.10 19.23 56.06
CA VAL B 213 -2.46 18.73 55.97
C VAL B 213 -3.46 19.83 56.34
N ASP B 214 -3.05 20.79 57.17
CA ASP B 214 -3.88 21.92 57.53
C ASP B 214 -3.53 23.20 56.77
N ALA B 215 -2.37 23.24 56.10
CA ALA B 215 -2.04 24.40 55.29
C ALA B 215 -3.01 24.54 54.11
N VAL B 216 -3.31 23.43 53.43
CA VAL B 216 -4.28 23.48 52.35
C VAL B 216 -5.67 23.80 52.89
N ALA B 217 -5.99 23.35 54.10
CA ALA B 217 -7.27 23.70 54.70
C ALA B 217 -7.36 25.20 54.98
N TYR B 218 -6.28 25.78 55.52
CA TYR B 218 -6.25 27.22 55.73
C TYR B 218 -6.38 27.98 54.42
N ALA B 219 -5.70 27.50 53.37
CA ALA B 219 -5.81 28.15 52.06
C ALA B 219 -7.22 28.08 51.52
N ALA B 220 -7.86 26.92 51.63
CA ALA B 220 -9.24 26.78 51.16
C ALA B 220 -10.20 27.65 51.96
N ARG B 221 -9.99 27.75 53.27
CA ARG B 221 -10.84 28.60 54.09
C ARG B 221 -10.66 30.07 53.73
N ILE B 222 -9.42 30.48 53.48
CA ILE B 222 -9.17 31.86 53.05
C ILE B 222 -9.83 32.14 51.71
N LEU B 223 -9.72 31.19 50.78
CA LEU B 223 -10.35 31.36 49.47
C LEU B 223 -11.87 31.44 49.59
N GLN B 224 -12.45 30.65 50.49
CA GLN B 224 -13.90 30.70 50.68
C GLN B 224 -14.33 32.00 51.33
N ASP B 225 -13.57 32.47 52.33
CA ASP B 225 -13.91 33.73 52.97
C ASP B 225 -13.79 34.90 52.02
N GLN B 226 -12.80 34.86 51.13
CA GLN B 226 -12.65 35.91 50.13
C GLN B 226 -13.54 35.71 48.91
N LEU B 227 -14.22 34.56 48.82
CA LEU B 227 -15.15 34.28 47.73
C LEU B 227 -16.59 34.59 48.12
N GLN B 228 -16.80 35.56 49.00
CA GLN B 228 -18.14 35.94 49.44
C GLN B 228 -18.73 36.94 48.45
N ILE B 229 -18.95 36.46 47.23
CA ILE B 229 -19.51 37.29 46.16
C ILE B 229 -20.78 36.63 45.64
N PHE B 230 -21.47 35.91 46.51
CA PHE B 230 -22.72 35.23 46.14
C PHE B 230 -23.91 35.97 46.75
N ILE B 231 -25.07 35.81 46.12
CA ILE B 231 -26.29 36.49 46.52
C ILE B 231 -27.44 35.48 46.53
N THR B 232 -28.37 35.69 47.45
CA THR B 232 -29.55 34.82 47.60
C THR B 232 -29.14 33.39 47.93
N PHE B 233 -28.48 33.25 49.09
CA PHE B 233 -28.05 31.95 49.58
C PHE B 233 -28.38 31.83 51.06
N GLU B 234 -28.62 30.60 51.50
CA GLU B 234 -28.95 30.34 52.89
C GLU B 234 -27.69 30.21 53.74
N GLN C 3 -21.88 38.68 -5.71
CA GLN C 3 -22.77 39.82 -5.95
C GLN C 3 -24.08 39.35 -6.57
N SER C 4 -24.06 38.17 -7.18
CA SER C 4 -25.25 37.60 -7.82
C SER C 4 -25.96 36.67 -6.83
N PHE C 5 -26.48 37.28 -5.76
CA PHE C 5 -27.19 36.58 -4.70
C PHE C 5 -26.30 35.59 -3.95
N THR C 6 -24.98 35.76 -4.05
CA THR C 6 -24.03 34.93 -3.32
C THR C 6 -23.00 35.71 -2.54
N GLY C 7 -22.73 36.98 -2.90
CA GLY C 7 -21.81 37.80 -2.16
C GLY C 7 -22.49 38.96 -1.47
N LYS C 8 -23.75 39.21 -1.82
CA LYS C 8 -24.49 40.32 -1.22
C LYS C 8 -24.65 40.12 0.29
N LYS C 9 -24.76 38.87 0.74
CA LYS C 9 -24.81 38.56 2.16
C LYS C 9 -23.47 38.14 2.73
N ARG C 10 -22.47 37.92 1.88
CA ARG C 10 -21.12 37.54 2.27
C ARG C 10 -20.09 38.36 1.51
N ILE C 11 -20.26 39.69 1.54
CA ILE C 11 -19.36 40.59 0.83
C ILE C 11 -17.93 40.37 1.31
N ARG C 12 -17.04 40.04 0.39
CA ARG C 12 -15.63 39.79 0.68
C ARG C 12 -14.81 40.97 0.19
N LYS C 13 -14.09 41.62 1.10
CA LYS C 13 -13.24 42.74 0.74
C LYS C 13 -12.06 42.21 -0.07
N SER C 14 -12.10 42.39 -1.38
CA SER C 14 -11.04 41.89 -2.24
C SER C 14 -9.74 42.63 -1.99
N PHE C 15 -8.63 41.96 -2.27
CA PHE C 15 -7.30 42.54 -2.07
C PHE C 15 -6.47 42.59 -3.34
N GLY C 16 -6.96 42.04 -4.44
CA GLY C 16 -6.21 42.11 -5.68
C GLY C 16 -6.08 43.54 -6.18
N ARG C 17 -4.98 43.80 -6.89
CA ARG C 17 -4.74 45.15 -7.38
C ARG C 17 -5.76 45.55 -8.44
N ILE C 18 -5.78 44.84 -9.56
CA ILE C 18 -6.80 45.09 -10.59
C ILE C 18 -6.82 43.91 -11.56
N PRO C 19 -7.13 42.68 -11.10
CA PRO C 19 -7.23 41.56 -12.04
C PRO C 19 -8.59 41.45 -12.71
N GLU C 20 -8.68 41.83 -13.99
CA GLU C 20 -9.87 41.56 -14.79
C GLU C 20 -9.50 41.20 -16.22
N ALA C 21 -8.35 40.55 -16.42
CA ALA C 21 -7.86 40.27 -17.77
C ALA C 21 -8.83 39.33 -18.50
N VAL C 22 -9.07 38.15 -17.94
CA VAL C 22 -9.95 37.16 -18.55
C VAL C 22 -10.64 36.37 -17.45
N GLN C 23 -11.95 36.22 -17.58
CA GLN C 23 -12.69 35.39 -16.64
C GLN C 23 -12.23 33.94 -16.76
N MET C 24 -11.97 33.31 -15.61
CA MET C 24 -11.50 31.93 -15.62
C MET C 24 -12.57 31.01 -16.20
N PRO C 25 -12.19 30.04 -17.03
CA PRO C 25 -13.20 29.16 -17.63
C PRO C 25 -13.82 28.23 -16.58
N ASN C 26 -14.79 27.42 -17.02
CA ASN C 26 -15.39 26.45 -16.12
C ASN C 26 -14.34 25.45 -15.66
N LEU C 27 -14.33 25.17 -14.35
CA LEU C 27 -13.32 24.26 -13.80
C LEU C 27 -13.51 22.86 -14.35
N ILE C 28 -14.75 22.37 -14.40
CA ILE C 28 -15.02 21.07 -15.00
C ILE C 28 -15.10 21.13 -16.52
N GLU C 29 -14.81 22.30 -17.12
CA GLU C 29 -14.94 22.46 -18.56
C GLU C 29 -13.95 21.62 -19.34
N VAL C 30 -12.88 21.15 -18.71
CA VAL C 30 -11.91 20.31 -19.42
C VAL C 30 -12.56 19.02 -19.90
N GLN C 31 -13.07 18.21 -18.96
CA GLN C 31 -13.71 16.96 -19.33
C GLN C 31 -15.03 17.20 -20.07
N ARG C 32 -15.72 18.29 -19.75
CA ARG C 32 -16.97 18.61 -20.42
C ARG C 32 -16.74 18.86 -21.90
N SER C 33 -15.81 19.76 -22.22
CA SER C 33 -15.48 20.04 -23.61
C SER C 33 -14.80 18.85 -24.28
N SER C 34 -14.13 17.99 -23.51
CA SER C 34 -13.56 16.78 -24.09
C SER C 34 -14.65 15.84 -24.58
N TYR C 35 -15.59 15.49 -23.69
CA TYR C 35 -16.68 14.61 -24.09
C TYR C 35 -17.61 15.25 -25.10
N GLU C 36 -17.71 16.59 -25.10
CA GLU C 36 -18.54 17.28 -26.08
C GLU C 36 -17.89 17.36 -27.46
N GLN C 37 -16.69 16.80 -27.62
CA GLN C 37 -16.12 16.52 -28.93
C GLN C 37 -16.03 15.03 -29.17
N PHE C 38 -16.35 14.21 -28.18
CA PHE C 38 -16.48 12.77 -28.32
C PHE C 38 -17.92 12.33 -28.51
N LEU C 39 -18.87 13.12 -28.01
CA LEU C 39 -20.31 12.85 -28.18
C LEU C 39 -20.98 14.17 -28.54
N GLN C 40 -21.23 14.37 -29.84
CA GLN C 40 -21.87 15.60 -30.28
C GLN C 40 -23.28 15.70 -29.75
N ARG C 41 -24.09 14.67 -29.95
CA ARG C 41 -25.45 14.61 -29.42
C ARG C 41 -26.32 15.73 -29.99
N GLU C 42 -26.35 15.81 -31.33
CA GLU C 42 -27.16 16.80 -32.01
C GLU C 42 -27.61 16.21 -33.35
N THR C 43 -28.09 17.07 -34.25
CA THR C 43 -28.64 16.62 -35.52
C THR C 43 -27.52 16.24 -36.48
N ARG C 44 -27.90 15.99 -37.73
CA ARG C 44 -26.91 15.57 -38.73
C ARG C 44 -25.86 16.63 -39.03
N PRO C 45 -26.22 17.89 -39.30
CA PRO C 45 -25.18 18.90 -39.53
C PRO C 45 -24.23 19.09 -38.36
N GLY C 46 -24.68 18.82 -37.14
CA GLY C 46 -23.80 18.86 -35.98
C GLY C 46 -22.94 17.64 -35.78
N LEU C 47 -23.14 16.59 -36.58
CA LEU C 47 -22.35 15.38 -36.47
C LEU C 47 -21.02 15.46 -37.19
N ARG C 48 -20.79 16.51 -37.97
CA ARG C 48 -19.55 16.66 -38.73
C ARG C 48 -18.42 17.00 -37.76
N ARG C 49 -17.70 15.97 -37.33
CA ARG C 49 -16.60 16.13 -36.37
C ARG C 49 -15.46 15.20 -36.78
N ASP C 50 -14.35 15.78 -37.22
CA ASP C 50 -13.18 14.98 -37.59
C ASP C 50 -12.51 14.37 -36.36
N GLU C 51 -12.82 14.87 -35.16
CA GLU C 51 -12.28 14.33 -33.92
C GLU C 51 -13.43 13.89 -33.03
N GLY C 52 -13.31 12.71 -32.42
CA GLY C 52 -14.31 12.17 -31.55
C GLY C 52 -14.62 10.73 -31.92
N VAL C 53 -15.71 10.22 -31.35
CA VAL C 53 -16.10 8.83 -31.63
C VAL C 53 -16.57 8.68 -33.07
N GLU C 54 -17.09 9.75 -33.67
CA GLU C 54 -17.59 9.66 -35.04
C GLU C 54 -16.47 9.36 -36.03
N ALA C 55 -15.31 10.01 -35.86
CA ALA C 55 -14.20 9.79 -36.78
C ALA C 55 -13.68 8.37 -36.69
N VAL C 56 -13.41 7.89 -35.47
CA VAL C 56 -12.90 6.53 -35.30
C VAL C 56 -13.93 5.52 -35.80
N PHE C 57 -15.22 5.81 -35.58
CA PHE C 57 -16.27 4.89 -36.00
C PHE C 57 -16.33 4.80 -37.52
N LYS C 58 -16.36 5.97 -38.19
CA LYS C 58 -16.38 5.98 -39.65
C LYS C 58 -15.08 5.44 -40.25
N SER C 59 -13.98 5.44 -39.49
CA SER C 59 -12.73 4.88 -39.97
C SER C 59 -12.66 3.37 -39.75
N VAL C 60 -13.40 2.83 -38.79
CA VAL C 60 -13.35 1.41 -38.49
C VAL C 60 -14.63 0.68 -38.92
N PHE C 61 -15.77 1.37 -38.95
CA PHE C 61 -17.03 0.67 -39.26
C PHE C 61 -17.09 0.22 -40.71
N PRO C 62 -16.84 1.08 -41.71
CA PRO C 62 -16.88 0.60 -43.11
C PRO C 62 -15.81 -0.44 -43.38
N ILE C 63 -16.26 -1.62 -43.82
CA ILE C 63 -15.39 -2.75 -44.11
C ILE C 63 -15.78 -3.34 -45.46
N LYS C 64 -14.91 -4.20 -45.97
CA LYS C 64 -15.14 -4.87 -47.24
C LYS C 64 -14.79 -6.34 -47.11
N ASP C 65 -15.23 -7.12 -48.09
CA ASP C 65 -15.00 -8.56 -48.14
C ASP C 65 -14.31 -8.90 -49.46
N PHE C 66 -13.05 -9.33 -49.37
CA PHE C 66 -12.29 -9.69 -50.57
C PHE C 66 -12.68 -11.04 -51.14
N ASN C 67 -13.49 -11.83 -50.42
CA ASN C 67 -13.90 -13.14 -50.89
C ASN C 67 -15.34 -13.16 -51.39
N GLU C 68 -16.18 -12.20 -50.96
CA GLU C 68 -17.56 -12.14 -51.41
C GLU C 68 -17.99 -10.76 -51.90
N ARG C 69 -17.13 -9.75 -51.79
CA ARG C 69 -17.45 -8.39 -52.21
C ARG C 69 -18.65 -7.85 -51.43
N ALA C 70 -18.48 -7.78 -50.12
CA ALA C 70 -19.51 -7.31 -49.20
C ALA C 70 -18.97 -6.11 -48.44
N VAL C 71 -19.65 -4.97 -48.57
CA VAL C 71 -19.26 -3.74 -47.88
C VAL C 71 -20.30 -3.44 -46.82
N LEU C 72 -19.83 -2.83 -45.73
CA LEU C 72 -20.66 -2.49 -44.56
C LEU C 72 -20.50 -0.99 -44.33
N GLU C 73 -21.34 -0.20 -44.98
CA GLU C 73 -21.18 1.25 -44.98
C GLU C 73 -21.74 1.86 -43.69
N TYR C 74 -21.25 3.07 -43.39
CA TYR C 74 -21.66 3.83 -42.22
C TYR C 74 -22.23 5.16 -42.67
N VAL C 75 -23.52 5.40 -42.39
CA VAL C 75 -24.17 6.65 -42.74
C VAL C 75 -24.01 7.65 -41.60
N SER C 76 -24.58 7.34 -40.44
CA SER C 76 -24.46 8.18 -39.25
C SER C 76 -25.05 7.42 -38.07
N TYR C 77 -24.73 7.89 -36.87
CA TYR C 77 -25.24 7.32 -35.63
C TYR C 77 -26.14 8.33 -34.93
N GLU C 78 -27.22 7.83 -34.34
CA GLU C 78 -28.18 8.65 -33.62
C GLU C 78 -28.07 8.37 -32.12
N PHE C 79 -27.88 9.43 -31.34
CA PHE C 79 -27.74 9.32 -29.90
C PHE C 79 -29.10 9.43 -29.22
N GLU C 80 -29.41 8.48 -28.36
CA GLU C 80 -30.68 8.44 -27.64
C GLU C 80 -30.48 8.84 -26.20
N GLU C 81 -31.56 9.30 -25.58
CA GLU C 81 -31.51 9.74 -24.20
C GLU C 81 -31.20 8.53 -23.29
N PRO C 82 -30.62 8.79 -22.12
CA PRO C 82 -30.29 7.68 -21.22
C PRO C 82 -31.54 7.05 -20.64
N LYS C 83 -31.54 5.72 -20.56
CA LYS C 83 -32.68 5.00 -20.02
C LYS C 83 -32.88 5.27 -18.53
N TYR C 84 -31.82 5.66 -17.81
CA TYR C 84 -31.91 5.95 -16.39
C TYR C 84 -31.32 7.32 -16.13
N ASP C 85 -31.94 8.06 -15.21
CA ASP C 85 -31.46 9.38 -14.84
C ASP C 85 -30.30 9.27 -13.86
N VAL C 86 -29.53 10.35 -13.75
CA VAL C 86 -28.38 10.36 -12.84
C VAL C 86 -28.84 10.18 -11.40
N GLU C 87 -29.88 10.91 -10.99
CA GLU C 87 -30.40 10.77 -9.64
C GLU C 87 -30.99 9.38 -9.41
N GLU C 88 -31.50 8.74 -10.46
CA GLU C 88 -32.01 7.37 -10.36
C GLU C 88 -30.93 6.33 -10.60
N CYS C 89 -29.86 6.68 -11.29
CA CYS C 89 -28.78 5.73 -11.53
C CYS C 89 -27.82 5.66 -10.35
N ILE C 90 -27.70 6.73 -9.57
CA ILE C 90 -26.84 6.70 -8.39
C ILE C 90 -27.36 5.70 -7.37
N GLN C 91 -28.69 5.53 -7.29
CA GLN C 91 -29.25 4.59 -6.34
C GLN C 91 -29.27 3.16 -6.88
N ARG C 92 -29.58 3.01 -8.17
CA ARG C 92 -29.62 1.68 -8.77
C ARG C 92 -28.25 1.03 -8.85
N ASP C 93 -27.17 1.82 -8.79
CA ASP C 93 -25.81 1.29 -8.88
C ASP C 93 -25.57 0.63 -10.24
N MET C 94 -26.14 1.21 -11.28
CA MET C 94 -26.01 0.69 -12.64
C MET C 94 -25.25 1.69 -13.51
N THR C 95 -25.14 1.37 -14.80
CA THR C 95 -24.39 2.19 -15.73
C THR C 95 -25.27 3.33 -16.24
N PHE C 96 -24.91 4.57 -15.90
CA PHE C 96 -25.58 5.75 -16.44
C PHE C 96 -25.08 5.95 -17.86
N ALA C 97 -25.67 5.18 -18.78
CA ALA C 97 -25.25 5.16 -20.16
C ALA C 97 -26.44 5.32 -21.08
N ALA C 98 -26.17 5.82 -22.28
CA ALA C 98 -27.18 5.98 -23.32
C ALA C 98 -26.89 5.05 -24.49
N PRO C 99 -27.90 4.41 -25.05
CA PRO C 99 -27.66 3.48 -26.17
C PRO C 99 -27.18 4.21 -27.41
N LEU C 100 -26.36 3.52 -28.19
CA LEU C 100 -25.81 4.05 -29.43
C LEU C 100 -26.46 3.34 -30.61
N LYS C 101 -27.14 4.11 -31.45
CA LYS C 101 -27.79 3.60 -32.66
C LYS C 101 -27.04 4.13 -33.87
N VAL C 102 -26.49 3.22 -34.66
CA VAL C 102 -25.71 3.57 -35.84
C VAL C 102 -26.40 3.03 -37.08
N LYS C 103 -26.35 3.78 -38.17
CA LYS C 103 -26.97 3.37 -39.42
C LYS C 103 -26.05 2.44 -40.20
N LEU C 104 -26.63 1.40 -40.79
CA LEU C 104 -25.89 0.43 -41.57
C LEU C 104 -26.42 0.40 -43.00
N ARG C 105 -25.54 0.05 -43.94
CA ARG C 105 -25.92 -0.02 -45.36
C ARG C 105 -25.06 -1.09 -46.02
N LEU C 106 -25.64 -2.27 -46.22
CA LEU C 106 -24.98 -3.37 -46.89
C LEU C 106 -25.44 -3.44 -48.34
N ILE C 107 -24.50 -3.45 -49.27
CA ILE C 107 -24.80 -3.47 -50.71
C ILE C 107 -24.05 -4.61 -51.37
N VAL C 108 -24.66 -5.15 -52.42
CA VAL C 108 -24.06 -6.24 -53.20
C VAL C 108 -24.02 -5.82 -54.65
N PHE C 109 -23.91 -4.51 -54.90
CA PHE C 109 -23.94 -4.00 -56.27
C PHE C 109 -22.81 -4.56 -57.11
N GLU C 110 -21.61 -4.65 -56.54
CA GLU C 110 -20.45 -5.15 -57.27
C GLU C 110 -20.61 -6.64 -57.51
N THR C 111 -21.05 -7.00 -58.71
CA THR C 111 -21.29 -8.38 -59.09
C THR C 111 -20.20 -8.86 -60.06
N GLU C 112 -20.37 -10.09 -60.52
CA GLU C 112 -19.42 -10.70 -61.46
C GLU C 112 -19.87 -10.42 -62.89
N GLU C 113 -19.23 -11.08 -63.85
CA GLU C 113 -19.55 -10.94 -65.28
C GLU C 113 -19.29 -9.51 -65.77
N GLU C 114 -18.34 -8.82 -65.15
CA GLU C 114 -17.98 -7.47 -65.54
C GLU C 114 -19.15 -6.51 -65.41
N THR C 115 -19.94 -6.68 -64.34
CA THR C 115 -21.10 -5.84 -64.07
C THR C 115 -20.96 -5.21 -62.69
N GLY C 116 -21.36 -3.94 -62.59
CA GLY C 116 -21.27 -3.19 -61.36
C GLY C 116 -22.56 -3.05 -60.58
N ALA C 117 -23.63 -3.73 -60.99
CA ALA C 117 -24.91 -3.65 -60.30
C ALA C 117 -25.56 -5.02 -60.29
N ARG C 118 -26.02 -5.45 -59.11
CA ARG C 118 -26.69 -6.72 -58.94
C ARG C 118 -28.16 -6.50 -58.57
N SER C 119 -28.88 -7.60 -58.37
CA SER C 119 -30.30 -7.51 -58.02
C SER C 119 -30.53 -6.89 -56.65
N VAL C 120 -29.55 -6.97 -55.75
CA VAL C 120 -29.68 -6.40 -54.42
C VAL C 120 -28.65 -5.28 -54.26
N LYS C 121 -28.36 -4.59 -55.35
CA LYS C 121 -27.37 -3.51 -55.31
C LYS C 121 -27.81 -2.38 -54.39
N ASP C 122 -29.12 -2.15 -54.27
CA ASP C 122 -29.62 -1.09 -53.42
C ASP C 122 -29.33 -1.41 -51.96
N ILE C 123 -28.92 -0.37 -51.21
CA ILE C 123 -28.63 -0.55 -49.80
C ILE C 123 -29.92 -0.86 -49.03
N LYS C 124 -29.75 -1.49 -47.86
CA LYS C 124 -30.88 -1.87 -47.03
C LYS C 124 -31.19 -0.87 -45.92
N GLU C 125 -30.24 0.01 -45.59
CA GLU C 125 -30.42 0.99 -44.52
C GLU C 125 -30.71 0.30 -43.19
N GLN C 126 -29.73 -0.50 -42.75
CA GLN C 126 -29.86 -1.27 -41.53
C GLN C 126 -29.61 -0.39 -40.31
N ASP C 127 -29.72 -0.99 -39.13
CA ASP C 127 -29.50 -0.29 -37.87
C ASP C 127 -29.26 -1.33 -36.79
N VAL C 128 -28.20 -1.14 -36.00
CA VAL C 128 -27.79 -2.10 -34.99
C VAL C 128 -27.61 -1.38 -33.66
N TYR C 129 -27.98 -2.05 -32.58
CA TYR C 129 -27.78 -1.53 -31.22
C TYR C 129 -26.30 -1.66 -30.87
N MET C 130 -25.57 -0.56 -31.01
CA MET C 130 -24.14 -0.58 -30.71
C MET C 130 -23.87 -0.87 -29.24
N GLY C 131 -24.42 -0.04 -28.37
CA GLY C 131 -24.25 -0.24 -26.94
C GLY C 131 -24.58 1.03 -26.19
N ASP C 132 -24.39 0.95 -24.87
CA ASP C 132 -24.63 2.06 -23.96
C ASP C 132 -23.29 2.63 -23.50
N ILE C 133 -23.11 3.94 -23.69
CA ILE C 133 -21.88 4.62 -23.28
C ILE C 133 -22.20 5.57 -22.13
N PRO C 134 -21.30 5.71 -21.16
CA PRO C 134 -21.60 6.53 -19.98
C PRO C 134 -21.59 8.02 -20.28
N LEU C 135 -22.73 8.55 -20.71
CA LEU C 135 -22.88 9.97 -20.98
C LEU C 135 -22.43 10.80 -19.78
N MET C 136 -21.59 11.80 -20.05
CA MET C 136 -21.03 12.63 -18.99
C MET C 136 -22.11 13.44 -18.31
N THR C 137 -22.17 13.34 -16.98
CA THR C 137 -23.11 14.13 -16.21
C THR C 137 -22.74 15.61 -16.33
N ASP C 138 -23.71 16.47 -15.99
CA ASP C 138 -23.47 17.91 -16.08
C ASP C 138 -22.32 18.36 -15.18
N LYS C 139 -22.09 17.65 -14.08
CA LYS C 139 -20.97 17.93 -13.20
C LYS C 139 -19.73 17.10 -13.51
N GLY C 140 -19.78 16.27 -14.55
CA GLY C 140 -18.63 15.48 -14.94
C GLY C 140 -18.28 14.37 -13.97
N THR C 141 -19.16 13.38 -13.86
CA THR C 141 -18.97 12.26 -12.95
C THR C 141 -18.77 10.92 -13.63
N PHE C 142 -19.45 10.68 -14.76
CA PHE C 142 -19.35 9.43 -15.50
C PHE C 142 -19.74 8.24 -14.62
N ILE C 143 -21.01 8.24 -14.21
CA ILE C 143 -21.52 7.22 -13.29
C ILE C 143 -21.57 5.89 -14.04
N VAL C 144 -20.67 4.98 -13.72
CA VAL C 144 -20.72 3.64 -14.27
C VAL C 144 -21.48 2.69 -13.35
N ASN C 145 -21.37 2.90 -12.04
CA ASN C 145 -22.13 2.14 -11.05
C ASN C 145 -22.31 3.05 -9.84
N GLY C 146 -22.69 2.46 -8.71
CA GLY C 146 -22.65 3.21 -7.46
C GLY C 146 -21.24 3.70 -7.17
N THR C 147 -21.16 4.79 -6.40
CA THR C 147 -19.88 5.45 -6.14
C THR C 147 -19.24 5.91 -7.46
N GLU C 148 -19.92 6.87 -8.08
CA GLU C 148 -19.52 7.41 -9.38
C GLU C 148 -18.06 7.79 -9.43
N ARG C 149 -17.37 7.35 -10.49
CA ARG C 149 -15.95 7.58 -10.67
C ARG C 149 -15.74 8.46 -11.90
N VAL C 150 -15.08 9.60 -11.70
CA VAL C 150 -14.75 10.50 -12.80
C VAL C 150 -13.40 10.09 -13.38
N ILE C 151 -13.27 10.23 -14.70
CA ILE C 151 -12.08 9.79 -15.42
C ILE C 151 -11.07 10.92 -15.40
N VAL C 152 -9.94 10.69 -14.72
CA VAL C 152 -8.88 11.70 -14.66
C VAL C 152 -8.17 11.77 -16.00
N SER C 153 -7.78 12.98 -16.41
CA SER C 153 -7.06 13.14 -17.66
C SER C 153 -5.65 12.59 -17.54
N GLN C 154 -5.16 12.05 -18.66
CA GLN C 154 -3.83 11.46 -18.72
C GLN C 154 -2.90 12.32 -19.55
N MET C 155 -1.62 12.33 -19.18
CA MET C 155 -0.59 13.09 -19.87
C MET C 155 0.43 12.10 -20.43
N HIS C 156 0.21 11.66 -21.66
CA HIS C 156 1.12 10.77 -22.36
C HIS C 156 2.00 11.57 -23.33
N ARG C 157 3.05 10.90 -23.81
CA ARG C 157 3.94 11.53 -24.77
C ARG C 157 3.17 11.85 -26.05
N SER C 158 3.15 13.13 -26.42
CA SER C 158 2.42 13.54 -27.60
C SER C 158 3.06 12.91 -28.85
N PRO C 159 2.25 12.52 -29.83
CA PRO C 159 2.82 11.93 -31.05
C PRO C 159 3.66 12.94 -31.81
N GLY C 160 4.74 12.45 -32.42
CA GLY C 160 5.66 13.30 -33.14
C GLY C 160 7.11 12.88 -32.96
N VAL C 161 8.00 13.42 -33.79
CA VAL C 161 9.41 13.08 -33.73
C VAL C 161 10.04 13.76 -32.53
N PHE C 162 10.96 13.06 -31.87
CA PHE C 162 11.66 13.58 -30.70
C PHE C 162 13.16 13.35 -30.87
N PHE C 163 13.94 14.26 -30.29
CA PHE C 163 15.40 14.21 -30.34
C PHE C 163 15.92 14.38 -28.90
N ASP C 164 16.01 13.27 -28.18
CA ASP C 164 16.43 13.29 -26.77
C ASP C 164 17.94 13.14 -26.72
N HIS C 165 18.63 14.28 -26.65
CA HIS C 165 20.08 14.28 -26.53
C HIS C 165 20.49 13.66 -25.20
N ASP C 166 21.28 12.59 -25.26
CA ASP C 166 21.71 11.91 -24.05
C ASP C 166 22.59 12.83 -23.21
N LYS C 167 22.52 12.64 -21.88
CA LYS C 167 23.27 13.45 -20.94
C LYS C 167 24.56 12.77 -20.49
N GLY C 168 25.18 11.99 -21.36
CA GLY C 168 26.42 11.30 -21.08
C GLY C 168 26.25 9.85 -20.67
N LYS C 169 25.09 9.49 -20.13
CA LYS C 169 24.83 8.12 -19.73
C LYS C 169 24.79 7.21 -20.95
N THR C 170 25.33 6.00 -20.79
CA THR C 170 25.38 5.00 -21.87
C THR C 170 26.20 5.52 -23.04
N HIS C 171 27.27 6.25 -22.73
CA HIS C 171 28.17 6.78 -23.73
C HIS C 171 29.52 6.05 -23.67
N ALA C 172 30.31 6.23 -24.72
CA ALA C 172 31.63 5.61 -24.78
C ALA C 172 32.51 6.15 -23.66
N SER C 173 32.88 7.42 -23.74
CA SER C 173 33.58 8.08 -22.64
C SER C 173 32.77 9.24 -22.07
N GLY C 174 32.42 10.23 -22.89
CA GLY C 174 31.60 11.34 -22.45
C GLY C 174 30.72 11.90 -23.53
N LYS C 175 30.67 11.23 -24.68
CA LYS C 175 29.96 11.75 -25.83
C LYS C 175 28.45 11.66 -25.61
N LEU C 176 27.71 12.37 -26.46
CA LEU C 176 26.25 12.36 -26.44
C LEU C 176 25.73 11.37 -27.49
N LEU C 177 24.44 11.07 -27.39
CA LEU C 177 23.79 10.10 -28.27
C LEU C 177 22.87 10.75 -29.29
N PHE C 178 22.01 11.67 -28.85
CA PHE C 178 21.05 12.34 -29.72
C PHE C 178 20.11 11.32 -30.37
N ALA C 179 19.36 10.62 -29.53
CA ALA C 179 18.43 9.59 -30.00
C ALA C 179 17.21 10.26 -30.62
N ALA C 180 17.15 10.27 -31.94
CA ALA C 180 16.00 10.83 -32.65
C ALA C 180 14.90 9.78 -32.71
N ARG C 181 13.87 9.96 -31.88
CA ARG C 181 12.79 8.99 -31.76
C ARG C 181 11.46 9.67 -32.08
N VAL C 182 10.71 9.08 -32.99
CA VAL C 182 9.37 9.55 -33.35
C VAL C 182 8.37 8.65 -32.65
N ILE C 183 7.58 9.22 -31.74
CA ILE C 183 6.61 8.48 -30.95
C ILE C 183 5.26 8.58 -31.65
N PRO C 184 4.74 7.50 -32.23
CA PRO C 184 3.43 7.55 -32.87
C PRO C 184 2.30 7.54 -31.85
N TYR C 185 1.14 8.04 -32.29
CA TYR C 185 -0.03 8.03 -31.43
C TYR C 185 -0.53 6.62 -31.17
N ARG C 186 -0.44 5.75 -32.17
CA ARG C 186 -0.85 4.36 -32.02
C ARG C 186 -0.04 3.54 -33.03
N GLY C 187 0.97 2.84 -32.55
CA GLY C 187 1.81 2.04 -33.44
C GLY C 187 3.09 1.60 -32.76
N SER C 188 4.13 1.47 -33.57
CA SER C 188 5.44 1.06 -33.10
C SER C 188 6.38 2.26 -33.05
N TRP C 189 7.19 2.32 -32.00
CA TRP C 189 8.12 3.42 -31.83
C TRP C 189 9.33 3.25 -32.74
N LEU C 190 9.99 4.37 -33.04
CA LEU C 190 11.18 4.38 -33.87
C LEU C 190 12.27 5.18 -33.16
N ASP C 191 13.50 4.66 -33.19
CA ASP C 191 14.65 5.30 -32.57
C ASP C 191 15.76 5.42 -33.59
N PHE C 192 16.23 6.64 -33.82
CA PHE C 192 17.34 6.91 -34.74
C PHE C 192 18.58 7.36 -33.98
N GLU C 193 18.82 6.75 -32.81
CA GLU C 193 19.92 7.17 -31.96
C GLU C 193 21.27 6.86 -32.61
N PHE C 194 22.32 7.48 -32.08
CA PHE C 194 23.68 7.25 -32.53
C PHE C 194 24.40 6.32 -31.57
N ASP C 195 25.69 6.10 -31.83
CA ASP C 195 26.53 5.29 -30.96
C ASP C 195 27.91 5.94 -30.91
N ALA C 196 28.85 5.28 -30.23
CA ALA C 196 30.21 5.79 -30.16
C ALA C 196 30.91 5.78 -31.50
N LYS C 197 30.48 4.92 -32.42
CA LYS C 197 31.08 4.85 -33.75
C LYS C 197 30.59 5.95 -34.69
N ASP C 198 29.72 6.84 -34.21
CA ASP C 198 29.21 7.96 -35.01
C ASP C 198 28.41 7.44 -36.20
N ILE C 199 27.43 6.58 -35.90
CA ILE C 199 26.58 5.98 -36.91
C ILE C 199 25.14 5.99 -36.40
N VAL C 200 24.20 6.30 -37.29
CA VAL C 200 22.79 6.33 -36.93
C VAL C 200 22.21 4.93 -37.10
N TYR C 201 21.60 4.43 -36.03
CA TYR C 201 20.98 3.11 -36.02
C TYR C 201 19.49 3.26 -35.76
N VAL C 202 18.67 2.64 -36.60
CA VAL C 202 17.21 2.74 -36.47
C VAL C 202 16.79 1.66 -35.49
N ARG C 203 16.81 2.00 -34.20
CA ARG C 203 16.41 1.08 -33.14
C ARG C 203 14.89 1.10 -33.05
N ILE C 204 14.25 0.32 -33.92
CA ILE C 204 12.80 0.26 -33.96
C ILE C 204 12.29 -0.36 -32.66
N ASP C 205 11.44 0.37 -31.95
CA ASP C 205 10.79 -0.05 -30.70
C ASP C 205 11.78 -0.61 -29.67
N ARG C 206 13.04 -0.15 -29.74
CA ARG C 206 14.09 -0.55 -28.80
C ARG C 206 14.30 -2.07 -28.76
N ARG C 207 14.09 -2.74 -29.90
CA ARG C 207 14.30 -4.17 -29.96
C ARG C 207 15.70 -4.52 -30.46
N ARG C 208 16.06 -4.03 -31.64
CA ARG C 208 17.37 -4.25 -32.22
C ARG C 208 17.98 -2.90 -32.61
N LYS C 209 19.20 -2.94 -33.13
CA LYS C 209 19.95 -1.76 -33.50
C LYS C 209 20.45 -1.86 -34.94
N LEU C 210 19.55 -2.26 -35.84
CA LEU C 210 19.92 -2.38 -37.24
C LEU C 210 20.21 -1.00 -37.84
N PRO C 211 21.01 -0.94 -38.89
CA PRO C 211 21.42 0.35 -39.45
C PRO C 211 20.26 1.07 -40.11
N ALA C 212 20.39 2.40 -40.18
CA ALA C 212 19.37 3.23 -40.83
C ALA C 212 19.36 3.04 -42.34
N THR C 213 20.43 2.50 -42.92
CA THR C 213 20.44 2.23 -44.35
C THR C 213 19.38 1.20 -44.71
N THR C 214 19.15 0.23 -43.83
CA THR C 214 18.06 -0.73 -44.06
C THR C 214 16.71 -0.03 -44.06
N PHE C 215 16.52 0.92 -43.13
CA PHE C 215 15.26 1.66 -43.10
C PHE C 215 15.07 2.50 -44.36
N LEU C 216 16.15 3.12 -44.84
CA LEU C 216 16.06 3.89 -46.07
C LEU C 216 15.78 3.00 -47.28
N TYR C 217 16.38 1.81 -47.31
CA TYR C 217 16.09 0.87 -48.38
C TYR C 217 14.65 0.39 -48.33
N ALA C 218 14.08 0.26 -47.13
CA ALA C 218 12.68 -0.13 -47.01
C ALA C 218 11.76 0.92 -47.61
N LEU C 219 12.15 2.19 -47.56
CA LEU C 219 11.36 3.25 -48.16
C LEU C 219 11.60 3.40 -49.66
N GLY C 220 12.75 2.92 -50.15
CA GLY C 220 13.09 3.01 -51.55
C GLY C 220 14.08 4.10 -51.90
N MET C 221 14.16 5.15 -51.09
CA MET C 221 15.08 6.26 -51.34
C MET C 221 16.37 6.02 -50.55
N ASP C 222 17.22 5.16 -51.10
CA ASP C 222 18.50 4.87 -50.48
C ASP C 222 19.46 4.33 -51.54
N GLY C 223 20.74 4.64 -51.36
CA GLY C 223 21.76 4.21 -52.30
C GLY C 223 22.46 5.38 -52.97
N GLU C 224 22.30 5.50 -54.28
CA GLU C 224 22.88 6.61 -55.03
C GLU C 224 22.02 7.87 -55.00
N GLU C 225 20.87 7.82 -54.34
CA GLU C 225 19.97 8.96 -54.25
C GLU C 225 19.74 9.43 -52.82
N ILE C 226 20.26 8.73 -51.82
CA ILE C 226 20.09 9.15 -50.44
C ILE C 226 21.07 10.26 -50.09
N LEU C 227 22.26 10.25 -50.69
CA LEU C 227 23.28 11.26 -50.43
C LEU C 227 23.12 12.50 -51.29
N THR C 228 22.05 12.60 -52.07
CA THR C 228 21.84 13.78 -52.89
C THR C 228 21.61 15.01 -52.02
N THR C 229 20.80 14.88 -50.97
CA THR C 229 20.58 15.97 -50.03
C THR C 229 21.69 16.09 -49.01
N PHE C 230 22.70 15.22 -49.06
CA PHE C 230 23.81 15.23 -48.11
C PHE C 230 25.11 15.73 -48.71
N TYR C 231 25.34 15.52 -50.00
CA TYR C 231 26.58 15.93 -50.65
C TYR C 231 26.23 16.56 -51.99
N ASP C 232 27.25 16.78 -52.82
CA ASP C 232 27.07 17.36 -54.14
C ASP C 232 28.37 17.19 -54.91
N VAL C 233 28.39 17.73 -56.13
CA VAL C 233 29.58 17.63 -56.98
C VAL C 233 30.55 18.75 -56.65
N VAL C 234 31.83 18.48 -56.83
CA VAL C 234 32.88 19.46 -56.56
C VAL C 234 33.38 20.01 -57.89
N PRO C 235 33.72 21.31 -57.96
CA PRO C 235 34.20 21.88 -59.23
C PRO C 235 35.67 21.57 -59.50
N PHE C 236 35.93 20.28 -59.75
CA PHE C 236 37.27 19.81 -60.05
C PHE C 236 37.46 19.61 -61.55
N GLU C 237 38.72 19.55 -61.97
CA GLU C 237 39.04 19.37 -63.38
C GLU C 237 39.98 18.18 -63.58
N LYS C 238 40.47 18.01 -64.80
CA LYS C 238 41.37 16.92 -65.14
C LYS C 238 42.80 17.44 -65.25
N ARG C 239 43.71 16.55 -65.66
CA ARG C 239 45.10 16.92 -65.82
C ARG C 239 45.26 17.92 -66.96
N SER C 240 46.01 18.98 -66.71
CA SER C 240 46.25 20.03 -67.69
C SER C 240 47.44 20.85 -67.23
N GLY C 241 47.71 21.95 -67.94
CA GLY C 241 48.82 22.82 -67.59
C GLY C 241 48.66 23.46 -66.22
N GLY C 242 49.65 23.25 -65.36
CA GLY C 242 49.59 23.81 -64.02
C GLY C 242 48.50 23.20 -63.16
N TRP C 243 47.62 24.04 -62.64
CA TRP C 243 46.50 23.61 -61.80
C TRP C 243 45.24 24.31 -62.31
N ALA C 244 44.54 23.68 -63.25
CA ALA C 244 43.32 24.21 -63.82
C ALA C 244 42.12 23.59 -63.13
N THR C 245 41.22 24.43 -62.63
CA THR C 245 40.02 23.96 -61.94
C THR C 245 38.98 25.06 -61.88
N PRO C 246 37.73 24.80 -62.31
CA PRO C 246 36.67 25.80 -62.26
C PRO C 246 35.91 25.79 -60.93
N TYR C 247 36.63 25.92 -59.84
CA TYR C 247 36.05 25.90 -58.51
C TYR C 247 35.79 27.31 -58.01
N LYS C 248 34.79 27.44 -57.13
CA LYS C 248 34.43 28.71 -56.53
C LYS C 248 34.67 28.64 -55.03
N PRO C 249 35.56 29.46 -54.47
CA PRO C 249 35.83 29.37 -53.02
C PRO C 249 34.69 29.93 -52.18
N GLU C 250 33.95 29.04 -51.52
CA GLU C 250 32.86 29.45 -50.65
C GLU C 250 32.83 28.73 -49.31
N ARG C 251 33.73 27.76 -49.08
CA ARG C 251 33.76 27.03 -47.82
C ARG C 251 35.18 26.78 -47.33
N TRP C 252 36.15 27.58 -47.77
CA TRP C 252 37.54 27.41 -47.37
C TRP C 252 37.91 28.24 -46.15
N ARG C 253 37.00 29.07 -45.65
CA ARG C 253 37.30 29.88 -44.48
C ARG C 253 37.39 29.00 -43.23
N GLY C 254 38.23 29.42 -42.29
CA GLY C 254 38.42 28.66 -41.07
C GLY C 254 39.01 27.29 -41.29
N VAL C 255 39.88 27.14 -42.28
CA VAL C 255 40.50 25.86 -42.59
C VAL C 255 41.91 26.11 -43.09
N LYS C 256 42.86 25.30 -42.63
CA LYS C 256 44.24 25.47 -43.03
C LYS C 256 44.40 25.19 -44.52
N PRO C 257 45.27 25.93 -45.21
CA PRO C 257 45.48 25.70 -46.66
C PRO C 257 46.34 24.48 -46.95
N GLU C 258 45.70 23.31 -46.94
CA GLU C 258 46.41 22.07 -47.20
C GLU C 258 46.92 22.00 -48.64
N PHE C 259 46.25 22.70 -49.56
CA PHE C 259 46.66 22.75 -50.95
C PHE C 259 46.82 24.19 -51.40
N PRO C 260 47.82 24.49 -52.22
CA PRO C 260 48.03 25.87 -52.66
C PRO C 260 47.00 26.32 -53.68
N LEU C 261 45.78 26.60 -53.23
CA LEU C 261 44.69 27.03 -54.12
C LEU C 261 44.75 28.55 -54.34
N VAL C 262 45.85 28.98 -54.95
CA VAL C 262 46.07 30.40 -55.23
C VAL C 262 45.26 30.80 -56.46
N ASP C 263 45.09 32.10 -56.67
CA ASP C 263 44.35 32.59 -57.82
C ASP C 263 45.07 32.24 -59.11
N ALA C 264 44.37 32.42 -60.22
CA ALA C 264 44.95 32.08 -61.53
C ALA C 264 45.99 33.09 -61.95
N ASP C 265 45.62 34.38 -61.98
CA ASP C 265 46.54 35.40 -62.48
C ASP C 265 47.53 35.84 -61.41
N THR C 266 47.03 36.39 -60.30
CA THR C 266 47.89 36.92 -59.25
C THR C 266 48.14 35.88 -58.14
N GLY C 267 47.09 35.43 -57.49
CA GLY C 267 47.18 34.46 -56.43
C GLY C 267 46.30 34.84 -55.25
N GLU C 268 46.03 33.86 -54.40
CA GLU C 268 45.21 34.04 -53.21
C GLU C 268 45.38 32.80 -52.34
N GLU C 269 44.60 32.71 -51.27
CA GLU C 269 44.63 31.58 -50.35
C GLU C 269 46.03 31.41 -49.75
N VAL C 270 46.42 32.43 -48.97
CA VAL C 270 47.73 32.44 -48.34
C VAL C 270 47.87 31.26 -47.39
N ALA C 271 49.12 30.91 -47.08
CA ALA C 271 49.38 29.77 -46.22
C ALA C 271 48.82 29.92 -44.82
N PRO C 272 48.60 31.12 -44.28
CA PRO C 272 48.03 31.23 -42.93
C PRO C 272 46.62 30.64 -42.83
N ALA C 273 45.72 31.12 -43.68
CA ALA C 273 44.33 30.65 -43.70
C ALA C 273 43.65 30.87 -42.35
N GLY C 274 43.74 32.09 -41.85
CA GLY C 274 43.15 32.43 -40.57
C GLY C 274 41.64 32.39 -40.57
N THR C 275 41.03 33.30 -41.32
CA THR C 275 39.57 33.37 -41.40
C THR C 275 39.03 33.46 -42.83
N LYS C 276 39.86 33.83 -43.81
CA LYS C 276 39.43 33.94 -45.20
C LYS C 276 38.32 34.98 -45.37
N ILE C 277 38.35 36.04 -44.56
CA ILE C 277 37.34 37.08 -44.66
C ILE C 277 37.56 37.92 -45.91
N THR C 278 38.82 38.15 -46.28
CA THR C 278 39.14 38.92 -47.48
C THR C 278 39.22 38.05 -48.72
N ALA C 279 39.66 36.80 -48.59
CA ALA C 279 39.76 35.92 -49.75
C ALA C 279 38.38 35.62 -50.34
N ARG C 280 37.39 35.38 -49.48
CA ARG C 280 36.04 35.12 -49.96
C ARG C 280 35.48 36.33 -50.68
N GLN C 281 35.69 37.54 -50.13
CA GLN C 281 35.20 38.75 -50.77
C GLN C 281 35.90 38.96 -52.12
N ALA C 282 37.20 38.71 -52.19
CA ALA C 282 37.92 38.85 -53.45
C ALA C 282 37.42 37.85 -54.49
N LYS C 283 37.16 36.62 -54.06
CA LYS C 283 36.63 35.61 -54.99
C LYS C 283 35.24 35.98 -55.47
N LYS C 284 34.41 36.53 -54.58
CA LYS C 284 33.06 36.94 -54.99
C LYS C 284 33.10 38.15 -55.92
N PHE C 285 34.05 39.06 -55.71
CA PHE C 285 34.17 40.25 -56.54
C PHE C 285 35.01 40.05 -57.79
N ALA C 286 35.69 38.90 -57.91
CA ALA C 286 36.53 38.60 -59.07
C ALA C 286 35.83 37.68 -60.07
N ASP C 287 34.50 37.68 -60.09
CA ASP C 287 33.72 36.84 -60.99
C ASP C 287 33.98 35.36 -60.72
N GLY C 288 33.99 34.98 -59.46
CA GLY C 288 34.23 33.61 -59.07
C GLY C 288 35.60 33.44 -58.44
N GLY C 289 35.71 32.44 -57.57
CA GLY C 289 36.96 32.17 -56.90
C GLY C 289 37.82 31.16 -57.62
N LEU C 290 38.26 31.51 -58.83
CA LEU C 290 39.11 30.62 -59.63
C LEU C 290 40.46 30.47 -58.94
N LYS C 291 40.69 29.29 -58.36
CA LYS C 291 41.94 29.01 -57.65
C LYS C 291 42.69 27.89 -58.35
N THR C 292 44.00 28.05 -58.47
CA THR C 292 44.88 27.07 -59.11
C THR C 292 45.66 26.36 -58.02
N LEU C 293 45.23 25.16 -57.66
CA LEU C 293 45.87 24.39 -56.61
C LEU C 293 47.27 23.94 -57.05
N LEU C 300 40.49 17.25 -51.37
CA LEU C 300 41.77 17.02 -52.01
C LEU C 300 41.83 15.64 -52.65
N THR C 301 42.64 14.75 -52.08
CA THR C 301 42.78 13.39 -52.58
C THR C 301 42.03 12.38 -51.75
N GLY C 302 42.24 12.37 -50.43
CA GLY C 302 41.56 11.44 -49.55
C GLY C 302 40.26 11.99 -49.01
N ARG C 303 39.34 12.36 -49.91
CA ARG C 303 38.05 12.91 -49.54
C ARG C 303 36.96 11.88 -49.82
N TYR C 304 35.71 12.30 -49.62
CA TYR C 304 34.55 11.45 -49.85
C TYR C 304 34.00 11.72 -51.25
N LEU C 305 34.00 10.69 -52.09
CA LEU C 305 33.51 10.78 -53.47
C LEU C 305 32.30 9.88 -53.67
N ALA C 306 31.38 9.88 -52.71
CA ALA C 306 30.17 9.07 -52.78
C ALA C 306 29.03 9.77 -53.52
N ARG C 307 29.34 10.76 -54.35
CA ARG C 307 28.32 11.49 -55.08
C ARG C 307 27.73 10.60 -56.18
N ASP C 308 26.81 11.17 -56.95
CA ASP C 308 26.16 10.45 -58.04
C ASP C 308 27.19 10.05 -59.10
N ALA C 309 27.41 8.76 -59.27
CA ALA C 309 28.36 8.25 -60.25
C ALA C 309 28.23 6.75 -60.42
N GLU C 316 26.83 3.62 -65.27
CA GLU C 316 27.30 2.29 -64.90
C GLU C 316 28.34 1.80 -65.91
N ILE C 317 28.70 2.65 -66.86
CA ILE C 317 29.67 2.29 -67.88
C ILE C 317 31.10 2.55 -67.41
N TYR C 318 31.33 3.66 -66.70
CA TYR C 318 32.65 4.01 -66.22
C TYR C 318 32.77 4.04 -64.70
N ALA C 319 31.66 4.11 -63.97
CA ALA C 319 31.68 4.18 -62.51
C ALA C 319 31.29 2.82 -61.92
N GLU C 320 31.20 2.78 -60.60
CA GLU C 320 30.84 1.56 -59.89
C GLU C 320 30.22 1.94 -58.55
N ALA C 321 29.69 0.93 -57.87
CA ALA C 321 29.05 1.15 -56.57
C ALA C 321 30.09 1.36 -55.49
N GLY C 322 29.77 2.24 -54.54
CA GLY C 322 30.67 2.53 -53.45
C GLY C 322 31.65 3.66 -53.79
N ASP C 323 32.17 4.29 -52.74
CA ASP C 323 33.13 5.39 -52.86
C ASP C 323 34.33 5.07 -51.97
N GLU C 324 35.28 4.33 -52.53
CA GLU C 324 36.55 4.03 -51.84
C GLU C 324 37.61 3.85 -52.93
N LEU C 325 38.30 4.94 -53.26
CA LEU C 325 39.29 4.93 -54.33
C LEU C 325 40.70 4.70 -53.79
N ASP C 326 41.17 5.57 -52.90
CA ASP C 326 42.55 5.53 -52.41
C ASP C 326 43.55 5.64 -53.57
N VAL C 327 43.18 6.44 -54.57
CA VAL C 327 43.97 6.55 -55.80
C VAL C 327 44.08 8.02 -56.18
N THR C 328 44.65 8.28 -57.36
CA THR C 328 44.86 9.64 -57.87
C THR C 328 43.98 9.90 -59.09
N SER C 329 42.72 9.48 -59.02
CA SER C 329 41.77 9.63 -60.12
C SER C 329 42.21 8.82 -61.34
N ILE C 330 42.34 7.51 -61.14
CA ILE C 330 42.70 6.63 -62.24
C ILE C 330 41.51 6.46 -63.17
N GLN C 331 41.81 6.08 -64.42
CA GLN C 331 40.79 5.90 -65.45
C GLN C 331 40.05 7.20 -65.72
N ALA C 332 40.77 8.32 -65.69
CA ALA C 332 40.20 9.64 -65.91
C ALA C 332 39.17 10.01 -64.83
N LEU C 333 39.36 9.47 -63.62
CA LEU C 333 38.46 9.72 -62.50
C LEU C 333 37.04 9.25 -62.82
N ALA C 334 36.95 8.01 -63.31
CA ALA C 334 35.67 7.41 -63.70
C ALA C 334 35.01 8.21 -64.82
N ASP C 335 35.79 8.47 -65.88
CA ASP C 335 35.32 9.23 -67.03
C ASP C 335 34.90 10.64 -66.64
N THR C 350 33.61 19.10 -42.19
CA THR C 350 33.53 18.37 -40.93
C THR C 350 32.16 18.56 -40.29
N VAL C 351 31.18 18.95 -41.10
CA VAL C 351 29.82 19.17 -40.61
C VAL C 351 28.96 17.93 -40.79
N GLY C 352 29.06 17.27 -41.94
CA GLY C 352 28.29 16.07 -42.20
C GLY C 352 29.13 14.86 -42.52
N ALA C 353 29.12 13.87 -41.61
CA ALA C 353 29.85 12.63 -41.83
C ALA C 353 29.06 11.41 -41.36
N TYR C 354 27.73 11.53 -41.26
CA TYR C 354 26.91 10.46 -40.72
C TYR C 354 26.36 9.53 -41.80
N MET C 355 25.88 10.10 -42.90
CA MET C 355 25.28 9.27 -43.95
C MET C 355 26.31 8.38 -44.62
N ARG C 356 27.52 8.91 -44.87
CA ARG C 356 28.55 8.10 -45.53
C ARG C 356 29.02 6.95 -44.64
N ASN C 357 28.96 7.12 -43.33
CA ASN C 357 29.40 6.06 -42.43
C ASN C 357 28.38 4.95 -42.30
N THR C 358 27.09 5.27 -42.39
CA THR C 358 26.06 4.26 -42.24
C THR C 358 25.94 3.39 -43.50
N LEU C 359 26.13 3.99 -44.68
CA LEU C 359 26.02 3.23 -45.91
C LEU C 359 27.10 2.17 -46.03
N ARG C 360 28.26 2.40 -45.42
CA ARG C 360 29.34 1.42 -45.45
C ARG C 360 29.22 0.37 -44.36
N VAL C 361 28.75 0.75 -43.17
CA VAL C 361 28.58 -0.22 -42.10
C VAL C 361 27.44 -1.18 -42.42
N ASP C 362 26.47 -0.75 -43.21
CA ASP C 362 25.35 -1.61 -43.58
C ASP C 362 25.83 -2.73 -44.48
N LYS C 363 25.47 -3.96 -44.13
CA LYS C 363 25.79 -5.13 -44.95
C LYS C 363 24.74 -5.40 -46.03
N ASN C 364 23.63 -4.67 -46.03
CA ASN C 364 22.56 -4.85 -46.99
C ASN C 364 22.57 -3.69 -47.97
N ALA C 365 22.78 -4.01 -49.25
CA ALA C 365 22.79 -3.01 -50.31
C ALA C 365 21.55 -3.06 -51.19
N ILE C 366 20.63 -3.99 -50.93
CA ILE C 366 19.42 -4.14 -51.73
C ILE C 366 18.22 -3.94 -50.80
N ARG C 367 17.15 -3.39 -51.37
CA ARG C 367 15.93 -3.17 -50.60
C ARG C 367 15.37 -4.48 -50.05
N GLU C 368 15.54 -5.58 -50.79
CA GLU C 368 15.09 -6.88 -50.30
C GLU C 368 15.85 -7.28 -49.04
N ASP C 369 17.15 -7.01 -49.00
CA ASP C 369 17.93 -7.32 -47.80
C ASP C 369 17.48 -6.48 -46.62
N ALA C 370 17.17 -5.20 -46.86
CA ALA C 370 16.68 -4.35 -45.78
C ALA C 370 15.32 -4.83 -45.26
N LEU C 371 14.44 -5.24 -46.18
CA LEU C 371 13.15 -5.78 -45.76
C LEU C 371 13.32 -7.06 -44.96
N PHE C 372 14.25 -7.92 -45.38
CA PHE C 372 14.51 -9.14 -44.63
C PHE C 372 15.05 -8.84 -43.25
N ASP C 373 15.95 -7.86 -43.15
CA ASP C 373 16.48 -7.47 -41.84
C ASP C 373 15.38 -6.91 -40.94
N ILE C 374 14.48 -6.09 -41.51
CA ILE C 374 13.39 -5.54 -40.72
C ILE C 374 12.46 -6.65 -40.25
N TYR C 375 12.18 -7.62 -41.12
CA TYR C 375 11.32 -8.73 -40.73
C TYR C 375 11.96 -9.59 -39.65
N ARG C 376 13.28 -9.79 -39.74
CA ARG C 376 13.98 -10.56 -38.72
C ARG C 376 14.01 -9.81 -37.39
N VAL C 377 14.14 -8.48 -37.43
CA VAL C 377 14.13 -7.70 -36.21
C VAL C 377 12.75 -7.74 -35.55
N MET C 378 11.71 -7.50 -36.34
CA MET C 378 10.35 -7.51 -35.79
C MET C 378 9.93 -8.93 -35.41
N ARG C 379 10.04 -9.88 -36.34
CA ARG C 379 9.67 -11.27 -36.12
C ARG C 379 10.87 -12.15 -36.43
N PRO C 380 11.73 -12.42 -35.44
CA PRO C 380 12.90 -13.25 -35.72
C PRO C 380 12.56 -14.72 -35.94
N GLY C 381 11.54 -15.24 -35.25
CA GLY C 381 11.20 -16.65 -35.41
C GLY C 381 10.63 -16.96 -36.78
N GLU C 382 9.75 -16.10 -37.28
CA GLU C 382 9.14 -16.35 -38.58
C GLU C 382 10.19 -16.20 -39.69
N PRO C 383 10.17 -17.07 -40.69
CA PRO C 383 11.13 -16.96 -41.78
C PRO C 383 10.77 -15.79 -42.70
N PRO C 384 11.69 -14.86 -42.91
CA PRO C 384 11.39 -13.70 -43.75
C PRO C 384 11.26 -14.08 -45.21
N THR C 385 10.28 -13.48 -45.88
CA THR C 385 10.05 -13.69 -47.30
C THR C 385 10.26 -12.38 -48.05
N VAL C 386 10.32 -12.48 -49.38
CA VAL C 386 10.52 -11.30 -50.22
C VAL C 386 9.34 -10.35 -50.10
N GLU C 387 8.14 -10.85 -50.40
CA GLU C 387 6.94 -10.02 -50.30
C GLU C 387 6.42 -9.93 -48.87
N ALA C 388 6.70 -10.94 -48.04
CA ALA C 388 6.24 -10.91 -46.65
C ALA C 388 6.93 -9.81 -45.86
N ALA C 389 8.25 -9.64 -46.07
CA ALA C 389 8.97 -8.59 -45.36
C ALA C 389 8.53 -7.21 -45.83
N GLU C 390 8.32 -7.04 -47.13
CA GLU C 390 7.85 -5.76 -47.64
C GLU C 390 6.45 -5.44 -47.13
N ALA C 391 5.60 -6.46 -46.98
CA ALA C 391 4.26 -6.24 -46.45
C ALA C 391 4.30 -5.91 -44.96
N MET C 392 5.26 -6.49 -44.22
CA MET C 392 5.35 -6.22 -42.80
C MET C 392 5.69 -4.76 -42.53
N PHE C 393 6.70 -4.24 -43.21
CA PHE C 393 7.08 -2.84 -43.03
C PHE C 393 5.95 -1.90 -43.45
N LYS C 394 5.25 -2.23 -44.52
CA LYS C 394 4.14 -1.39 -44.98
C LYS C 394 3.01 -1.38 -43.95
N SER C 395 2.66 -2.56 -43.44
CA SER C 395 1.60 -2.63 -42.43
C SER C 395 2.03 -1.96 -41.13
N LEU C 396 3.33 -1.92 -40.85
CA LEU C 396 3.81 -1.31 -39.62
C LEU C 396 3.81 0.21 -39.71
N PHE C 397 4.33 0.76 -40.80
CA PHE C 397 4.47 2.20 -40.95
C PHE C 397 3.66 2.78 -42.09
N PHE C 398 3.67 2.15 -43.26
CA PHE C 398 2.95 2.65 -44.42
C PHE C 398 1.45 2.36 -44.37
N ASP C 399 0.97 1.71 -43.31
CA ASP C 399 -0.44 1.36 -43.17
C ASP C 399 -1.06 2.26 -42.11
N ALA C 400 -2.13 2.96 -42.48
CA ALA C 400 -2.84 3.81 -41.54
C ALA C 400 -3.74 3.03 -40.59
N GLU C 401 -3.95 1.74 -40.85
CA GLU C 401 -4.80 0.94 -39.98
C GLU C 401 -4.08 0.62 -38.66
N ARG C 402 -2.78 0.35 -38.73
CA ARG C 402 -1.99 0.04 -37.54
C ARG C 402 -1.20 1.24 -37.03
N TYR C 403 -0.48 1.93 -37.92
CA TYR C 403 0.29 3.11 -37.54
C TYR C 403 -0.61 4.35 -37.61
N ASP C 404 -1.58 4.39 -36.70
CA ASP C 404 -2.57 5.46 -36.65
C ASP C 404 -2.01 6.61 -35.84
N LEU C 405 -1.20 7.45 -36.50
CA LEU C 405 -0.65 8.65 -35.88
C LEU C 405 -1.70 9.76 -35.94
N SER C 406 -2.08 10.28 -34.78
CA SER C 406 -3.13 11.28 -34.70
C SER C 406 -2.70 12.57 -35.42
N SER C 407 -3.68 13.42 -35.69
CA SER C 407 -3.40 14.70 -36.34
C SER C 407 -2.51 15.58 -35.48
N VAL C 408 -2.62 15.45 -34.15
CA VAL C 408 -1.74 16.22 -33.26
C VAL C 408 -0.29 15.78 -33.47
N GLY C 409 -0.07 14.50 -33.73
CA GLY C 409 1.29 14.04 -34.01
C GLY C 409 1.83 14.63 -35.30
N ARG C 410 1.01 14.68 -36.34
CA ARG C 410 1.47 15.23 -37.62
C ARG C 410 1.74 16.73 -37.50
N VAL C 411 0.88 17.45 -36.77
CA VAL C 411 1.11 18.89 -36.62
C VAL C 411 2.34 19.14 -35.76
N LYS C 412 2.57 18.31 -34.73
CA LYS C 412 3.76 18.46 -33.91
C LYS C 412 5.02 18.18 -34.73
N MET C 413 4.96 17.17 -35.60
CA MET C 413 6.09 16.90 -36.49
C MET C 413 6.33 18.07 -37.44
N ASN C 414 5.27 18.62 -38.02
CA ASN C 414 5.41 19.75 -38.93
C ASN C 414 5.99 20.96 -38.21
N MET C 415 5.68 21.14 -36.93
CA MET C 415 6.27 22.25 -36.18
C MET C 415 7.71 22.00 -35.82
N ARG C 416 8.05 20.78 -35.36
CA ARG C 416 9.42 20.47 -34.99
C ARG C 416 10.34 20.54 -36.21
N LEU C 417 10.11 19.66 -37.19
CA LEU C 417 10.82 19.69 -38.46
C LEU C 417 9.86 20.19 -39.54
N GLU C 418 10.25 21.27 -40.22
CA GLU C 418 9.36 21.91 -41.18
C GLU C 418 9.06 20.98 -42.35
N GLN C 419 7.77 20.81 -42.65
CA GLN C 419 7.31 19.98 -43.75
C GLN C 419 6.07 20.62 -44.36
N ASP C 420 5.56 20.00 -45.42
CA ASP C 420 4.37 20.50 -46.10
C ASP C 420 3.13 20.20 -45.27
N VAL C 421 1.97 20.56 -45.81
CA VAL C 421 0.70 20.30 -45.13
C VAL C 421 0.44 18.80 -45.15
N SER C 422 0.30 18.22 -43.95
CA SER C 422 0.11 16.78 -43.82
C SER C 422 -0.93 16.45 -42.76
N ASP C 423 -1.91 17.35 -42.56
CA ASP C 423 -2.92 17.13 -41.54
C ASP C 423 -3.77 15.90 -41.86
N GLU C 424 -4.03 15.64 -43.13
CA GLU C 424 -4.85 14.49 -43.51
C GLU C 424 -4.08 13.18 -43.34
N VAL C 425 -2.85 13.12 -43.84
CA VAL C 425 -2.05 11.92 -43.72
C VAL C 425 -1.66 11.68 -42.27
N ARG C 426 -1.65 10.42 -41.85
CA ARG C 426 -1.31 10.04 -40.49
C ARG C 426 -0.03 9.24 -40.41
N ILE C 427 0.15 8.25 -41.29
CA ILE C 427 1.38 7.46 -41.29
C ILE C 427 2.56 8.35 -41.67
N LEU C 428 3.73 8.00 -41.15
CA LEU C 428 4.94 8.76 -41.45
C LEU C 428 5.30 8.61 -42.91
N ARG C 429 5.33 9.72 -43.63
CA ARG C 429 5.65 9.71 -45.05
C ARG C 429 7.12 9.36 -45.26
N LYS C 430 7.44 8.87 -46.46
CA LYS C 430 8.82 8.53 -46.79
C LYS C 430 9.72 9.76 -46.75
N GLU C 431 9.19 10.93 -47.09
CA GLU C 431 9.95 12.17 -47.02
C GLU C 431 10.11 12.66 -45.58
N ASP C 432 9.25 12.23 -44.67
CA ASP C 432 9.36 12.66 -43.28
C ASP C 432 10.57 12.03 -42.60
N VAL C 433 10.86 10.77 -42.92
CA VAL C 433 12.02 10.11 -42.33
C VAL C 433 13.31 10.76 -42.79
N LEU C 434 13.36 11.19 -44.06
CA LEU C 434 14.54 11.88 -44.56
C LEU C 434 14.75 13.20 -43.83
N ALA C 435 13.67 13.98 -43.63
CA ALA C 435 13.80 15.24 -42.91
C ALA C 435 14.17 15.00 -41.46
N VAL C 436 13.68 13.91 -40.86
CA VAL C 436 14.03 13.59 -39.49
C VAL C 436 15.51 13.26 -39.38
N LEU C 437 16.02 12.45 -40.31
CA LEU C 437 17.45 12.11 -40.30
C LEU C 437 18.29 13.36 -40.53
N LYS C 438 17.85 14.25 -41.43
CA LYS C 438 18.62 15.47 -41.70
C LYS C 438 18.66 16.37 -40.48
N VAL C 439 17.51 16.58 -39.83
CA VAL C 439 17.49 17.43 -38.64
C VAL C 439 18.28 16.79 -37.51
N LEU C 440 18.28 15.46 -37.43
CA LEU C 440 19.07 14.80 -36.40
C LEU C 440 20.56 14.99 -36.62
N VAL C 441 21.02 14.76 -37.86
CA VAL C 441 22.44 14.95 -38.15
C VAL C 441 22.83 16.41 -38.06
N GLY C 442 21.89 17.33 -38.21
CA GLY C 442 22.16 18.74 -38.01
C GLY C 442 22.28 19.11 -36.55
N LEU C 443 21.35 18.59 -35.72
CA LEU C 443 21.37 18.88 -34.29
C LEU C 443 22.43 18.09 -33.54
N ARG C 444 23.07 17.11 -34.17
CA ARG C 444 24.17 16.41 -33.53
C ARG C 444 25.28 17.37 -33.13
N ASP C 445 25.54 18.39 -33.95
CA ASP C 445 26.54 19.41 -33.66
C ASP C 445 25.91 20.79 -33.85
N GLY C 446 25.27 21.29 -32.81
CA GLY C 446 24.59 22.57 -32.89
C GLY C 446 23.46 22.52 -33.90
N ARG C 447 23.26 23.64 -34.59
CA ARG C 447 22.27 23.72 -35.67
C ARG C 447 20.86 23.47 -35.15
N GLY C 448 20.49 24.20 -34.10
CA GLY C 448 19.17 24.06 -33.52
C GLY C 448 19.20 23.25 -32.24
N GLU C 449 18.30 23.61 -31.31
CA GLU C 449 18.22 22.94 -30.03
C GLU C 449 17.43 21.64 -30.15
N ILE C 450 17.71 20.71 -29.24
CA ILE C 450 17.03 19.42 -29.21
C ILE C 450 15.60 19.62 -28.73
N ASP C 451 14.77 18.60 -28.91
CA ASP C 451 13.37 18.62 -28.46
C ASP C 451 13.31 17.92 -27.11
N ASP C 452 13.11 18.71 -26.04
CA ASP C 452 13.06 18.15 -24.70
C ASP C 452 11.86 17.23 -24.55
N ILE C 453 12.12 16.01 -24.05
CA ILE C 453 11.06 15.02 -23.85
C ILE C 453 10.26 15.28 -22.59
N ASP C 454 10.61 16.29 -21.81
CA ASP C 454 9.94 16.60 -20.56
C ASP C 454 9.34 18.01 -20.60
N ASN C 455 8.71 18.36 -21.73
CA ASN C 455 8.09 19.65 -21.90
C ASN C 455 6.57 19.50 -21.86
N LEU C 456 5.91 20.45 -21.20
CA LEU C 456 4.45 20.43 -21.10
C LEU C 456 3.81 20.42 -22.48
N GLY C 457 4.19 21.38 -23.33
CA GLY C 457 3.74 21.35 -24.71
C GLY C 457 4.16 20.10 -25.45
N ASN C 458 5.32 19.53 -25.07
CA ASN C 458 5.75 18.27 -25.65
C ASN C 458 4.93 17.10 -25.12
N ARG C 459 4.36 17.25 -23.93
CA ARG C 459 3.54 16.21 -23.30
C ARG C 459 2.08 16.63 -23.41
N ARG C 460 1.44 16.23 -24.51
CA ARG C 460 0.03 16.54 -24.69
C ARG C 460 -0.81 15.81 -23.65
N VAL C 461 -1.82 16.49 -23.13
CA VAL C 461 -2.67 15.93 -22.09
C VAL C 461 -3.89 15.28 -22.73
N ARG C 462 -4.17 14.05 -22.34
CA ARG C 462 -5.34 13.32 -22.81
C ARG C 462 -6.38 13.29 -21.70
N SER C 463 -7.65 13.37 -22.10
CA SER C 463 -8.76 13.41 -21.15
C SER C 463 -9.62 12.16 -21.32
N VAL C 464 -10.76 12.14 -20.63
CA VAL C 464 -11.66 10.99 -20.75
C VAL C 464 -12.19 10.86 -22.16
N GLY C 465 -12.36 11.98 -22.86
CA GLY C 465 -12.80 11.95 -24.25
C GLY C 465 -11.87 11.16 -25.15
N GLU C 466 -10.60 11.58 -25.21
CA GLU C 466 -9.65 10.91 -26.10
C GLU C 466 -9.38 9.48 -25.66
N LEU C 467 -9.34 9.23 -24.35
CA LEU C 467 -9.11 7.89 -23.86
C LEU C 467 -10.24 6.96 -24.26
N LEU C 468 -11.49 7.39 -24.03
CA LEU C 468 -12.63 6.58 -24.44
C LEU C 468 -12.69 6.44 -25.96
N GLU C 469 -12.27 7.47 -26.69
CA GLU C 469 -12.23 7.35 -28.15
C GLU C 469 -11.25 6.28 -28.59
N ASN C 470 -10.06 6.25 -27.99
CA ASN C 470 -9.06 5.25 -28.36
C ASN C 470 -9.53 3.85 -27.98
N GLN C 471 -10.10 3.69 -26.79
CA GLN C 471 -10.53 2.35 -26.39
C GLN C 471 -11.76 1.89 -27.18
N TYR C 472 -12.64 2.81 -27.54
CA TYR C 472 -13.76 2.46 -28.42
C TYR C 472 -13.28 2.15 -29.82
N ARG C 473 -12.21 2.79 -30.27
CA ARG C 473 -11.61 2.43 -31.56
C ARG C 473 -11.03 1.03 -31.50
N VAL C 474 -10.40 0.66 -30.39
CA VAL C 474 -9.90 -0.70 -30.23
C VAL C 474 -11.06 -1.70 -30.24
N GLY C 475 -12.12 -1.39 -29.51
CA GLY C 475 -13.29 -2.26 -29.51
C GLY C 475 -13.93 -2.37 -30.88
N LEU C 476 -13.94 -1.26 -31.64
CA LEU C 476 -14.50 -1.29 -32.98
C LEU C 476 -13.61 -2.07 -33.94
N LEU C 477 -12.30 -2.03 -33.74
CA LEU C 477 -11.41 -2.87 -34.54
C LEU C 477 -11.65 -4.35 -34.24
N ARG C 478 -11.85 -4.69 -32.97
CA ARG C 478 -12.18 -6.06 -32.62
C ARG C 478 -13.52 -6.48 -33.24
N MET C 479 -14.51 -5.60 -33.18
CA MET C 479 -15.82 -5.90 -33.78
C MET C 479 -15.71 -6.02 -35.29
N GLU C 480 -14.84 -5.23 -35.92
CA GLU C 480 -14.64 -5.33 -37.36
C GLU C 480 -13.97 -6.64 -37.73
N ARG C 481 -12.99 -7.08 -36.93
CA ARG C 481 -12.40 -8.39 -37.15
C ARG C 481 -13.44 -9.50 -37.01
N ALA C 482 -14.29 -9.41 -35.98
CA ALA C 482 -15.34 -10.40 -35.80
C ALA C 482 -16.31 -10.40 -36.98
N ILE C 483 -16.68 -9.21 -37.46
CA ILE C 483 -17.62 -9.12 -38.58
C ILE C 483 -16.99 -9.63 -39.86
N LYS C 484 -15.69 -9.42 -40.04
CA LYS C 484 -15.01 -9.96 -41.22
C LYS C 484 -14.93 -11.48 -41.15
N GLU C 485 -14.74 -12.02 -39.94
CA GLU C 485 -14.69 -13.47 -39.79
C GLU C 485 -16.07 -14.10 -39.93
N ARG C 486 -17.13 -13.36 -39.59
CA ARG C 486 -18.49 -13.91 -39.63
C ARG C 486 -19.18 -13.71 -40.96
N MET C 487 -18.81 -12.67 -41.71
CA MET C 487 -19.50 -12.37 -42.98
C MET C 487 -19.14 -13.37 -44.06
N SER C 488 -17.99 -14.04 -43.96
CA SER C 488 -17.62 -15.03 -44.96
C SER C 488 -18.55 -16.24 -44.95
N SER C 489 -19.19 -16.53 -43.82
CA SER C 489 -20.10 -17.66 -43.71
C SER C 489 -21.53 -17.28 -44.09
N VAL C 490 -22.03 -16.17 -43.57
CA VAL C 490 -23.39 -15.73 -43.84
C VAL C 490 -23.39 -14.87 -45.10
N ASP C 491 -24.22 -15.22 -46.07
CA ASP C 491 -24.30 -14.48 -47.31
C ASP C 491 -24.95 -13.12 -47.09
N ILE C 492 -24.56 -12.15 -47.92
CA ILE C 492 -25.11 -10.80 -47.82
C ILE C 492 -26.42 -10.63 -48.57
N ASP C 493 -26.73 -11.52 -49.51
CA ASP C 493 -27.98 -11.46 -50.25
C ASP C 493 -29.10 -12.10 -49.44
N THR C 494 -30.16 -11.35 -49.17
CA THR C 494 -31.29 -11.82 -48.37
C THR C 494 -30.84 -12.24 -46.97
N VAL C 495 -30.14 -11.33 -46.29
CA VAL C 495 -29.62 -11.55 -44.95
C VAL C 495 -30.35 -10.61 -43.99
N MET C 496 -30.60 -11.11 -42.78
CA MET C 496 -31.25 -10.30 -41.76
C MET C 496 -30.35 -9.11 -41.41
N PRO C 497 -30.90 -7.90 -41.32
CA PRO C 497 -30.06 -6.72 -41.05
C PRO C 497 -29.38 -6.82 -39.70
N HIS C 498 -28.16 -6.27 -39.64
CA HIS C 498 -27.27 -6.25 -38.47
C HIS C 498 -27.23 -7.60 -37.73
N ASP C 499 -27.27 -8.70 -38.47
CA ASP C 499 -27.24 -10.03 -37.88
C ASP C 499 -25.84 -10.54 -37.61
N LEU C 500 -24.83 -9.99 -38.29
CA LEU C 500 -23.45 -10.43 -38.09
C LEU C 500 -22.63 -9.50 -37.20
N ILE C 501 -23.09 -8.27 -36.99
CA ILE C 501 -22.38 -7.32 -36.15
C ILE C 501 -22.61 -7.68 -34.69
N ASN C 502 -21.52 -7.79 -33.93
CA ASN C 502 -21.60 -8.13 -32.52
C ASN C 502 -21.64 -6.86 -31.67
N ALA C 503 -22.07 -7.03 -30.42
CA ALA C 503 -22.15 -5.93 -29.48
C ALA C 503 -21.41 -6.20 -28.16
N LYS C 504 -20.87 -7.40 -27.96
CA LYS C 504 -20.15 -7.69 -26.72
C LYS C 504 -18.88 -6.87 -26.60
N PRO C 505 -17.93 -6.95 -27.54
CA PRO C 505 -16.69 -6.16 -27.41
C PRO C 505 -16.91 -4.66 -27.47
N ALA C 506 -18.03 -4.20 -28.03
CA ALA C 506 -18.32 -2.77 -28.05
C ALA C 506 -18.52 -2.24 -26.63
N ALA C 507 -19.48 -2.82 -25.90
CA ALA C 507 -19.72 -2.41 -24.52
C ALA C 507 -18.69 -2.95 -23.56
N ALA C 508 -18.02 -4.05 -23.90
CA ALA C 508 -17.00 -4.60 -23.01
C ALA C 508 -15.82 -3.65 -22.86
N ALA C 509 -15.46 -2.95 -23.94
CA ALA C 509 -14.36 -1.99 -23.86
C ALA C 509 -14.67 -0.86 -22.89
N VAL C 510 -15.87 -0.27 -23.01
CA VAL C 510 -16.22 0.81 -22.11
C VAL C 510 -16.43 0.30 -20.68
N ARG C 511 -16.90 -0.94 -20.53
CA ARG C 511 -17.05 -1.52 -19.20
C ARG C 511 -15.68 -1.67 -18.53
N GLU C 512 -14.70 -2.19 -19.27
CA GLU C 512 -13.35 -2.28 -18.72
C GLU C 512 -12.75 -0.91 -18.47
N PHE C 513 -13.07 0.07 -19.31
CA PHE C 513 -12.56 1.43 -19.10
C PHE C 513 -13.14 2.06 -17.84
N PHE C 514 -14.39 1.73 -17.50
CA PHE C 514 -15.03 2.27 -16.31
C PHE C 514 -15.05 1.27 -15.15
N GLY C 515 -14.60 0.04 -15.37
CA GLY C 515 -14.63 -0.97 -14.33
C GLY C 515 -13.32 -1.13 -13.58
N SER C 516 -12.21 -1.27 -14.33
CA SER C 516 -10.92 -1.52 -13.69
C SER C 516 -9.79 -0.74 -14.34
N SER C 517 -10.09 0.33 -15.06
CA SER C 517 -9.03 1.13 -15.68
C SER C 517 -8.31 1.97 -14.64
N GLN C 518 -7.02 2.20 -14.90
CA GLN C 518 -6.22 3.01 -13.98
C GLN C 518 -6.68 4.45 -13.98
N LEU C 519 -7.25 4.94 -15.08
CA LEU C 519 -7.74 6.31 -15.13
C LEU C 519 -9.10 6.46 -14.46
N SER C 520 -9.92 5.41 -14.50
CA SER C 520 -11.22 5.40 -13.84
C SER C 520 -11.19 4.66 -12.51
N GLN C 521 -10.07 4.76 -11.78
CA GLN C 521 -9.89 3.96 -10.58
C GLN C 521 -10.70 4.47 -9.40
N PHE C 522 -11.01 5.77 -9.37
CA PHE C 522 -11.66 6.34 -8.20
C PHE C 522 -12.01 7.79 -8.49
N MET C 523 -12.97 8.31 -7.72
CA MET C 523 -13.38 9.71 -7.80
C MET C 523 -13.40 10.28 -6.39
N ASP C 524 -12.46 11.19 -6.11
CA ASP C 524 -12.37 11.82 -4.79
C ASP C 524 -13.48 12.85 -4.67
N GLN C 525 -14.57 12.48 -4.01
CA GLN C 525 -15.75 13.32 -3.88
C GLN C 525 -15.99 13.69 -2.41
N THR C 526 -14.92 13.99 -1.68
CA THR C 526 -15.08 14.38 -0.28
C THR C 526 -15.74 15.75 -0.15
N ASN C 527 -15.61 16.59 -1.17
CA ASN C 527 -16.15 17.94 -1.13
C ASN C 527 -16.16 18.50 -2.54
N PRO C 528 -16.79 19.66 -2.77
CA PRO C 528 -16.83 20.21 -4.13
C PRO C 528 -15.45 20.54 -4.69
N LEU C 529 -14.48 20.85 -3.85
CA LEU C 529 -13.13 21.11 -4.36
C LEU C 529 -12.44 19.82 -4.75
N SER C 530 -12.69 18.74 -4.03
CA SER C 530 -12.08 17.45 -4.36
C SER C 530 -12.59 16.94 -5.71
N GLU C 531 -13.87 17.15 -6.00
CA GLU C 531 -14.39 16.77 -7.31
C GLU C 531 -13.75 17.58 -8.42
N ILE C 532 -13.61 18.89 -8.22
CA ILE C 532 -13.02 19.74 -9.24
C ILE C 532 -11.54 19.41 -9.43
N THR C 533 -10.80 19.29 -8.32
CA THR C 533 -9.39 18.96 -8.42
C THR C 533 -9.18 17.54 -8.93
N HIS C 534 -10.15 16.65 -8.72
CA HIS C 534 -10.06 15.30 -9.27
C HIS C 534 -10.44 15.29 -10.74
N LYS C 535 -11.40 16.12 -11.15
CA LYS C 535 -11.73 16.24 -12.56
C LYS C 535 -10.63 16.96 -13.32
N ARG C 536 -10.04 17.99 -12.71
CA ARG C 536 -8.91 18.69 -13.30
C ARG C 536 -7.59 18.09 -12.83
N ARG C 537 -7.44 16.78 -12.96
CA ARG C 537 -6.25 16.06 -12.52
C ARG C 537 -5.62 15.36 -13.72
N LEU C 538 -4.42 15.79 -14.08
CA LEU C 538 -3.68 15.21 -15.21
C LEU C 538 -2.71 14.18 -14.63
N SER C 539 -3.12 12.91 -14.66
CA SER C 539 -2.29 11.83 -14.15
C SER C 539 -1.41 11.28 -15.27
N ALA C 540 -0.10 11.33 -15.06
CA ALA C 540 0.85 10.84 -16.05
C ALA C 540 0.98 9.32 -16.04
N LEU C 541 0.27 8.63 -15.16
CA LEU C 541 0.31 7.18 -15.08
C LEU C 541 -0.95 6.59 -15.71
N GLY C 542 -1.00 5.26 -15.73
CA GLY C 542 -2.11 4.55 -16.33
C GLY C 542 -1.77 3.96 -17.67
N PRO C 543 -2.76 3.37 -18.34
CA PRO C 543 -2.50 2.78 -19.66
C PRO C 543 -2.17 3.85 -20.69
N GLY C 544 -1.07 3.66 -21.40
CA GLY C 544 -0.61 4.61 -22.40
C GLY C 544 0.45 5.57 -21.92
N GLY C 545 0.80 5.55 -20.64
CA GLY C 545 1.83 6.42 -20.11
C GLY C 545 2.71 5.69 -19.12
N LEU C 546 3.70 6.41 -18.60
CA LEU C 546 4.62 5.82 -17.63
C LEU C 546 3.89 5.47 -16.34
N THR C 547 4.22 4.31 -15.79
CA THR C 547 3.63 3.86 -14.54
C THR C 547 4.24 4.66 -13.39
N ARG C 548 3.87 4.28 -12.16
CA ARG C 548 4.41 4.99 -10.99
C ARG C 548 5.92 4.78 -10.87
N GLU C 549 6.40 3.57 -11.14
CA GLU C 549 7.84 3.32 -11.11
C GLU C 549 8.52 3.88 -12.34
N ARG C 550 7.85 3.84 -13.50
CA ARG C 550 8.43 4.31 -14.76
C ARG C 550 8.72 5.80 -14.76
N ALA C 551 8.16 6.57 -13.82
CA ALA C 551 8.30 8.01 -13.85
C ALA C 551 9.75 8.45 -13.73
N GLY C 552 10.38 8.13 -12.61
CA GLY C 552 11.74 8.57 -12.37
C GLY C 552 11.80 10.02 -11.92
N PHE C 553 13.03 10.47 -11.66
CA PHE C 553 13.24 11.83 -11.17
C PHE C 553 13.13 12.89 -12.26
N GLU C 554 12.96 12.49 -13.52
CA GLU C 554 12.83 13.47 -14.60
C GLU C 554 11.41 13.99 -14.70
N VAL C 555 10.45 13.08 -14.98
CA VAL C 555 9.06 13.49 -15.14
C VAL C 555 8.45 13.96 -13.83
N ARG C 556 9.06 13.63 -12.69
CA ARG C 556 8.59 14.08 -11.39
C ARG C 556 9.05 15.51 -11.06
N ASP C 557 9.55 16.24 -12.04
CA ASP C 557 9.93 17.64 -11.89
C ASP C 557 8.87 18.50 -12.55
N VAL C 558 9.07 19.82 -12.50
CA VAL C 558 8.17 20.78 -13.12
C VAL C 558 8.96 21.58 -14.15
N HIS C 559 8.52 21.52 -15.40
CA HIS C 559 9.18 22.24 -16.48
C HIS C 559 8.75 23.71 -16.47
N PRO C 560 9.55 24.58 -17.08
CA PRO C 560 9.17 26.01 -17.11
C PRO C 560 7.89 26.28 -17.87
N THR C 561 7.60 25.49 -18.91
CA THR C 561 6.36 25.64 -19.66
C THR C 561 5.14 25.22 -18.85
N HIS C 562 5.33 24.51 -17.73
CA HIS C 562 4.22 24.17 -16.86
C HIS C 562 3.55 25.41 -16.28
N TYR C 563 4.28 26.53 -16.21
CA TYR C 563 3.76 27.80 -15.71
C TYR C 563 2.47 28.19 -16.42
N GLY C 564 1.42 28.42 -15.63
CA GLY C 564 0.15 28.86 -16.15
C GLY C 564 -0.76 27.76 -16.67
N ARG C 565 -0.21 26.59 -16.98
CA ARG C 565 -0.99 25.49 -17.53
C ARG C 565 -1.19 24.35 -16.55
N ILE C 566 -0.22 24.09 -15.69
CA ILE C 566 -0.33 23.02 -14.69
C ILE C 566 0.24 23.54 -13.38
N CYS C 567 -0.50 23.36 -12.30
CA CYS C 567 -0.05 23.84 -11.00
C CYS C 567 1.18 23.07 -10.56
N PRO C 568 2.19 23.75 -10.01
CA PRO C 568 3.38 23.06 -9.51
C PRO C 568 3.34 22.73 -8.02
N ILE C 569 2.36 23.25 -7.28
CA ILE C 569 2.29 23.05 -5.83
C ILE C 569 1.32 21.94 -5.45
N GLU C 570 0.11 21.95 -6.02
CA GLU C 570 -0.88 20.93 -5.71
C GLU C 570 -0.49 19.64 -6.41
N THR C 571 0.09 18.70 -5.65
CA THR C 571 0.51 17.42 -6.19
C THR C 571 0.54 16.41 -5.05
N PRO C 572 0.19 15.15 -5.29
CA PRO C 572 0.23 14.16 -4.21
C PRO C 572 1.64 13.99 -3.66
N GLU C 573 1.73 13.82 -2.33
CA GLU C 573 3.01 13.72 -1.67
C GLU C 573 3.58 12.30 -1.70
N GLY C 574 2.77 11.30 -2.02
CA GLY C 574 3.19 9.93 -2.00
C GLY C 574 4.15 9.61 -3.14
N PRO C 575 4.24 8.32 -3.50
CA PRO C 575 5.12 7.94 -4.61
C PRO C 575 4.73 8.53 -5.93
N ASN C 576 3.45 8.84 -6.13
CA ASN C 576 2.96 9.42 -7.38
C ASN C 576 3.03 10.94 -7.34
N ILE C 577 4.20 11.48 -7.04
CA ILE C 577 4.43 12.92 -7.03
C ILE C 577 4.95 13.34 -8.39
N GLY C 578 4.45 14.48 -8.88
CA GLY C 578 4.80 14.96 -10.19
C GLY C 578 4.12 14.24 -11.34
N LEU C 579 3.35 13.19 -11.07
CA LEU C 579 2.66 12.42 -12.10
C LEU C 579 1.17 12.70 -12.15
N ILE C 580 0.57 13.13 -11.03
CA ILE C 580 -0.86 13.38 -10.97
C ILE C 580 -1.09 14.86 -10.68
N ASN C 581 -0.18 15.71 -11.16
CA ASN C 581 -0.33 17.14 -10.97
C ASN C 581 -1.59 17.64 -11.66
N SER C 582 -2.39 18.40 -10.93
CA SER C 582 -3.67 18.87 -11.44
C SER C 582 -3.47 20.05 -12.38
N LEU C 583 -4.44 20.21 -13.29
CA LEU C 583 -4.39 21.30 -14.25
C LEU C 583 -4.56 22.65 -13.55
N ALA C 584 -4.06 23.70 -14.21
CA ALA C 584 -4.16 25.03 -13.66
C ALA C 584 -5.61 25.51 -13.66
N THR C 585 -5.86 26.60 -12.94
CA THR C 585 -7.22 27.13 -12.86
C THR C 585 -7.67 27.75 -14.17
N HIS C 586 -6.77 28.38 -14.91
CA HIS C 586 -7.10 29.02 -16.17
C HIS C 586 -6.72 28.18 -17.39
N ALA C 587 -5.93 27.13 -17.20
CA ALA C 587 -5.46 26.35 -18.33
C ALA C 587 -6.61 25.61 -19.00
N ARG C 588 -6.54 25.52 -20.33
CA ARG C 588 -7.52 24.79 -21.12
C ARG C 588 -6.79 23.82 -22.05
N VAL C 589 -7.52 22.81 -22.51
CA VAL C 589 -6.98 21.79 -23.41
C VAL C 589 -7.43 22.12 -24.82
N ASN C 590 -6.46 22.32 -25.72
CA ASN C 590 -6.78 22.63 -27.10
C ASN C 590 -7.35 21.40 -27.80
N LYS C 591 -7.77 21.59 -29.05
CA LYS C 591 -8.30 20.47 -29.83
C LYS C 591 -7.23 19.41 -30.09
N TYR C 592 -5.98 19.84 -30.24
CA TYR C 592 -4.90 18.87 -30.47
C TYR C 592 -4.63 18.04 -29.23
N GLY C 593 -4.66 18.68 -28.05
CA GLY C 593 -4.40 17.97 -26.81
C GLY C 593 -3.50 18.73 -25.87
N PHE C 594 -2.74 19.68 -26.41
CA PHE C 594 -1.83 20.47 -25.59
C PHE C 594 -2.62 21.39 -24.66
N ILE C 595 -2.03 21.66 -23.49
CA ILE C 595 -2.65 22.55 -22.52
C ILE C 595 -2.44 23.99 -22.96
N GLU C 596 -3.53 24.74 -23.06
CA GLU C 596 -3.50 26.13 -23.51
C GLU C 596 -3.88 27.03 -22.34
N SER C 597 -2.89 27.71 -21.78
CA SER C 597 -3.17 28.65 -20.70
C SER C 597 -3.39 30.05 -21.28
N PRO C 598 -4.34 30.80 -20.73
CA PRO C 598 -4.64 32.13 -21.28
C PRO C 598 -3.50 33.11 -21.04
N TYR C 599 -3.36 34.06 -21.97
CA TYR C 599 -2.35 35.10 -21.86
C TYR C 599 -2.92 36.37 -22.45
N ARG C 600 -3.01 37.42 -21.63
CA ARG C 600 -3.51 38.71 -22.09
C ARG C 600 -2.50 39.32 -23.06
N ARG C 601 -2.82 39.28 -24.36
CA ARG C 601 -1.92 39.82 -25.36
C ARG C 601 -1.77 41.32 -25.20
N VAL C 602 -0.54 41.81 -25.35
CA VAL C 602 -0.22 43.22 -25.20
C VAL C 602 0.57 43.68 -26.42
N LYS C 603 0.33 44.90 -26.85
CA LYS C 603 1.04 45.49 -27.97
C LYS C 603 2.28 46.22 -27.44
N ASP C 604 2.92 47.01 -28.29
CA ASP C 604 4.11 47.76 -27.89
C ASP C 604 3.73 48.79 -26.84
N GLY C 605 4.11 48.53 -25.59
CA GLY C 605 3.80 49.44 -24.50
C GLY C 605 2.40 49.28 -23.96
N LYS C 606 1.40 49.58 -24.79
CA LYS C 606 0.02 49.53 -24.34
C LYS C 606 -0.48 48.09 -24.32
N PRO C 607 -0.84 47.54 -23.16
CA PRO C 607 -1.38 46.18 -23.10
C PRO C 607 -2.85 46.16 -23.48
N GLN C 608 -3.15 45.55 -24.64
CA GLN C 608 -4.51 45.50 -25.13
C GLN C 608 -5.32 44.47 -24.33
N ASP C 609 -6.57 44.29 -24.75
CA ASP C 609 -7.49 43.39 -24.06
C ASP C 609 -7.63 42.04 -24.74
N GLU C 610 -7.20 41.92 -25.99
CA GLU C 610 -7.33 40.66 -26.72
C GLU C 610 -6.52 39.56 -26.05
N VAL C 611 -7.19 38.44 -25.75
CA VAL C 611 -6.56 37.32 -25.07
C VAL C 611 -6.57 36.11 -26.00
N VAL C 612 -5.58 35.24 -25.85
CA VAL C 612 -5.47 34.03 -26.65
C VAL C 612 -4.79 32.97 -25.80
N TYR C 613 -5.36 31.77 -25.78
CA TYR C 613 -4.78 30.66 -25.03
C TYR C 613 -3.56 30.13 -25.74
N MET C 614 -2.38 30.64 -25.39
CA MET C 614 -1.14 30.26 -26.04
C MET C 614 -0.68 28.90 -25.53
N SER C 615 -0.60 27.92 -26.43
CA SER C 615 -0.12 26.60 -26.05
C SER C 615 1.36 26.67 -25.66
N ALA C 616 1.81 25.62 -24.97
CA ALA C 616 3.20 25.59 -24.51
C ALA C 616 4.18 25.48 -25.66
N MET C 617 3.74 24.91 -26.80
CA MET C 617 4.63 24.81 -27.95
C MET C 617 4.91 26.17 -28.58
N GLU C 618 3.88 26.99 -28.72
CA GLU C 618 4.02 28.33 -29.29
C GLU C 618 4.38 29.39 -28.27
N GLU C 619 4.47 29.03 -26.98
CA GLU C 619 4.82 29.99 -25.96
C GLU C 619 6.31 30.30 -25.93
N SER C 620 7.15 29.44 -26.52
CA SER C 620 8.59 29.66 -26.48
C SER C 620 8.99 30.85 -27.33
N LYS C 621 8.44 30.96 -28.55
CA LYS C 621 8.79 32.08 -29.42
C LYS C 621 8.24 33.40 -28.91
N HIS C 622 7.11 33.37 -28.21
CA HIS C 622 6.52 34.57 -27.65
C HIS C 622 7.11 34.88 -26.29
N VAL C 623 7.35 36.17 -26.03
CA VAL C 623 7.85 36.62 -24.75
C VAL C 623 6.67 36.94 -23.84
N ILE C 624 6.74 36.49 -22.60
CA ILE C 624 5.66 36.61 -21.64
C ILE C 624 6.14 37.45 -20.46
N ALA C 625 5.31 38.40 -20.03
CA ALA C 625 5.57 39.19 -18.84
C ALA C 625 4.52 38.86 -17.79
N GLN C 626 4.96 38.60 -16.57
CA GLN C 626 4.04 38.17 -15.52
C GLN C 626 3.08 39.30 -15.15
N SER C 627 2.02 38.92 -14.45
CA SER C 627 1.05 39.89 -13.93
C SER C 627 1.61 40.50 -12.65
N ASN C 628 0.75 41.21 -11.91
CA ASN C 628 1.14 41.88 -10.67
C ASN C 628 2.19 42.97 -10.96
N ILE C 629 2.13 43.55 -12.15
CA ILE C 629 3.04 44.62 -12.57
C ILE C 629 2.27 45.93 -12.55
N LYS C 630 2.93 46.98 -12.10
CA LYS C 630 2.30 48.30 -11.98
C LYS C 630 2.10 48.86 -13.38
N VAL C 631 0.87 48.75 -13.89
CA VAL C 631 0.52 49.27 -15.21
C VAL C 631 -0.18 50.60 -15.03
N ALA C 632 0.10 51.53 -15.94
CA ALA C 632 -0.50 52.86 -15.88
C ALA C 632 -1.93 52.80 -16.42
N GLU C 633 -2.54 53.97 -16.62
CA GLU C 633 -3.91 54.02 -17.09
C GLU C 633 -4.04 53.49 -18.53
N GLY C 634 -2.97 53.57 -19.31
CA GLY C 634 -3.03 53.14 -20.69
C GLY C 634 -1.98 52.12 -21.08
N GLU C 635 -0.91 52.03 -20.30
CA GLU C 635 0.19 51.12 -20.61
C GLU C 635 0.99 50.88 -19.34
N ILE C 636 2.07 50.12 -19.47
CA ILE C 636 2.98 49.83 -18.37
C ILE C 636 4.05 50.92 -18.32
N VAL C 637 4.29 51.45 -17.13
CA VAL C 637 5.24 52.54 -16.94
C VAL C 637 6.46 52.08 -16.14
N GLU C 638 6.70 50.78 -16.06
CA GLU C 638 7.82 50.26 -15.29
C GLU C 638 9.11 50.23 -16.12
N ASP C 639 9.02 49.74 -17.36
CA ASP C 639 10.14 49.66 -18.29
C ASP C 639 11.12 48.54 -17.94
N LEU C 640 10.91 47.89 -16.80
CA LEU C 640 11.70 46.76 -16.35
C LEU C 640 10.78 45.65 -15.85
N VAL C 641 9.73 45.37 -16.62
CA VAL C 641 8.72 44.39 -16.20
C VAL C 641 9.36 43.00 -16.15
N PRO C 642 9.02 42.19 -15.16
CA PRO C 642 9.58 40.83 -15.09
C PRO C 642 8.80 39.87 -15.97
N GLY C 643 9.45 38.75 -16.29
CA GLY C 643 8.83 37.75 -17.12
C GLY C 643 9.87 36.77 -17.65
N ARG C 644 9.41 35.92 -18.57
CA ARG C 644 10.25 34.91 -19.17
C ARG C 644 9.96 34.85 -20.67
N ILE C 645 11.00 34.97 -21.49
CA ILE C 645 10.80 34.91 -22.93
C ILE C 645 10.55 33.48 -23.39
N ASN C 646 11.27 32.52 -22.81
CA ASN C 646 11.01 31.10 -23.07
C ASN C 646 11.43 30.33 -21.82
N GLY C 647 10.47 30.10 -20.92
CA GLY C 647 10.74 29.34 -19.72
C GLY C 647 11.56 30.10 -18.70
N GLU C 648 12.81 30.40 -19.04
CA GLU C 648 13.71 31.10 -18.13
C GLU C 648 13.20 32.50 -17.86
N PRO C 649 12.87 32.84 -16.62
CA PRO C 649 12.44 34.21 -16.32
C PRO C 649 13.60 35.18 -16.37
N THR C 650 13.33 36.38 -16.91
CA THR C 650 14.34 37.41 -17.05
C THR C 650 13.69 38.76 -16.78
N LEU C 651 14.40 39.84 -17.11
CA LEU C 651 13.93 41.20 -16.92
C LEU C 651 13.77 41.83 -18.31
N LEU C 652 12.60 41.67 -18.90
CA LEU C 652 12.32 42.21 -20.22
C LEU C 652 11.82 43.64 -20.09
N GLN C 653 12.23 44.48 -21.05
CA GLN C 653 11.86 45.88 -21.03
C GLN C 653 10.36 46.05 -21.30
N LYS C 654 9.90 47.30 -21.23
CA LYS C 654 8.49 47.59 -21.50
C LYS C 654 8.14 47.22 -22.93
N GLU C 655 9.02 47.53 -23.88
CA GLU C 655 8.81 47.14 -25.27
C GLU C 655 9.19 45.68 -25.47
N THR C 656 8.90 45.17 -26.67
CA THR C 656 9.17 43.77 -27.02
C THR C 656 8.40 42.82 -26.10
N VAL C 657 7.13 43.15 -25.84
CA VAL C 657 6.27 42.35 -24.98
C VAL C 657 4.93 42.17 -25.71
N ASP C 658 4.57 40.93 -25.98
CA ASP C 658 3.34 40.62 -26.67
C ASP C 658 2.36 39.79 -25.85
N LEU C 659 2.84 39.00 -24.90
CA LEU C 659 1.98 38.16 -24.07
C LEU C 659 2.12 38.54 -22.62
N MET C 660 0.99 38.64 -21.92
CA MET C 660 0.94 38.97 -20.51
C MET C 660 0.04 37.98 -19.79
N ASP C 661 0.38 37.68 -18.54
CA ASP C 661 -0.41 36.74 -17.76
C ASP C 661 -1.79 37.32 -17.48
N VAL C 662 -2.80 36.44 -17.51
CA VAL C 662 -4.17 36.89 -17.28
C VAL C 662 -4.37 37.28 -15.82
N SER C 663 -4.04 36.38 -14.91
CA SER C 663 -4.20 36.61 -13.48
C SER C 663 -3.02 35.98 -12.76
N PRO C 664 -2.71 36.45 -11.54
CA PRO C 664 -1.58 35.86 -10.81
C PRO C 664 -1.83 34.42 -10.39
N ARG C 665 -3.08 34.03 -10.20
CA ARG C 665 -3.43 32.66 -9.82
C ARG C 665 -3.42 31.70 -10.99
N GLN C 666 -2.95 32.12 -12.17
CA GLN C 666 -2.94 31.25 -13.34
C GLN C 666 -1.99 30.07 -13.15
N VAL C 667 -0.95 30.24 -12.33
CA VAL C 667 0.01 29.16 -12.13
C VAL C 667 -0.54 28.11 -11.16
N VAL C 668 -1.35 28.52 -10.19
CA VAL C 668 -1.89 27.60 -9.21
C VAL C 668 -3.15 26.94 -9.77
N SER C 669 -3.54 25.83 -9.15
CA SER C 669 -4.70 25.06 -9.57
C SER C 669 -5.92 25.47 -8.75
N VAL C 670 -7.01 24.71 -8.90
CA VAL C 670 -8.24 25.00 -8.16
C VAL C 670 -8.04 24.73 -6.68
N ALA C 671 -7.45 23.57 -6.34
CA ALA C 671 -7.24 23.24 -4.95
C ALA C 671 -6.21 24.16 -4.29
N ALA C 672 -5.30 24.73 -5.08
CA ALA C 672 -4.29 25.63 -4.56
C ALA C 672 -4.73 27.09 -4.58
N ALA C 673 -5.68 27.45 -5.43
CA ALA C 673 -6.12 28.84 -5.51
C ALA C 673 -6.85 29.30 -4.26
N LEU C 674 -7.38 28.37 -3.48
CA LEU C 674 -8.08 28.72 -2.24
C LEU C 674 -7.16 28.91 -1.05
N ILE C 675 -5.85 28.81 -1.26
CA ILE C 675 -4.88 29.01 -0.18
C ILE C 675 -4.63 30.51 -0.01
N PRO C 676 -5.18 31.14 1.03
CA PRO C 676 -4.92 32.57 1.21
C PRO C 676 -3.47 32.82 1.60
N PHE C 677 -2.91 33.89 1.05
CA PHE C 677 -1.50 34.22 1.26
C PHE C 677 -0.59 33.10 0.75
N LEU C 678 -1.00 32.46 -0.35
CA LEU C 678 -0.23 31.34 -0.88
C LEU C 678 1.17 31.77 -1.32
N GLU C 679 1.34 33.03 -1.68
CA GLU C 679 2.67 33.54 -1.98
C GLU C 679 3.58 33.54 -0.77
N ASN C 680 3.01 33.56 0.45
CA ASN C 680 3.82 33.51 1.66
C ASN C 680 4.18 32.09 2.06
N ASP C 681 3.38 31.10 1.65
CA ASP C 681 3.67 29.72 1.98
C ASP C 681 4.95 29.24 1.28
N ASP C 682 5.53 28.17 1.82
CA ASP C 682 6.66 27.55 1.18
C ASP C 682 6.21 26.78 -0.06
N ALA C 683 7.14 26.59 -0.99
CA ALA C 683 6.84 25.81 -2.19
C ALA C 683 6.50 24.37 -1.84
N ASN C 684 7.09 23.84 -0.77
CA ASN C 684 6.85 22.46 -0.37
C ASN C 684 5.68 22.35 0.60
N ARG C 685 5.59 23.26 1.58
CA ARG C 685 4.49 23.18 2.54
C ARG C 685 3.16 23.53 1.92
N ALA C 686 3.16 24.36 0.87
CA ALA C 686 1.92 24.65 0.15
C ALA C 686 1.41 23.41 -0.55
N LEU C 687 2.29 22.49 -0.94
CA LEU C 687 1.85 21.23 -1.52
C LEU C 687 1.08 20.40 -0.50
N MET C 688 1.49 20.47 0.77
CA MET C 688 0.75 19.76 1.80
C MET C 688 -0.61 20.39 2.04
N GLY C 689 -0.68 21.72 2.02
CA GLY C 689 -1.96 22.40 2.23
C GLY C 689 -2.87 22.30 1.03
N SER C 690 -2.29 22.37 -0.18
CA SER C 690 -3.10 22.26 -1.38
C SER C 690 -3.67 20.86 -1.54
N ASN C 691 -2.99 19.85 -1.02
CA ASN C 691 -3.49 18.48 -1.11
C ASN C 691 -4.61 18.22 -0.09
N MET C 692 -4.61 18.94 1.02
CA MET C 692 -5.64 18.75 2.04
C MET C 692 -6.85 19.64 1.83
N GLN C 693 -6.77 20.65 0.96
CA GLN C 693 -7.96 21.38 0.57
C GLN C 693 -8.96 20.45 -0.11
N ARG C 694 -8.48 19.54 -0.94
CA ARG C 694 -9.31 18.52 -1.57
C ARG C 694 -9.54 17.32 -0.68
N GLN C 695 -8.96 17.31 0.52
CA GLN C 695 -9.08 16.20 1.46
C GLN C 695 -9.73 16.67 2.76
N ALA C 696 -10.76 17.49 2.65
CA ALA C 696 -11.49 18.01 3.81
C ALA C 696 -12.95 17.58 3.71
N VAL C 697 -13.43 16.88 4.73
CA VAL C 697 -14.78 16.35 4.73
C VAL C 697 -15.78 17.51 4.77
N PRO C 698 -17.02 17.32 4.32
CA PRO C 698 -18.03 18.38 4.39
C PRO C 698 -18.60 18.47 5.80
N LEU C 699 -18.45 19.64 6.42
CA LEU C 699 -18.87 19.84 7.80
C LEU C 699 -20.27 20.47 7.84
N VAL C 700 -21.06 20.07 8.84
CA VAL C 700 -22.36 20.66 9.04
C VAL C 700 -22.19 22.08 9.59
N GLN C 701 -22.98 23.01 9.06
CA GLN C 701 -22.92 24.42 9.44
C GLN C 701 -21.62 25.08 9.00
N SER C 702 -20.90 24.47 8.07
CA SER C 702 -19.62 25.03 7.62
C SER C 702 -19.84 26.36 6.92
N ASP C 703 -19.10 27.37 7.36
CA ASP C 703 -19.20 28.71 6.79
C ASP C 703 -17.95 29.04 6.00
N ALA C 704 -18.06 30.04 5.13
CA ALA C 704 -16.93 30.47 4.32
C ALA C 704 -15.85 31.05 5.22
N PRO C 705 -14.59 30.88 4.86
CA PRO C 705 -13.49 31.41 5.69
C PRO C 705 -13.48 32.93 5.69
N LEU C 706 -13.20 33.50 6.86
CA LEU C 706 -13.10 34.96 6.96
C LEU C 706 -11.93 35.51 6.16
N VAL C 707 -10.90 34.68 5.94
CA VAL C 707 -9.71 35.10 5.22
C VAL C 707 -9.56 34.22 3.99
N GLY C 708 -10.69 33.82 3.42
CA GLY C 708 -10.68 32.95 2.26
C GLY C 708 -10.13 33.60 1.00
N THR C 709 -10.46 33.01 -0.16
CA THR C 709 -10.00 33.50 -1.44
C THR C 709 -11.20 33.66 -2.37
N GLY C 710 -11.12 34.67 -3.25
CA GLY C 710 -12.16 34.88 -4.24
C GLY C 710 -12.39 33.70 -5.16
N MET C 711 -11.39 32.83 -5.32
CA MET C 711 -11.56 31.60 -6.09
C MET C 711 -12.55 30.65 -5.44
N GLU C 712 -12.82 30.79 -4.14
CA GLU C 712 -13.74 29.90 -3.45
C GLU C 712 -15.14 30.00 -4.03
N ALA C 713 -15.60 31.21 -4.32
CA ALA C 713 -16.91 31.38 -4.93
C ALA C 713 -16.97 30.73 -6.31
N VAL C 714 -15.92 30.88 -7.10
CA VAL C 714 -15.91 30.30 -8.44
C VAL C 714 -15.81 28.78 -8.37
N VAL C 715 -15.01 28.26 -7.44
CA VAL C 715 -14.88 26.80 -7.34
C VAL C 715 -16.14 26.18 -6.79
N ALA C 716 -16.88 26.89 -5.94
CA ALA C 716 -18.13 26.35 -5.42
C ALA C 716 -19.26 26.48 -6.43
N ARG C 717 -19.27 27.55 -7.24
CA ARG C 717 -20.31 27.71 -8.24
C ARG C 717 -20.07 26.83 -9.46
N ASP C 718 -18.81 26.57 -9.80
CA ASP C 718 -18.45 25.74 -10.94
C ASP C 718 -18.14 24.30 -10.54
N SER C 719 -18.79 23.81 -9.49
CA SER C 719 -18.60 22.45 -9.00
C SER C 719 -19.94 21.74 -8.93
N GLY C 720 -19.91 20.46 -8.54
CA GLY C 720 -21.11 19.67 -8.40
C GLY C 720 -21.72 19.79 -7.02
N ALA C 721 -22.91 19.19 -6.88
CA ALA C 721 -23.66 19.15 -5.64
C ALA C 721 -24.17 20.51 -5.20
N VAL C 722 -24.14 21.50 -6.07
CA VAL C 722 -24.66 22.84 -5.78
C VAL C 722 -25.62 23.22 -6.89
N VAL C 723 -26.88 23.47 -6.53
CA VAL C 723 -27.91 23.79 -7.50
C VAL C 723 -27.76 25.25 -7.92
N ILE C 724 -27.65 25.48 -9.23
CA ILE C 724 -27.53 26.82 -9.79
C ILE C 724 -28.86 27.20 -10.41
N ALA C 725 -29.26 28.45 -10.20
CA ALA C 725 -30.53 28.94 -10.72
C ALA C 725 -30.50 28.98 -12.24
N LYS C 726 -31.22 28.06 -12.88
CA LYS C 726 -31.29 28.01 -14.34
C LYS C 726 -32.30 29.00 -14.90
N ARG C 727 -32.96 29.79 -14.05
CA ARG C 727 -33.98 30.73 -14.48
C ARG C 727 -33.78 32.06 -13.75
N THR C 728 -34.60 33.04 -14.10
CA THR C 728 -34.52 34.38 -13.50
C THR C 728 -35.64 34.66 -12.52
N GLY C 729 -36.74 33.91 -12.58
CA GLY C 729 -37.87 34.18 -11.72
C GLY C 729 -37.54 34.05 -10.24
N VAL C 730 -38.50 34.47 -9.41
CA VAL C 730 -38.34 34.49 -7.97
C VAL C 730 -38.73 33.14 -7.40
N VAL C 731 -38.01 32.71 -6.36
CA VAL C 731 -38.32 31.46 -5.69
C VAL C 731 -39.68 31.57 -5.02
N GLU C 732 -40.46 30.48 -5.08
CA GLU C 732 -41.80 30.45 -4.51
C GLU C 732 -41.78 29.95 -3.06
N GLN C 733 -41.29 28.74 -2.85
CA GLN C 733 -41.22 28.15 -1.52
C GLN C 733 -39.97 27.29 -1.41
N ILE C 734 -39.57 27.04 -0.17
CA ILE C 734 -38.35 26.26 0.12
C ILE C 734 -38.66 25.36 1.31
N ASP C 735 -38.52 24.05 1.10
CA ASP C 735 -38.77 23.08 2.17
C ASP C 735 -37.59 22.12 2.35
N GLY C 736 -36.40 22.52 1.96
CA GLY C 736 -35.22 21.68 2.14
C GLY C 736 -35.10 20.59 1.09
N THR C 737 -36.11 19.72 1.00
CA THR C 737 -36.07 18.63 0.04
C THR C 737 -36.12 19.15 -1.40
N ARG C 738 -36.71 20.32 -1.62
CA ARG C 738 -36.83 20.87 -2.96
C ARG C 738 -36.94 22.38 -2.86
N ILE C 739 -36.84 23.04 -4.01
CA ILE C 739 -36.97 24.49 -4.10
C ILE C 739 -37.61 24.85 -5.43
N VAL C 740 -38.79 25.47 -5.38
CA VAL C 740 -39.52 25.85 -6.58
C VAL C 740 -39.14 27.28 -6.96
N ILE C 741 -38.99 27.52 -8.26
CA ILE C 741 -38.63 28.83 -8.78
C ILE C 741 -39.60 29.19 -9.89
N ARG C 742 -39.98 30.46 -9.96
CA ARG C 742 -40.83 30.93 -11.05
C ARG C 742 -40.07 30.82 -12.38
N ALA C 743 -40.80 30.96 -13.48
CA ALA C 743 -40.22 30.80 -14.80
C ALA C 743 -39.12 31.82 -15.07
N THR C 744 -39.47 33.10 -15.14
CA THR C 744 -38.51 34.17 -15.31
C THR C 744 -39.29 35.49 -15.33
N GLU C 745 -38.54 36.60 -15.35
CA GLU C 745 -39.17 37.90 -15.56
C GLU C 745 -39.67 38.04 -16.99
N GLU C 746 -39.03 37.38 -17.95
CA GLU C 746 -39.46 37.36 -19.34
C GLU C 746 -39.28 35.92 -19.85
N THR C 747 -40.34 35.13 -19.72
CA THR C 747 -40.31 33.72 -20.07
C THR C 747 -41.12 33.47 -21.34
N ASP C 748 -40.73 32.42 -22.07
CA ASP C 748 -41.46 32.01 -23.26
C ASP C 748 -42.83 31.49 -22.87
N PRO C 749 -43.74 31.34 -23.84
CA PRO C 749 -45.09 30.87 -23.49
C PRO C 749 -45.12 29.47 -22.89
N ALA C 750 -44.55 28.48 -23.59
CA ALA C 750 -44.56 27.10 -23.13
C ALA C 750 -43.20 26.46 -23.34
N ARG C 751 -42.13 27.23 -23.15
CA ARG C 751 -40.79 26.70 -23.32
C ARG C 751 -40.44 25.71 -22.22
N SER C 752 -40.39 26.19 -20.98
CA SER C 752 -40.10 25.34 -19.83
C SER C 752 -41.03 25.54 -18.64
N GLY C 753 -41.70 26.69 -18.52
CA GLY C 753 -42.52 26.93 -17.34
C GLY C 753 -41.66 27.20 -16.12
N VAL C 754 -42.09 26.66 -14.98
CA VAL C 754 -41.33 26.79 -13.74
C VAL C 754 -40.34 25.64 -13.65
N ASP C 755 -39.19 25.91 -13.04
CA ASP C 755 -38.12 24.93 -12.88
C ASP C 755 -37.88 24.71 -11.39
N ILE C 756 -38.17 23.50 -10.94
CA ILE C 756 -37.99 23.12 -9.53
C ILE C 756 -36.67 22.38 -9.39
N TYR C 757 -35.89 22.74 -8.38
CA TYR C 757 -34.58 22.14 -8.12
C TYR C 757 -34.73 21.20 -6.93
N ARG C 758 -34.79 19.89 -7.21
CA ARG C 758 -34.86 18.89 -6.16
C ARG C 758 -33.55 18.86 -5.42
N MET C 759 -33.53 19.44 -4.21
CA MET C 759 -32.30 19.53 -3.43
C MET C 759 -31.88 18.14 -2.97
N SER C 760 -30.61 17.81 -3.22
CA SER C 760 -30.08 16.51 -2.83
C SER C 760 -29.94 16.44 -1.31
N LYS C 761 -30.57 15.45 -0.70
CA LYS C 761 -30.50 15.26 0.74
C LYS C 761 -29.24 14.47 1.08
N PHE C 762 -29.14 13.98 2.31
CA PHE C 762 -27.92 13.35 2.78
C PHE C 762 -27.70 12.00 2.12
N GLN C 763 -27.01 12.00 0.99
CA GLN C 763 -26.65 10.77 0.29
C GLN C 763 -25.16 10.52 0.43
N ARG C 764 -24.79 9.24 0.48
CA ARG C 764 -23.38 8.87 0.65
C ARG C 764 -22.58 9.28 -0.57
N SER C 765 -21.55 10.09 -0.36
CA SER C 765 -20.65 10.46 -1.44
C SER C 765 -19.75 9.28 -1.80
N ASN C 766 -18.89 9.48 -2.79
CA ASN C 766 -17.95 8.43 -3.19
C ASN C 766 -16.92 8.14 -2.11
N GLN C 767 -16.68 9.08 -1.20
CA GLN C 767 -15.73 8.91 -0.11
C GLN C 767 -16.40 8.45 1.18
N SER C 768 -17.63 7.94 1.10
CA SER C 768 -18.39 7.53 2.27
C SER C 768 -18.64 8.70 3.22
N THR C 769 -18.87 9.87 2.63
CA THR C 769 -19.14 11.09 3.39
C THR C 769 -20.50 11.65 2.99
N CYS C 770 -20.93 12.67 3.73
CA CYS C 770 -22.24 13.27 3.51
C CYS C 770 -22.20 14.23 2.33
N ILE C 771 -23.32 14.31 1.62
CA ILE C 771 -23.53 15.28 0.55
C ILE C 771 -24.89 15.91 0.79
N ASN C 772 -24.90 17.03 1.51
CA ASN C 772 -26.13 17.71 1.88
C ASN C 772 -26.16 19.11 1.25
N GLN C 773 -27.36 19.57 0.95
CA GLN C 773 -27.57 20.88 0.35
C GLN C 773 -28.64 21.63 1.13
N ARG C 774 -28.41 22.93 1.33
CA ARG C 774 -29.33 23.76 2.08
C ARG C 774 -29.85 24.90 1.22
N PRO C 775 -31.16 25.18 1.25
CA PRO C 775 -31.71 26.24 0.42
C PRO C 775 -31.38 27.62 0.95
N LEU C 776 -30.20 28.14 0.58
CA LEU C 776 -29.77 29.45 1.05
C LEU C 776 -30.75 30.55 0.66
N VAL C 777 -31.41 30.42 -0.49
CA VAL C 777 -32.42 31.39 -0.89
C VAL C 777 -33.60 31.33 0.06
N LYS C 778 -34.21 32.48 0.32
CA LYS C 778 -35.35 32.58 1.21
C LYS C 778 -36.65 32.67 0.42
N VAL C 779 -37.76 32.44 1.11
CA VAL C 779 -39.07 32.46 0.47
C VAL C 779 -39.38 33.87 0.02
N GLY C 780 -39.57 34.05 -1.29
CA GLY C 780 -39.89 35.36 -1.83
C GLY C 780 -38.70 36.24 -2.10
N ASP C 781 -37.64 35.69 -2.67
CA ASP C 781 -36.43 36.45 -2.99
C ASP C 781 -36.06 36.18 -4.44
N ARG C 782 -36.12 37.23 -5.26
CA ARG C 782 -35.79 37.08 -6.68
C ARG C 782 -34.33 36.72 -6.86
N ILE C 783 -34.07 35.75 -7.72
CA ILE C 783 -32.72 35.27 -8.00
C ILE C 783 -32.52 35.23 -9.50
N VAL C 784 -31.44 35.85 -9.98
CA VAL C 784 -31.13 35.84 -11.40
C VAL C 784 -30.58 34.47 -11.79
N ALA C 785 -30.51 34.20 -13.09
CA ALA C 785 -30.04 32.91 -13.57
C ALA C 785 -28.51 32.88 -13.56
N GLY C 786 -27.96 31.71 -13.22
CA GLY C 786 -26.53 31.50 -13.20
C GLY C 786 -25.88 31.55 -11.83
N ASP C 787 -26.65 31.77 -10.77
CA ASP C 787 -26.12 31.85 -9.42
C ASP C 787 -26.45 30.58 -8.65
N ILE C 788 -25.71 30.36 -7.56
CA ILE C 788 -25.91 29.17 -6.74
C ILE C 788 -27.08 29.42 -5.80
N ILE C 789 -28.12 28.60 -5.92
CA ILE C 789 -29.31 28.75 -5.08
C ILE C 789 -29.08 28.12 -3.71
N ALA C 790 -28.84 26.81 -3.68
CA ALA C 790 -28.63 26.07 -2.46
C ALA C 790 -27.19 25.60 -2.39
N ASP C 791 -26.56 25.78 -1.23
CA ASP C 791 -25.18 25.35 -1.04
C ASP C 791 -25.07 23.83 -1.12
N GLY C 792 -23.86 23.36 -1.37
CA GLY C 792 -23.60 21.94 -1.44
C GLY C 792 -22.94 21.44 -0.17
N PRO C 793 -22.23 20.32 -0.27
CA PRO C 793 -21.50 19.81 0.91
C PRO C 793 -20.34 20.73 1.25
N SER C 794 -20.31 21.20 2.50
CA SER C 794 -19.27 22.10 2.98
C SER C 794 -19.25 23.41 2.18
N THR C 795 -20.38 24.10 2.24
CA THR C 795 -20.53 25.40 1.59
C THR C 795 -21.55 26.23 2.36
N GLU C 796 -21.34 27.54 2.38
CA GLU C 796 -22.25 28.46 3.03
C GLU C 796 -22.35 29.74 2.21
N LEU C 797 -23.58 30.13 1.89
CA LEU C 797 -23.84 31.35 1.10
C LEU C 797 -23.22 31.26 -0.28
N GLY C 798 -23.13 30.05 -0.83
CA GLY C 798 -22.58 29.81 -2.15
C GLY C 798 -21.08 29.64 -2.19
N GLU C 799 -20.35 30.30 -1.31
CA GLU C 799 -18.90 30.19 -1.31
C GLU C 799 -18.45 28.84 -0.76
N LEU C 800 -17.36 28.32 -1.33
CA LEU C 800 -16.82 27.05 -0.87
C LEU C 800 -16.27 27.19 0.54
N ALA C 801 -16.62 26.24 1.40
CA ALA C 801 -16.22 26.26 2.81
C ALA C 801 -15.79 24.85 3.21
N LEU C 802 -14.49 24.58 3.07
CA LEU C 802 -13.99 23.24 3.39
C LEU C 802 -14.17 22.91 4.87
N GLY C 803 -14.16 23.92 5.73
CA GLY C 803 -14.36 23.71 7.15
C GLY C 803 -14.96 24.93 7.83
N ARG C 804 -14.75 25.06 9.12
CA ARG C 804 -15.22 26.21 9.89
C ARG C 804 -14.04 26.96 10.47
N ASN C 805 -14.15 28.28 10.52
CA ASN C 805 -13.11 29.12 11.10
C ASN C 805 -13.18 29.04 12.62
N ALA C 806 -12.06 28.68 13.23
CA ALA C 806 -11.96 28.53 14.67
C ALA C 806 -10.88 29.44 15.21
N LEU C 807 -11.13 30.06 16.37
CA LEU C 807 -10.15 30.92 17.00
C LEU C 807 -8.90 30.12 17.35
N VAL C 808 -7.76 30.55 16.83
CA VAL C 808 -6.52 29.80 16.96
C VAL C 808 -5.49 30.64 17.70
N ALA C 809 -4.72 29.99 18.56
CA ALA C 809 -3.61 30.60 19.29
C ALA C 809 -2.36 29.78 18.99
N PHE C 810 -1.42 30.38 18.24
CA PHE C 810 -0.25 29.66 17.77
C PHE C 810 0.83 29.56 18.86
N MET C 811 0.45 28.96 19.99
CA MET C 811 1.34 28.85 21.12
C MET C 811 1.37 27.42 21.63
N PRO C 812 2.52 26.95 22.10
CA PRO C 812 2.59 25.59 22.67
C PRO C 812 1.89 25.50 24.01
N TRP C 813 0.71 24.89 24.05
CA TRP C 813 -0.11 24.85 25.26
C TRP C 813 0.19 23.55 26.01
N ASN C 814 1.07 23.65 27.01
CA ASN C 814 1.38 22.55 27.93
C ASN C 814 1.91 21.31 27.21
N GLY C 815 2.49 21.50 26.03
CA GLY C 815 3.05 20.40 25.28
C GLY C 815 2.06 19.52 24.56
N TYR C 816 0.76 19.80 24.67
CA TYR C 816 -0.23 19.02 23.94
C TYR C 816 -0.09 19.18 22.42
N ASN C 817 0.55 20.26 21.97
CA ASN C 817 0.87 20.44 20.57
C ASN C 817 2.38 20.53 20.40
N PHE C 818 3.13 19.64 21.07
CA PHE C 818 4.58 19.64 20.97
C PHE C 818 5.04 19.45 19.53
N GLU C 819 4.60 18.37 18.90
CA GLU C 819 4.83 18.14 17.48
C GLU C 819 3.78 18.89 16.67
N ASP C 820 3.62 18.53 15.40
CA ASP C 820 2.62 19.16 14.53
C ASP C 820 1.19 18.91 14.96
N SER C 821 0.98 18.14 16.03
CA SER C 821 -0.35 17.95 16.60
C SER C 821 -0.99 19.29 16.93
N ILE C 822 -2.32 19.32 16.89
CA ILE C 822 -3.08 20.54 17.02
C ILE C 822 -3.98 20.41 18.25
N LEU C 823 -3.70 21.22 19.27
CA LEU C 823 -4.56 21.24 20.44
C LEU C 823 -5.96 21.70 20.05
N ILE C 824 -6.93 21.34 20.89
CA ILE C 824 -8.35 21.55 20.56
C ILE C 824 -9.09 21.97 21.81
N SER C 825 -10.07 22.85 21.64
CA SER C 825 -10.96 23.27 22.70
C SER C 825 -12.28 22.51 22.62
N GLU C 826 -12.97 22.45 23.76
CA GLU C 826 -14.25 21.75 23.78
C GLU C 826 -15.35 22.54 23.08
N ARG C 827 -15.15 23.84 22.88
CA ARG C 827 -16.16 24.65 22.19
C ARG C 827 -16.27 24.26 20.72
N ILE C 828 -15.17 23.79 20.11
CA ILE C 828 -15.20 23.37 18.71
C ILE C 828 -15.77 21.97 18.55
N VAL C 829 -16.12 21.29 19.63
CA VAL C 829 -16.76 19.98 19.57
C VAL C 829 -18.12 20.05 20.24
N ARG C 830 -18.27 20.98 21.19
CA ARG C 830 -19.55 21.14 21.87
C ARG C 830 -20.57 21.87 20.99
N ASP C 831 -20.13 22.87 20.24
CA ASP C 831 -21.02 23.64 19.38
C ASP C 831 -21.39 22.91 18.09
N ASP C 832 -20.84 21.72 17.87
CA ASP C 832 -21.12 20.94 16.65
C ASP C 832 -20.68 21.71 15.41
N VAL C 833 -19.40 22.09 15.41
CA VAL C 833 -18.86 22.94 14.35
C VAL C 833 -17.92 22.17 13.42
N PHE C 834 -17.25 21.13 13.91
CA PHE C 834 -16.34 20.32 13.10
C PHE C 834 -16.80 18.88 13.02
N THR C 835 -18.11 18.68 12.87
CA THR C 835 -18.69 17.34 12.84
C THR C 835 -19.32 17.07 11.49
N SER C 836 -18.93 15.95 10.88
CA SER C 836 -19.47 15.50 9.61
C SER C 836 -20.43 14.33 9.84
N ILE C 837 -20.91 13.76 8.74
CA ILE C 837 -21.83 12.62 8.79
C ILE C 837 -21.12 11.32 8.41
N HIS C 838 -20.52 11.27 7.21
CA HIS C 838 -19.79 10.09 6.76
C HIS C 838 -20.70 8.87 6.69
N ILE C 839 -21.70 8.96 5.82
CA ILE C 839 -22.64 7.86 5.61
C ILE C 839 -21.90 6.66 5.04
N GLU C 840 -21.83 5.57 5.81
CA GLU C 840 -21.11 4.39 5.37
C GLU C 840 -21.83 3.68 4.24
N GLU C 841 -23.12 3.39 4.43
CA GLU C 841 -23.94 2.71 3.42
C GLU C 841 -23.37 1.32 3.12
N PHE C 842 -23.37 0.46 4.13
CA PHE C 842 -22.92 -0.91 3.95
C PHE C 842 -23.88 -1.67 3.04
N GLU C 843 -23.34 -2.68 2.37
CA GLU C 843 -24.09 -3.47 1.40
C GLU C 843 -24.12 -4.93 1.85
N VAL C 844 -25.27 -5.57 1.68
CA VAL C 844 -25.46 -6.98 2.01
C VAL C 844 -26.09 -7.67 0.82
N MET C 845 -25.75 -8.96 0.66
CA MET C 845 -26.26 -9.77 -0.44
C MET C 845 -27.04 -10.95 0.12
N ALA C 846 -27.88 -11.53 -0.74
CA ALA C 846 -28.66 -12.72 -0.43
C ALA C 846 -28.58 -13.71 -1.57
N ARG C 847 -27.36 -13.96 -2.05
CA ARG C 847 -27.16 -14.85 -3.19
C ARG C 847 -27.59 -16.28 -2.84
N ASP C 848 -28.26 -16.92 -3.78
CA ASP C 848 -28.73 -18.30 -3.60
C ASP C 848 -27.53 -19.23 -3.68
N THR C 849 -27.04 -19.66 -2.52
CA THR C 849 -25.91 -20.57 -2.50
C THR C 849 -26.34 -21.97 -2.97
N LYS C 850 -25.34 -22.82 -3.23
CA LYS C 850 -25.62 -24.15 -3.74
C LYS C 850 -26.36 -25.00 -2.72
N LEU C 851 -26.15 -24.76 -1.43
CA LEU C 851 -26.81 -25.52 -0.37
C LEU C 851 -28.09 -24.83 0.07
N GLY C 852 -29.00 -24.69 -0.88
CA GLY C 852 -30.28 -24.06 -0.62
C GLY C 852 -30.22 -22.55 -0.76
N PRO C 853 -31.35 -21.94 -1.09
CA PRO C 853 -31.38 -20.48 -1.26
C PRO C 853 -31.16 -19.77 0.07
N GLU C 854 -30.32 -18.75 0.03
CA GLU C 854 -30.07 -17.94 1.22
C GLU C 854 -31.27 -17.07 1.55
N GLU C 855 -31.55 -16.91 2.83
CA GLU C 855 -32.70 -16.14 3.29
C GLU C 855 -32.25 -14.89 4.03
N ILE C 856 -33.13 -13.89 4.07
CA ILE C 856 -32.86 -12.61 4.69
C ILE C 856 -33.89 -12.36 5.77
N THR C 857 -34.35 -13.42 6.43
CA THR C 857 -35.46 -13.34 7.37
C THR C 857 -35.01 -12.62 8.64
N ARG C 858 -35.87 -12.67 9.67
CA ARG C 858 -35.72 -11.85 10.87
C ARG C 858 -34.35 -12.00 11.51
N ASP C 859 -33.98 -13.21 11.88
CA ASP C 859 -32.69 -13.40 12.55
C ASP C 859 -32.29 -14.87 12.48
N ILE C 860 -30.98 -15.09 12.62
CA ILE C 860 -30.40 -16.43 12.70
C ILE C 860 -30.59 -16.94 14.13
N PRO C 861 -30.81 -18.23 14.33
CA PRO C 861 -30.92 -18.76 15.69
C PRO C 861 -29.63 -18.59 16.47
N ASN C 862 -29.71 -18.83 17.78
CA ASN C 862 -28.57 -18.67 18.68
C ASN C 862 -28.08 -17.23 18.72
N VAL C 863 -29.03 -16.30 18.79
CA VAL C 863 -28.74 -14.87 18.87
C VAL C 863 -29.64 -14.24 19.91
N GLY C 864 -29.05 -13.39 20.76
CA GLY C 864 -29.81 -12.75 21.80
C GLY C 864 -30.83 -11.77 21.25
N GLU C 865 -31.86 -11.51 22.05
CA GLU C 865 -32.92 -10.59 21.64
C GLU C 865 -32.47 -9.14 21.66
N GLU C 866 -31.39 -8.82 22.37
CA GLU C 866 -30.92 -7.44 22.40
C GLU C 866 -30.39 -7.00 21.04
N ALA C 867 -29.77 -7.91 20.30
CA ALA C 867 -29.26 -7.59 18.97
C ALA C 867 -30.36 -7.54 17.92
N LEU C 868 -31.48 -8.22 18.15
CA LEU C 868 -32.58 -8.22 17.20
C LEU C 868 -33.41 -6.94 17.26
N ARG C 869 -33.13 -6.04 18.20
CA ARG C 869 -33.86 -4.78 18.28
C ARG C 869 -33.60 -3.93 17.04
N ASN C 870 -34.53 -3.01 16.78
CA ASN C 870 -34.46 -2.08 15.66
C ASN C 870 -34.59 -2.79 14.32
N LEU C 871 -35.15 -4.00 14.30
CA LEU C 871 -35.33 -4.76 13.07
C LEU C 871 -36.82 -4.99 12.83
N ASP C 872 -37.26 -4.73 11.60
CA ASP C 872 -38.65 -4.93 11.24
C ASP C 872 -38.88 -6.41 10.94
N GLU C 873 -40.07 -6.73 10.41
CA GLU C 873 -40.37 -8.11 10.08
C GLU C 873 -39.50 -8.63 8.94
N ALA C 874 -39.07 -7.75 8.04
CA ALA C 874 -38.24 -8.18 6.92
C ALA C 874 -36.86 -8.62 7.38
N GLY C 875 -36.36 -8.07 8.49
CA GLY C 875 -35.06 -8.40 9.03
C GLY C 875 -34.06 -7.27 8.98
N ILE C 876 -34.32 -6.23 8.20
CA ILE C 876 -33.40 -5.10 8.12
C ILE C 876 -33.65 -4.15 9.28
N VAL C 877 -32.66 -3.29 9.54
CA VAL C 877 -32.80 -2.30 10.60
C VAL C 877 -33.82 -1.25 10.18
N ALA C 878 -34.61 -0.79 11.15
CA ALA C 878 -35.60 0.25 10.86
C ALA C 878 -34.90 1.55 10.48
N ILE C 879 -35.47 2.23 9.48
CA ILE C 879 -34.89 3.49 9.02
C ILE C 879 -34.98 4.52 10.14
N GLY C 880 -33.82 5.03 10.56
CA GLY C 880 -33.75 5.99 11.64
C GLY C 880 -33.46 5.40 13.01
N ALA C 881 -33.16 4.11 13.10
CA ALA C 881 -32.86 3.46 14.37
C ALA C 881 -31.36 3.36 14.54
N GLU C 882 -30.86 3.85 15.68
CA GLU C 882 -29.43 3.82 15.94
C GLU C 882 -28.96 2.39 16.15
N VAL C 883 -27.84 2.04 15.54
CA VAL C 883 -27.26 0.70 15.62
C VAL C 883 -25.84 0.83 16.15
N GLN C 884 -25.59 0.21 17.31
CA GLN C 884 -24.27 0.25 17.90
C GLN C 884 -23.28 -0.54 17.05
N PRO C 885 -21.99 -0.36 17.28
CA PRO C 885 -20.98 -1.11 16.50
C PRO C 885 -21.05 -2.59 16.83
N GLY C 886 -21.30 -3.40 15.80
CA GLY C 886 -21.41 -4.84 15.96
C GLY C 886 -22.82 -5.37 16.04
N ASP C 887 -23.82 -4.49 16.13
CA ASP C 887 -25.19 -4.94 16.22
C ASP C 887 -25.66 -5.52 14.88
N ILE C 888 -26.73 -6.31 14.95
CA ILE C 888 -27.27 -6.95 13.76
C ILE C 888 -27.86 -5.89 12.84
N LEU C 889 -27.40 -5.86 11.59
CA LEU C 889 -27.88 -4.92 10.59
C LEU C 889 -28.92 -5.53 9.66
N VAL C 890 -28.62 -6.69 9.08
CA VAL C 890 -29.56 -7.42 8.24
C VAL C 890 -29.36 -8.91 8.48
N GLY C 891 -30.39 -9.58 9.00
CA GLY C 891 -30.29 -10.99 9.28
C GLY C 891 -30.22 -11.83 8.03
N LYS C 892 -29.05 -12.41 7.75
CA LYS C 892 -28.85 -13.25 6.58
C LYS C 892 -28.83 -14.71 7.03
N VAL C 893 -29.85 -15.46 6.62
CA VAL C 893 -30.00 -16.87 6.96
C VAL C 893 -29.56 -17.67 5.74
N THR C 894 -28.43 -18.36 5.86
CA THR C 894 -27.85 -19.08 4.73
C THR C 894 -27.89 -20.57 5.00
N PRO C 895 -28.73 -21.34 4.31
CA PRO C 895 -28.77 -22.79 4.53
C PRO C 895 -27.48 -23.44 4.06
N LYS C 896 -27.06 -24.48 4.77
CA LYS C 896 -25.84 -25.21 4.44
C LYS C 896 -26.01 -26.66 4.90
N GLY C 897 -24.91 -27.40 4.87
CA GLY C 897 -24.91 -28.78 5.31
C GLY C 897 -24.66 -28.92 6.79
N GLU C 898 -24.71 -30.16 7.27
CA GLU C 898 -24.49 -30.44 8.68
C GLU C 898 -23.04 -30.13 9.05
N SER C 899 -22.86 -29.27 10.06
CA SER C 899 -21.53 -28.90 10.51
C SER C 899 -20.84 -30.12 11.13
N PRO C 900 -19.53 -30.04 11.36
CA PRO C 900 -18.82 -31.16 11.98
C PRO C 900 -19.32 -31.45 13.39
N MET C 901 -19.95 -32.61 13.57
CA MET C 901 -20.54 -32.98 14.86
C MET C 901 -19.43 -33.21 15.87
N THR C 902 -19.27 -32.27 16.80
CA THR C 902 -18.30 -32.49 17.87
C THR C 902 -18.97 -33.14 19.07
N PRO C 903 -18.24 -33.97 19.82
CA PRO C 903 -18.88 -34.68 20.94
C PRO C 903 -19.32 -33.75 22.05
N GLU C 904 -18.50 -32.79 22.44
CA GLU C 904 -18.87 -31.89 23.53
C GLU C 904 -20.06 -31.00 23.14
N GLU C 905 -20.06 -30.50 21.90
CA GLU C 905 -21.19 -29.69 21.45
C GLU C 905 -22.46 -30.51 21.36
N LYS C 906 -22.36 -31.76 20.91
CA LYS C 906 -23.54 -32.63 20.86
C LYS C 906 -24.06 -32.91 22.26
N LEU C 907 -23.16 -33.15 23.22
CA LEU C 907 -23.58 -33.36 24.60
C LEU C 907 -24.26 -32.12 25.16
N LEU C 908 -23.71 -30.94 24.88
CA LEU C 908 -24.33 -29.71 25.35
C LEU C 908 -25.72 -29.52 24.74
N ARG C 909 -25.85 -29.82 23.44
CA ARG C 909 -27.15 -29.68 22.78
C ARG C 909 -28.17 -30.65 23.35
N ALA C 910 -27.74 -31.89 23.62
CA ALA C 910 -28.65 -32.85 24.23
C ALA C 910 -29.01 -32.47 25.65
N ILE C 911 -28.08 -31.85 26.38
CA ILE C 911 -28.36 -31.41 27.75
C ILE C 911 -29.39 -30.28 27.73
N PHE C 912 -29.18 -29.27 26.88
CA PHE C 912 -30.12 -28.16 26.79
C PHE C 912 -31.37 -28.49 25.98
N GLY C 913 -31.42 -29.66 25.34
CA GLY C 913 -32.58 -30.08 24.59
C GLY C 913 -32.74 -29.44 23.23
N GLU C 914 -31.96 -28.40 22.92
CA GLU C 914 -32.08 -27.76 21.62
C GLU C 914 -31.53 -28.67 20.53
N LYS C 915 -31.80 -28.27 19.28
CA LYS C 915 -31.32 -28.99 18.11
C LYS C 915 -30.30 -28.15 17.35
N ALA C 916 -29.34 -28.82 16.74
CA ALA C 916 -28.29 -28.13 16.00
C ALA C 916 -28.88 -27.39 14.81
N SER C 917 -28.70 -26.08 14.77
CA SER C 917 -29.22 -25.26 13.68
C SER C 917 -28.49 -25.61 12.39
N ASP C 918 -29.24 -26.03 11.38
CA ASP C 918 -28.64 -26.39 10.10
C ASP C 918 -28.13 -25.19 9.33
N VAL C 919 -28.55 -23.98 9.70
CA VAL C 919 -28.15 -22.76 9.00
C VAL C 919 -27.02 -22.09 9.77
N ARG C 920 -26.11 -21.45 9.03
CA ARG C 920 -24.97 -20.75 9.60
C ARG C 920 -25.26 -19.26 9.67
N ASP C 921 -24.87 -18.65 10.79
CA ASP C 921 -25.05 -17.22 10.97
C ASP C 921 -24.21 -16.44 9.98
N THR C 922 -24.85 -15.62 9.15
CA THR C 922 -24.15 -14.81 8.18
C THR C 922 -24.74 -13.41 8.10
N SER C 923 -25.52 -13.00 9.11
CA SER C 923 -26.16 -11.70 9.09
C SER C 923 -25.12 -10.57 9.12
N LEU C 924 -25.32 -9.56 8.29
CA LEU C 924 -24.40 -8.44 8.23
C LEU C 924 -24.46 -7.64 9.53
N ARG C 925 -23.28 -7.23 10.00
CA ARG C 925 -23.16 -6.47 11.23
C ARG C 925 -22.27 -5.26 10.98
N LEU C 926 -22.51 -4.21 11.76
CA LEU C 926 -21.70 -3.00 11.63
C LEU C 926 -20.31 -3.24 12.20
N PRO C 927 -19.26 -2.84 11.51
CA PRO C 927 -17.90 -2.98 12.07
C PRO C 927 -17.73 -2.09 13.28
N PRO C 928 -16.62 -2.24 14.01
CA PRO C 928 -16.39 -1.39 15.20
C PRO C 928 -16.30 0.08 14.82
N GLY C 929 -17.25 0.86 15.30
CA GLY C 929 -17.28 2.27 15.00
C GLY C 929 -18.32 3.00 15.82
N VAL C 930 -18.58 4.24 15.44
CA VAL C 930 -19.53 5.09 16.14
C VAL C 930 -20.63 5.47 15.16
N ALA C 931 -20.96 4.55 14.24
CA ALA C 931 -21.94 4.83 13.21
C ALA C 931 -23.30 5.18 13.81
N GLY C 932 -23.91 4.23 14.52
CA GLY C 932 -25.16 4.51 15.21
C GLY C 932 -26.37 4.51 14.31
N THR C 933 -26.91 5.70 14.06
CA THR C 933 -28.18 5.82 13.36
C THR C 933 -28.08 5.33 11.92
N ILE C 934 -29.23 4.97 11.36
CA ILE C 934 -29.35 4.50 9.99
C ILE C 934 -30.18 5.51 9.21
N VAL C 935 -29.67 5.95 8.07
CA VAL C 935 -30.33 6.96 7.26
C VAL C 935 -31.33 6.30 6.32
N ASP C 936 -30.84 5.42 5.44
CA ASP C 936 -31.67 4.78 4.45
C ASP C 936 -31.30 3.31 4.33
N VAL C 937 -32.30 2.47 4.12
CA VAL C 937 -32.11 1.03 3.96
C VAL C 937 -32.81 0.64 2.66
N ARG C 938 -32.05 0.63 1.56
CA ARG C 938 -32.60 0.31 0.25
C ARG C 938 -32.52 -1.20 0.02
N VAL C 939 -33.62 -1.78 -0.46
CA VAL C 939 -33.71 -3.20 -0.75
C VAL C 939 -33.95 -3.37 -2.25
N PHE C 940 -33.16 -4.23 -2.88
CA PHE C 940 -33.25 -4.50 -4.32
C PHE C 940 -33.63 -5.96 -4.50
N ASN C 941 -34.93 -6.22 -4.57
CA ASN C 941 -35.42 -7.58 -4.75
C ASN C 941 -35.26 -8.03 -6.20
N ARG C 942 -35.18 -9.34 -6.37
CA ARG C 942 -35.03 -9.91 -7.71
C ARG C 942 -36.28 -9.66 -8.54
N HIS C 943 -36.08 -9.60 -9.87
CA HIS C 943 -37.21 -9.37 -10.77
C HIS C 943 -38.21 -10.52 -10.74
N GLY C 944 -37.74 -11.73 -10.49
CA GLY C 944 -38.61 -12.89 -10.47
C GLY C 944 -39.67 -12.85 -9.38
N VAL C 945 -39.23 -12.88 -8.13
CA VAL C 945 -40.13 -12.86 -6.98
C VAL C 945 -39.65 -11.73 -6.07
N ASP C 946 -40.26 -10.55 -6.23
CA ASP C 946 -39.92 -9.38 -5.43
C ASP C 946 -41.11 -8.98 -4.57
N LYS C 947 -40.82 -8.59 -3.33
CA LYS C 947 -41.85 -8.16 -2.37
C LYS C 947 -42.83 -9.28 -2.03
N ASP C 948 -42.42 -10.53 -2.20
CA ASP C 948 -43.32 -11.65 -1.87
C ASP C 948 -43.57 -11.72 -0.38
N GLU C 949 -42.50 -11.82 0.43
CA GLU C 949 -42.64 -11.84 1.87
C GLU C 949 -41.58 -11.01 2.58
N ARG C 950 -40.76 -10.25 1.84
CA ARG C 950 -39.70 -9.45 2.43
C ARG C 950 -39.66 -8.08 1.76
N ALA C 951 -39.40 -7.05 2.56
CA ALA C 951 -39.27 -5.68 2.05
C ALA C 951 -40.57 -5.17 1.45
N LEU C 952 -41.72 -5.68 1.93
CA LEU C 952 -43.00 -5.20 1.43
C LEU C 952 -43.30 -3.81 1.97
N ALA C 953 -43.11 -3.61 3.28
CA ALA C 953 -43.35 -2.30 3.87
C ALA C 953 -42.37 -1.25 3.35
N ILE C 954 -41.14 -1.66 3.04
CA ILE C 954 -40.16 -0.73 2.50
C ILE C 954 -40.62 -0.19 1.15
N GLU C 955 -40.99 -1.10 0.24
CA GLU C 955 -41.47 -0.67 -1.07
C GLU C 955 -42.79 0.08 -0.96
N ARG C 956 -43.62 -0.26 0.02
CA ARG C 956 -44.87 0.47 0.22
C ARG C 956 -44.60 1.91 0.63
N ALA C 957 -43.72 2.12 1.61
CA ALA C 957 -43.35 3.47 2.00
C ALA C 957 -42.67 4.22 0.86
N GLU C 958 -41.88 3.51 0.05
CA GLU C 958 -41.23 4.14 -1.08
C GLU C 958 -42.25 4.64 -2.10
N ILE C 959 -43.24 3.82 -2.43
CA ILE C 959 -44.26 4.25 -3.38
C ILE C 959 -45.12 5.34 -2.79
N ASP C 960 -45.37 5.31 -1.48
CA ASP C 960 -46.15 6.38 -0.84
C ASP C 960 -45.42 7.71 -0.93
N ARG C 961 -44.12 7.71 -0.60
CA ARG C 961 -43.36 8.96 -0.70
C ARG C 961 -43.21 9.42 -2.14
N LEU C 962 -43.09 8.48 -3.08
CA LEU C 962 -43.01 8.85 -4.50
C LEU C 962 -44.30 9.52 -4.94
N GLY C 963 -45.45 8.92 -4.60
CA GLY C 963 -46.72 9.54 -4.92
C GLY C 963 -46.90 10.88 -4.24
N LYS C 964 -46.39 11.02 -3.01
CA LYS C 964 -46.51 12.28 -2.29
C LYS C 964 -45.72 13.38 -2.99
N ASP C 965 -44.47 13.09 -3.37
CA ASP C 965 -43.68 14.10 -4.07
C ASP C 965 -44.26 14.40 -5.45
N ARG C 966 -44.80 13.38 -6.13
CA ARG C 966 -45.45 13.63 -7.42
C ARG C 966 -46.66 14.54 -7.26
N ASP C 967 -47.47 14.30 -6.22
CA ASP C 967 -48.63 15.15 -5.97
C ASP C 967 -48.19 16.56 -5.61
N ASP C 968 -47.11 16.71 -4.84
CA ASP C 968 -46.62 18.05 -4.51
C ASP C 968 -46.14 18.79 -5.75
N GLU C 969 -45.41 18.10 -6.63
CA GLU C 969 -44.96 18.73 -7.87
C GLU C 969 -46.14 19.10 -8.75
N PHE C 970 -47.13 18.22 -8.85
CA PHE C 970 -48.32 18.53 -9.64
C PHE C 970 -49.07 19.71 -9.06
N ALA C 971 -49.14 19.81 -7.73
CA ALA C 971 -49.83 20.92 -7.09
C ALA C 971 -49.11 22.24 -7.34
N ILE C 972 -47.78 22.25 -7.21
CA ILE C 972 -47.04 23.48 -7.44
C ILE C 972 -47.12 23.87 -8.92
N LEU C 973 -47.09 22.89 -9.81
CA LEU C 973 -47.24 23.17 -11.23
C LEU C 973 -48.61 23.79 -11.52
N ASN C 974 -49.66 23.20 -10.96
CA ASN C 974 -51.00 23.75 -11.17
C ASN C 974 -51.13 25.15 -10.56
N ARG C 975 -50.46 25.38 -9.43
CA ARG C 975 -50.51 26.69 -8.80
C ARG C 975 -49.86 27.75 -9.69
N ASN C 976 -48.64 27.49 -10.17
CA ASN C 976 -47.99 28.47 -11.03
C ASN C 976 -48.71 28.61 -12.36
N ILE C 977 -49.31 27.53 -12.87
CA ILE C 977 -50.06 27.61 -14.12
C ILE C 977 -51.29 28.49 -13.93
N SER C 978 -52.01 28.32 -12.82
CA SER C 978 -53.17 29.15 -12.55
C SER C 978 -52.76 30.61 -12.35
N GLY C 979 -51.61 30.83 -11.72
CA GLY C 979 -51.12 32.20 -11.56
C GLY C 979 -50.82 32.85 -12.90
N ARG C 980 -50.14 32.11 -13.79
CA ARG C 980 -49.84 32.66 -15.11
C ARG C 980 -51.11 32.89 -15.92
N LEU C 981 -52.08 31.97 -15.80
CA LEU C 981 -53.34 32.13 -16.53
C LEU C 981 -54.11 33.34 -16.01
N LYS C 982 -54.10 33.58 -14.70
CA LYS C 982 -54.76 34.76 -14.16
C LYS C 982 -54.04 36.03 -14.60
N GLU C 983 -52.71 36.02 -14.62
CA GLU C 983 -51.97 37.18 -15.10
C GLU C 983 -52.24 37.46 -16.56
N LEU C 984 -52.49 36.41 -17.36
CA LEU C 984 -52.78 36.60 -18.77
C LEU C 984 -54.23 37.02 -19.00
N LEU C 985 -55.15 36.57 -18.14
CA LEU C 985 -56.57 36.89 -18.33
C LEU C 985 -56.93 38.26 -17.77
N ILE C 986 -56.22 38.73 -16.74
CA ILE C 986 -56.55 40.02 -16.16
C ILE C 986 -56.28 41.15 -17.17
N GLY C 987 -55.28 40.97 -18.04
CA GLY C 987 -55.02 41.97 -19.05
C GLY C 987 -55.93 41.89 -20.26
N LYS C 988 -56.53 40.74 -20.50
CA LYS C 988 -57.41 40.56 -21.65
C LYS C 988 -58.86 40.83 -21.27
N LEU C 1007 -65.85 41.03 -12.22
CA LEU C 1007 -65.52 40.40 -10.94
C LEU C 1007 -65.05 38.97 -11.13
N ALA C 1008 -63.75 38.81 -11.46
CA ALA C 1008 -63.19 37.48 -11.65
C ALA C 1008 -63.14 36.67 -10.37
N GLN C 1009 -63.16 37.33 -9.20
CA GLN C 1009 -63.12 36.60 -7.95
C GLN C 1009 -64.40 35.82 -7.71
N VAL C 1010 -65.53 36.30 -8.24
CA VAL C 1010 -66.80 35.62 -8.05
C VAL C 1010 -66.91 34.37 -8.90
N ALA C 1011 -66.05 34.24 -9.93
CA ALA C 1011 -66.05 33.09 -10.83
C ALA C 1011 -64.61 32.58 -10.92
N SER C 1012 -64.24 31.69 -9.99
CA SER C 1012 -62.90 31.11 -10.00
C SER C 1012 -62.77 29.92 -10.95
N GLY C 1013 -63.88 29.28 -11.32
CA GLY C 1013 -63.85 28.15 -12.22
C GLY C 1013 -63.71 28.47 -13.69
N LEU C 1014 -63.47 29.73 -14.05
CA LEU C 1014 -63.31 30.13 -15.43
C LEU C 1014 -61.87 30.03 -15.92
N TRP C 1015 -61.03 29.22 -15.27
CA TRP C 1015 -59.64 29.09 -15.68
C TRP C 1015 -59.52 28.37 -17.02
N TRP C 1016 -60.50 27.52 -17.35
CA TRP C 1016 -60.48 26.78 -18.61
C TRP C 1016 -61.49 27.30 -19.62
N GLN C 1017 -62.43 28.15 -19.21
CA GLN C 1017 -63.44 28.70 -20.11
C GLN C 1017 -63.50 30.21 -19.93
N ILE C 1018 -63.61 30.93 -21.05
CA ILE C 1018 -63.67 32.38 -20.99
C ILE C 1018 -65.04 32.85 -20.51
N ALA C 1019 -66.10 32.09 -20.79
CA ALA C 1019 -67.46 32.43 -20.39
C ALA C 1019 -67.91 33.75 -21.01
N LEU C 1020 -67.45 34.04 -22.23
CA LEU C 1020 -67.80 35.26 -22.93
C LEU C 1020 -67.71 35.00 -24.43
N GLU C 1021 -67.77 36.07 -25.22
CA GLU C 1021 -67.72 35.98 -26.67
C GLU C 1021 -66.28 35.96 -27.20
N ASP C 1022 -65.28 36.12 -26.33
CA ASP C 1022 -63.90 36.11 -26.78
C ASP C 1022 -63.49 34.72 -27.26
N GLU C 1023 -62.74 34.68 -28.36
CA GLU C 1023 -62.27 33.43 -28.94
C GLU C 1023 -60.77 33.36 -29.09
N LYS C 1024 -60.12 34.47 -29.47
CA LYS C 1024 -58.67 34.46 -29.62
C LYS C 1024 -57.97 34.26 -28.28
N ALA C 1025 -58.36 35.05 -27.27
CA ALA C 1025 -57.79 34.89 -25.94
C ALA C 1025 -58.14 33.52 -25.36
N MET C 1026 -59.39 33.09 -25.54
CA MET C 1026 -59.78 31.76 -25.07
C MET C 1026 -59.00 30.67 -25.79
N GLY C 1027 -58.77 30.83 -27.09
CA GLY C 1027 -58.00 29.85 -27.83
C GLY C 1027 -56.55 29.78 -27.36
N GLU C 1028 -55.94 30.94 -27.11
CA GLU C 1028 -54.57 30.96 -26.60
C GLU C 1028 -54.49 30.33 -25.22
N LEU C 1029 -55.46 30.63 -24.35
CA LEU C 1029 -55.49 30.01 -23.03
C LEU C 1029 -55.67 28.50 -23.13
N GLU C 1030 -56.51 28.04 -24.06
CA GLU C 1030 -56.71 26.61 -24.23
C GLU C 1030 -55.44 25.94 -24.75
N SER C 1031 -54.72 26.60 -25.66
CA SER C 1031 -53.47 26.04 -26.16
C SER C 1031 -52.43 25.96 -25.04
N LEU C 1032 -52.30 27.01 -24.24
CA LEU C 1032 -51.36 26.98 -23.13
C LEU C 1032 -51.72 25.92 -22.11
N ARG C 1033 -53.02 25.78 -21.81
CA ARG C 1033 -53.44 24.78 -20.85
C ARG C 1033 -53.25 23.37 -21.39
N ARG C 1034 -53.42 23.15 -22.69
CA ARG C 1034 -53.18 21.83 -23.26
C ARG C 1034 -51.70 21.51 -23.29
N LEU C 1035 -50.84 22.50 -23.53
CA LEU C 1035 -49.41 22.27 -23.45
C LEU C 1035 -48.98 21.94 -22.02
N PHE C 1036 -49.54 22.65 -21.04
CA PHE C 1036 -49.22 22.36 -19.65
C PHE C 1036 -49.77 21.00 -19.23
N ASP C 1037 -50.93 20.61 -19.76
CA ASP C 1037 -51.45 19.27 -19.49
C ASP C 1037 -50.57 18.20 -20.12
N GLU C 1038 -50.01 18.48 -21.29
CA GLU C 1038 -49.06 17.55 -21.89
C GLU C 1038 -47.80 17.43 -21.03
N ASN C 1039 -47.34 18.55 -20.47
CA ASN C 1039 -46.21 18.49 -19.54
C ASN C 1039 -46.54 17.65 -18.32
N ARG C 1040 -47.72 17.86 -17.74
CA ARG C 1040 -48.13 17.06 -16.59
C ARG C 1040 -48.25 15.59 -16.95
N LYS C 1041 -48.74 15.29 -18.15
CA LYS C 1041 -48.85 13.90 -18.60
C LYS C 1041 -47.47 13.28 -18.80
N ARG C 1042 -46.51 14.05 -19.29
CA ARG C 1042 -45.15 13.55 -19.42
C ARG C 1042 -44.55 13.25 -18.05
N LEU C 1043 -44.78 14.14 -17.08
CA LEU C 1043 -44.30 13.88 -15.73
C LEU C 1043 -44.94 12.64 -15.13
N ASP C 1044 -46.26 12.48 -15.32
CA ASP C 1044 -46.94 11.30 -14.82
C ASP C 1044 -46.45 10.04 -15.52
N ARG C 1045 -46.12 10.14 -16.80
CA ARG C 1045 -45.60 8.99 -17.53
C ARG C 1045 -44.23 8.59 -17.01
N ARG C 1046 -43.36 9.57 -16.75
CA ARG C 1046 -42.07 9.27 -16.15
C ARG C 1046 -42.24 8.62 -14.78
N PHE C 1047 -43.15 9.14 -13.96
CA PHE C 1047 -43.34 8.59 -12.63
C PHE C 1047 -43.93 7.18 -12.69
N GLU C 1048 -44.84 6.93 -13.63
CA GLU C 1048 -45.40 5.58 -13.74
C GLU C 1048 -44.38 4.60 -14.31
N ASP C 1049 -43.51 5.06 -15.21
CA ASP C 1049 -42.40 4.21 -15.64
C ASP C 1049 -41.49 3.87 -14.48
N LYS C 1050 -41.21 4.85 -13.62
CA LYS C 1050 -40.37 4.60 -12.44
C LYS C 1050 -41.02 3.58 -11.51
N VAL C 1051 -42.33 3.76 -11.23
CA VAL C 1051 -43.01 2.84 -10.33
C VAL C 1051 -43.11 1.44 -10.94
N ASP C 1052 -43.29 1.35 -12.26
CA ASP C 1052 -43.35 0.05 -12.90
C ASP C 1052 -41.99 -0.64 -12.86
N LYS C 1053 -40.90 0.12 -13.05
CA LYS C 1053 -39.57 -0.45 -12.92
C LYS C 1053 -39.30 -0.90 -11.49
N LEU C 1054 -39.83 -0.17 -10.50
CA LEU C 1054 -39.65 -0.56 -9.11
C LEU C 1054 -40.45 -1.82 -8.78
N GLN C 1055 -41.68 -1.92 -9.29
CA GLN C 1055 -42.52 -3.08 -8.99
C GLN C 1055 -42.09 -4.32 -9.77
N ARG C 1056 -41.46 -4.15 -10.93
CA ARG C 1056 -41.00 -5.29 -11.71
C ARG C 1056 -39.73 -5.91 -11.16
N GLY C 1057 -38.99 -5.19 -10.32
CA GLY C 1057 -37.75 -5.70 -9.77
C GLY C 1057 -36.55 -4.90 -10.22
N ASP C 1058 -35.79 -4.36 -9.26
CA ASP C 1058 -34.62 -3.57 -9.59
C ASP C 1058 -33.54 -4.45 -10.21
N GLU C 1059 -32.54 -3.79 -10.79
CA GLU C 1059 -31.43 -4.51 -11.43
C GLU C 1059 -30.57 -5.17 -10.36
N LEU C 1060 -30.53 -6.50 -10.37
CA LEU C 1060 -29.75 -7.26 -9.42
C LEU C 1060 -28.73 -8.14 -10.14
N PRO C 1061 -27.64 -8.50 -9.49
CA PRO C 1061 -26.65 -9.40 -10.10
C PRO C 1061 -27.26 -10.75 -10.41
N PRO C 1062 -26.59 -11.56 -11.23
CA PRO C 1062 -27.17 -12.85 -11.62
C PRO C 1062 -27.30 -13.84 -10.47
N GLY C 1063 -26.47 -13.70 -9.44
CA GLY C 1063 -26.50 -14.64 -8.34
C GLY C 1063 -27.42 -14.25 -7.21
N VAL C 1064 -27.27 -13.03 -6.70
CA VAL C 1064 -28.07 -12.56 -5.58
C VAL C 1064 -29.46 -12.19 -6.06
N MET C 1065 -30.47 -12.48 -5.24
CA MET C 1065 -31.85 -12.16 -5.55
C MET C 1065 -32.40 -10.99 -4.75
N LYS C 1066 -31.93 -10.78 -3.53
CA LYS C 1066 -32.36 -9.68 -2.68
C LYS C 1066 -31.14 -9.01 -2.09
N MET C 1067 -30.96 -7.73 -2.40
CA MET C 1067 -29.81 -6.95 -1.93
C MET C 1067 -30.30 -5.78 -1.12
N VAL C 1068 -29.81 -5.66 0.11
CA VAL C 1068 -30.18 -4.59 1.03
C VAL C 1068 -28.98 -3.66 1.17
N LYS C 1069 -29.17 -2.39 0.82
CA LYS C 1069 -28.12 -1.37 0.92
C LYS C 1069 -28.50 -0.44 2.06
N VAL C 1070 -28.08 -0.80 3.27
CA VAL C 1070 -28.37 0.01 4.46
C VAL C 1070 -27.39 1.17 4.51
N PHE C 1071 -27.92 2.38 4.64
CA PHE C 1071 -27.11 3.60 4.65
C PHE C 1071 -27.02 4.09 6.10
N VAL C 1072 -25.95 3.71 6.77
CA VAL C 1072 -25.71 4.12 8.15
C VAL C 1072 -24.92 5.41 8.15
N ALA C 1073 -25.34 6.38 8.96
CA ALA C 1073 -24.71 7.68 9.03
C ALA C 1073 -24.13 7.91 10.42
N VAL C 1074 -22.96 8.52 10.47
CA VAL C 1074 -22.25 8.76 11.71
C VAL C 1074 -22.34 10.24 12.04
N LYS C 1075 -22.05 10.58 13.29
CA LYS C 1075 -21.99 11.96 13.76
C LYS C 1075 -20.65 12.22 14.45
N ARG C 1076 -19.57 11.87 13.76
CA ARG C 1076 -18.23 11.93 14.34
C ARG C 1076 -17.88 13.33 14.82
N LYS C 1077 -17.67 13.46 16.12
CA LYS C 1077 -17.25 14.72 16.73
C LYS C 1077 -15.75 14.89 16.55
N LEU C 1078 -15.17 15.85 17.26
CA LEU C 1078 -13.74 16.10 17.20
C LEU C 1078 -13.00 15.33 18.30
N GLN C 1079 -13.08 14.01 18.21
CA GLN C 1079 -12.37 13.17 19.17
C GLN C 1079 -10.86 13.30 18.96
N PRO C 1080 -10.07 13.11 20.02
CA PRO C 1080 -8.61 13.21 19.87
C PRO C 1080 -8.07 12.13 18.95
N GLY C 1081 -7.51 12.55 17.82
CA GLY C 1081 -7.01 11.61 16.84
C GLY C 1081 -7.34 12.02 15.42
N ASP C 1082 -8.33 12.89 15.28
CA ASP C 1082 -8.73 13.35 13.96
C ASP C 1082 -7.65 14.23 13.35
N LYS C 1083 -7.29 13.94 12.10
CA LYS C 1083 -6.24 14.69 11.40
C LYS C 1083 -6.82 16.02 10.94
N MET C 1084 -6.94 16.95 11.89
CA MET C 1084 -7.44 18.29 11.61
C MET C 1084 -6.28 19.15 11.11
N ALA C 1085 -6.17 19.26 9.79
CA ALA C 1085 -5.09 20.01 9.17
C ALA C 1085 -5.54 21.43 8.84
N GLY C 1086 -4.60 22.36 8.88
CA GLY C 1086 -4.89 23.74 8.58
C GLY C 1086 -5.20 23.95 7.12
N ARG C 1087 -5.37 25.23 6.76
CA ARG C 1087 -5.68 25.61 5.40
C ARG C 1087 -4.44 25.80 4.53
N HIS C 1088 -3.27 25.98 5.15
CA HIS C 1088 -2.05 26.25 4.41
C HIS C 1088 -1.12 25.05 4.27
N GLY C 1089 -1.30 24.04 5.12
CA GLY C 1089 -0.42 22.88 5.09
C GLY C 1089 0.00 22.45 6.47
N ASN C 1090 -0.27 23.28 7.47
CA ASN C 1090 0.07 22.97 8.86
C ASN C 1090 -0.91 21.93 9.38
N LYS C 1091 -0.68 20.68 8.96
CA LYS C 1091 -1.52 19.57 9.38
C LYS C 1091 -1.22 19.24 10.84
N GLY C 1092 -1.88 18.20 11.34
CA GLY C 1092 -1.65 17.75 12.70
C GLY C 1092 -2.82 17.04 13.32
N VAL C 1093 -2.56 15.94 14.01
CA VAL C 1093 -3.61 15.24 14.74
C VAL C 1093 -4.13 16.14 15.84
N ILE C 1094 -5.45 16.10 16.05
CA ILE C 1094 -6.05 16.89 17.11
C ILE C 1094 -5.58 16.36 18.46
N SER C 1095 -5.20 17.27 19.35
CA SER C 1095 -4.68 16.90 20.65
C SER C 1095 -5.85 16.56 21.58
N ARG C 1096 -5.57 16.44 22.88
CA ARG C 1096 -6.62 16.22 23.85
C ARG C 1096 -7.62 17.36 23.83
N ILE C 1097 -8.91 17.01 23.83
CA ILE C 1097 -9.95 18.02 23.76
C ILE C 1097 -10.07 18.72 25.11
N LEU C 1098 -9.44 19.87 25.23
CA LEU C 1098 -9.50 20.63 26.47
C LEU C 1098 -10.88 21.24 26.64
N PRO C 1099 -11.39 21.34 27.86
CA PRO C 1099 -12.70 21.97 28.07
C PRO C 1099 -12.65 23.44 27.70
N ILE C 1100 -13.83 24.05 27.64
CA ILE C 1100 -13.95 25.46 27.30
C ILE C 1100 -13.60 26.35 28.47
N GLU C 1101 -12.97 25.76 29.50
CA GLU C 1101 -12.58 26.49 30.68
C GLU C 1101 -11.06 26.54 30.82
N ASP C 1102 -10.39 25.50 30.36
CA ASP C 1102 -8.94 25.41 30.44
C ASP C 1102 -8.23 26.05 29.24
N MET C 1103 -8.97 26.43 28.20
CA MET C 1103 -8.34 27.04 27.04
C MET C 1103 -7.81 28.43 27.39
N PRO C 1104 -6.84 28.92 26.63
CA PRO C 1104 -6.28 30.25 26.91
C PRO C 1104 -7.32 31.33 26.71
N PHE C 1105 -7.45 32.20 27.71
CA PHE C 1105 -8.44 33.26 27.67
C PHE C 1105 -7.92 34.45 26.88
N LEU C 1106 -8.82 35.10 26.15
CA LEU C 1106 -8.48 36.29 25.39
C LEU C 1106 -8.78 37.53 26.23
N ALA C 1107 -8.42 38.70 25.70
CA ALA C 1107 -8.68 39.94 26.41
C ALA C 1107 -10.17 40.20 26.58
N ASP C 1108 -10.97 39.81 25.59
CA ASP C 1108 -12.42 39.99 25.65
C ASP C 1108 -13.12 38.89 26.42
N GLY C 1109 -12.39 37.90 26.94
CA GLY C 1109 -12.98 36.81 27.66
C GLY C 1109 -13.26 35.57 26.84
N THR C 1110 -13.15 35.66 25.52
CA THR C 1110 -13.40 34.50 24.66
C THR C 1110 -12.21 33.55 24.69
N HIS C 1111 -12.50 32.25 24.66
CA HIS C 1111 -11.48 31.22 24.66
C HIS C 1111 -11.25 30.72 23.25
N VAL C 1112 -9.97 30.56 22.87
CA VAL C 1112 -9.64 30.08 21.55
C VAL C 1112 -10.09 28.64 21.38
N ASP C 1113 -10.60 28.31 20.19
CA ASP C 1113 -11.09 26.96 19.92
C ASP C 1113 -9.96 26.00 19.61
N VAL C 1114 -8.82 26.49 19.13
CA VAL C 1114 -7.66 25.65 18.83
C VAL C 1114 -6.41 26.39 19.23
N VAL C 1115 -5.37 25.64 19.60
CA VAL C 1115 -4.10 26.18 20.05
C VAL C 1115 -3.01 25.44 19.30
N LEU C 1116 -2.56 26.00 18.18
CA LEU C 1116 -1.60 25.34 17.32
C LEU C 1116 -0.19 25.47 17.91
N ASN C 1117 0.82 25.02 17.16
CA ASN C 1117 2.20 25.11 17.58
C ASN C 1117 2.92 26.14 16.71
N PRO C 1118 3.57 27.15 17.28
CA PRO C 1118 4.30 28.12 16.46
C PRO C 1118 5.58 27.58 15.87
N LEU C 1119 6.03 26.41 16.29
CA LEU C 1119 7.28 25.85 15.77
C LEU C 1119 7.15 25.39 14.33
N GLY C 1120 5.92 25.15 13.85
CA GLY C 1120 5.74 24.70 12.47
C GLY C 1120 6.08 25.74 11.43
N VAL C 1121 6.05 27.01 11.79
CA VAL C 1121 6.31 28.10 10.85
C VAL C 1121 7.81 28.20 10.56
N PRO C 1122 8.69 28.29 11.57
CA PRO C 1122 10.12 28.35 11.26
C PRO C 1122 10.66 27.11 10.57
N SER C 1123 10.23 25.92 11.00
CA SER C 1123 10.71 24.69 10.37
C SER C 1123 10.26 24.61 8.92
N ARG C 1124 8.95 24.59 8.69
CA ARG C 1124 8.38 24.63 7.35
C ARG C 1124 7.89 26.05 7.09
N MET C 1125 8.49 26.73 6.12
CA MET C 1125 8.29 28.16 5.93
C MET C 1125 6.88 28.39 5.37
N ASN C 1126 5.90 28.34 6.27
CA ASN C 1126 4.51 28.62 5.91
C ASN C 1126 4.02 29.83 6.69
N VAL C 1127 4.83 30.88 6.73
CA VAL C 1127 4.50 32.08 7.50
C VAL C 1127 3.21 32.74 7.02
N GLY C 1128 2.78 32.44 5.80
CA GLY C 1128 1.47 32.90 5.35
C GLY C 1128 0.35 32.40 6.24
N GLN C 1129 0.54 31.25 6.87
CA GLN C 1129 -0.43 30.79 7.87
C GLN C 1129 -0.54 31.78 9.02
N ILE C 1130 0.59 32.39 9.41
CA ILE C 1130 0.54 33.42 10.44
C ILE C 1130 -0.12 34.68 9.91
N PHE C 1131 0.21 35.07 8.68
CA PHE C 1131 -0.46 36.21 8.07
C PHE C 1131 -1.94 35.93 7.84
N GLU C 1132 -2.27 34.71 7.42
CA GLU C 1132 -3.67 34.34 7.25
C GLU C 1132 -4.40 34.36 8.58
N THR C 1133 -3.74 33.95 9.66
CA THR C 1133 -4.35 33.99 10.98
C THR C 1133 -4.54 35.43 11.46
N HIS C 1134 -3.59 36.31 11.16
CA HIS C 1134 -3.76 37.71 11.50
C HIS C 1134 -4.92 38.33 10.74
N LEU C 1135 -5.04 38.03 9.45
CA LEU C 1135 -6.15 38.53 8.67
C LEU C 1135 -7.48 37.98 9.18
N GLY C 1136 -7.49 36.70 9.56
CA GLY C 1136 -8.70 36.12 10.13
C GLY C 1136 -9.08 36.76 11.45
N TRP C 1137 -8.09 37.10 12.27
CA TRP C 1137 -8.36 37.79 13.53
C TRP C 1137 -8.91 39.18 13.27
N ALA C 1138 -8.36 39.89 12.27
CA ALA C 1138 -8.90 41.20 11.91
C ALA C 1138 -10.35 41.08 11.44
N CYS C 1139 -10.64 40.08 10.60
CA CYS C 1139 -12.01 39.88 10.14
C CYS C 1139 -12.94 39.52 11.28
N ALA C 1140 -12.47 38.70 12.22
CA ALA C 1140 -13.30 38.32 13.36
C ALA C 1140 -13.59 39.52 14.25
N ASN C 1141 -12.59 40.38 14.47
CA ASN C 1141 -12.83 41.58 15.27
C ASN C 1141 -13.76 42.54 14.54
N LEU C 1142 -13.64 42.65 13.22
CA LEU C 1142 -14.58 43.47 12.45
C LEU C 1142 -16.00 42.91 12.56
N GLY C 1143 -16.14 41.58 12.53
CA GLY C 1143 -17.45 40.99 12.66
C GLY C 1143 -18.04 41.19 14.05
N LYS C 1144 -17.20 41.08 15.09
CA LYS C 1144 -17.69 41.35 16.44
C LYS C 1144 -18.05 42.81 16.62
N GLN C 1145 -17.37 43.71 15.92
CA GLN C 1145 -17.69 45.12 16.01
C GLN C 1145 -18.98 45.46 15.27
N ILE C 1146 -19.21 44.80 14.13
CA ILE C 1146 -20.41 45.09 13.35
C ILE C 1146 -21.63 44.43 13.99
N THR C 1147 -21.49 43.22 14.50
CA THR C 1147 -22.60 42.57 15.18
C THR C 1147 -22.91 43.22 16.52
N ASN C 1148 -21.89 43.76 17.18
CA ASN C 1148 -22.12 44.55 18.38
C ASN C 1148 -22.71 45.92 18.05
N LEU C 1149 -22.58 46.37 16.80
CA LEU C 1149 -23.18 47.62 16.37
C LEU C 1149 -24.61 47.44 15.87
N LEU C 1150 -24.95 46.25 15.39
CA LEU C 1150 -26.32 45.99 14.93
C LEU C 1150 -27.24 45.58 16.07
N GLU C 1151 -26.69 44.98 17.12
CA GLU C 1151 -27.53 44.56 18.25
C GLU C 1151 -28.13 45.76 18.98
N ASP C 1152 -27.43 46.89 19.00
CA ASP C 1152 -27.96 48.08 19.65
C ASP C 1152 -28.92 48.84 18.74
N TRP C 1153 -28.64 48.86 17.44
CA TRP C 1153 -29.49 49.58 16.48
C TRP C 1153 -29.49 48.78 15.18
N GLN C 1154 -30.59 48.07 14.92
CA GLN C 1154 -30.68 47.27 13.71
C GLN C 1154 -30.85 48.17 12.50
N GLN C 1155 -29.99 47.99 11.50
CA GLN C 1155 -30.03 48.78 10.27
C GLN C 1155 -29.80 50.26 10.56
N GLY C 1156 -28.91 50.54 11.51
CA GLY C 1156 -28.62 51.92 11.86
C GLY C 1156 -27.96 52.68 10.74
N GLY C 1157 -28.12 54.01 10.78
CA GLY C 1157 -27.52 54.86 9.76
C GLY C 1157 -26.00 54.85 9.81
N GLN C 1158 -25.42 54.59 10.98
CA GLN C 1158 -23.98 54.56 11.13
C GLN C 1158 -23.36 53.21 10.82
N LYS C 1159 -24.16 52.13 10.87
CA LYS C 1159 -23.63 50.80 10.56
C LYS C 1159 -23.19 50.72 9.10
N GLN C 1160 -23.96 51.33 8.20
CA GLN C 1160 -23.58 51.33 6.79
C GLN C 1160 -22.26 52.06 6.58
N ALA C 1161 -22.03 53.14 7.35
CA ALA C 1161 -20.76 53.86 7.24
C ALA C 1161 -19.59 52.98 7.66
N LEU C 1162 -19.74 52.22 8.75
CA LEU C 1162 -18.67 51.34 9.19
C LEU C 1162 -18.45 50.21 8.20
N VAL C 1163 -19.53 49.68 7.61
CA VAL C 1163 -19.40 48.62 6.62
C VAL C 1163 -18.68 49.13 5.38
N GLU C 1164 -18.99 50.37 4.97
CA GLU C 1164 -18.28 50.96 3.84
C GLU C 1164 -16.82 51.21 4.17
N ARG C 1165 -16.53 51.61 5.40
CA ARG C 1165 -15.14 51.82 5.81
C ARG C 1165 -14.37 50.50 5.83
N LEU C 1166 -15.03 49.40 6.19
CA LEU C 1166 -14.37 48.10 6.20
C LEU C 1166 -14.41 47.42 4.84
N THR C 1167 -15.52 47.55 4.11
CA THR C 1167 -15.64 46.94 2.79
C THR C 1167 -15.31 47.93 1.70
N GLU C 1174 -16.76 50.58 -4.72
CA GLU C 1174 -17.24 49.68 -3.68
C GLU C 1174 -18.60 49.11 -4.04
N GLU C 1175 -18.67 47.78 -4.16
CA GLU C 1175 -19.91 47.08 -4.49
C GLU C 1175 -20.74 46.76 -3.25
N LEU C 1176 -20.49 47.43 -2.14
CA LEU C 1176 -21.20 47.19 -0.88
C LEU C 1176 -22.61 47.79 -0.87
N PRO C 1177 -22.78 49.08 -1.18
CA PRO C 1177 -24.12 49.68 -1.08
C PRO C 1177 -25.13 49.01 -2.00
N ASP C 1178 -26.15 48.41 -1.38
CA ASP C 1178 -27.21 47.71 -2.09
C ASP C 1178 -28.54 48.34 -1.70
N THR C 1179 -29.38 48.63 -2.72
CA THR C 1179 -30.66 49.26 -2.47
C THR C 1179 -31.63 48.36 -1.70
N GLU C 1180 -31.42 47.04 -1.75
CA GLU C 1180 -32.30 46.13 -1.05
C GLU C 1180 -32.17 46.29 0.46
N GLU C 1181 -33.08 45.63 1.19
CA GLU C 1181 -33.08 45.65 2.64
C GLU C 1181 -32.28 44.51 3.25
N GLY C 1182 -31.35 43.92 2.49
CA GLY C 1182 -30.53 42.84 2.97
C GLY C 1182 -29.42 43.23 3.91
N LEU C 1183 -29.31 44.51 4.26
CA LEU C 1183 -28.26 44.94 5.19
C LEU C 1183 -28.46 44.33 6.57
N VAL C 1184 -29.70 44.11 6.98
CA VAL C 1184 -29.95 43.46 8.26
C VAL C 1184 -29.54 41.99 8.19
N GLU C 1185 -29.56 41.40 7.00
CA GLU C 1185 -29.13 40.02 6.83
C GLU C 1185 -27.63 39.91 6.54
N LEU C 1186 -27.05 40.91 5.89
CA LEU C 1186 -25.62 40.90 5.63
C LEU C 1186 -24.83 40.99 6.93
N ALA C 1187 -25.29 41.83 7.87
CA ALA C 1187 -24.61 41.93 9.15
C ALA C 1187 -24.73 40.66 9.96
N ARG C 1188 -25.85 39.93 9.82
CA ARG C 1188 -26.00 38.66 10.53
C ARG C 1188 -24.96 37.65 10.08
N ASN C 1189 -24.55 37.70 8.82
CA ASN C 1189 -23.51 36.80 8.32
C ASN C 1189 -22.10 37.35 8.58
N LEU C 1190 -21.95 38.67 8.61
CA LEU C 1190 -20.65 39.28 8.87
C LEU C 1190 -20.29 39.29 10.35
N GLY C 1191 -21.25 39.04 11.24
CA GLY C 1191 -20.95 39.01 12.67
C GLY C 1191 -19.92 37.97 13.04
N LYS C 1192 -19.85 36.87 12.29
CA LYS C 1192 -18.84 35.85 12.50
C LYS C 1192 -17.49 36.21 11.89
N GLY C 1193 -17.36 37.41 11.32
CA GLY C 1193 -16.12 37.83 10.67
C GLY C 1193 -16.38 38.17 9.22
N VAL C 1194 -16.02 39.39 8.84
CA VAL C 1194 -16.21 39.86 7.47
C VAL C 1194 -15.29 39.05 6.56
N PRO C 1195 -15.83 38.28 5.62
CA PRO C 1195 -14.99 37.47 4.75
C PRO C 1195 -14.13 38.33 3.83
N ILE C 1196 -13.03 37.74 3.37
CA ILE C 1196 -12.08 38.42 2.51
C ILE C 1196 -11.74 37.49 1.36
N ALA C 1197 -11.68 38.05 0.16
CA ALA C 1197 -11.30 37.32 -1.06
C ALA C 1197 -9.90 37.80 -1.44
N THR C 1198 -8.89 37.16 -0.85
CA THR C 1198 -7.51 37.52 -1.17
C THR C 1198 -6.99 36.67 -2.32
N PRO C 1199 -6.43 37.27 -3.37
CA PRO C 1199 -5.90 36.47 -4.48
C PRO C 1199 -4.75 35.59 -4.04
N VAL C 1200 -4.39 34.65 -4.91
CA VAL C 1200 -3.31 33.72 -4.59
C VAL C 1200 -1.97 34.42 -4.59
N PHE C 1201 -1.77 35.41 -5.45
CA PHE C 1201 -0.52 36.14 -5.53
C PHE C 1201 -0.69 37.65 -5.57
N ASP C 1202 -1.92 38.16 -5.49
CA ASP C 1202 -2.18 39.59 -5.50
C ASP C 1202 -2.99 40.00 -4.27
N GLY C 1203 -2.85 39.26 -3.18
CA GLY C 1203 -3.60 39.52 -1.96
C GLY C 1203 -3.06 40.71 -1.20
N ALA C 1204 -3.28 40.70 0.11
CA ALA C 1204 -2.84 41.79 0.98
C ALA C 1204 -1.41 41.54 1.43
N ARG C 1205 -0.58 42.58 1.31
CA ARG C 1205 0.80 42.51 1.76
C ARG C 1205 0.84 42.73 3.28
N MET C 1206 2.04 42.91 3.82
CA MET C 1206 2.17 43.18 5.25
C MET C 1206 1.52 44.51 5.61
N ASP C 1207 1.69 45.52 4.76
CA ASP C 1207 1.10 46.83 5.04
C ASP C 1207 -0.42 46.79 5.00
N ASP C 1208 -0.98 46.00 4.08
CA ASP C 1208 -2.43 45.87 3.99
C ASP C 1208 -2.99 45.22 5.24
N ILE C 1209 -2.38 44.13 5.70
CA ILE C 1209 -2.84 43.46 6.91
C ILE C 1209 -2.67 44.39 8.11
N GLU C 1210 -1.58 45.18 8.12
CA GLU C 1210 -1.36 46.11 9.22
C GLU C 1210 -2.46 47.16 9.27
N GLY C 1211 -2.78 47.77 8.12
CA GLY C 1211 -3.85 48.74 8.08
C GLY C 1211 -5.19 48.15 8.45
N HIS C 1212 -5.44 46.90 8.02
CA HIS C 1212 -6.68 46.24 8.40
C HIS C 1212 -6.76 46.02 9.90
N LEU C 1213 -5.64 45.66 10.53
CA LEU C 1213 -5.63 45.47 11.97
C LEU C 1213 -5.84 46.80 12.69
N GLU C 1214 -5.25 47.88 12.19
CA GLU C 1214 -5.46 49.19 12.81
C GLU C 1214 -6.92 49.62 12.69
N MET C 1215 -7.53 49.39 11.53
CA MET C 1215 -8.91 49.83 11.33
C MET C 1215 -9.93 48.90 11.96
N ALA C 1216 -9.54 47.68 12.32
CA ALA C 1216 -10.44 46.71 12.92
C ALA C 1216 -10.29 46.63 14.44
N GLY C 1217 -9.69 47.65 15.06
CA GLY C 1217 -9.49 47.62 16.50
C GLY C 1217 -8.52 46.58 16.98
N VAL C 1218 -7.70 46.02 16.09
CA VAL C 1218 -6.72 45.01 16.44
C VAL C 1218 -5.41 45.70 16.78
N ASN C 1219 -4.64 45.10 17.68
CA ASN C 1219 -3.31 45.62 18.00
C ASN C 1219 -2.44 45.66 16.75
N LYS C 1220 -1.64 46.72 16.62
CA LYS C 1220 -0.81 46.89 15.44
C LYS C 1220 0.26 45.82 15.32
N SER C 1221 0.61 45.15 16.43
CA SER C 1221 1.62 44.10 16.40
C SER C 1221 1.12 42.82 15.74
N GLY C 1222 -0.17 42.71 15.47
CA GLY C 1222 -0.76 41.51 14.89
C GLY C 1222 -1.16 40.47 15.91
N GLN C 1223 -0.40 40.35 16.99
CA GLN C 1223 -0.71 39.42 18.06
C GLN C 1223 -1.69 40.09 19.03
N SER C 1224 -1.99 39.41 20.14
CA SER C 1224 -2.90 39.97 21.14
C SER C 1224 -2.61 39.30 22.47
N ILE C 1225 -2.92 40.02 23.55
CA ILE C 1225 -2.73 39.46 24.89
C ILE C 1225 -3.68 38.28 25.07
N LEU C 1226 -3.15 37.17 25.58
CA LEU C 1226 -3.91 35.94 25.72
C LEU C 1226 -3.67 35.39 27.12
N PHE C 1227 -4.68 35.53 27.99
CA PHE C 1227 -4.57 35.02 29.35
C PHE C 1227 -4.62 33.49 29.35
N ASP C 1228 -3.85 32.89 30.26
CA ASP C 1228 -3.82 31.43 30.36
C ASP C 1228 -5.15 30.90 30.86
N GLY C 1229 -5.45 29.66 30.48
CA GLY C 1229 -6.69 29.03 30.88
C GLY C 1229 -6.51 27.97 31.93
N LEU C 1230 -5.42 27.21 31.85
CA LEU C 1230 -5.17 26.15 32.82
C LEU C 1230 -4.96 26.72 34.22
N THR C 1231 -3.92 27.55 34.38
CA THR C 1231 -3.64 28.22 35.65
C THR C 1231 -4.23 29.62 35.69
N GLY C 1232 -4.00 30.42 34.65
CA GLY C 1232 -4.55 31.75 34.57
C GLY C 1232 -3.55 32.82 34.93
N GLU C 1233 -2.88 33.37 33.91
CA GLU C 1233 -1.83 34.38 34.07
C GLU C 1233 -1.64 35.06 32.73
N GLN C 1234 -1.50 36.38 32.77
CA GLN C 1234 -1.21 37.14 31.56
C GLN C 1234 0.16 36.75 31.03
N PHE C 1235 0.19 36.16 29.83
CA PHE C 1235 1.45 35.73 29.24
C PHE C 1235 2.35 36.93 28.99
N LYS C 1236 3.64 36.78 29.32
CA LYS C 1236 4.58 37.86 29.15
C LYS C 1236 5.15 37.89 27.74
N ARG C 1237 4.26 37.87 26.74
CA ARG C 1237 4.67 37.93 25.35
C ARG C 1237 3.42 38.06 24.47
N PRO C 1238 3.49 38.82 23.37
CA PRO C 1238 2.33 38.94 22.49
C PRO C 1238 2.07 37.62 21.77
N VAL C 1239 0.88 37.07 21.98
CA VAL C 1239 0.48 35.79 21.40
C VAL C 1239 -0.45 36.03 20.22
N THR C 1240 -0.23 35.29 19.14
CA THR C 1240 -1.07 35.38 17.95
C THR C 1240 -2.37 34.61 18.21
N VAL C 1241 -3.48 35.33 18.25
CA VAL C 1241 -4.80 34.74 18.47
C VAL C 1241 -5.68 35.19 17.32
N GLY C 1242 -5.78 34.36 16.28
CA GLY C 1242 -6.56 34.70 15.11
C GLY C 1242 -7.62 33.68 14.77
N TYR C 1243 -8.30 33.86 13.65
CA TYR C 1243 -9.34 32.95 13.17
C TYR C 1243 -8.78 32.22 11.95
N ILE C 1244 -8.09 31.10 12.21
CA ILE C 1244 -7.54 30.29 11.14
C ILE C 1244 -8.63 29.38 10.58
N TYR C 1245 -8.55 29.10 9.28
CA TYR C 1245 -9.53 28.25 8.61
C TYR C 1245 -9.06 26.81 8.69
N MET C 1246 -9.45 26.14 9.77
CA MET C 1246 -9.06 24.75 9.96
C MET C 1246 -10.01 23.83 9.20
N LEU C 1247 -9.53 22.60 8.96
CA LEU C 1247 -10.27 21.61 8.19
C LEU C 1247 -10.54 20.38 9.07
N LYS C 1248 -11.20 19.40 8.48
CA LYS C 1248 -11.59 18.15 9.12
C LYS C 1248 -11.23 16.97 8.23
N LEU C 1249 -9.97 16.93 7.81
CA LEU C 1249 -9.46 16.02 6.78
C LEU C 1249 -9.95 14.59 6.97
N HIS C 1250 -10.17 13.91 5.85
CA HIS C 1250 -10.82 12.60 5.85
C HIS C 1250 -10.02 11.54 6.59
N HIS C 1251 -8.73 11.77 6.82
CA HIS C 1251 -7.90 10.83 7.59
C HIS C 1251 -8.23 10.97 9.07
N LEU C 1252 -9.42 10.50 9.43
CA LEU C 1252 -9.92 10.62 10.79
C LEU C 1252 -9.20 9.61 11.70
N VAL C 1253 -9.65 9.50 12.94
CA VAL C 1253 -9.11 8.52 13.86
C VAL C 1253 -10.03 7.31 13.87
N ASP C 1254 -11.31 7.52 13.55
CA ASP C 1254 -12.26 6.43 13.52
C ASP C 1254 -12.01 5.51 12.31
N ASP C 1255 -11.89 6.10 11.12
CA ASP C 1255 -11.63 5.30 9.93
C ASP C 1255 -10.22 4.74 9.89
N LYS C 1256 -9.31 5.25 10.72
CA LYS C 1256 -7.93 4.80 10.73
C LYS C 1256 -7.58 3.93 11.93
N ILE C 1257 -8.35 4.02 13.02
CA ILE C 1257 -8.08 3.17 14.18
C ILE C 1257 -8.31 1.71 13.80
N HIS C 1258 -7.65 0.81 14.51
CA HIS C 1258 -7.76 -0.61 14.22
C HIS C 1258 -7.21 -1.39 15.40
N ALA C 1259 -7.86 -2.52 15.69
CA ALA C 1259 -7.42 -3.41 16.77
C ALA C 1259 -8.06 -4.76 16.55
N ARG C 1260 -7.25 -5.78 16.29
CA ARG C 1260 -7.75 -7.12 16.01
C ARG C 1260 -6.78 -8.13 16.62
N SER C 1261 -7.18 -8.72 17.76
CA SER C 1261 -6.36 -9.78 18.36
C SER C 1261 -6.26 -10.98 17.42
N ILE C 1262 -7.40 -11.46 16.94
CA ILE C 1262 -7.43 -12.54 15.96
C ILE C 1262 -8.61 -12.35 15.02
N GLY C 1263 -8.32 -12.08 13.75
CA GLY C 1263 -9.35 -11.90 12.76
C GLY C 1263 -9.34 -12.98 11.71
N PRO C 1264 -10.08 -12.78 10.62
CA PRO C 1264 -10.08 -13.77 9.54
C PRO C 1264 -8.70 -13.87 8.89
N TYR C 1265 -8.22 -15.09 8.72
CA TYR C 1265 -6.90 -15.34 8.17
C TYR C 1265 -7.00 -15.62 6.66
N SER C 1266 -5.86 -15.51 5.99
CA SER C 1266 -5.80 -15.72 4.56
C SER C 1266 -5.85 -17.22 4.24
N LEU C 1267 -5.70 -17.55 2.96
CA LEU C 1267 -5.74 -18.93 2.49
C LEU C 1267 -4.41 -19.43 1.96
N VAL C 1268 -3.69 -18.61 1.17
CA VAL C 1268 -2.43 -19.05 0.61
C VAL C 1268 -1.39 -19.24 1.70
N THR C 1269 -1.41 -18.40 2.71
CA THR C 1269 -0.43 -18.45 3.79
C THR C 1269 -1.02 -18.68 5.17
N GLN C 1270 -2.35 -18.65 5.32
CA GLN C 1270 -2.99 -18.81 6.61
C GLN C 1270 -2.59 -17.72 7.59
N GLN C 1271 -2.33 -16.53 7.07
CA GLN C 1271 -1.95 -15.38 7.88
C GLN C 1271 -3.13 -14.47 8.12
N PRO C 1272 -3.09 -13.65 9.16
CA PRO C 1272 -4.15 -12.67 9.38
C PRO C 1272 -4.21 -11.66 8.24
N LEU C 1273 -5.42 -11.33 7.81
CA LEU C 1273 -5.60 -10.42 6.70
C LEU C 1273 -5.07 -9.03 7.04
N GLY C 1274 -4.81 -8.24 6.01
CA GLY C 1274 -4.27 -6.91 6.17
C GLY C 1274 -5.33 -5.83 6.05
N GLY C 1275 -5.00 -4.66 6.56
CA GLY C 1275 -5.90 -3.52 6.49
C GLY C 1275 -7.10 -3.64 7.41
N LYS C 1276 -7.87 -2.57 7.55
CA LYS C 1276 -9.05 -2.55 8.40
C LYS C 1276 -10.29 -3.10 7.71
N ALA C 1277 -10.11 -3.89 6.64
CA ALA C 1277 -11.26 -4.43 5.92
C ALA C 1277 -12.05 -5.40 6.80
N GLN C 1278 -11.41 -6.50 7.22
CA GLN C 1278 -12.05 -7.50 8.08
C GLN C 1278 -11.08 -7.90 9.18
N PHE C 1279 -11.08 -7.13 10.27
CA PHE C 1279 -10.31 -7.44 11.49
C PHE C 1279 -8.84 -7.73 11.17
N GLY C 1280 -8.27 -6.95 10.26
CA GLY C 1280 -6.90 -7.16 9.85
C GLY C 1280 -5.90 -6.96 10.98
N GLY C 1281 -4.65 -7.30 10.68
CA GLY C 1281 -3.58 -7.11 11.63
C GLY C 1281 -2.43 -6.35 10.99
N GLN C 1282 -1.75 -5.56 11.82
CA GLN C 1282 -0.64 -4.74 11.35
C GLN C 1282 0.50 -5.63 10.86
N ARG C 1283 0.76 -5.63 9.55
CA ARG C 1283 1.76 -6.50 8.99
C ARG C 1283 3.14 -6.17 9.55
N PHE C 1284 3.85 -7.21 9.98
CA PHE C 1284 5.15 -7.06 10.65
C PHE C 1284 6.23 -7.37 9.61
N GLY C 1285 6.68 -6.32 8.92
CA GLY C 1285 7.48 -6.51 7.73
C GLY C 1285 8.95 -6.77 8.01
N GLU C 1286 9.66 -7.07 6.92
CA GLU C 1286 11.10 -7.30 7.01
C GLU C 1286 11.82 -6.10 7.63
N MET C 1287 11.46 -4.88 7.22
CA MET C 1287 12.15 -3.73 7.79
C MET C 1287 11.69 -3.43 9.20
N GLU C 1288 10.45 -3.83 9.55
CA GLU C 1288 9.96 -3.70 10.91
C GLU C 1288 10.28 -4.91 11.78
N VAL C 1289 10.62 -6.06 11.18
CA VAL C 1289 11.11 -7.17 11.98
C VAL C 1289 12.59 -6.98 12.34
N TRP C 1290 13.32 -6.22 11.52
CA TRP C 1290 14.71 -5.93 11.85
C TRP C 1290 14.83 -5.10 13.11
N ALA C 1291 13.79 -4.34 13.47
CA ALA C 1291 13.85 -3.57 14.71
C ALA C 1291 13.95 -4.48 15.92
N LEU C 1292 13.22 -5.60 15.92
CA LEU C 1292 13.34 -6.58 16.99
C LEU C 1292 14.53 -7.49 16.80
N GLU C 1293 14.96 -7.69 15.55
CA GLU C 1293 16.13 -8.53 15.29
C GLU C 1293 17.39 -7.89 15.85
N ALA C 1294 17.61 -6.61 15.55
CA ALA C 1294 18.72 -5.88 16.15
C ALA C 1294 18.56 -5.81 17.67
N TYR C 1295 17.33 -5.63 18.14
CA TYR C 1295 17.04 -5.76 19.55
C TYR C 1295 17.31 -7.19 20.01
N GLY C 1296 17.41 -7.37 21.32
CA GLY C 1296 17.49 -8.71 21.86
C GLY C 1296 16.18 -9.45 21.89
N ALA C 1297 15.10 -8.83 21.42
CA ALA C 1297 13.77 -9.43 21.45
C ALA C 1297 13.67 -10.45 20.33
N ALA C 1298 14.28 -11.61 20.56
CA ALA C 1298 14.14 -12.73 19.65
C ALA C 1298 12.98 -13.64 20.02
N TYR C 1299 12.60 -13.67 21.30
CA TYR C 1299 11.41 -14.43 21.69
C TYR C 1299 10.16 -13.83 21.07
N THR C 1300 10.09 -12.50 20.97
CA THR C 1300 8.99 -11.86 20.28
C THR C 1300 8.96 -12.27 18.82
N LEU C 1301 10.10 -12.20 18.13
CA LEU C 1301 10.17 -12.62 16.74
C LEU C 1301 9.96 -14.13 16.61
N GLN C 1302 10.25 -14.89 17.66
CA GLN C 1302 9.92 -16.31 17.69
C GLN C 1302 8.46 -16.56 18.04
N GLU C 1303 7.71 -15.52 18.37
CA GLU C 1303 6.28 -15.63 18.64
C GLU C 1303 5.43 -14.65 17.85
N MET C 1304 6.00 -13.56 17.32
CA MET C 1304 5.22 -12.61 16.54
C MET C 1304 5.06 -13.07 15.10
N LEU C 1305 6.10 -13.68 14.52
CA LEU C 1305 6.04 -14.22 13.17
C LEU C 1305 6.12 -15.73 13.16
N THR C 1306 6.01 -16.39 14.30
CA THR C 1306 6.02 -17.85 14.37
C THR C 1306 4.72 -18.41 14.92
N VAL C 1307 4.27 -17.91 16.07
CA VAL C 1307 3.05 -18.42 16.70
C VAL C 1307 1.90 -17.42 16.64
N LYS C 1308 2.18 -16.13 16.42
CA LYS C 1308 1.11 -15.14 16.44
C LYS C 1308 0.25 -15.22 15.18
N SER C 1309 0.89 -15.23 14.01
CA SER C 1309 0.18 -15.06 12.75
C SER C 1309 0.12 -16.32 11.90
N ASP C 1310 1.26 -16.97 11.66
CA ASP C 1310 1.37 -18.03 10.67
C ASP C 1310 1.55 -19.42 11.29
N ASP C 1311 0.83 -19.70 12.37
CA ASP C 1311 0.84 -21.04 12.98
C ASP C 1311 -0.60 -21.42 13.31
N VAL C 1312 -1.25 -22.08 12.35
CA VAL C 1312 -2.64 -22.51 12.56
C VAL C 1312 -2.73 -23.50 13.70
N ALA C 1313 -1.69 -24.31 13.90
CA ALA C 1313 -1.63 -25.24 15.01
C ALA C 1313 -0.99 -24.62 16.26
N GLY C 1314 -0.39 -23.45 16.14
CA GLY C 1314 0.23 -22.80 17.27
C GLY C 1314 -0.52 -21.56 17.73
N ARG C 1315 -1.26 -20.93 16.81
CA ARG C 1315 -2.04 -19.75 17.17
C ARG C 1315 -3.14 -20.10 18.16
N THR C 1316 -3.90 -21.15 17.86
CA THR C 1316 -4.94 -21.59 18.79
C THR C 1316 -4.35 -22.04 20.11
N LYS C 1317 -3.18 -22.68 20.06
CA LYS C 1317 -2.53 -23.12 21.29
C LYS C 1317 -2.14 -21.92 22.16
N VAL C 1318 -1.53 -20.90 21.56
CA VAL C 1318 -1.12 -19.74 22.34
C VAL C 1318 -2.33 -18.97 22.83
N TYR C 1319 -3.42 -18.93 22.05
CA TYR C 1319 -4.62 -18.25 22.52
C TYR C 1319 -5.24 -18.99 23.70
N GLU C 1320 -5.30 -20.33 23.64
CA GLU C 1320 -5.82 -21.10 24.75
C GLU C 1320 -4.93 -20.95 25.99
N SER C 1321 -3.62 -20.86 25.79
CA SER C 1321 -2.71 -20.67 26.91
C SER C 1321 -2.91 -19.30 27.54
N ILE C 1322 -3.06 -18.25 26.72
CA ILE C 1322 -3.28 -16.91 27.24
C ILE C 1322 -4.61 -16.84 27.97
N VAL C 1323 -5.63 -17.54 27.47
CA VAL C 1323 -6.93 -17.51 28.13
C VAL C 1323 -6.90 -18.30 29.43
N ARG C 1324 -6.11 -19.38 29.48
CA ARG C 1324 -6.04 -20.18 30.70
C ARG C 1324 -5.34 -19.44 31.82
N GLY C 1325 -4.29 -18.69 31.49
CA GLY C 1325 -3.57 -17.92 32.49
C GLY C 1325 -2.06 -17.98 32.33
N ASP C 1326 -1.56 -19.09 31.79
CA ASP C 1326 -0.12 -19.24 31.58
C ASP C 1326 0.32 -18.58 30.29
N ASP C 1327 1.35 -17.76 30.37
CA ASP C 1327 1.87 -17.05 29.20
C ASP C 1327 3.00 -17.84 28.55
N THR C 1328 2.68 -19.07 28.17
CA THR C 1328 3.62 -19.97 27.52
C THR C 1328 3.08 -20.35 26.14
N PHE C 1329 4.00 -20.54 25.20
CA PHE C 1329 3.65 -20.85 23.82
C PHE C 1329 4.67 -21.82 23.23
N GLU C 1330 4.36 -22.30 22.04
CA GLU C 1330 5.25 -23.19 21.30
C GLU C 1330 4.87 -23.15 19.83
N ALA C 1331 5.87 -23.02 18.97
CA ALA C 1331 5.62 -22.94 17.53
C ALA C 1331 6.90 -23.36 16.80
N GLY C 1332 6.87 -24.53 16.17
CA GLY C 1332 8.05 -25.05 15.49
C GLY C 1332 8.11 -24.68 14.02
N ILE C 1333 7.04 -24.95 13.30
CA ILE C 1333 7.00 -24.70 11.86
C ILE C 1333 5.81 -23.81 11.53
N PRO C 1334 6.03 -22.55 11.18
CA PRO C 1334 4.91 -21.67 10.80
C PRO C 1334 4.31 -22.07 9.47
N GLU C 1335 3.09 -21.60 9.23
CA GLU C 1335 2.42 -21.87 7.97
C GLU C 1335 3.11 -21.17 6.80
N SER C 1336 3.79 -20.05 7.08
CA SER C 1336 4.56 -19.39 6.03
C SER C 1336 5.68 -20.30 5.52
N PHE C 1337 6.47 -20.86 6.44
CA PHE C 1337 7.53 -21.77 6.03
C PHE C 1337 6.95 -23.02 5.37
N ASN C 1338 5.78 -23.48 5.82
CA ASN C 1338 5.15 -24.64 5.22
C ASN C 1338 4.78 -24.37 3.77
N VAL C 1339 4.11 -23.24 3.51
CA VAL C 1339 3.73 -22.92 2.14
C VAL C 1339 4.96 -22.64 1.30
N LEU C 1340 6.02 -22.06 1.89
CA LEU C 1340 7.24 -21.82 1.14
C LEU C 1340 7.91 -23.13 0.73
N VAL C 1341 7.99 -24.10 1.64
CA VAL C 1341 8.61 -25.38 1.30
C VAL C 1341 7.72 -26.16 0.35
N LYS C 1342 6.41 -25.97 0.41
CA LYS C 1342 5.52 -26.64 -0.54
C LYS C 1342 5.67 -26.05 -1.93
N GLU C 1343 5.85 -24.73 -2.03
CA GLU C 1343 6.09 -24.11 -3.33
C GLU C 1343 7.45 -24.51 -3.88
N MET C 1344 8.49 -24.48 -3.04
CA MET C 1344 9.81 -24.93 -3.48
C MET C 1344 9.78 -26.41 -3.86
N ARG C 1345 9.02 -27.21 -3.12
CA ARG C 1345 8.85 -28.61 -3.50
C ARG C 1345 8.05 -28.77 -4.79
N SER C 1346 7.27 -27.76 -5.17
CA SER C 1346 6.53 -27.82 -6.42
C SER C 1346 7.46 -27.85 -7.62
N LEU C 1347 8.61 -27.18 -7.52
CA LEU C 1347 9.59 -27.17 -8.60
C LEU C 1347 10.53 -28.36 -8.44
N GLY C 1348 11.63 -28.36 -9.18
CA GLY C 1348 12.63 -29.41 -9.10
C GLY C 1348 13.53 -29.36 -7.89
N LEU C 1349 13.22 -28.52 -6.91
CA LEU C 1349 14.02 -28.43 -5.71
C LEU C 1349 13.69 -29.58 -4.76
N ASN C 1350 14.61 -29.83 -3.82
CA ASN C 1350 14.44 -30.90 -2.84
C ASN C 1350 14.43 -30.33 -1.43
N VAL C 1351 13.69 -29.25 -1.22
CA VAL C 1351 13.58 -28.63 0.10
C VAL C 1351 12.91 -29.63 1.04
N GLU C 1352 13.66 -30.15 2.00
CA GLU C 1352 13.16 -31.17 2.91
C GLU C 1352 13.91 -31.07 4.22
N LEU C 1353 13.17 -31.05 5.32
CA LEU C 1353 13.77 -30.92 6.64
C LEU C 1353 14.56 -32.19 6.99
N GLU C 1354 15.23 -32.14 8.13
CA GLU C 1354 16.04 -33.26 8.58
C GLU C 1354 16.35 -33.09 10.06
N ASN C 1355 16.99 -34.12 10.63
CA ASN C 1355 17.33 -34.28 12.05
C ASN C 1355 16.48 -33.49 13.06
N THR D 17 10.91 -32.75 15.76
CA THR D 17 11.43 -31.41 15.46
C THR D 17 12.06 -31.38 14.07
N PHE D 18 12.96 -30.43 13.86
CA PHE D 18 13.62 -30.28 12.57
C PHE D 18 14.74 -29.25 12.71
N ASP D 19 15.69 -29.31 11.78
CA ASP D 19 16.81 -28.37 11.74
C ASP D 19 17.64 -28.69 10.50
N GLN D 20 18.44 -27.71 10.09
CA GLN D 20 19.36 -27.88 8.97
C GLN D 20 18.61 -28.23 7.68
N ILE D 21 17.79 -27.29 7.23
CA ILE D 21 17.05 -27.48 5.99
C ILE D 21 18.02 -27.53 4.82
N ARG D 22 17.85 -28.52 3.96
CA ARG D 22 18.72 -28.73 2.81
C ARG D 22 17.87 -28.88 1.55
N ILE D 23 18.35 -28.29 0.46
CA ILE D 23 17.67 -28.36 -0.83
C ILE D 23 18.60 -29.01 -1.84
N SER D 24 18.00 -29.61 -2.86
CA SER D 24 18.75 -30.29 -3.92
C SER D 24 17.78 -30.55 -5.07
N LEU D 25 18.22 -31.32 -6.05
CA LEU D 25 17.36 -31.63 -7.19
C LEU D 25 16.27 -32.60 -6.78
N ALA D 26 15.05 -32.34 -7.26
CA ALA D 26 13.90 -33.18 -6.95
C ALA D 26 13.89 -34.38 -7.89
N SER D 27 14.19 -35.55 -7.36
CA SER D 27 14.19 -36.76 -8.16
C SER D 27 12.77 -37.09 -8.62
N PRO D 28 12.62 -37.63 -9.83
CA PRO D 28 11.29 -38.08 -10.26
C PRO D 28 10.70 -39.14 -9.33
N GLU D 29 11.52 -40.09 -8.87
CA GLU D 29 11.05 -41.06 -7.89
C GLU D 29 10.69 -40.37 -6.58
N LYS D 30 11.53 -39.44 -6.12
CA LYS D 30 11.21 -38.71 -4.91
C LYS D 30 10.00 -37.80 -5.08
N ILE D 31 9.82 -37.25 -6.29
CA ILE D 31 8.63 -36.43 -6.54
C ILE D 31 7.38 -37.29 -6.50
N ARG D 32 7.44 -38.50 -7.07
CA ARG D 32 6.30 -39.41 -6.98
C ARG D 32 6.05 -39.84 -5.55
N SER D 33 7.11 -40.00 -4.75
CA SER D 33 6.93 -40.36 -3.35
C SER D 33 6.28 -39.22 -2.58
N TRP D 34 6.63 -37.97 -2.90
CA TRP D 34 6.00 -36.83 -2.25
C TRP D 34 4.50 -36.79 -2.55
N SER D 35 4.13 -36.96 -3.81
CA SER D 35 2.75 -36.87 -4.22
C SER D 35 1.93 -38.03 -3.65
N PHE D 36 0.61 -37.90 -3.76
CA PHE D 36 -0.31 -38.93 -3.33
C PHE D 36 -1.21 -39.45 -4.46
N GLY D 37 -1.18 -38.81 -5.63
CA GLY D 37 -1.96 -39.27 -6.76
C GLY D 37 -1.62 -38.52 -8.03
N GLU D 38 -1.42 -39.25 -9.13
CA GLU D 38 -1.08 -38.64 -10.40
C GLU D 38 -2.32 -37.99 -11.00
N ILE D 39 -2.25 -36.69 -11.25
CA ILE D 39 -3.36 -35.95 -11.85
C ILE D 39 -3.27 -36.05 -13.36
N LYS D 40 -4.38 -36.43 -13.99
CA LYS D 40 -4.42 -36.63 -15.43
C LYS D 40 -5.51 -35.83 -16.14
N LYS D 41 -6.27 -35.00 -15.43
CA LYS D 41 -7.32 -34.20 -16.02
C LYS D 41 -7.24 -32.78 -15.50
N PRO D 42 -7.33 -31.77 -16.38
CA PRO D 42 -7.28 -30.37 -15.94
C PRO D 42 -8.64 -29.85 -15.48
N GLU D 43 -9.24 -30.54 -14.52
CA GLU D 43 -10.54 -30.18 -13.97
C GLU D 43 -10.41 -30.02 -12.47
N THR D 44 -10.73 -28.82 -11.97
CA THR D 44 -10.60 -28.55 -10.54
C THR D 44 -11.81 -29.06 -9.77
N ILE D 45 -12.99 -28.53 -10.08
CA ILE D 45 -14.23 -28.90 -9.41
C ILE D 45 -15.34 -29.00 -10.46
N ASN D 46 -16.54 -29.35 -10.01
CA ASN D 46 -17.69 -29.47 -10.89
C ASN D 46 -18.44 -28.15 -10.99
N TYR D 47 -19.12 -27.96 -12.12
CA TYR D 47 -19.88 -26.74 -12.33
C TYR D 47 -21.19 -26.74 -11.54
N ARG D 48 -21.75 -27.93 -11.25
CA ARG D 48 -22.98 -28.03 -10.51
C ARG D 48 -22.72 -28.09 -9.00
N THR D 49 -21.90 -29.04 -8.57
CA THR D 49 -21.50 -29.17 -7.18
C THR D 49 -20.06 -28.72 -7.03
N PHE D 50 -19.80 -27.91 -5.99
CA PHE D 50 -18.45 -27.36 -5.76
C PHE D 50 -17.64 -28.36 -4.95
N LYS D 51 -17.28 -29.46 -5.62
CA LYS D 51 -16.49 -30.52 -5.03
C LYS D 51 -15.29 -30.81 -5.93
N PRO D 52 -14.18 -31.27 -5.35
CA PRO D 52 -13.00 -31.56 -6.16
C PRO D 52 -13.26 -32.72 -7.13
N GLU D 53 -12.60 -32.66 -8.28
CA GLU D 53 -12.76 -33.69 -9.29
C GLU D 53 -12.02 -34.96 -8.86
N ARG D 54 -12.12 -36.00 -9.69
CA ARG D 54 -11.45 -37.26 -9.39
C ARG D 54 -9.94 -37.10 -9.52
N ASP D 55 -9.46 -36.73 -10.70
CA ASP D 55 -8.04 -36.51 -10.95
C ASP D 55 -7.88 -35.13 -11.60
N GLY D 56 -7.50 -34.14 -10.80
CA GLY D 56 -7.36 -32.80 -11.31
C GLY D 56 -6.52 -31.95 -10.39
N LEU D 57 -6.54 -30.64 -10.65
CA LEU D 57 -5.78 -29.71 -9.80
C LEU D 57 -6.33 -29.68 -8.38
N PHE D 58 -7.63 -29.92 -8.22
CA PHE D 58 -8.27 -29.99 -6.91
C PHE D 58 -8.88 -31.38 -6.77
N CYS D 59 -8.21 -32.24 -6.00
CA CYS D 59 -8.66 -33.60 -5.79
C CYS D 59 -8.85 -33.88 -4.30
N ALA D 60 -9.79 -34.78 -4.00
CA ALA D 60 -10.02 -35.20 -2.63
C ALA D 60 -9.13 -36.39 -2.25
N ARG D 61 -9.19 -37.47 -3.03
CA ARG D 61 -8.37 -38.64 -2.75
C ARG D 61 -6.91 -38.44 -3.07
N ILE D 62 -6.54 -37.36 -3.76
CA ILE D 62 -5.16 -37.09 -4.11
C ILE D 62 -4.50 -36.13 -3.13
N PHE D 63 -5.25 -35.14 -2.63
CA PHE D 63 -4.71 -34.14 -1.73
C PHE D 63 -5.39 -34.13 -0.36
N GLY D 64 -6.41 -34.94 -0.15
CA GLY D 64 -7.09 -35.00 1.12
C GLY D 64 -8.49 -34.43 1.06
N PRO D 65 -9.28 -34.67 2.10
CA PRO D 65 -10.66 -34.18 2.12
C PRO D 65 -10.71 -32.67 2.20
N THR D 66 -11.79 -32.11 1.63
CA THR D 66 -11.98 -30.66 1.65
C THR D 66 -12.52 -30.16 3.00
N LYS D 67 -13.17 -31.03 3.77
CA LYS D 67 -13.71 -30.67 5.07
C LYS D 67 -12.93 -31.39 6.17
N ASP D 68 -12.99 -30.82 7.37
CA ASP D 68 -12.24 -31.36 8.51
C ASP D 68 -12.85 -32.70 8.91
N TYR D 69 -12.14 -33.78 8.59
CA TYR D 69 -12.57 -35.14 8.95
C TYR D 69 -13.92 -35.49 8.32
N GLU D 70 -14.21 -34.93 7.16
CA GLU D 70 -15.46 -35.18 6.45
C GLU D 70 -15.12 -35.75 5.08
N CYS D 71 -15.19 -37.06 4.95
CA CYS D 71 -14.90 -37.73 3.69
C CYS D 71 -15.92 -37.33 2.62
N LEU D 72 -15.63 -37.74 1.39
CA LEU D 72 -16.52 -37.44 0.28
C LEU D 72 -17.80 -38.27 0.38
N CYS D 73 -18.79 -37.87 -0.43
CA CYS D 73 -20.09 -38.54 -0.59
C CYS D 73 -20.81 -38.81 0.75
N GLY D 74 -20.45 -38.07 1.80
CA GLY D 74 -21.11 -38.19 3.08
C GLY D 74 -21.13 -39.58 3.67
N LYS D 75 -20.00 -40.28 3.63
CA LYS D 75 -19.91 -41.65 4.10
C LYS D 75 -19.17 -41.79 5.43
N TYR D 76 -18.11 -41.02 5.64
CA TYR D 76 -17.32 -41.07 6.86
C TYR D 76 -17.10 -39.66 7.41
N LYS D 77 -18.16 -38.87 7.43
CA LYS D 77 -18.11 -37.50 7.90
C LYS D 77 -18.40 -37.36 9.39
N ARG D 78 -18.33 -38.46 10.14
CA ARG D 78 -18.61 -38.44 11.57
C ARG D 78 -17.35 -38.34 12.42
N MET D 79 -16.16 -38.40 11.80
CA MET D 79 -14.88 -38.25 12.49
C MET D 79 -14.50 -39.48 13.29
N LYS D 80 -15.39 -40.48 13.34
CA LYS D 80 -15.07 -41.72 14.03
C LYS D 80 -13.94 -42.46 13.34
N TYR D 81 -13.82 -42.31 12.02
CA TYR D 81 -12.76 -42.92 11.24
C TYR D 81 -11.72 -41.87 10.89
N LYS D 82 -10.45 -42.19 11.12
CA LYS D 82 -9.36 -41.27 10.83
C LYS D 82 -8.39 -41.77 9.77
N GLY D 83 -8.30 -43.08 9.53
CA GLY D 83 -7.41 -43.60 8.53
C GLY D 83 -8.12 -44.40 7.46
N ILE D 84 -9.44 -44.45 7.54
CA ILE D 84 -10.23 -45.19 6.58
C ILE D 84 -10.40 -44.38 5.30
N ILE D 85 -10.30 -45.06 4.17
CA ILE D 85 -10.43 -44.43 2.86
C ILE D 85 -11.78 -44.80 2.27
N CYS D 86 -12.36 -43.87 1.51
CA CYS D 86 -13.65 -44.12 0.89
C CYS D 86 -13.52 -45.18 -0.21
N GLU D 87 -14.66 -45.76 -0.57
CA GLU D 87 -14.73 -46.78 -1.61
C GLU D 87 -15.08 -46.20 -2.97
N LYS D 88 -16.19 -45.46 -3.06
CA LYS D 88 -16.59 -44.89 -4.35
C LYS D 88 -15.69 -43.72 -4.72
N CYS D 89 -15.40 -42.84 -3.77
CA CYS D 89 -14.54 -41.69 -4.02
C CYS D 89 -13.06 -41.98 -3.77
N GLY D 90 -12.74 -42.95 -2.92
CA GLY D 90 -11.36 -43.29 -2.65
C GLY D 90 -10.57 -42.27 -1.88
N VAL D 91 -11.23 -41.27 -1.30
CA VAL D 91 -10.55 -40.26 -0.51
C VAL D 91 -10.49 -40.72 0.94
N GLU D 92 -9.31 -40.62 1.55
CA GLU D 92 -9.12 -41.00 2.94
C GLU D 92 -9.52 -39.85 3.85
N VAL D 93 -10.30 -40.16 4.89
CA VAL D 93 -10.82 -39.13 5.78
C VAL D 93 -9.69 -38.57 6.64
N THR D 94 -9.50 -37.26 6.58
CA THR D 94 -8.48 -36.56 7.35
C THR D 94 -8.86 -35.09 7.39
N LEU D 95 -8.41 -34.39 8.43
CA LEU D 95 -8.69 -32.98 8.59
C LEU D 95 -8.20 -32.19 7.37
N ALA D 96 -8.76 -30.99 7.21
CA ALA D 96 -8.46 -30.16 6.05
C ALA D 96 -7.01 -29.68 6.01
N ARG D 97 -6.29 -29.77 7.14
CA ARG D 97 -4.90 -29.32 7.15
C ARG D 97 -4.02 -30.17 6.25
N VAL D 98 -4.40 -31.43 6.03
CA VAL D 98 -3.60 -32.28 5.16
C VAL D 98 -3.74 -31.89 3.69
N ARG D 99 -4.81 -31.17 3.34
CA ARG D 99 -4.98 -30.71 1.98
C ARG D 99 -3.97 -29.65 1.59
N ARG D 100 -3.34 -29.00 2.57
CA ARG D 100 -2.31 -28.01 2.30
C ARG D 100 -0.91 -28.60 2.27
N GLU D 101 -0.70 -29.77 2.88
CA GLU D 101 0.60 -30.41 2.90
C GLU D 101 0.75 -31.49 1.84
N ARG D 102 -0.32 -32.17 1.46
CA ARG D 102 -0.24 -33.21 0.44
C ARG D 102 0.12 -32.59 -0.90
N MET D 103 1.17 -33.12 -1.53
CA MET D 103 1.64 -32.64 -2.81
C MET D 103 1.03 -33.50 -3.93
N GLY D 104 1.48 -33.25 -5.16
CA GLY D 104 1.03 -34.02 -6.30
C GLY D 104 2.10 -34.03 -7.37
N HIS D 105 1.91 -34.91 -8.35
CA HIS D 105 2.87 -35.07 -9.43
C HIS D 105 2.15 -35.31 -10.75
N ILE D 106 2.77 -34.85 -11.83
CA ILE D 106 2.24 -35.01 -13.18
C ILE D 106 3.30 -35.72 -14.00
N GLU D 107 3.15 -37.03 -14.17
CA GLU D 107 4.09 -37.80 -14.97
C GLU D 107 3.91 -37.42 -16.44
N LEU D 108 4.76 -36.54 -16.93
CA LEU D 108 4.65 -36.05 -18.29
C LEU D 108 4.97 -37.16 -19.30
N ALA D 109 4.29 -37.11 -20.44
CA ALA D 109 4.57 -38.08 -21.49
C ALA D 109 5.97 -37.90 -22.05
N SER D 110 6.49 -36.68 -22.02
CA SER D 110 7.85 -36.37 -22.43
C SER D 110 8.51 -35.50 -21.38
N PRO D 111 9.83 -35.59 -21.24
CA PRO D 111 10.52 -34.77 -20.23
C PRO D 111 10.38 -33.29 -20.53
N VAL D 112 10.74 -32.49 -19.53
CA VAL D 112 10.68 -31.03 -19.62
C VAL D 112 11.87 -30.43 -18.88
N ALA D 113 12.49 -29.42 -19.49
CA ALA D 113 13.67 -28.79 -18.89
C ALA D 113 13.24 -27.75 -17.87
N HIS D 114 13.88 -27.75 -16.71
CA HIS D 114 13.57 -26.79 -15.66
C HIS D 114 13.93 -25.38 -16.13
N ILE D 115 13.01 -24.44 -15.90
CA ILE D 115 13.27 -23.06 -16.32
C ILE D 115 14.39 -22.44 -15.50
N TRP D 116 14.52 -22.83 -14.24
CA TRP D 116 15.55 -22.25 -13.38
C TRP D 116 16.95 -22.66 -13.82
N PHE D 117 17.09 -23.86 -14.39
CA PHE D 117 18.39 -24.36 -14.84
C PHE D 117 18.63 -24.15 -16.33
N LEU D 118 17.57 -24.14 -17.14
CA LEU D 118 17.74 -23.96 -18.58
C LEU D 118 17.95 -22.49 -18.93
N LYS D 119 16.97 -21.64 -18.60
CA LYS D 119 17.01 -20.22 -18.92
C LYS D 119 17.29 -19.44 -17.64
N SER D 120 18.48 -18.89 -17.52
CA SER D 120 18.90 -18.10 -16.36
C SER D 120 20.23 -17.44 -16.70
N LEU D 121 20.79 -16.72 -15.73
CA LEU D 121 22.10 -16.13 -15.95
C LEU D 121 23.17 -17.21 -16.11
N PRO D 122 23.41 -18.08 -15.11
CA PRO D 122 24.27 -19.24 -15.37
C PRO D 122 23.45 -20.41 -15.90
N SER D 123 23.75 -20.84 -17.13
CA SER D 123 23.01 -21.94 -17.75
C SER D 123 23.45 -23.24 -17.09
N ARG D 124 22.75 -23.62 -16.03
CA ARG D 124 23.14 -24.82 -15.29
C ARG D 124 22.99 -26.09 -16.12
N ILE D 125 22.05 -26.08 -17.07
CA ILE D 125 21.93 -27.22 -17.98
C ILE D 125 23.00 -27.16 -19.06
N ALA D 126 23.44 -25.97 -19.45
CA ALA D 126 24.47 -25.82 -20.46
C ALA D 126 25.86 -26.13 -19.91
N MET D 127 26.07 -25.99 -18.60
CA MET D 127 27.37 -26.29 -18.02
C MET D 127 27.70 -27.79 -18.09
N MET D 128 26.70 -28.64 -18.28
CA MET D 128 26.94 -30.07 -18.43
C MET D 128 27.41 -30.38 -19.85
N LEU D 129 28.56 -31.04 -19.96
CA LEU D 129 29.18 -31.45 -21.21
C LEU D 129 29.76 -30.28 -22.00
N ASP D 130 29.76 -29.07 -21.43
CA ASP D 130 30.39 -27.90 -22.05
C ASP D 130 29.73 -27.55 -23.39
N MET D 131 28.42 -27.32 -23.32
CA MET D 131 27.65 -26.90 -24.48
C MET D 131 26.95 -25.58 -24.18
N PRO D 132 27.04 -24.59 -25.07
CA PRO D 132 26.44 -23.29 -24.77
C PRO D 132 24.92 -23.36 -24.73
N LEU D 133 24.32 -22.42 -23.99
CA LEU D 133 22.88 -22.40 -23.83
C LEU D 133 22.17 -22.06 -25.14
N LYS D 134 22.85 -21.36 -26.05
CA LYS D 134 22.23 -21.00 -27.32
C LYS D 134 21.91 -22.24 -28.15
N ASP D 135 22.74 -23.27 -28.07
CA ASP D 135 22.46 -24.53 -28.75
C ASP D 135 21.67 -25.50 -27.89
N ILE D 136 21.86 -25.46 -26.56
CA ILE D 136 21.04 -26.29 -25.68
C ILE D 136 19.58 -25.89 -25.75
N GLU D 137 19.33 -24.58 -25.87
CA GLU D 137 17.95 -24.11 -26.02
C GLU D 137 17.35 -24.49 -27.37
N ARG D 138 18.19 -24.70 -28.38
CA ARG D 138 17.68 -25.12 -29.69
C ARG D 138 17.42 -26.63 -29.72
N VAL D 139 18.28 -27.42 -29.07
CA VAL D 139 18.07 -28.86 -29.04
C VAL D 139 16.89 -29.22 -28.14
N LEU D 140 16.52 -28.34 -27.20
CA LEU D 140 15.37 -28.61 -26.36
C LEU D 140 14.05 -28.27 -27.04
N TYR D 141 14.04 -27.23 -27.87
CA TYR D 141 12.85 -26.81 -28.59
C TYR D 141 12.63 -27.61 -29.88
N PHE D 142 13.38 -28.69 -30.09
CA PHE D 142 13.21 -29.56 -31.24
C PHE D 142 13.52 -28.84 -32.56
N GLU D 143 14.37 -27.83 -32.53
CA GLU D 143 14.76 -27.11 -33.73
C GLU D 143 15.94 -27.78 -34.43
N TYR D 144 17.01 -28.05 -33.70
CA TYR D 144 18.20 -28.68 -34.26
C TYR D 144 18.42 -30.00 -33.54
N TYR D 145 18.30 -31.11 -34.28
CA TYR D 145 18.48 -32.43 -33.69
C TYR D 145 19.90 -32.60 -33.16
N ILE D 146 20.02 -33.39 -32.11
CA ILE D 146 21.32 -33.69 -31.50
C ILE D 146 21.67 -35.14 -31.81
N VAL D 147 22.97 -35.39 -32.00
CA VAL D 147 23.47 -36.71 -32.33
C VAL D 147 23.98 -37.39 -31.05
N THR D 148 23.64 -38.67 -30.90
CA THR D 148 24.09 -39.47 -29.77
C THR D 148 24.66 -40.78 -30.27
N GLU D 149 25.71 -41.25 -29.62
CA GLU D 149 26.41 -42.47 -30.01
C GLU D 149 26.96 -42.33 -31.42
N PRO D 150 27.92 -41.43 -31.64
CA PRO D 150 28.46 -41.25 -32.99
C PRO D 150 29.37 -42.39 -33.40
N GLY D 151 29.58 -42.51 -34.71
CA GLY D 151 30.44 -43.54 -35.25
C GLY D 151 30.61 -43.44 -36.75
N PRO D 154 32.48 -38.47 -40.08
CA PRO D 154 31.03 -38.33 -40.31
C PRO D 154 30.22 -38.51 -39.04
N LEU D 155 29.22 -37.64 -38.84
CA LEU D 155 28.36 -37.69 -37.66
C LEU D 155 29.17 -37.50 -36.38
N LYS D 156 29.83 -36.34 -36.30
CA LYS D 156 30.64 -36.02 -35.14
C LYS D 156 29.76 -35.90 -33.90
N GLN D 157 30.37 -36.16 -32.74
CA GLN D 157 29.64 -36.08 -31.47
C GLN D 157 29.16 -34.66 -31.24
N HIS D 158 27.87 -34.52 -30.90
CA HIS D 158 27.24 -33.22 -30.69
C HIS D 158 27.31 -32.37 -31.96
N GLN D 159 27.09 -33.01 -33.11
CA GLN D 159 27.15 -32.29 -34.38
C GLN D 159 26.06 -31.24 -34.49
N LEU D 160 24.91 -31.47 -33.85
CA LEU D 160 23.77 -30.56 -33.86
C LEU D 160 23.29 -30.32 -35.31
N LEU D 161 22.82 -31.42 -35.90
CA LEU D 161 22.29 -31.42 -37.25
C LEU D 161 20.77 -31.37 -37.21
N SER D 162 20.18 -30.62 -38.15
CA SER D 162 18.74 -30.47 -38.22
C SER D 162 18.13 -31.05 -39.49
N GLU D 163 18.84 -30.97 -40.62
CA GLU D 163 18.30 -31.49 -41.87
C GLU D 163 18.24 -33.01 -41.84
N ASP D 164 17.31 -33.56 -42.63
CA ASP D 164 17.16 -35.01 -42.74
C ASP D 164 18.15 -35.64 -43.71
N ASP D 165 19.05 -34.86 -44.30
CA ASP D 165 20.05 -35.41 -45.21
C ASP D 165 20.97 -36.36 -44.47
N TYR D 166 21.64 -35.86 -43.42
CA TYR D 166 22.52 -36.71 -42.62
C TYR D 166 21.73 -37.71 -41.77
N MET D 167 20.44 -37.47 -41.58
CA MET D 167 19.63 -38.38 -40.78
C MET D 167 19.19 -39.60 -41.58
N ARG D 168 18.82 -39.41 -42.84
CA ARG D 168 18.35 -40.49 -43.70
C ARG D 168 19.27 -40.76 -44.87
N ALA D 169 19.66 -39.72 -45.61
CA ALA D 169 20.54 -39.92 -46.76
C ALA D 169 21.91 -40.40 -46.35
N GLN D 170 22.47 -39.81 -45.28
CA GLN D 170 23.78 -40.24 -44.78
C GLN D 170 23.71 -41.56 -44.03
N GLU D 171 22.51 -42.03 -43.68
CA GLU D 171 22.35 -43.29 -42.98
C GLU D 171 22.44 -44.50 -43.90
N GLU D 172 22.66 -44.30 -45.20
CA GLU D 172 22.74 -45.40 -46.14
C GLU D 172 24.13 -46.02 -46.16
N TYR D 173 24.63 -46.42 -45.00
CA TYR D 173 25.93 -47.06 -44.87
C TYR D 173 25.81 -48.50 -44.37
N GLY D 174 24.62 -49.08 -44.43
CA GLY D 174 24.41 -50.43 -43.97
C GLY D 174 23.19 -50.55 -43.06
N ASP D 175 22.63 -49.41 -42.66
CA ASP D 175 21.45 -49.38 -41.79
C ASP D 175 21.76 -50.01 -40.43
N ASP D 176 22.92 -49.66 -39.87
CA ASP D 176 23.33 -50.21 -38.58
C ASP D 176 24.14 -49.16 -37.85
N SER D 177 23.88 -49.01 -36.55
CA SER D 177 24.60 -48.06 -35.69
C SER D 177 24.34 -46.62 -36.13
N PHE D 178 23.06 -46.28 -36.24
CA PHE D 178 22.63 -44.93 -36.62
C PHE D 178 21.41 -44.57 -35.79
N THR D 179 21.60 -43.75 -34.76
CA THR D 179 20.52 -43.36 -33.87
C THR D 179 20.83 -42.01 -33.27
N ALA D 180 19.81 -41.15 -33.18
CA ALA D 180 19.94 -39.84 -32.58
C ALA D 180 18.57 -39.38 -32.10
N GLU D 181 18.56 -38.58 -31.04
CA GLU D 181 17.34 -38.07 -30.43
C GLU D 181 17.34 -36.55 -30.44
N ILE D 182 16.26 -35.96 -29.96
CA ILE D 182 16.09 -34.51 -29.98
C ILE D 182 15.06 -34.13 -28.93
N GLY D 183 15.29 -33.00 -28.28
CA GLY D 183 14.34 -32.45 -27.34
C GLY D 183 14.73 -32.67 -25.89
N ALA D 184 13.72 -32.63 -25.03
CA ALA D 184 13.96 -32.81 -23.60
C ALA D 184 14.49 -34.21 -23.31
N GLU D 185 13.97 -35.22 -24.01
CA GLU D 185 14.49 -36.58 -23.82
C GLU D 185 15.94 -36.67 -24.28
N ALA D 186 16.28 -35.99 -25.37
CA ALA D 186 17.65 -35.98 -25.85
C ALA D 186 18.57 -35.33 -24.82
N ILE D 187 18.16 -34.19 -24.26
CA ILE D 187 18.99 -33.52 -23.27
C ILE D 187 19.10 -34.34 -22.00
N GLN D 188 18.05 -35.07 -21.64
CA GLN D 188 18.11 -35.92 -20.45
C GLN D 188 19.06 -37.09 -20.68
N ASN D 189 19.02 -37.70 -21.86
CA ASN D 189 19.97 -38.76 -22.17
C ASN D 189 21.40 -38.24 -22.21
N LEU D 190 21.58 -37.00 -22.70
CA LEU D 190 22.90 -36.40 -22.72
C LEU D 190 23.42 -36.17 -21.30
N LEU D 191 22.55 -35.70 -20.41
CA LEU D 191 22.96 -35.51 -19.02
C LEU D 191 23.25 -36.86 -18.35
N LYS D 192 22.47 -37.89 -18.67
CA LYS D 192 22.73 -39.21 -18.12
C LYS D 192 24.06 -39.77 -18.60
N ALA D 193 24.42 -39.47 -19.86
CA ALA D 193 25.67 -40.00 -20.40
C ALA D 193 26.88 -39.42 -19.69
N ILE D 194 26.87 -38.11 -19.42
CA ILE D 194 27.99 -37.48 -18.74
C ILE D 194 27.97 -37.87 -17.27
N ASP D 195 29.12 -38.31 -16.78
CA ASP D 195 29.27 -38.69 -15.37
C ASP D 195 30.03 -37.62 -14.62
N LEU D 196 29.71 -37.49 -13.33
CA LEU D 196 30.26 -36.40 -12.53
C LEU D 196 31.72 -36.64 -12.19
N GLU D 197 32.06 -37.86 -11.76
CA GLU D 197 33.42 -38.14 -11.32
C GLU D 197 34.42 -38.04 -12.47
N LYS D 198 34.12 -38.67 -13.61
CA LYS D 198 35.03 -38.64 -14.74
C LYS D 198 35.16 -37.23 -15.30
N GLU D 199 34.06 -36.49 -15.36
CA GLU D 199 34.12 -35.12 -15.88
C GLU D 199 34.92 -34.22 -14.94
N ALA D 200 34.75 -34.37 -13.63
CA ALA D 200 35.52 -33.58 -12.68
C ALA D 200 37.00 -33.93 -12.76
N GLU D 201 37.33 -35.22 -12.92
CA GLU D 201 38.73 -35.61 -13.06
C GLU D 201 39.34 -35.05 -14.34
N ARG D 202 38.57 -35.05 -15.43
CA ARG D 202 39.07 -34.51 -16.69
C ARG D 202 39.25 -33.00 -16.60
N LEU D 203 38.35 -32.30 -15.90
CA LEU D 203 38.49 -30.86 -15.76
C LEU D 203 39.59 -30.48 -14.78
N ARG D 204 39.93 -31.36 -13.85
CA ARG D 204 41.01 -31.07 -12.91
C ARG D 204 42.34 -30.95 -13.62
N GLU D 205 42.66 -31.92 -14.48
CA GLU D 205 43.90 -31.85 -15.24
C GLU D 205 43.85 -30.73 -16.26
N GLU D 206 42.66 -30.37 -16.74
CA GLU D 206 42.52 -29.27 -17.69
C GLU D 206 42.63 -27.91 -17.01
N LEU D 207 42.52 -27.85 -15.68
CA LEU D 207 42.62 -26.60 -14.95
C LEU D 207 44.02 -26.36 -14.39
N SER D 208 44.79 -27.41 -14.15
CA SER D 208 46.15 -27.30 -13.63
C SER D 208 47.15 -27.70 -14.71
N GLY D 209 48.36 -27.18 -14.59
CA GLY D 209 49.40 -27.47 -15.56
C GLY D 209 49.16 -26.85 -16.92
N THR D 210 48.30 -25.83 -17.01
CA THR D 210 48.02 -25.16 -18.27
C THR D 210 47.83 -23.68 -18.01
N VAL D 211 47.76 -22.90 -19.09
CA VAL D 211 47.59 -21.46 -18.96
C VAL D 211 46.20 -21.13 -18.42
N SER D 212 45.17 -21.71 -19.03
CA SER D 212 43.77 -21.46 -18.66
C SER D 212 43.45 -19.97 -18.68
N ASP D 213 43.66 -19.35 -19.85
CA ASP D 213 43.42 -17.93 -19.99
C ASP D 213 41.93 -17.62 -20.11
N MET D 214 41.29 -18.16 -21.15
CA MET D 214 39.86 -17.94 -21.39
C MET D 214 39.01 -19.13 -21.02
N LYS D 215 39.51 -20.36 -21.22
CA LYS D 215 38.74 -21.54 -20.88
C LYS D 215 38.58 -21.72 -19.37
N GLN D 216 39.43 -21.08 -18.57
CA GLN D 216 39.33 -21.23 -17.12
C GLN D 216 38.03 -20.65 -16.57
N LYS D 217 37.53 -19.57 -17.19
CA LYS D 217 36.32 -18.92 -16.69
C LYS D 217 35.13 -19.86 -16.72
N LYS D 218 35.05 -20.72 -17.73
CA LYS D 218 33.99 -21.72 -17.79
C LYS D 218 34.36 -23.02 -17.08
N PHE D 219 35.65 -23.37 -17.09
CA PHE D 219 36.08 -24.61 -16.45
C PHE D 219 35.87 -24.53 -14.93
N SER D 220 36.06 -23.36 -14.33
CA SER D 220 35.84 -23.22 -12.89
C SER D 220 34.38 -23.48 -12.54
N LYS D 221 33.46 -22.86 -13.30
CA LYS D 221 32.04 -23.06 -13.03
C LYS D 221 31.63 -24.50 -13.29
N ARG D 222 32.17 -25.11 -14.35
CA ARG D 222 31.83 -26.50 -14.65
C ARG D 222 32.31 -27.44 -13.54
N LEU D 223 33.55 -27.23 -13.07
CA LEU D 223 34.07 -28.06 -11.99
C LEU D 223 33.30 -27.84 -10.70
N LYS D 224 32.88 -26.59 -10.43
CA LYS D 224 32.08 -26.33 -9.24
C LYS D 224 30.74 -27.06 -9.31
N ILE D 225 30.07 -26.99 -10.45
CA ILE D 225 28.78 -27.67 -10.60
C ILE D 225 28.96 -29.18 -10.51
N LEU D 226 30.05 -29.71 -11.08
CA LEU D 226 30.28 -31.14 -11.03
C LEU D 226 30.57 -31.61 -9.60
N GLU D 227 31.36 -30.85 -8.85
CA GLU D 227 31.62 -31.20 -7.46
C GLU D 227 30.37 -31.06 -6.60
N ALA D 228 29.49 -30.11 -6.95
CA ALA D 228 28.24 -29.98 -6.22
C ALA D 228 27.31 -31.16 -6.49
N PHE D 229 27.24 -31.59 -7.75
CA PHE D 229 26.40 -32.74 -8.08
C PHE D 229 26.96 -34.02 -7.49
N GLN D 230 28.27 -34.19 -7.51
CA GLN D 230 28.87 -35.41 -6.98
C GLN D 230 28.83 -35.44 -5.46
N GLU D 231 29.19 -34.32 -4.82
CA GLU D 231 29.20 -34.27 -3.36
C GLU D 231 27.79 -34.38 -2.79
N SER D 232 26.85 -33.61 -3.34
CA SER D 232 25.48 -33.65 -2.84
C SER D 232 24.78 -34.96 -3.17
N GLY D 233 25.29 -35.72 -4.13
CA GLY D 233 24.68 -36.97 -4.53
C GLY D 233 23.60 -36.84 -5.59
N ASN D 234 23.35 -35.64 -6.10
CA ASN D 234 22.33 -35.45 -7.12
C ASN D 234 22.84 -35.90 -8.47
N ARG D 235 22.00 -36.65 -9.20
CA ARG D 235 22.38 -37.07 -10.54
C ARG D 235 22.35 -35.89 -11.50
N PRO D 236 23.23 -35.90 -12.51
CA PRO D 236 23.26 -34.76 -13.44
C PRO D 236 21.98 -34.63 -14.26
N GLU D 237 21.33 -35.73 -14.60
CA GLU D 237 20.13 -35.71 -15.42
C GLU D 237 18.87 -35.55 -14.57
N TRP D 238 18.87 -34.55 -13.69
CA TRP D 238 17.71 -34.23 -12.88
C TRP D 238 17.21 -32.81 -13.09
N MET D 239 17.97 -31.95 -13.77
CA MET D 239 17.46 -30.63 -14.12
C MET D 239 16.24 -30.74 -15.02
N VAL D 240 16.30 -31.62 -16.01
CA VAL D 240 15.12 -31.98 -16.79
C VAL D 240 14.31 -32.99 -15.99
N LEU D 241 13.03 -32.72 -15.82
CA LEU D 241 12.16 -33.54 -14.98
C LEU D 241 11.03 -34.13 -15.81
N THR D 242 10.87 -35.45 -15.73
CA THR D 242 9.79 -36.11 -16.44
C THR D 242 8.45 -35.94 -15.72
N VAL D 243 8.49 -35.79 -14.40
CA VAL D 243 7.30 -35.59 -13.59
C VAL D 243 7.43 -34.27 -12.85
N VAL D 244 6.42 -33.42 -12.97
CA VAL D 244 6.41 -32.10 -12.34
C VAL D 244 5.55 -32.16 -11.09
N PRO D 245 6.06 -31.74 -9.93
CA PRO D 245 5.23 -31.73 -8.73
C PRO D 245 4.27 -30.55 -8.72
N VAL D 246 3.06 -30.79 -8.22
CA VAL D 246 2.03 -29.76 -8.15
C VAL D 246 1.93 -29.26 -6.73
N ILE D 247 1.79 -27.94 -6.58
CA ILE D 247 1.58 -27.31 -5.28
C ILE D 247 0.26 -27.80 -4.73
N PRO D 248 0.12 -27.99 -3.42
CA PRO D 248 -1.14 -28.47 -2.85
C PRO D 248 -2.29 -27.52 -3.14
N PRO D 249 -3.53 -28.02 -3.13
CA PRO D 249 -4.66 -27.15 -3.49
C PRO D 249 -4.94 -26.05 -2.49
N GLU D 250 -4.55 -26.22 -1.23
CA GLU D 250 -4.80 -25.17 -0.24
C GLU D 250 -3.90 -23.96 -0.47
N LEU D 251 -2.73 -24.17 -1.06
CA LEU D 251 -1.85 -23.04 -1.34
C LEU D 251 -2.41 -22.16 -2.46
N ARG D 252 -2.82 -22.78 -3.56
CA ARG D 252 -3.53 -22.06 -4.61
C ARG D 252 -5.03 -22.32 -4.44
N PRO D 253 -5.74 -21.48 -3.70
CA PRO D 253 -7.13 -21.79 -3.35
C PRO D 253 -8.09 -21.46 -4.50
N LEU D 254 -9.29 -21.99 -4.37
CA LEU D 254 -10.41 -21.72 -5.27
C LEU D 254 -11.65 -21.37 -4.47
N VAL D 255 -11.47 -20.50 -3.49
CA VAL D 255 -12.55 -20.17 -2.54
C VAL D 255 -13.64 -19.40 -3.28
N PRO D 256 -14.92 -19.70 -3.03
CA PRO D 256 -15.99 -18.94 -3.69
C PRO D 256 -16.12 -17.54 -3.11
N LEU D 257 -15.78 -16.54 -3.92
CA LEU D 257 -15.87 -15.15 -3.46
C LEU D 257 -17.33 -14.72 -3.38
N ASP D 258 -17.55 -13.58 -2.73
CA ASP D 258 -18.88 -13.01 -2.59
C ASP D 258 -19.37 -12.55 -3.97
N GLY D 259 -20.39 -13.22 -4.49
CA GLY D 259 -20.94 -12.90 -5.79
C GLY D 259 -20.95 -14.07 -6.75
N GLY D 260 -20.65 -15.27 -6.23
CA GLY D 260 -20.63 -16.46 -7.05
C GLY D 260 -19.46 -16.57 -8.00
N ARG D 261 -18.50 -15.65 -7.94
CA ARG D 261 -17.33 -15.66 -8.81
C ARG D 261 -16.16 -16.25 -8.04
N PHE D 262 -15.71 -17.44 -8.45
CA PHE D 262 -14.59 -18.07 -7.78
C PHE D 262 -13.31 -17.27 -7.99
N ALA D 263 -12.44 -17.28 -6.99
CA ALA D 263 -11.17 -16.58 -7.02
C ALA D 263 -10.06 -17.63 -7.03
N THR D 264 -9.71 -18.10 -8.23
CA THR D 264 -8.67 -19.11 -8.38
C THR D 264 -7.30 -18.46 -8.37
N SER D 265 -6.34 -19.13 -7.72
CA SER D 265 -4.99 -18.62 -7.66
C SER D 265 -4.34 -18.63 -9.03
N ASP D 266 -3.24 -17.87 -9.14
CA ASP D 266 -2.51 -17.81 -10.41
C ASP D 266 -1.91 -19.16 -10.77
N LEU D 267 -1.40 -19.89 -9.77
CA LEU D 267 -0.80 -21.20 -10.03
C LEU D 267 -1.81 -22.21 -10.55
N ASN D 268 -3.10 -22.03 -10.25
CA ASN D 268 -4.11 -22.98 -10.71
C ASN D 268 -4.21 -22.97 -12.22
N ASP D 269 -4.19 -21.79 -12.84
CA ASP D 269 -4.26 -21.70 -14.29
C ASP D 269 -3.02 -22.30 -14.94
N LEU D 270 -1.85 -22.06 -14.35
CA LEU D 270 -0.62 -22.63 -14.91
C LEU D 270 -0.63 -24.16 -14.81
N TYR D 271 -1.08 -24.69 -13.68
CA TYR D 271 -1.15 -26.14 -13.54
C TYR D 271 -2.19 -26.74 -14.47
N ARG D 272 -3.31 -26.02 -14.68
CA ARG D 272 -4.30 -26.49 -15.64
C ARG D 272 -3.74 -26.52 -17.05
N ARG D 273 -2.97 -25.48 -17.42
CA ARG D 273 -2.33 -25.48 -18.74
C ARG D 273 -1.33 -26.62 -18.86
N VAL D 274 -0.55 -26.88 -17.81
CA VAL D 274 0.42 -27.96 -17.86
C VAL D 274 -0.28 -29.31 -18.00
N ILE D 275 -1.38 -29.49 -17.27
CA ILE D 275 -2.15 -30.74 -17.37
C ILE D 275 -2.73 -30.89 -18.77
N ASN D 276 -3.21 -29.80 -19.35
CA ASN D 276 -3.73 -29.86 -20.71
C ASN D 276 -2.65 -30.24 -21.71
N ARG D 277 -1.46 -29.63 -21.59
CA ARG D 277 -0.36 -29.98 -22.48
C ARG D 277 0.04 -31.45 -22.31
N ASN D 278 0.08 -31.92 -21.06
CA ASN D 278 0.46 -33.32 -20.82
C ASN D 278 -0.58 -34.27 -21.41
N ASN D 279 -1.87 -33.97 -21.23
CA ASN D 279 -2.91 -34.82 -21.80
C ASN D 279 -2.87 -34.80 -23.33
N ARG D 280 -2.60 -33.63 -23.91
CA ARG D 280 -2.50 -33.56 -25.37
C ARG D 280 -1.31 -34.36 -25.88
N LEU D 281 -0.17 -34.29 -25.18
CA LEU D 281 0.98 -35.07 -25.58
C LEU D 281 0.73 -36.57 -25.43
N LYS D 282 0.05 -36.96 -24.36
CA LYS D 282 -0.27 -38.37 -24.17
C LYS D 282 -1.23 -38.87 -25.25
N ARG D 283 -2.20 -38.05 -25.64
CA ARG D 283 -3.13 -38.44 -26.69
C ARG D 283 -2.43 -38.50 -28.04
N LEU D 284 -1.49 -37.59 -28.30
CA LEU D 284 -0.77 -37.59 -29.57
C LEU D 284 0.16 -38.78 -29.66
N ILE D 285 0.85 -39.12 -28.57
CA ILE D 285 1.77 -40.26 -28.60
C ILE D 285 1.00 -41.56 -28.78
N GLU D 286 -0.12 -41.72 -28.06
CA GLU D 286 -0.94 -42.91 -28.21
C GLU D 286 -1.66 -42.96 -29.55
N LEU D 287 -1.86 -41.80 -30.19
CA LEU D 287 -2.52 -41.73 -31.49
C LEU D 287 -1.55 -41.85 -32.64
N ARG D 288 -0.24 -41.82 -32.38
CA ARG D 288 0.79 -41.87 -33.41
C ARG D 288 0.68 -40.66 -34.34
N ALA D 289 0.73 -39.48 -33.73
CA ALA D 289 0.64 -38.23 -34.45
C ALA D 289 1.87 -38.03 -35.32
N PRO D 290 1.86 -37.02 -36.19
CA PRO D 290 3.06 -36.73 -36.98
C PRO D 290 4.24 -36.35 -36.09
N ASP D 291 5.44 -36.69 -36.56
CA ASP D 291 6.64 -36.44 -35.78
C ASP D 291 6.89 -34.95 -35.54
N ILE D 292 6.36 -34.08 -36.40
CA ILE D 292 6.52 -32.65 -36.20
C ILE D 292 5.50 -32.09 -35.24
N ILE D 293 4.39 -32.80 -35.00
CA ILE D 293 3.38 -32.34 -34.05
C ILE D 293 3.66 -32.85 -32.65
N ILE D 294 4.15 -34.09 -32.53
CA ILE D 294 4.51 -34.61 -31.21
C ILE D 294 5.68 -33.84 -30.62
N ARG D 295 6.71 -33.58 -31.43
CA ARG D 295 7.81 -32.76 -30.96
C ARG D 295 7.36 -31.33 -30.70
N ASN D 296 6.44 -30.83 -31.51
CA ASN D 296 5.86 -29.52 -31.24
C ASN D 296 4.97 -29.55 -30.00
N GLU D 297 4.27 -30.67 -29.78
CA GLU D 297 3.51 -30.84 -28.54
C GLU D 297 4.44 -30.87 -27.35
N LYS D 298 5.57 -31.57 -27.47
CA LYS D 298 6.55 -31.58 -26.38
C LYS D 298 7.11 -30.20 -26.14
N ARG D 299 7.32 -29.42 -27.19
CA ARG D 299 7.80 -28.05 -27.03
C ARG D 299 6.77 -27.18 -26.32
N MET D 300 5.50 -27.35 -26.66
CA MET D 300 4.44 -26.60 -25.99
C MET D 300 4.35 -26.98 -24.51
N LEU D 301 4.45 -28.28 -24.21
CA LEU D 301 4.45 -28.73 -22.82
C LEU D 301 5.65 -28.18 -22.07
N GLN D 302 6.82 -28.14 -22.73
CA GLN D 302 8.01 -27.60 -22.10
C GLN D 302 7.86 -26.11 -21.81
N GLU D 303 7.29 -25.35 -22.75
CA GLU D 303 7.05 -23.94 -22.52
C GLU D 303 6.05 -23.74 -21.39
N SER D 304 5.01 -24.58 -21.32
CA SER D 304 4.04 -24.45 -20.25
C SER D 304 4.66 -24.74 -18.89
N VAL D 305 5.50 -25.78 -18.81
CA VAL D 305 6.18 -26.08 -17.55
C VAL D 305 7.17 -24.99 -17.19
N ASP D 306 7.79 -24.36 -18.19
CA ASP D 306 8.69 -23.24 -17.92
C ASP D 306 7.93 -22.08 -17.32
N ALA D 307 6.80 -21.71 -17.94
CA ALA D 307 6.00 -20.60 -17.43
C ALA D 307 5.39 -20.92 -16.08
N LEU D 308 5.11 -22.19 -15.80
CA LEU D 308 4.54 -22.58 -14.52
C LEU D 308 5.53 -22.43 -13.38
N PHE D 309 6.83 -22.47 -13.66
CA PHE D 309 7.84 -22.34 -12.62
C PHE D 309 8.26 -20.88 -12.43
N ASP D 310 8.70 -20.22 -13.50
CA ASP D 310 9.18 -18.85 -13.44
C ASP D 310 8.29 -17.88 -14.19
N ASN D 311 7.96 -18.18 -15.45
CA ASN D 311 7.12 -17.37 -16.33
C ASN D 311 7.79 -16.09 -16.80
N GLY D 312 9.04 -15.83 -16.41
CA GLY D 312 9.73 -14.64 -16.84
C GLY D 312 10.67 -14.89 -18.00
N ARG D 313 11.35 -16.04 -17.97
CA ARG D 313 12.27 -16.38 -19.04
C ARG D 313 11.56 -16.69 -20.35
N ARG D 314 10.28 -17.03 -20.29
CA ARG D 314 9.50 -17.33 -21.48
C ARG D 314 8.82 -16.04 -21.97
N GLY D 315 7.85 -16.18 -22.88
CA GLY D 315 7.19 -15.03 -23.47
C GLY D 315 6.12 -14.40 -22.61
N ARG D 316 6.14 -14.68 -21.30
CA ARG D 316 5.19 -14.09 -20.35
C ARG D 316 3.75 -14.46 -20.72
N VAL D 317 3.46 -15.76 -20.64
CA VAL D 317 2.13 -16.25 -20.98
C VAL D 317 1.11 -15.66 -20.02
N ILE D 318 0.09 -15.01 -20.57
CA ILE D 318 -0.96 -14.36 -19.78
C ILE D 318 -2.15 -15.30 -19.68
N THR D 319 -2.93 -15.12 -18.61
CA THR D 319 -4.11 -15.93 -18.42
C THR D 319 -5.15 -15.65 -19.50
N GLY D 320 -5.98 -16.65 -19.79
CA GLY D 320 -6.99 -16.50 -20.82
C GLY D 320 -8.07 -15.48 -20.49
N ALA D 321 -8.29 -15.22 -19.19
CA ALA D 321 -9.32 -14.28 -18.77
C ALA D 321 -8.74 -12.88 -18.57
N ASN D 322 -7.78 -12.74 -17.67
CA ASN D 322 -7.18 -11.46 -17.35
C ASN D 322 -6.00 -11.18 -18.27
N LYS D 323 -5.58 -9.91 -18.28
CA LYS D 323 -4.45 -9.46 -19.09
C LYS D 323 -3.18 -9.26 -18.29
N ARG D 324 -3.24 -9.44 -16.97
CA ARG D 324 -2.05 -9.30 -16.14
C ARG D 324 -1.15 -10.52 -16.29
N PRO D 325 0.17 -10.32 -16.20
CA PRO D 325 1.10 -11.46 -16.31
C PRO D 325 0.92 -12.42 -15.15
N LEU D 326 0.61 -13.67 -15.46
CA LEU D 326 0.37 -14.68 -14.43
C LEU D 326 1.65 -14.94 -13.65
N LYS D 327 1.53 -14.95 -12.32
CA LYS D 327 2.67 -15.28 -11.48
C LYS D 327 2.82 -16.79 -11.37
N SER D 328 4.04 -17.23 -11.06
CA SER D 328 4.35 -18.64 -10.97
C SER D 328 5.06 -18.96 -9.67
N LEU D 329 5.59 -20.19 -9.55
CA LEU D 329 6.30 -20.58 -8.34
C LEU D 329 7.54 -19.72 -8.11
N ALA D 330 8.15 -19.23 -9.17
CA ALA D 330 9.27 -18.31 -9.04
C ALA D 330 8.83 -16.86 -8.88
N ASP D 331 7.78 -16.46 -9.60
CA ASP D 331 7.30 -15.08 -9.50
C ASP D 331 6.78 -14.78 -8.10
N MET D 332 6.27 -15.77 -7.38
CA MET D 332 5.81 -15.55 -6.01
C MET D 332 6.98 -15.25 -5.09
N LEU D 333 8.04 -16.05 -5.17
CA LEU D 333 9.18 -15.86 -4.26
C LEU D 333 9.94 -14.58 -4.57
N LYS D 334 9.88 -14.09 -5.81
CA LYS D 334 10.64 -12.90 -6.17
C LYS D 334 10.05 -11.65 -5.52
N GLY D 335 8.80 -11.33 -5.85
CA GLY D 335 8.18 -10.12 -5.38
C GLY D 335 7.88 -10.15 -3.89
N LYS D 336 7.26 -9.06 -3.43
CA LYS D 336 6.91 -8.95 -2.02
C LYS D 336 5.83 -9.93 -1.60
N GLN D 337 5.05 -10.44 -2.55
CA GLN D 337 3.91 -11.29 -2.25
C GLN D 337 4.28 -12.72 -1.92
N GLY D 338 5.57 -13.06 -1.90
CA GLY D 338 5.99 -14.40 -1.53
C GLY D 338 6.81 -14.42 -0.26
N ARG D 339 7.82 -15.29 -0.21
CA ARG D 339 8.66 -15.39 0.98
C ARG D 339 9.46 -14.12 1.24
N PHE D 340 9.63 -13.27 0.22
CA PHE D 340 10.37 -12.03 0.41
C PHE D 340 9.71 -11.14 1.45
N ARG D 341 8.48 -10.68 1.17
CA ARG D 341 7.77 -9.78 2.08
C ARG D 341 6.49 -10.37 2.61
N GLN D 342 5.58 -10.82 1.74
CA GLN D 342 4.23 -11.15 2.19
C GLN D 342 4.21 -12.43 3.03
N ASN D 343 4.96 -13.45 2.63
CA ASN D 343 4.82 -14.75 3.27
C ASN D 343 5.57 -14.83 4.59
N LEU D 344 6.90 -14.70 4.56
CA LEU D 344 7.74 -15.05 5.70
C LEU D 344 8.16 -13.83 6.51
N LEU D 345 8.84 -12.87 5.88
CA LEU D 345 9.40 -11.75 6.63
C LEU D 345 8.31 -10.81 7.11
N GLY D 346 7.51 -10.29 6.20
CA GLY D 346 6.46 -9.35 6.57
C GLY D 346 5.13 -10.01 6.88
N LYS D 347 5.11 -10.83 7.92
CA LYS D 347 3.88 -11.51 8.30
C LYS D 347 2.89 -10.52 8.91
N ARG D 348 1.65 -10.59 8.46
CA ARG D 348 0.58 -9.72 8.97
C ARG D 348 0.20 -10.23 10.36
N VAL D 349 1.00 -9.85 11.35
CA VAL D 349 0.83 -10.35 12.70
C VAL D 349 -0.47 -9.84 13.29
N ASP D 350 -1.21 -10.73 13.95
CA ASP D 350 -2.43 -10.35 14.65
C ASP D 350 -2.06 -9.81 16.02
N TYR D 351 -3.07 -9.60 16.87
CA TYR D 351 -2.87 -9.00 18.19
C TYR D 351 -2.26 -7.61 18.08
N SER D 352 -2.59 -6.90 17.00
CA SER D 352 -1.98 -5.62 16.68
C SER D 352 -3.07 -4.56 16.52
N GLY D 353 -2.61 -3.31 16.42
CA GLY D 353 -3.52 -2.19 16.30
C GLY D 353 -2.88 -0.96 15.69
N ARG D 354 -3.61 -0.29 14.80
CA ARG D 354 -3.12 0.91 14.13
C ARG D 354 -4.09 2.05 14.42
N SER D 355 -3.62 3.08 15.11
CA SER D 355 -4.43 4.24 15.43
C SER D 355 -3.58 5.50 15.29
N VAL D 356 -4.23 6.60 14.91
CA VAL D 356 -3.53 7.86 14.82
C VAL D 356 -3.05 8.28 16.21
N ILE D 357 -1.86 8.83 16.29
CA ILE D 357 -1.22 9.13 17.56
C ILE D 357 -1.41 10.59 17.91
N VAL D 358 -1.47 10.86 19.21
CA VAL D 358 -1.59 12.21 19.75
C VAL D 358 -0.57 12.36 20.87
N VAL D 359 -0.21 13.62 21.14
CA VAL D 359 0.81 13.90 22.15
C VAL D 359 0.32 13.42 23.52
N GLY D 360 1.24 12.90 24.31
CA GLY D 360 0.91 12.32 25.59
C GLY D 360 1.67 12.93 26.76
N PRO D 361 1.76 14.26 26.81
CA PRO D 361 2.65 14.90 27.80
C PRO D 361 2.25 14.63 29.24
N GLU D 362 0.98 14.29 29.50
CA GLU D 362 0.57 13.91 30.84
C GLU D 362 1.04 12.52 31.22
N LEU D 363 1.55 11.74 30.28
CA LEU D 363 2.02 10.38 30.51
C LEU D 363 3.52 10.38 30.77
N LYS D 364 3.98 9.31 31.40
CA LYS D 364 5.41 9.13 31.63
C LYS D 364 6.11 8.72 30.34
N LEU D 365 7.44 8.74 30.36
CA LEU D 365 8.20 8.38 29.18
C LEU D 365 8.04 6.91 28.82
N HIS D 366 7.76 6.06 29.82
CA HIS D 366 7.58 4.63 29.60
C HIS D 366 6.10 4.25 29.54
N GLU D 367 5.22 5.18 29.19
CA GLU D 367 3.79 4.92 29.17
C GLU D 367 3.20 5.59 27.94
N CYS D 368 2.61 4.78 27.06
CA CYS D 368 1.96 5.27 25.85
C CYS D 368 0.45 5.15 26.01
N GLY D 369 -0.27 6.14 25.46
CA GLY D 369 -1.73 6.12 25.55
C GLY D 369 -2.31 5.06 24.63
N LEU D 370 -3.27 4.29 25.15
CA LEU D 370 -3.94 3.26 24.38
C LEU D 370 -5.44 3.51 24.45
N PRO D 371 -6.13 3.57 23.31
CA PRO D 371 -7.57 3.82 23.34
C PRO D 371 -8.32 2.64 23.95
N LYS D 372 -9.37 2.95 24.70
CA LYS D 372 -10.16 1.91 25.35
C LYS D 372 -10.83 1.00 24.32
N LYS D 373 -11.28 1.58 23.20
CA LYS D 373 -11.91 0.78 22.16
C LYS D 373 -10.92 -0.16 21.48
N MET D 374 -9.63 0.12 21.56
CA MET D 374 -8.60 -0.74 20.98
C MET D 374 -7.97 -1.69 21.98
N ALA D 375 -7.91 -1.31 23.26
CA ALA D 375 -7.33 -2.19 24.26
C ALA D 375 -8.13 -3.47 24.44
N LEU D 376 -9.45 -3.39 24.27
CA LEU D 376 -10.28 -4.60 24.38
C LEU D 376 -10.00 -5.56 23.23
N GLU D 377 -9.97 -5.05 22.00
CA GLU D 377 -9.68 -5.90 20.86
C GLU D 377 -8.24 -6.39 20.84
N LEU D 378 -7.33 -5.69 21.52
CA LEU D 378 -5.94 -6.10 21.61
C LEU D 378 -5.71 -7.11 22.72
N PHE D 379 -6.30 -6.87 23.89
CA PHE D 379 -6.13 -7.73 25.07
C PHE D 379 -7.34 -8.61 25.32
N LYS D 380 -7.97 -9.12 24.25
CA LYS D 380 -9.10 -10.01 24.43
C LYS D 380 -8.74 -11.29 25.17
N PRO D 381 -7.70 -12.04 24.77
CA PRO D 381 -7.33 -13.23 25.56
C PRO D 381 -6.85 -12.89 26.96
N PHE D 382 -6.10 -11.79 27.11
CA PHE D 382 -5.67 -11.38 28.44
C PHE D 382 -6.85 -10.97 29.30
N ILE D 383 -7.83 -10.28 28.71
CA ILE D 383 -9.03 -9.92 29.45
C ILE D 383 -9.80 -11.17 29.86
N TYR D 384 -9.87 -12.16 28.97
CA TYR D 384 -10.53 -13.42 29.31
C TYR D 384 -9.81 -14.12 30.46
N ALA D 385 -8.48 -14.12 30.43
CA ALA D 385 -7.72 -14.75 31.51
C ALA D 385 -7.93 -14.03 32.83
N ARG D 386 -7.94 -12.69 32.81
CA ARG D 386 -8.16 -11.94 34.04
C ARG D 386 -9.57 -12.15 34.57
N LEU D 387 -10.56 -12.27 33.69
CA LEU D 387 -11.92 -12.51 34.14
C LEU D 387 -12.09 -13.93 34.66
N ASP D 388 -11.36 -14.90 34.10
CA ASP D 388 -11.45 -16.27 34.58
C ASP D 388 -10.76 -16.44 35.91
N ALA D 389 -9.55 -15.88 36.06
CA ALA D 389 -8.83 -15.99 37.32
C ALA D 389 -9.53 -15.20 38.42
N LYS D 390 -10.07 -14.03 38.10
CA LYS D 390 -10.79 -13.24 39.08
C LYS D 390 -12.16 -13.82 39.41
N GLY D 391 -12.68 -14.70 38.56
CA GLY D 391 -13.97 -15.31 38.79
C GLY D 391 -15.16 -14.52 38.30
N LEU D 392 -14.95 -13.43 37.57
CA LEU D 392 -16.07 -12.61 37.11
C LEU D 392 -16.89 -13.33 36.05
N SER D 393 -16.22 -14.06 35.16
CA SER D 393 -16.88 -14.79 34.08
C SER D 393 -16.69 -16.28 34.30
N GLY D 394 -17.78 -17.04 34.12
CA GLY D 394 -17.71 -18.48 34.34
C GLY D 394 -16.93 -19.19 33.25
N THR D 395 -17.23 -18.89 31.98
CA THR D 395 -16.64 -19.58 30.86
C THR D 395 -16.11 -18.58 29.84
N VAL D 396 -15.35 -19.10 28.88
CA VAL D 396 -14.75 -18.26 27.84
C VAL D 396 -15.83 -17.66 26.95
N LYS D 397 -16.86 -18.44 26.62
CA LYS D 397 -17.96 -17.92 25.82
C LYS D 397 -18.67 -16.78 26.53
N GLN D 398 -18.90 -16.93 27.84
CA GLN D 398 -19.52 -15.86 28.61
C GLN D 398 -18.62 -14.64 28.69
N SER D 399 -17.31 -14.84 28.75
CA SER D 399 -16.38 -13.71 28.76
C SER D 399 -16.43 -12.97 27.43
N LYS D 400 -16.40 -13.70 26.32
CA LYS D 400 -16.49 -13.08 25.00
C LYS D 400 -17.81 -12.35 24.83
N ARG D 401 -18.90 -12.91 25.36
CA ARG D 401 -20.17 -12.19 25.37
C ARG D 401 -20.14 -10.97 26.26
N MET D 402 -19.24 -10.95 27.26
CA MET D 402 -19.13 -9.79 28.14
C MET D 402 -18.35 -8.66 27.49
N VAL D 403 -17.14 -8.97 26.98
CA VAL D 403 -16.32 -7.93 26.38
C VAL D 403 -16.85 -7.49 25.02
N GLU D 404 -17.67 -8.32 24.37
CA GLU D 404 -18.20 -7.95 23.06
C GLU D 404 -19.16 -6.76 23.18
N ARG D 405 -19.92 -6.70 24.26
CA ARG D 405 -20.82 -5.58 24.50
C ARG D 405 -20.16 -4.44 25.26
N GLU D 406 -18.92 -4.62 25.70
CA GLU D 406 -18.18 -3.58 26.41
C GLU D 406 -18.89 -3.18 27.71
N GLN D 407 -19.13 -4.18 28.55
CA GLN D 407 -19.81 -3.95 29.81
C GLN D 407 -18.96 -3.06 30.72
N PRO D 408 -19.59 -2.39 31.69
CA PRO D 408 -18.81 -1.52 32.59
C PRO D 408 -17.91 -2.26 33.54
N GLN D 409 -18.15 -3.56 33.76
CA GLN D 409 -17.31 -4.34 34.68
C GLN D 409 -16.03 -4.83 34.02
N VAL D 410 -15.96 -4.84 32.69
CA VAL D 410 -14.74 -5.29 32.02
C VAL D 410 -13.70 -4.18 31.91
N TRP D 411 -14.12 -2.92 31.97
CA TRP D 411 -13.16 -1.83 31.91
C TRP D 411 -12.24 -1.83 33.13
N ASP D 412 -12.77 -2.16 34.30
CA ASP D 412 -11.93 -2.27 35.48
C ASP D 412 -10.93 -3.40 35.35
N ILE D 413 -11.28 -4.46 34.62
CA ILE D 413 -10.35 -5.56 34.42
C ILE D 413 -9.31 -5.20 33.35
N LEU D 414 -9.68 -4.34 32.39
CA LEU D 414 -8.73 -3.94 31.36
C LEU D 414 -7.63 -3.08 31.94
N GLU D 415 -7.98 -2.15 32.83
CA GLU D 415 -6.96 -1.34 33.50
C GLU D 415 -6.10 -2.17 34.44
N GLU D 416 -6.61 -3.30 34.94
CA GLU D 416 -5.82 -4.16 35.80
C GLU D 416 -4.90 -5.07 35.00
N VAL D 417 -5.38 -5.60 33.87
CA VAL D 417 -4.55 -6.46 33.04
C VAL D 417 -3.43 -5.64 32.39
N ILE D 418 -3.75 -4.44 31.92
CA ILE D 418 -2.74 -3.55 31.33
C ILE D 418 -2.19 -2.70 32.48
N ARG D 419 -1.23 -3.29 33.20
CA ARG D 419 -0.53 -2.58 34.27
C ARG D 419 0.97 -2.59 34.06
N GLU D 420 1.56 -3.75 33.76
CA GLU D 420 2.98 -3.85 33.45
C GLU D 420 3.20 -4.66 32.17
N HIS D 421 2.18 -4.73 31.30
CA HIS D 421 2.26 -5.48 30.06
C HIS D 421 2.62 -4.53 28.93
N PRO D 422 3.89 -4.40 28.56
CA PRO D 422 4.27 -3.44 27.52
C PRO D 422 3.75 -3.86 26.16
N VAL D 423 3.41 -2.86 25.35
CA VAL D 423 2.92 -3.06 23.98
C VAL D 423 3.91 -2.42 23.03
N LEU D 424 4.21 -3.12 21.94
CA LEU D 424 5.17 -2.63 20.95
C LEU D 424 4.51 -1.57 20.10
N LEU D 425 5.08 -0.36 20.10
CA LEU D 425 4.58 0.74 19.28
C LEU D 425 5.38 0.76 17.97
N ASN D 426 4.72 0.39 16.88
CA ASN D 426 5.36 0.21 15.58
C ASN D 426 4.91 1.35 14.66
N ARG D 427 5.83 2.27 14.36
CA ARG D 427 5.53 3.30 13.39
C ARG D 427 5.58 2.72 11.98
N ALA D 428 4.81 3.33 11.08
CA ALA D 428 4.73 2.95 9.67
C ALA D 428 6.11 2.79 9.04
N PRO D 429 6.95 3.84 8.96
CA PRO D 429 8.32 3.64 8.49
C PRO D 429 9.30 3.47 9.65
N THR D 430 10.07 2.39 9.66
CA THR D 430 11.11 2.19 10.66
C THR D 430 12.47 2.16 10.00
N LEU D 431 13.42 2.91 10.55
CA LEU D 431 14.76 3.00 10.00
C LEU D 431 15.82 2.55 10.98
N HIS D 432 15.44 2.06 12.15
CA HIS D 432 16.38 1.62 13.18
C HIS D 432 15.61 0.88 14.27
N ARG D 433 16.34 0.33 15.22
CA ARG D 433 15.74 -0.52 16.25
C ARG D 433 14.84 0.25 17.21
N LEU D 434 14.95 1.58 17.26
CA LEU D 434 14.08 2.37 18.12
C LEU D 434 12.69 2.59 17.51
N GLY D 435 12.44 2.11 16.29
CA GLY D 435 11.12 2.23 15.71
C GLY D 435 10.09 1.35 16.39
N ILE D 436 10.54 0.25 17.00
CA ILE D 436 9.66 -0.64 17.77
C ILE D 436 10.05 -0.47 19.23
N GLN D 437 9.26 0.30 19.98
CA GLN D 437 9.49 0.52 21.39
C GLN D 437 8.26 0.12 22.17
N ALA D 438 8.45 -0.73 23.17
CA ALA D 438 7.33 -1.18 24.01
C ALA D 438 7.04 -0.14 25.08
N PHE D 439 5.75 0.07 25.35
CA PHE D 439 5.29 1.04 26.32
C PHE D 439 4.29 0.40 27.26
N GLU D 440 4.35 0.75 28.53
CA GLU D 440 3.32 0.34 29.46
C GLU D 440 2.04 1.09 29.13
N PRO D 441 1.04 0.43 28.55
CA PRO D 441 -0.12 1.17 28.03
C PRO D 441 -0.95 1.78 29.15
N LYS D 442 -1.58 2.91 28.83
CA LYS D 442 -2.51 3.58 29.72
C LYS D 442 -3.85 3.70 29.02
N LEU D 443 -4.91 3.22 29.67
CA LEU D 443 -6.24 3.21 29.07
C LEU D 443 -6.79 4.63 29.05
N ILE D 444 -6.32 5.39 28.06
CA ILE D 444 -6.72 6.78 27.90
C ILE D 444 -8.04 6.82 27.12
N GLU D 445 -8.76 7.93 27.28
CA GLU D 445 -10.01 8.11 26.57
C GLU D 445 -9.74 8.33 25.08
N GLY D 446 -10.82 8.48 24.31
CA GLY D 446 -10.68 8.69 22.89
C GLY D 446 -10.33 7.41 22.15
N LYS D 447 -9.79 7.60 20.94
CA LYS D 447 -9.42 6.47 20.09
C LYS D 447 -8.07 6.69 19.43
N ALA D 448 -7.17 7.41 20.09
CA ALA D 448 -5.85 7.71 19.55
C ALA D 448 -4.78 7.34 20.55
N ILE D 449 -3.67 6.80 20.04
CA ILE D 449 -2.56 6.37 20.89
C ILE D 449 -1.88 7.62 21.45
N GLN D 450 -2.05 7.87 22.74
CA GLN D 450 -1.39 8.99 23.39
C GLN D 450 0.09 8.70 23.55
N LEU D 451 0.90 9.13 22.59
CA LEU D 451 2.33 8.85 22.61
C LEU D 451 3.08 9.95 23.35
N HIS D 452 4.20 9.58 23.94
CA HIS D 452 5.01 10.53 24.68
C HIS D 452 5.69 11.50 23.72
N PRO D 453 5.79 12.78 24.07
CA PRO D 453 6.44 13.74 23.15
C PRO D 453 7.92 13.49 22.98
N LEU D 454 8.63 13.08 24.04
CA LEU D 454 10.06 12.87 23.92
C LEU D 454 10.39 11.64 23.08
N VAL D 455 9.53 10.63 23.09
CA VAL D 455 9.83 9.39 22.40
C VAL D 455 9.47 9.43 20.93
N CYS D 456 8.55 10.31 20.52
CA CYS D 456 8.15 10.33 19.11
C CYS D 456 9.27 10.82 18.20
N ALA D 457 10.24 11.56 18.73
CA ALA D 457 11.38 11.96 17.93
C ALA D 457 12.22 10.75 17.51
N ALA D 458 12.43 9.82 18.44
CA ALA D 458 13.13 8.59 18.10
C ALA D 458 12.33 7.75 17.13
N PHE D 459 11.01 7.75 17.25
CA PHE D 459 10.15 6.99 16.34
C PHE D 459 10.18 7.55 14.92
N ASN D 460 10.60 8.80 14.75
CA ASN D 460 10.45 9.57 13.51
C ASN D 460 8.98 9.96 13.28
N ALA D 461 8.14 9.80 14.30
CA ALA D 461 6.72 10.04 14.19
C ALA D 461 6.38 11.40 14.80
N ASP D 462 6.04 12.35 13.95
CA ASP D 462 5.39 13.58 14.42
C ASP D 462 3.92 13.28 14.64
N PHE D 463 3.16 14.28 15.08
CA PHE D 463 1.73 14.12 15.28
C PHE D 463 0.91 14.91 14.27
N ASP D 464 1.45 15.07 13.06
CA ASP D 464 0.72 15.60 11.92
C ASP D 464 -0.02 14.51 11.16
N GLY D 465 -0.30 13.39 11.82
CA GLY D 465 -0.88 12.22 11.18
C GLY D 465 0.18 11.15 10.96
N ASP D 466 0.24 10.18 11.88
CA ASP D 466 1.24 9.12 11.82
C ASP D 466 0.70 7.93 12.59
N GLN D 467 0.20 6.94 11.86
CA GLN D 467 -0.42 5.77 12.49
C GLN D 467 0.68 4.88 13.07
N MET D 468 0.71 4.77 14.39
CA MET D 468 1.69 3.96 15.11
C MET D 468 1.04 2.62 15.40
N ALA D 469 1.45 1.60 14.65
CA ALA D 469 0.91 0.25 14.86
C ALA D 469 1.34 -0.28 16.22
N VAL D 470 0.36 -0.62 17.05
CA VAL D 470 0.61 -1.13 18.40
C VAL D 470 0.52 -2.65 18.37
N HIS D 471 1.49 -3.31 19.00
CA HIS D 471 1.52 -4.76 19.11
C HIS D 471 1.50 -5.17 20.57
N VAL D 472 1.06 -6.39 20.83
CA VAL D 472 0.97 -6.90 22.19
C VAL D 472 1.70 -8.24 22.27
N PRO D 473 2.80 -8.32 23.03
CA PRO D 473 3.49 -9.61 23.18
C PRO D 473 2.65 -10.58 24.01
N LEU D 474 2.43 -11.77 23.46
CA LEU D 474 1.58 -12.76 24.11
C LEU D 474 2.33 -13.54 25.17
N SER D 475 3.54 -14.00 24.86
CA SER D 475 4.28 -14.86 25.77
C SER D 475 4.68 -14.10 27.03
N LEU D 476 5.00 -14.87 28.08
CA LEU D 476 5.50 -14.27 29.31
C LEU D 476 6.90 -13.71 29.12
N GLU D 477 7.68 -14.28 28.21
CA GLU D 477 9.01 -13.75 27.91
C GLU D 477 8.91 -12.53 26.99
N ALA D 478 8.05 -12.61 25.97
CA ALA D 478 7.86 -11.46 25.09
C ALA D 478 7.28 -10.28 25.85
N GLN D 479 6.31 -10.53 26.74
CA GLN D 479 5.81 -9.47 27.59
C GLN D 479 6.89 -8.95 28.52
N LEU D 480 7.84 -9.80 28.90
CA LEU D 480 8.98 -9.39 29.70
C LEU D 480 10.15 -8.92 28.84
N GLU D 481 10.28 -9.46 27.62
CA GLU D 481 11.30 -8.97 26.70
C GLU D 481 11.03 -7.53 26.29
N ALA D 482 9.75 -7.16 26.16
CA ALA D 482 9.38 -5.79 25.84
C ALA D 482 9.58 -4.84 27.02
N ARG D 483 9.87 -5.35 28.21
CA ARG D 483 10.10 -4.52 29.38
C ARG D 483 11.57 -4.33 29.70
N VAL D 484 12.44 -5.21 29.21
CA VAL D 484 13.86 -5.16 29.53
C VAL D 484 14.63 -4.47 28.41
N LEU D 485 14.15 -4.63 27.18
CA LEU D 485 14.87 -4.11 26.02
C LEU D 485 14.04 -3.16 25.16
N MET D 486 12.77 -3.47 24.94
CA MET D 486 11.94 -2.67 24.06
C MET D 486 11.27 -1.49 24.76
N MET D 487 11.55 -1.26 26.04
CA MET D 487 10.95 -0.14 26.74
C MET D 487 11.55 1.18 26.26
N SER D 488 10.73 2.24 26.32
CA SER D 488 11.20 3.54 25.88
C SER D 488 12.28 4.10 26.81
N THR D 489 12.27 3.69 28.08
CA THR D 489 13.30 4.17 29.00
C THR D 489 14.67 3.62 28.66
N ASN D 490 14.72 2.43 28.05
CA ASN D 490 15.98 1.81 27.68
C ASN D 490 16.49 2.25 26.31
N ASN D 491 15.67 2.98 25.55
CA ASN D 491 16.04 3.46 24.23
C ASN D 491 16.35 4.94 24.22
N ILE D 492 16.98 5.42 25.30
CA ILE D 492 17.32 6.85 25.40
C ILE D 492 18.35 7.22 24.34
N LEU D 493 19.50 6.53 24.35
CA LEU D 493 20.56 6.80 23.39
C LEU D 493 20.27 6.05 22.10
N SER D 494 20.23 6.79 20.99
CA SER D 494 19.97 6.17 19.70
C SER D 494 21.11 5.24 19.31
N PRO D 495 20.82 4.16 18.57
CA PRO D 495 21.88 3.25 18.15
C PRO D 495 22.81 3.83 17.08
N ALA D 496 22.47 4.97 16.50
CA ALA D 496 23.32 5.56 15.46
C ALA D 496 24.65 6.01 16.05
N ASN D 497 24.62 6.75 17.14
CA ASN D 497 25.83 7.25 17.79
C ASN D 497 25.55 7.40 19.28
N GLY D 498 26.50 8.00 19.99
CA GLY D 498 26.38 8.20 21.41
C GLY D 498 25.62 9.46 21.79
N ARG D 499 24.54 9.75 21.05
CA ARG D 499 23.70 10.90 21.30
C ARG D 499 22.31 10.43 21.72
N PRO D 500 21.77 10.94 22.83
CA PRO D 500 20.45 10.51 23.27
C PRO D 500 19.37 10.90 22.27
N ILE D 501 18.52 9.94 21.91
CA ILE D 501 17.41 10.18 21.00
C ILE D 501 16.16 10.66 21.73
N ILE D 502 16.20 10.78 23.05
CA ILE D 502 15.05 11.20 23.84
C ILE D 502 15.14 12.69 24.11
N VAL D 503 16.04 13.37 23.42
CA VAL D 503 16.22 14.81 23.60
C VAL D 503 14.98 15.55 23.14
N PRO D 504 14.60 16.64 23.79
CA PRO D 504 13.42 17.40 23.35
C PRO D 504 13.62 17.98 21.96
N SER D 505 12.63 17.76 21.09
CA SER D 505 12.76 18.18 19.69
C SER D 505 12.38 19.65 19.50
N GLN D 506 11.12 19.99 19.77
CA GLN D 506 10.60 21.31 19.42
C GLN D 506 10.11 22.11 20.62
N ASP D 507 9.23 21.54 21.44
CA ASP D 507 8.55 22.31 22.47
C ASP D 507 9.36 22.39 23.77
N ILE D 508 9.83 21.25 24.27
CA ILE D 508 10.58 21.26 25.52
C ILE D 508 11.89 22.02 25.35
N VAL D 509 12.52 21.92 24.19
CA VAL D 509 13.75 22.66 23.93
C VAL D 509 13.46 24.15 23.91
N LEU D 510 12.33 24.55 23.33
CA LEU D 510 11.96 25.97 23.32
C LEU D 510 11.69 26.47 24.74
N GLY D 511 11.01 25.66 25.55
CA GLY D 511 10.76 26.05 26.92
C GLY D 511 12.05 26.19 27.72
N LEU D 512 12.98 25.26 27.55
CA LEU D 512 14.26 25.36 28.25
C LEU D 512 15.07 26.55 27.76
N TYR D 513 14.99 26.88 26.47
CA TYR D 513 15.69 28.05 25.97
C TYR D 513 15.09 29.33 26.54
N TYR D 514 13.76 29.39 26.64
CA TYR D 514 13.12 30.55 27.25
C TYR D 514 13.46 30.65 28.74
N LEU D 515 13.64 29.51 29.41
CA LEU D 515 14.01 29.53 30.82
C LEU D 515 15.47 29.89 31.02
N SER D 516 16.33 29.59 30.05
CA SER D 516 17.76 29.79 30.19
C SER D 516 18.25 31.13 29.64
N VAL D 517 17.44 31.81 28.82
CA VAL D 517 17.84 33.10 28.30
C VAL D 517 17.94 34.09 29.45
N ALA D 518 19.13 34.65 29.65
CA ALA D 518 19.39 35.58 30.73
C ALA D 518 19.62 36.98 30.17
N ARG D 519 19.01 37.97 30.79
CA ARG D 519 19.15 39.36 30.40
C ARG D 519 19.48 40.21 31.62
N ASP D 520 20.41 41.15 31.46
CA ASP D 520 20.85 41.98 32.57
C ASP D 520 19.73 42.88 33.09
N GLY D 521 18.73 43.17 32.27
CA GLY D 521 17.62 44.01 32.70
C GLY D 521 16.35 43.21 32.96
N GLU D 522 15.92 43.16 34.21
CA GLU D 522 14.73 42.43 34.60
C GLU D 522 14.43 42.73 36.06
N PRO D 523 13.19 42.50 36.51
CA PRO D 523 12.87 42.76 37.91
C PRO D 523 13.53 41.74 38.83
N GLY D 524 13.91 42.22 40.01
CA GLY D 524 14.59 41.37 40.97
C GLY D 524 16.02 41.07 40.58
N GLU D 525 16.84 42.12 40.50
CA GLU D 525 18.24 41.98 40.10
C GLU D 525 19.08 41.61 41.32
N GLY D 526 19.74 40.45 41.26
CA GLY D 526 20.59 40.03 42.34
C GLY D 526 19.88 39.78 43.65
N LYS D 527 18.58 39.53 43.62
CA LYS D 527 17.81 39.25 44.83
C LYS D 527 18.06 37.81 45.24
N ILE D 528 18.92 37.62 46.23
CA ILE D 528 19.31 36.27 46.66
C ILE D 528 18.11 35.56 47.24
N PHE D 529 17.92 34.29 46.85
CA PHE D 529 16.82 33.47 47.32
C PHE D 529 17.35 32.33 48.19
N ALA D 530 16.46 31.79 49.02
CA ALA D 530 16.86 30.75 49.95
C ALA D 530 16.91 29.38 49.27
N ASP D 531 15.77 28.90 48.78
CA ASP D 531 15.70 27.58 48.16
C ASP D 531 15.13 27.67 46.75
N LEU D 532 14.91 26.52 46.12
CA LEU D 532 14.31 26.50 44.79
C LEU D 532 12.88 27.02 44.82
N GLY D 533 12.11 26.65 45.85
CA GLY D 533 10.75 27.11 45.96
C GLY D 533 10.62 28.61 46.16
N GLU D 534 11.68 29.25 46.67
CA GLU D 534 11.65 30.70 46.83
C GLU D 534 11.52 31.41 45.49
N ILE D 535 12.16 30.86 44.45
CA ILE D 535 12.10 31.46 43.13
C ILE D 535 10.66 31.48 42.63
N GLU D 536 9.97 30.35 42.72
CA GLU D 536 8.59 30.29 42.27
C GLU D 536 7.67 31.11 43.17
N ALA D 537 7.94 31.15 44.47
CA ALA D 537 7.11 31.95 45.36
C ALA D 537 7.24 33.44 45.05
N ALA D 538 8.43 33.89 44.69
CA ALA D 538 8.62 35.28 44.31
C ALA D 538 8.09 35.56 42.90
N MET D 539 8.17 34.59 42.00
CA MET D 539 7.62 34.78 40.66
C MET D 539 6.10 34.88 40.70
N ASP D 540 5.46 34.12 41.59
CA ASP D 540 4.02 34.23 41.73
C ASP D 540 3.58 35.54 42.37
N ALA D 541 4.51 36.24 43.03
CA ALA D 541 4.22 37.54 43.64
C ALA D 541 4.58 38.70 42.73
N GLY D 542 5.14 38.44 41.55
CA GLY D 542 5.47 39.51 40.62
C GLY D 542 6.70 40.30 40.98
N VAL D 543 7.56 39.79 41.85
CA VAL D 543 8.76 40.51 42.23
C VAL D 543 9.96 40.13 41.36
N VAL D 544 10.04 38.86 40.94
CA VAL D 544 11.13 38.38 40.09
C VAL D 544 10.53 37.81 38.82
N SER D 545 11.12 38.16 37.68
CA SER D 545 10.65 37.67 36.39
C SER D 545 11.33 36.34 36.07
N LEU D 546 11.06 35.83 34.87
CA LEU D 546 11.64 34.58 34.40
C LEU D 546 12.75 34.81 33.37
N HIS D 547 13.33 36.01 33.34
CA HIS D 547 14.41 36.32 32.41
C HIS D 547 15.76 35.81 32.89
N ALA D 548 15.80 35.09 34.00
CA ALA D 548 17.03 34.43 34.48
C ALA D 548 18.13 35.46 34.78
N LYS D 549 17.85 36.34 35.74
CA LYS D 549 18.85 37.32 36.18
C LYS D 549 18.82 37.53 37.69
N ILE D 550 18.49 36.51 38.46
CA ILE D 550 18.41 36.64 39.91
C ILE D 550 19.23 35.54 40.56
N LYS D 551 19.86 35.88 41.68
CA LYS D 551 20.72 34.95 42.41
C LYS D 551 19.93 34.18 43.45
N ALA D 552 20.39 32.98 43.74
CA ALA D 552 19.74 32.11 44.72
C ALA D 552 20.72 30.98 45.08
N ARG D 553 20.23 30.01 45.85
CA ARG D 553 21.04 28.89 46.32
C ARG D 553 20.69 27.63 45.56
N HIS D 554 21.70 26.78 45.35
CA HIS D 554 21.52 25.52 44.64
C HIS D 554 22.75 24.65 44.85
N THR D 555 22.53 23.35 44.99
CA THR D 555 23.61 22.39 45.19
C THR D 555 24.06 21.86 43.84
N GLU D 556 25.34 22.09 43.50
CA GLU D 556 25.87 21.65 42.22
C GLU D 556 26.39 20.21 42.28
N MET D 557 26.98 19.83 43.41
CA MET D 557 27.46 18.46 43.62
C MET D 557 28.58 18.09 42.65
N THR D 558 29.60 18.95 42.59
CA THR D 558 30.76 18.69 41.73
C THR D 558 31.78 17.71 42.34
N PRO D 559 32.20 17.84 43.60
CA PRO D 559 33.29 16.99 44.09
C PRO D 559 32.75 15.64 44.54
N GLU D 560 33.66 14.83 45.10
CA GLU D 560 33.27 13.54 45.64
C GLU D 560 32.36 13.72 46.85
N GLY D 561 31.37 12.84 46.97
CA GLY D 561 30.43 12.94 48.07
C GLY D 561 29.50 14.14 47.91
N VAL D 562 28.75 14.39 48.99
CA VAL D 562 27.79 15.49 48.99
C VAL D 562 28.52 16.82 48.98
N LEU D 563 27.96 17.79 48.26
CA LEU D 563 28.51 19.14 48.17
C LEU D 563 27.61 20.11 48.91
N LEU D 564 28.22 21.08 49.58
CA LEU D 564 27.46 22.07 50.33
C LEU D 564 26.60 22.92 49.40
N ARG D 565 25.55 23.50 49.97
CA ARG D 565 24.62 24.34 49.22
C ARG D 565 25.27 25.71 49.02
N LYS D 566 26.21 25.77 48.08
CA LYS D 566 26.91 27.01 47.81
C LYS D 566 25.99 28.00 47.11
N VAL D 567 26.06 29.26 47.54
CA VAL D 567 25.25 30.32 46.94
C VAL D 567 25.84 30.68 45.59
N ILE D 568 25.24 30.16 44.53
CA ILE D 568 25.74 30.38 43.17
C ILE D 568 25.20 31.70 42.63
N ASP D 569 25.94 32.30 41.71
CA ASP D 569 25.53 33.52 41.03
C ASP D 569 24.68 33.24 39.79
N THR D 570 24.02 32.08 39.76
CA THR D 570 23.27 31.66 38.58
C THR D 570 21.91 32.38 38.55
N THR D 571 21.03 31.92 37.69
CA THR D 571 19.76 32.55 37.40
C THR D 571 18.59 31.71 37.91
N PRO D 572 17.38 32.29 37.96
CA PRO D 572 16.22 31.52 38.43
C PRO D 572 15.71 30.57 37.35
N GLY D 573 15.74 31.02 36.09
CA GLY D 573 15.28 30.18 35.00
C GLY D 573 16.12 28.93 34.84
N ARG D 574 17.45 29.08 34.94
CA ARG D 574 18.33 27.92 34.89
C ARG D 574 18.30 27.09 36.17
N MET D 575 17.68 27.60 37.23
CA MET D 575 17.55 26.81 38.46
C MET D 575 16.38 25.84 38.39
N LYS D 576 15.31 26.20 37.69
CA LYS D 576 14.20 25.28 37.51
C LYS D 576 14.64 24.03 36.74
N ILE D 577 15.55 24.20 35.78
CA ILE D 577 16.11 23.06 35.08
C ILE D 577 17.23 22.43 35.90
N ALA D 578 17.94 23.23 36.71
CA ALA D 578 19.03 22.68 37.50
C ALA D 578 18.50 21.76 38.60
N ALA D 579 17.36 22.10 39.19
CA ALA D 579 16.78 21.24 40.21
C ALA D 579 16.37 19.89 39.64
N LEU D 580 16.03 19.85 38.35
CA LEU D 580 15.66 18.59 37.71
C LEU D 580 16.86 17.71 37.45
N LEU D 581 18.07 18.26 37.47
CA LEU D 581 19.26 17.47 37.23
C LEU D 581 19.57 16.59 38.44
N PRO D 582 19.89 15.33 38.23
CA PRO D 582 20.22 14.46 39.37
C PRO D 582 21.49 14.91 40.08
N HIS D 583 21.58 14.57 41.35
CA HIS D 583 22.74 14.93 42.17
C HIS D 583 23.87 13.94 41.89
N HIS D 584 24.95 14.41 41.27
CA HIS D 584 26.07 13.55 40.91
C HIS D 584 27.26 14.41 40.49
N PRO D 585 28.48 13.99 40.80
CA PRO D 585 29.66 14.75 40.36
C PRO D 585 29.73 14.83 38.85
N GLN D 586 30.45 15.85 38.36
CA GLN D 586 30.65 16.17 36.95
C GLN D 586 29.40 16.74 36.29
N ILE D 587 28.29 16.89 37.02
CA ILE D 587 27.07 17.48 36.49
C ILE D 587 26.49 18.42 37.54
N GLY D 588 25.59 19.27 37.10
CA GLY D 588 24.97 20.25 37.95
C GLY D 588 24.59 21.49 37.15
N HIS D 589 24.65 22.64 37.82
CA HIS D 589 24.31 23.90 37.16
C HIS D 589 25.35 24.32 36.12
N ARG D 590 26.54 23.72 36.13
CA ARG D 590 27.56 24.08 35.15
C ARG D 590 27.10 23.77 33.73
N LEU D 591 26.23 22.77 33.57
CA LEU D 591 25.73 22.44 32.24
C LEU D 591 24.62 23.40 31.82
N ILE D 592 23.80 23.86 32.77
CA ILE D 592 22.69 24.76 32.44
C ILE D 592 23.13 26.20 32.27
N GLU D 593 24.41 26.49 32.52
CA GLU D 593 24.91 27.87 32.38
C GLU D 593 24.82 28.37 30.95
N LYS D 594 24.83 27.48 29.96
CA LYS D 594 24.75 27.86 28.57
C LYS D 594 23.32 28.29 28.23
N ALA D 595 23.06 28.56 26.95
CA ALA D 595 21.73 28.97 26.52
C ALA D 595 20.73 27.83 26.53
N LEU D 596 21.18 26.58 26.66
CA LEU D 596 20.30 25.42 26.73
C LEU D 596 19.49 25.26 25.45
N THR D 597 20.22 25.19 24.34
CA THR D 597 19.61 24.98 23.03
C THR D 597 19.32 23.50 22.84
N LYS D 598 18.97 23.09 21.62
CA LYS D 598 18.70 21.69 21.36
C LYS D 598 19.97 20.85 21.42
N LYS D 599 21.05 21.37 20.84
CA LYS D 599 22.33 20.65 20.94
C LYS D 599 22.82 20.61 22.38
N GLU D 600 22.72 21.73 23.09
CA GLU D 600 23.15 21.75 24.49
C GLU D 600 22.26 20.88 25.36
N ILE D 601 20.96 20.85 25.09
CA ILE D 601 20.07 20.01 25.88
C ILE D 601 20.29 18.54 25.57
N GLY D 602 20.67 18.22 24.33
CA GLY D 602 21.02 16.85 24.02
C GLY D 602 22.31 16.42 24.68
N ASN D 603 23.31 17.31 24.71
CA ASN D 603 24.52 17.04 25.46
C ASN D 603 24.24 16.90 26.94
N LEU D 604 23.23 17.61 27.45
CA LEU D 604 22.87 17.50 28.86
C LEU D 604 22.22 16.15 29.16
N ILE D 605 21.32 15.70 28.28
CA ILE D 605 20.73 14.38 28.46
C ILE D 605 21.77 13.30 28.21
N ASP D 606 22.80 13.61 27.41
CA ASP D 606 23.87 12.65 27.20
C ASP D 606 24.81 12.59 28.39
N ILE D 607 25.13 13.74 28.98
CA ILE D 607 26.03 13.75 30.13
C ILE D 607 25.35 13.15 31.35
N VAL D 608 24.05 13.40 31.52
CA VAL D 608 23.33 12.82 32.64
C VAL D 608 23.25 11.30 32.49
N TYR D 609 23.19 10.81 31.26
CA TYR D 609 23.22 9.37 31.04
C TYR D 609 24.65 8.83 31.02
N ARG D 610 25.61 9.65 30.58
CA ARG D 610 27.00 9.21 30.52
C ARG D 610 27.60 9.07 31.90
N HIS D 611 27.20 9.91 32.85
CA HIS D 611 27.73 9.89 34.21
C HIS D 611 26.79 9.18 35.19
N CYS D 612 25.50 9.50 35.12
CA CYS D 612 24.52 8.89 36.00
C CYS D 612 23.85 7.71 35.31
N GLY D 613 22.91 7.08 36.00
CA GLY D 613 22.25 5.91 35.49
C GLY D 613 21.11 6.23 34.53
N GLN D 614 20.48 5.17 34.03
CA GLN D 614 19.37 5.33 33.11
C GLN D 614 18.07 5.73 33.82
N LYS D 615 17.87 5.26 35.04
CA LYS D 615 16.67 5.63 35.80
C LYS D 615 16.63 7.14 36.04
N ALA D 616 17.73 7.70 36.55
CA ALA D 616 17.78 9.14 36.75
C ALA D 616 17.73 9.90 35.43
N THR D 617 18.32 9.35 34.37
CA THR D 617 18.25 10.01 33.07
C THR D 617 16.83 10.06 32.55
N VAL D 618 16.10 8.95 32.64
CA VAL D 618 14.72 8.93 32.15
C VAL D 618 13.83 9.81 33.03
N ILE D 619 14.09 9.85 34.35
CA ILE D 619 13.26 10.67 35.22
C ILE D 619 13.55 12.16 34.96
N PHE D 620 14.80 12.50 34.65
CA PHE D 620 15.12 13.88 34.32
C PHE D 620 14.51 14.27 32.98
N ALA D 621 14.48 13.34 32.02
CA ALA D 621 13.83 13.61 30.75
C ALA D 621 12.33 13.82 30.93
N ASP D 622 11.71 13.01 31.79
CA ASP D 622 10.28 13.17 32.05
C ASP D 622 10.00 14.49 32.75
N LYS D 623 10.84 14.87 33.73
CA LYS D 623 10.62 16.12 34.44
C LYS D 623 10.83 17.33 33.53
N VAL D 624 11.92 17.32 32.76
CA VAL D 624 12.25 18.47 31.91
C VAL D 624 11.19 18.66 30.82
N MET D 625 10.60 17.57 30.35
CA MET D 625 9.51 17.70 29.37
C MET D 625 8.31 18.40 30.00
N GLY D 626 7.92 17.97 31.20
CA GLY D 626 6.86 18.67 31.90
C GLY D 626 7.24 20.09 32.29
N LEU D 627 8.49 20.29 32.70
CA LEU D 627 8.95 21.62 33.05
C LEU D 627 9.01 22.52 31.82
N GLY D 628 9.59 22.02 30.73
CA GLY D 628 9.63 22.80 29.50
C GLY D 628 8.24 23.08 28.95
N PHE D 629 7.33 22.12 29.09
CA PHE D 629 5.96 22.35 28.64
C PHE D 629 5.26 23.40 29.48
N LYS D 630 5.43 23.35 30.80
CA LYS D 630 4.78 24.32 31.68
C LYS D 630 5.37 25.71 31.51
N GLU D 631 6.66 25.81 31.19
CA GLU D 631 7.30 27.11 31.02
C GLU D 631 7.26 27.61 29.58
N ALA D 632 6.80 26.79 28.64
CA ALA D 632 6.63 27.24 27.26
C ALA D 632 5.23 27.79 27.00
N ALA D 633 4.21 27.16 27.58
CA ALA D 633 2.85 27.67 27.45
C ALA D 633 2.69 28.98 28.21
N LYS D 634 3.28 29.07 29.39
CA LYS D 634 3.22 30.29 30.18
C LYS D 634 4.11 31.39 29.62
N ALA D 635 4.94 31.09 28.64
CA ALA D 635 5.85 32.08 28.06
C ALA D 635 5.22 32.88 26.92
N GLY D 636 4.34 32.25 26.13
CA GLY D 636 3.73 32.95 25.03
C GLY D 636 4.65 33.07 23.82
N ILE D 637 4.99 31.94 23.22
CA ILE D 637 5.96 31.89 22.13
C ILE D 637 5.26 31.93 20.77
N SER D 638 4.05 32.48 20.71
CA SER D 638 3.27 32.49 19.48
C SER D 638 3.99 33.27 18.38
N PHE D 639 3.97 32.72 17.18
CA PHE D 639 4.52 33.40 16.01
C PHE D 639 3.60 34.55 15.59
N GLY D 640 4.21 35.69 15.25
CA GLY D 640 3.45 36.86 14.87
C GLY D 640 4.08 37.56 13.68
N LYS D 641 3.43 38.65 13.25
CA LYS D 641 3.94 39.42 12.14
C LYS D 641 5.27 40.08 12.48
N ASP D 642 5.39 40.65 13.67
CA ASP D 642 6.64 41.26 14.10
C ASP D 642 7.66 40.24 14.59
N ASP D 643 7.28 38.96 14.70
CA ASP D 643 8.23 37.93 15.09
C ASP D 643 9.34 37.81 14.06
N ILE D 644 8.98 37.55 12.81
CA ILE D 644 9.94 37.52 11.70
C ILE D 644 10.18 38.97 11.27
N ILE D 645 11.25 39.56 11.80
CA ILE D 645 11.56 40.96 11.52
C ILE D 645 12.41 41.01 10.25
N ILE D 646 11.88 41.67 9.22
CA ILE D 646 12.66 41.86 8.00
C ILE D 646 13.79 42.85 8.26
N PRO D 647 15.00 42.62 7.74
CA PRO D 647 16.09 43.56 7.99
C PRO D 647 15.81 44.91 7.33
N VAL D 648 15.91 45.97 8.12
CA VAL D 648 15.69 47.31 7.58
C VAL D 648 16.77 47.66 6.56
N ARG D 649 17.98 47.11 6.73
CA ARG D 649 19.05 47.29 5.76
C ARG D 649 19.01 46.22 4.68
N LYS D 650 17.86 46.06 4.06
CA LYS D 650 17.65 45.08 3.00
C LYS D 650 17.33 45.69 1.65
N THR D 651 16.46 46.71 1.63
CA THR D 651 16.12 47.35 0.35
C THR D 651 17.34 48.01 -0.27
N ALA D 652 18.16 48.67 0.54
CA ALA D 652 19.37 49.33 0.02
C ALA D 652 20.36 48.31 -0.53
N ILE D 653 20.58 47.21 0.18
CA ILE D 653 21.51 46.21 -0.30
C ILE D 653 20.98 45.52 -1.54
N VAL D 654 19.66 45.31 -1.63
CA VAL D 654 19.09 44.71 -2.82
C VAL D 654 19.25 45.64 -4.01
N GLU D 655 19.02 46.95 -3.80
CA GLU D 655 19.19 47.91 -4.89
C GLU D 655 20.63 47.97 -5.34
N GLU D 656 21.58 47.98 -4.41
CA GLU D 656 22.99 48.03 -4.79
C GLU D 656 23.41 46.76 -5.51
N THR D 657 22.88 45.60 -5.08
CA THR D 657 23.21 44.36 -5.76
C THR D 657 22.65 44.34 -7.18
N ARG D 658 21.40 44.75 -7.35
CA ARG D 658 20.82 44.77 -8.69
C ARG D 658 21.45 45.84 -9.57
N LYS D 659 22.01 46.90 -8.98
CA LYS D 659 22.75 47.87 -9.78
C LYS D 659 24.12 47.34 -10.18
N LEU D 660 24.79 46.62 -9.28
CA LEU D 660 26.05 45.99 -9.62
C LEU D 660 25.85 44.88 -10.65
N ALA D 661 24.66 44.28 -10.70
CA ALA D 661 24.36 43.28 -11.70
C ALA D 661 24.15 43.86 -13.09
N GLU D 662 24.04 45.19 -13.21
CA GLU D 662 23.83 45.84 -14.50
C GLU D 662 25.05 46.57 -15.03
N GLU D 663 26.04 46.87 -14.19
CA GLU D 663 27.19 47.62 -14.65
C GLU D 663 28.03 46.81 -15.64
N TYR D 664 28.30 45.55 -15.31
CA TYR D 664 29.08 44.70 -16.20
C TYR D 664 28.24 44.10 -17.32
N GLU D 665 26.92 44.12 -17.19
CA GLU D 665 26.03 43.56 -18.21
C GLU D 665 25.90 44.44 -19.44
N GLN D 666 26.37 45.69 -19.38
CA GLN D 666 26.24 46.59 -20.52
C GLN D 666 27.09 46.11 -21.69
N GLN D 667 28.38 45.89 -21.45
CA GLN D 667 29.26 45.43 -22.53
C GLN D 667 28.91 44.02 -22.97
N TYR D 668 28.50 43.17 -22.02
CA TYR D 668 28.11 41.80 -22.34
C TYR D 668 26.76 41.46 -21.73
N ILE D 673 31.85 37.56 -22.94
CA ILE D 673 31.22 36.29 -22.65
C ILE D 673 29.94 36.51 -21.84
N THR D 674 28.88 35.78 -22.20
CA THR D 674 27.62 35.90 -21.49
C THR D 674 27.57 35.00 -20.26
N LYS D 675 28.22 33.83 -20.31
CA LYS D 675 28.21 32.93 -19.17
C LYS D 675 28.97 33.53 -17.99
N GLY D 676 30.11 34.16 -18.26
CA GLY D 676 30.86 34.81 -17.19
C GLY D 676 30.09 35.94 -16.53
N GLU D 677 29.45 36.79 -17.34
CA GLU D 677 28.65 37.87 -16.78
C GLU D 677 27.47 37.32 -15.99
N LYS D 678 26.84 36.24 -16.49
CA LYS D 678 25.73 35.64 -15.77
C LYS D 678 26.19 35.11 -14.42
N TYR D 679 27.28 34.35 -14.40
CA TYR D 679 27.80 33.83 -13.14
C TYR D 679 28.20 34.95 -12.19
N ASN D 680 28.70 36.07 -12.73
CA ASN D 680 28.98 37.22 -11.88
C ASN D 680 27.69 37.83 -11.34
N LYS D 681 26.59 37.70 -12.08
CA LYS D 681 25.31 38.25 -11.65
C LYS D 681 24.45 37.25 -10.89
N VAL D 682 24.84 35.98 -10.84
CA VAL D 682 24.09 34.97 -10.10
C VAL D 682 24.88 34.46 -8.89
N VAL D 683 26.20 34.45 -8.94
CA VAL D 683 27.01 33.95 -7.83
C VAL D 683 27.45 35.12 -6.96
N ASP D 684 28.21 36.05 -7.55
CA ASP D 684 28.71 37.19 -6.79
C ASP D 684 27.65 38.26 -6.57
N ALA D 685 26.56 38.23 -7.33
CA ALA D 685 25.50 39.23 -7.23
C ALA D 685 24.33 38.75 -6.37
N TRP D 686 23.82 37.55 -6.61
CA TRP D 686 22.69 37.01 -5.88
C TRP D 686 23.08 35.87 -4.95
N ALA D 687 23.88 34.91 -5.41
CA ALA D 687 24.42 33.91 -4.51
C ALA D 687 25.29 34.55 -3.45
N LYS D 688 26.03 35.59 -3.82
CA LYS D 688 26.70 36.45 -2.86
C LYS D 688 25.78 37.62 -2.52
N ALA D 689 25.91 38.10 -1.28
CA ALA D 689 25.09 39.14 -0.66
C ALA D 689 23.72 38.62 -0.26
N THR D 690 23.35 37.38 -0.60
CA THR D 690 22.13 36.79 -0.06
C THR D 690 22.37 36.28 1.35
N ASP D 691 23.59 35.87 1.66
CA ASP D 691 23.98 35.63 3.04
C ASP D 691 24.32 36.93 3.77
N ARG D 692 24.71 37.96 3.04
CA ARG D 692 24.91 39.27 3.65
C ARG D 692 23.60 39.84 4.17
N VAL D 693 22.52 39.74 3.37
CA VAL D 693 21.21 40.17 3.85
C VAL D 693 20.73 39.26 4.97
N ALA D 694 20.97 37.95 4.84
CA ALA D 694 20.59 37.03 5.91
C ALA D 694 21.42 37.29 7.17
N ASP D 695 22.71 37.58 7.00
CA ASP D 695 23.54 37.89 8.16
C ASP D 695 23.09 39.18 8.84
N GLU D 696 22.72 40.19 8.05
CA GLU D 696 22.22 41.43 8.63
C GLU D 696 20.89 41.21 9.35
N MET D 697 20.03 40.37 8.78
CA MET D 697 18.78 40.03 9.45
C MET D 697 19.03 39.32 10.77
N MET D 698 19.97 38.36 10.78
CA MET D 698 20.28 37.66 12.01
C MET D 698 20.89 38.59 13.04
N ALA D 699 21.71 39.55 12.60
CA ALA D 699 22.30 40.50 13.54
C ALA D 699 21.25 41.43 14.13
N GLU D 700 20.31 41.90 13.30
CA GLU D 700 19.24 42.75 13.79
C GLU D 700 18.24 41.97 14.65
N LEU D 701 18.17 40.66 14.47
CA LEU D 701 17.28 39.82 15.26
C LEU D 701 17.91 39.39 16.58
N GLN D 702 19.24 39.30 16.64
CA GLN D 702 19.90 38.89 17.87
C GLN D 702 19.92 40.02 18.91
N MET D 703 19.94 41.27 18.46
CA MET D 703 20.02 42.39 19.38
C MET D 703 18.76 42.47 20.25
N LYS D 704 18.96 42.49 21.56
CA LYS D 704 17.86 42.56 22.51
C LYS D 704 17.42 44.00 22.68
N HIS D 705 16.26 44.34 22.14
CA HIS D 705 15.76 45.71 22.23
C HIS D 705 15.42 46.05 23.67
N LYS D 706 15.94 47.18 24.14
CA LYS D 706 15.71 47.65 25.51
C LYS D 706 14.60 48.69 25.50
N ASP D 707 13.58 48.48 26.34
CA ASP D 707 12.48 49.42 26.43
C ASP D 707 12.93 50.71 27.10
N GLU D 708 12.01 51.67 27.20
CA GLU D 708 12.33 52.96 27.81
C GLU D 708 12.61 52.82 29.31
N ASN D 709 12.10 51.77 29.95
CA ASN D 709 12.31 51.56 31.38
C ASN D 709 13.59 50.79 31.68
N GLY D 710 14.51 50.71 30.72
CA GLY D 710 15.77 50.02 30.92
C GLY D 710 15.71 48.51 30.83
N ARG D 711 14.52 47.93 30.68
CA ARG D 711 14.36 46.49 30.59
C ARG D 711 13.99 46.11 29.15
N GLU D 712 14.61 45.05 28.65
CA GLU D 712 14.33 44.60 27.29
C GLU D 712 12.88 44.13 27.17
N LYS D 713 12.28 44.41 26.01
CA LYS D 713 10.88 44.05 25.81
C LYS D 713 10.72 42.54 25.79
N GLU D 714 11.34 41.87 24.81
CA GLU D 714 11.26 40.42 24.68
C GLU D 714 12.13 40.01 23.51
N ILE D 715 12.47 38.72 23.48
CA ILE D 715 13.21 38.14 22.36
C ILE D 715 12.22 37.62 21.33
N ASN D 716 12.61 37.69 20.06
CA ASN D 716 11.72 37.24 18.99
C ASN D 716 11.51 35.73 19.08
N ALA D 717 10.25 35.31 18.95
CA ALA D 717 9.94 33.89 19.06
C ALA D 717 10.59 33.09 17.93
N ILE D 718 10.62 33.66 16.72
CA ILE D 718 11.27 32.97 15.60
C ILE D 718 12.76 32.86 15.83
N TYR D 719 13.38 33.92 16.38
CA TYR D 719 14.80 33.85 16.70
C TYR D 719 15.06 32.85 17.81
N MET D 720 14.15 32.76 18.78
CA MET D 720 14.30 31.76 19.84
C MET D 720 14.22 30.35 19.26
N MET D 721 13.28 30.11 18.35
CA MET D 721 13.17 28.80 17.74
C MET D 721 14.37 28.48 16.86
N ALA D 722 14.97 29.49 16.23
CA ALA D 722 16.14 29.25 15.38
C ALA D 722 17.39 29.00 16.21
N HIS D 723 17.57 29.74 17.30
CA HIS D 723 18.77 29.60 18.11
C HIS D 723 18.72 28.37 19.00
N SER D 724 17.57 28.08 19.60
CA SER D 724 17.45 26.91 20.46
C SER D 724 17.53 25.61 19.67
N GLY D 725 17.26 25.65 18.37
CA GLY D 725 17.32 24.46 17.56
C GLY D 725 16.05 23.65 17.50
N ALA D 726 14.93 24.18 18.01
CA ALA D 726 13.68 23.44 17.97
C ALA D 726 13.20 23.23 16.55
N ARG D 727 12.94 24.31 15.82
CA ARG D 727 12.52 24.21 14.43
C ARG D 727 13.21 25.21 13.50
N GLY D 728 13.95 26.19 14.02
CA GLY D 728 14.57 27.18 13.17
C GLY D 728 15.95 26.77 12.68
N SER D 729 16.49 27.60 11.78
CA SER D 729 17.81 27.37 11.21
C SER D 729 18.17 28.57 10.36
N GLN D 730 19.47 28.72 10.08
CA GLN D 730 19.93 29.86 9.29
C GLN D 730 19.35 29.83 7.89
N ALA D 731 19.35 28.66 7.24
CA ALA D 731 18.77 28.55 5.91
C ALA D 731 17.27 28.82 5.92
N GLN D 732 16.56 28.23 6.89
CA GLN D 732 15.12 28.48 7.00
C GLN D 732 14.84 29.94 7.35
N MET D 733 15.67 30.53 8.20
CA MET D 733 15.50 31.95 8.52
C MET D 733 15.67 32.83 7.28
N LYS D 734 16.69 32.55 6.48
CA LYS D 734 16.90 33.31 5.25
C LYS D 734 15.77 33.10 4.27
N GLN D 735 15.25 31.87 4.19
CA GLN D 735 14.15 31.60 3.27
C GLN D 735 12.85 32.26 3.72
N LEU D 736 12.66 32.42 5.02
CA LEU D 736 11.42 32.98 5.53
C LEU D 736 11.45 34.50 5.52
N GLY D 737 12.52 35.11 6.03
CA GLY D 737 12.59 36.55 6.13
C GLY D 737 13.75 37.17 5.38
N GLY D 738 14.74 36.36 5.02
CA GLY D 738 15.90 36.87 4.32
C GLY D 738 15.67 37.10 2.84
N MET D 739 16.68 36.82 2.03
CA MET D 739 16.59 37.00 0.59
C MET D 739 15.92 35.84 -0.13
N ARG D 740 15.72 34.72 0.56
CA ARG D 740 15.14 33.48 0.02
C ARG D 740 16.09 32.75 -0.90
N GLY D 741 17.30 33.26 -1.14
CA GLY D 741 18.25 32.57 -1.98
C GLY D 741 17.82 32.56 -3.44
N LEU D 742 18.40 31.60 -4.18
CA LEU D 742 18.11 31.41 -5.58
C LEU D 742 17.59 30.00 -5.80
N MET D 743 16.52 29.87 -6.58
CA MET D 743 15.90 28.57 -6.82
C MET D 743 16.76 27.74 -7.77
N ALA D 744 16.41 26.47 -7.88
CA ALA D 744 17.17 25.52 -8.68
C ALA D 744 16.57 25.37 -10.06
N LYS D 745 17.08 24.43 -10.83
CA LYS D 745 16.64 24.14 -12.19
C LYS D 745 16.47 22.63 -12.34
N PRO D 746 15.89 22.18 -13.46
CA PRO D 746 15.74 20.73 -13.64
C PRO D 746 17.07 20.02 -13.78
N SER D 747 18.07 20.66 -14.37
CA SER D 747 19.41 20.09 -14.49
C SER D 747 20.29 20.37 -13.28
N GLY D 748 19.90 21.32 -12.43
CA GLY D 748 20.68 21.67 -11.25
C GLY D 748 21.25 23.07 -11.26
N GLU D 749 21.09 23.81 -12.35
CA GLU D 749 21.63 25.15 -12.43
C GLU D 749 20.84 26.12 -11.55
N ILE D 750 21.51 27.17 -11.11
CA ILE D 750 20.90 28.19 -10.27
C ILE D 750 20.22 29.22 -11.15
N ILE D 751 19.06 29.71 -10.71
CA ILE D 751 18.32 30.69 -11.47
C ILE D 751 19.08 32.01 -11.49
N GLU D 752 19.08 32.68 -12.65
CA GLU D 752 19.81 33.93 -12.80
C GLU D 752 18.93 35.16 -12.55
N THR D 753 17.62 35.03 -12.68
CA THR D 753 16.74 36.17 -12.47
C THR D 753 16.79 36.60 -11.00
N PRO D 754 16.53 37.88 -10.73
CA PRO D 754 16.53 38.35 -9.33
C PRO D 754 15.30 37.85 -8.59
N ILE D 755 15.53 37.21 -7.45
CA ILE D 755 14.47 36.78 -6.55
C ILE D 755 14.74 37.48 -5.21
N VAL D 756 14.14 38.65 -5.04
CA VAL D 756 14.30 39.43 -3.81
C VAL D 756 12.92 39.55 -3.17
N SER D 757 12.59 38.59 -2.30
CA SER D 757 11.37 38.62 -1.51
C SER D 757 11.39 37.46 -0.53
N ASN D 758 10.92 37.71 0.67
CA ASN D 758 10.80 36.69 1.70
C ASN D 758 9.35 36.27 1.86
N PHE D 759 9.15 35.13 2.53
CA PHE D 759 7.80 34.62 2.72
C PHE D 759 6.95 35.55 3.58
N LYS D 760 7.57 36.37 4.42
CA LYS D 760 6.80 37.38 5.15
C LYS D 760 6.21 38.42 4.21
N GLU D 761 6.88 38.69 3.09
CA GLU D 761 6.38 39.59 2.07
C GLU D 761 5.66 38.81 0.98
N GLY D 762 5.01 39.55 0.08
CA GLY D 762 4.27 38.92 -0.99
C GLY D 762 5.14 38.55 -2.18
N LEU D 763 5.27 37.25 -2.43
CA LEU D 763 6.02 36.78 -3.59
C LEU D 763 5.13 36.85 -4.83
N THR D 764 5.68 37.40 -5.92
CA THR D 764 4.91 37.45 -7.16
C THR D 764 4.84 36.04 -7.77
N VAL D 765 4.23 35.96 -8.95
CA VAL D 765 3.95 34.65 -9.53
C VAL D 765 5.23 33.99 -10.01
N GLN D 766 6.14 34.75 -10.62
CA GLN D 766 7.35 34.15 -11.19
C GLN D 766 8.29 33.62 -10.12
N GLU D 767 8.53 34.40 -9.06
CA GLU D 767 9.44 33.96 -8.02
C GLU D 767 8.87 32.76 -7.27
N TYR D 768 7.57 32.76 -7.00
CA TYR D 768 6.98 31.60 -6.34
C TYR D 768 6.98 30.38 -7.26
N PHE D 769 6.81 30.58 -8.56
CA PHE D 769 6.91 29.46 -9.49
C PHE D 769 8.31 28.89 -9.51
N ASN D 770 9.32 29.75 -9.48
CA ASN D 770 10.70 29.25 -9.37
C ASN D 770 10.91 28.53 -8.04
N SER D 771 10.31 29.03 -6.97
CA SER D 771 10.44 28.38 -5.67
C SER D 771 9.82 26.98 -5.69
N THR D 772 8.65 26.84 -6.29
CA THR D 772 8.00 25.54 -6.39
C THR D 772 8.59 24.67 -7.49
N HIS D 773 9.44 25.24 -8.34
CA HIS D 773 10.24 24.47 -9.29
C HIS D 773 11.50 23.92 -8.65
N GLY D 774 12.04 24.64 -7.67
CA GLY D 774 13.22 24.18 -6.97
C GLY D 774 12.91 23.31 -5.76
N ALA D 775 11.72 23.47 -5.19
CA ALA D 775 11.33 22.71 -4.01
C ALA D 775 10.68 21.38 -4.35
N ARG D 776 10.01 21.28 -5.49
CA ARG D 776 9.44 20.00 -5.89
C ARG D 776 10.52 18.97 -6.17
N LYS D 777 11.71 19.40 -6.57
CA LYS D 777 12.83 18.48 -6.74
C LYS D 777 13.20 17.84 -5.40
N GLY D 778 13.38 18.66 -4.36
CA GLY D 778 13.66 18.13 -3.05
C GLY D 778 12.52 17.29 -2.49
N LEU D 779 11.27 17.67 -2.80
CA LEU D 779 10.13 16.89 -2.33
C LEU D 779 10.10 15.52 -2.99
N ALA D 780 10.40 15.44 -4.28
CA ALA D 780 10.49 14.15 -4.95
C ALA D 780 11.68 13.35 -4.41
N ASP D 781 12.78 14.02 -4.10
CA ASP D 781 13.92 13.34 -3.47
C ASP D 781 13.51 12.76 -2.13
N THR D 782 12.64 13.44 -1.40
CA THR D 782 12.13 12.89 -0.14
C THR D 782 11.27 11.66 -0.38
N ALA D 783 10.68 11.54 -1.58
CA ALA D 783 9.87 10.39 -1.93
C ALA D 783 10.54 9.41 -2.88
N LEU D 784 11.56 9.85 -3.62
CA LEU D 784 12.28 8.99 -4.56
C LEU D 784 13.60 8.49 -3.99
N LYS D 785 14.42 9.39 -3.43
CA LYS D 785 15.66 8.97 -2.80
C LYS D 785 15.41 8.13 -1.55
N THR D 786 14.26 8.29 -0.90
CA THR D 786 13.92 7.44 0.23
C THR D 786 13.77 5.99 -0.18
N ALA D 787 13.35 5.74 -1.42
CA ALA D 787 13.31 4.37 -1.93
C ALA D 787 14.71 3.78 -2.00
N ASN D 788 15.68 4.57 -2.49
CA ASN D 788 17.07 4.11 -2.48
C ASN D 788 17.55 3.88 -1.06
N SER D 789 17.10 4.72 -0.11
CA SER D 789 17.47 4.51 1.29
C SER D 789 16.90 3.20 1.81
N GLY D 790 15.65 2.89 1.48
CA GLY D 790 15.08 1.62 1.89
C GLY D 790 15.80 0.44 1.27
N TYR D 791 16.17 0.56 0.00
CA TYR D 791 16.90 -0.52 -0.66
C TYR D 791 18.28 -0.73 -0.02
N LEU D 792 18.97 0.37 0.30
CA LEU D 792 20.27 0.26 0.96
C LEU D 792 20.12 -0.36 2.35
N THR D 793 19.08 0.04 3.09
CA THR D 793 18.85 -0.55 4.41
C THR D 793 18.54 -2.04 4.29
N ARG D 794 17.76 -2.42 3.28
CA ARG D 794 17.46 -3.83 3.08
C ARG D 794 18.72 -4.62 2.73
N ARG D 795 19.59 -4.04 1.92
CA ARG D 795 20.84 -4.72 1.58
C ARG D 795 21.73 -4.85 2.81
N LEU D 796 21.77 -3.83 3.65
CA LEU D 796 22.70 -3.83 4.79
C LEU D 796 22.28 -4.84 5.85
N VAL D 797 20.98 -4.90 6.17
CA VAL D 797 20.53 -5.82 7.22
C VAL D 797 20.65 -7.26 6.75
N ASP D 798 20.60 -7.51 5.44
CA ASP D 798 20.74 -8.85 4.91
C ASP D 798 22.18 -9.22 4.60
N VAL D 799 23.11 -8.28 4.72
CA VAL D 799 24.53 -8.58 4.56
C VAL D 799 25.17 -8.62 5.94
N ALA D 800 24.58 -7.91 6.88
CA ALA D 800 25.09 -7.83 8.25
C ALA D 800 24.29 -8.68 9.22
N GLN D 801 23.35 -9.50 8.73
CA GLN D 801 22.56 -10.33 9.63
C GLN D 801 23.43 -11.35 10.35
N ASP D 802 24.45 -11.89 9.67
CA ASP D 802 25.34 -12.85 10.30
C ASP D 802 26.30 -12.20 11.28
N CYS D 803 26.51 -10.89 11.18
CA CYS D 803 27.41 -10.17 12.09
C CYS D 803 26.70 -10.01 13.44
N ILE D 804 26.75 -11.07 14.23
CA ILE D 804 26.11 -11.11 15.54
C ILE D 804 27.19 -11.32 16.60
N ILE D 805 27.15 -10.50 17.64
CA ILE D 805 28.10 -10.63 18.74
C ILE D 805 27.83 -11.93 19.47
N VAL D 806 28.82 -12.83 19.49
CA VAL D 806 28.71 -14.12 20.14
C VAL D 806 29.80 -14.32 21.18
N GLU D 807 31.05 -13.99 20.83
CA GLU D 807 32.17 -14.14 21.73
C GLU D 807 32.44 -12.83 22.47
N GLU D 808 32.59 -12.92 23.79
CA GLU D 808 32.84 -11.73 24.59
C GLU D 808 34.20 -11.12 24.26
N ASP D 809 35.27 -11.91 24.43
CA ASP D 809 36.63 -11.45 24.18
C ASP D 809 37.34 -12.49 23.33
N CYS D 810 37.76 -12.10 22.13
CA CYS D 810 38.50 -12.97 21.25
C CYS D 810 40.00 -12.89 21.55
N GLY D 811 40.75 -13.86 21.02
CA GLY D 811 42.17 -13.95 21.28
C GLY D 811 43.03 -13.13 20.35
N THR D 812 42.44 -12.14 19.68
CA THR D 812 43.17 -11.31 18.74
C THR D 812 43.73 -10.07 19.45
N THR D 813 44.84 -9.58 18.93
CA THR D 813 45.49 -8.37 19.45
C THR D 813 45.50 -7.22 18.47
N LYS D 814 45.51 -7.49 17.17
CA LYS D 814 45.53 -6.45 16.16
C LYS D 814 44.16 -5.82 16.01
N GLY D 815 44.15 -4.52 15.70
CA GLY D 815 42.91 -3.79 15.51
C GLY D 815 43.09 -2.68 14.51
N ILE D 816 41.96 -2.11 14.09
CA ILE D 816 41.98 -1.02 13.12
C ILE D 816 42.45 0.26 13.80
N THR D 817 43.20 1.08 13.06
CA THR D 817 43.68 2.35 13.56
C THR D 817 42.63 3.43 13.32
N LEU D 818 42.27 4.15 14.39
CA LEU D 818 41.24 5.18 14.34
C LEU D 818 41.90 6.53 14.51
N ARG D 819 41.90 7.33 13.44
CA ARG D 819 42.49 8.66 13.45
C ARG D 819 41.38 9.70 13.29
N ALA D 820 41.45 10.75 14.10
CA ALA D 820 40.46 11.82 14.04
C ALA D 820 40.51 12.51 12.69
N VAL D 821 39.44 12.39 11.90
CA VAL D 821 39.40 13.01 10.59
C VAL D 821 39.42 14.52 10.73
N VAL D 822 40.18 15.18 9.85
CA VAL D 822 40.35 16.63 9.90
C VAL D 822 40.42 17.15 8.47
N GLU D 823 39.75 18.28 8.24
CA GLU D 823 39.79 18.97 6.96
C GLU D 823 40.27 20.40 7.18
N GLY D 824 41.12 20.88 6.27
CA GLY D 824 41.69 22.20 6.41
C GLY D 824 42.63 22.31 7.59
N GLY D 825 42.21 23.01 8.64
CA GLY D 825 43.03 23.18 9.81
C GLY D 825 42.33 22.85 11.11
N ASP D 826 41.08 22.40 11.03
CA ASP D 826 40.29 22.05 12.20
C ASP D 826 39.83 20.61 12.10
N VAL D 827 39.40 20.08 13.25
CA VAL D 827 38.94 18.70 13.34
C VAL D 827 37.48 18.64 12.94
N LEU D 828 37.13 17.66 12.11
CA LEU D 828 35.73 17.46 11.72
C LEU D 828 34.97 16.69 12.78
N VAL D 829 35.59 15.63 13.32
CA VAL D 829 35.02 14.85 14.42
C VAL D 829 36.12 14.63 15.45
N SER D 830 35.77 14.79 16.73
CA SER D 830 36.75 14.64 17.79
C SER D 830 37.22 13.20 17.88
N LEU D 831 38.53 13.02 18.10
CA LEU D 831 39.07 11.68 18.25
C LEU D 831 38.51 10.98 19.48
N GLY D 832 38.21 11.74 20.53
CA GLY D 832 37.61 11.14 21.72
C GLY D 832 36.22 10.58 21.47
N SER D 833 35.52 11.13 20.49
CA SER D 833 34.19 10.64 20.14
C SER D 833 34.24 9.47 19.16
N ARG D 834 35.21 9.47 18.23
CA ARG D 834 35.32 8.36 17.29
C ARG D 834 35.83 7.10 17.98
N VAL D 835 36.74 7.26 18.94
CA VAL D 835 37.29 6.11 19.67
C VAL D 835 36.45 5.73 20.88
N LEU D 836 35.50 6.58 21.29
CA LEU D 836 34.69 6.28 22.46
C LEU D 836 33.82 5.05 22.21
N GLY D 837 33.83 4.12 23.15
CA GLY D 837 33.03 2.91 23.00
C GLY D 837 33.68 1.81 22.21
N ARG D 838 35.01 1.77 22.15
CA ARG D 838 35.73 0.74 21.41
C ARG D 838 36.94 0.31 22.21
N PHE D 839 37.10 -1.00 22.38
CA PHE D 839 38.26 -1.53 23.08
C PHE D 839 39.52 -1.30 22.26
N THR D 840 40.58 -0.82 22.91
CA THR D 840 41.83 -0.59 22.22
C THR D 840 42.56 -1.89 21.94
N ALA D 841 43.30 -1.91 20.83
CA ALA D 841 44.15 -3.06 20.51
C ALA D 841 45.46 -3.00 21.27
N GLU D 842 46.22 -1.92 21.07
CA GLU D 842 47.46 -1.68 21.80
C GLU D 842 47.30 -0.44 22.68
N ASP D 843 48.04 -0.43 23.79
CA ASP D 843 47.96 0.69 24.72
C ASP D 843 48.43 1.98 24.06
N VAL D 844 47.56 2.97 24.00
CA VAL D 844 47.90 4.24 23.38
C VAL D 844 48.91 4.97 24.25
N LYS D 845 49.95 5.52 23.61
CA LYS D 845 51.00 6.25 24.31
C LYS D 845 50.81 7.74 24.08
N ASP D 846 50.73 8.50 25.16
CA ASP D 846 50.58 9.94 25.06
C ASP D 846 51.85 10.54 24.46
N PRO D 847 51.72 11.44 23.48
CA PRO D 847 52.92 12.05 22.90
C PRO D 847 53.64 12.93 23.92
N GLY D 848 54.93 13.17 23.63
CA GLY D 848 55.75 13.97 24.52
C GLY D 848 56.41 13.15 25.60
N THR D 849 55.61 12.63 26.54
CA THR D 849 56.10 11.82 27.63
C THR D 849 55.56 10.40 27.48
N GLY D 850 56.44 9.42 27.70
CA GLY D 850 56.07 8.03 27.58
C GLY D 850 55.25 7.51 28.74
N GLU D 851 54.03 8.01 28.88
CA GLU D 851 53.13 7.61 29.96
C GLU D 851 51.93 6.89 29.37
N LEU D 852 51.63 5.71 29.91
CA LEU D 852 50.49 4.92 29.45
C LEU D 852 49.21 5.58 29.92
N VAL D 853 48.56 6.32 29.02
CA VAL D 853 47.30 6.99 29.37
C VAL D 853 46.14 6.02 29.32
N VAL D 854 46.21 4.99 28.48
CA VAL D 854 45.16 3.99 28.37
C VAL D 854 45.79 2.61 28.30
N PRO D 855 45.28 1.64 29.07
CA PRO D 855 45.84 0.28 28.99
C PRO D 855 45.59 -0.38 27.65
N ALA D 856 46.06 -1.62 27.50
CA ALA D 856 46.06 -2.26 26.18
C ALA D 856 44.69 -2.80 25.79
N ASP D 857 44.07 -3.61 26.65
CA ASP D 857 42.88 -4.37 26.30
C ASP D 857 41.76 -4.10 27.30
N THR D 858 41.51 -2.82 27.58
CA THR D 858 40.43 -2.43 28.47
C THR D 858 39.44 -1.52 27.73
N TYR D 859 38.23 -1.46 28.26
CA TYR D 859 37.18 -0.66 27.66
C TYR D 859 37.52 0.83 27.72
N ILE D 860 37.14 1.54 26.67
CA ILE D 860 37.36 3.00 26.60
C ILE D 860 36.10 3.65 27.15
N ASP D 861 36.11 3.93 28.45
CA ASP D 861 35.00 4.64 29.07
C ASP D 861 35.06 6.12 28.68
N GLU D 862 34.05 6.88 29.11
CA GLU D 862 34.04 8.31 28.83
C GLU D 862 35.20 9.01 29.50
N ASN D 863 35.58 8.56 30.70
CA ASN D 863 36.74 9.12 31.37
C ASN D 863 38.01 8.85 30.60
N ILE D 864 38.14 7.64 30.05
CA ILE D 864 39.32 7.32 29.24
C ILE D 864 39.34 8.16 27.98
N ALA D 865 38.19 8.38 27.36
CA ALA D 865 38.13 9.22 26.16
C ALA D 865 38.51 10.65 26.49
N ASP D 866 38.05 11.17 27.63
CA ASP D 866 38.42 12.53 28.03
C ASP D 866 39.91 12.63 28.32
N ALA D 867 40.48 11.61 28.95
CA ALA D 867 41.91 11.62 29.21
C ALA D 867 42.70 11.56 27.92
N ILE D 868 42.22 10.80 26.94
CA ILE D 868 42.90 10.72 25.65
C ILE D 868 42.82 12.06 24.93
N GLU D 869 41.65 12.69 24.93
CA GLU D 869 41.49 13.98 24.25
C GLU D 869 42.15 15.12 25.01
N ALA D 870 42.51 14.92 26.28
CA ALA D 870 43.19 15.96 27.04
C ALA D 870 44.54 16.31 26.43
N ALA D 871 45.21 15.34 25.83
CA ALA D 871 46.48 15.56 25.16
C ALA D 871 46.34 15.20 23.69
N VAL D 872 46.94 16.03 22.83
CA VAL D 872 46.87 15.79 21.39
C VAL D 872 47.58 14.48 21.08
N VAL D 873 46.87 13.56 20.43
CA VAL D 873 47.40 12.24 20.12
C VAL D 873 46.98 11.85 18.71
N GLN D 874 47.80 11.02 18.08
CA GLN D 874 47.50 10.51 16.75
C GLN D 874 46.50 9.37 16.85
N SER D 875 46.31 8.63 15.76
CA SER D 875 45.38 7.51 15.75
C SER D 875 45.79 6.46 16.77
N VAL D 876 44.80 5.91 17.47
CA VAL D 876 45.01 4.91 18.50
C VAL D 876 44.58 3.55 17.96
N LYS D 877 45.38 2.53 18.27
CA LYS D 877 45.04 1.16 17.86
C LYS D 877 43.77 0.71 18.57
N VAL D 878 42.70 0.53 17.80
CA VAL D 878 41.38 0.21 18.34
C VAL D 878 40.93 -1.13 17.78
N ARG D 879 40.50 -2.02 18.66
CA ARG D 879 39.96 -3.30 18.23
C ARG D 879 38.56 -3.09 17.65
N SER D 880 38.35 -3.50 16.41
CA SER D 880 37.07 -3.37 15.74
C SER D 880 36.59 -4.73 15.26
N VAL D 881 35.38 -4.76 14.70
CA VAL D 881 34.81 -6.00 14.21
C VAL D 881 35.57 -6.53 12.99
N LEU D 882 36.31 -5.64 12.30
CA LEU D 882 37.08 -6.06 11.14
C LEU D 882 38.22 -6.99 11.53
N THR D 883 38.92 -6.67 12.62
CA THR D 883 40.02 -7.48 13.09
C THR D 883 39.57 -8.70 13.90
N CYS D 884 38.27 -8.99 13.90
CA CYS D 884 37.76 -10.12 14.65
C CYS D 884 38.32 -11.43 14.12
N GLU D 885 38.96 -12.21 14.99
CA GLU D 885 39.44 -13.54 14.65
C GLU D 885 38.45 -14.62 15.08
N ALA D 886 37.24 -14.23 15.49
CA ALA D 886 36.23 -15.20 15.88
C ALA D 886 35.78 -16.00 14.67
N LYS D 887 35.56 -17.31 14.88
CA LYS D 887 35.16 -18.18 13.79
C LYS D 887 33.78 -17.82 13.28
N ILE D 888 32.81 -17.68 14.19
CA ILE D 888 31.43 -17.38 13.83
C ILE D 888 31.03 -16.06 14.47
N GLY D 889 30.28 -15.26 13.72
CA GLY D 889 29.79 -13.99 14.24
C GLY D 889 30.90 -12.99 14.50
N VAL D 890 30.58 -12.02 15.36
CA VAL D 890 31.52 -10.97 15.75
C VAL D 890 31.78 -11.12 17.24
N CYS D 891 32.87 -10.50 17.70
CA CYS D 891 33.27 -10.58 19.09
C CYS D 891 32.67 -9.43 19.89
N GLY D 892 33.00 -9.40 21.19
CA GLY D 892 32.49 -8.36 22.07
C GLY D 892 33.53 -7.31 22.39
N ALA D 893 34.78 -7.73 22.50
CA ALA D 893 35.88 -6.80 22.74
C ALA D 893 36.30 -6.04 21.49
N CYS D 894 35.68 -6.32 20.35
CA CYS D 894 35.99 -5.63 19.10
C CYS D 894 34.91 -4.66 18.67
N TYR D 895 33.63 -5.02 18.84
CA TYR D 895 32.56 -4.07 18.55
C TYR D 895 32.61 -2.88 19.49
N GLY D 896 33.10 -3.07 20.70
CA GLY D 896 33.27 -1.98 21.65
C GLY D 896 32.05 -1.82 22.54
N ARG D 897 31.48 -0.62 22.55
CA ARG D 897 30.33 -0.29 23.37
C ARG D 897 29.07 -0.26 22.53
N ASP D 898 28.02 -0.90 23.02
CA ASP D 898 26.72 -0.82 22.34
C ASP D 898 26.24 0.63 22.35
N LEU D 899 25.65 1.05 21.24
CA LEU D 899 25.19 2.42 21.12
C LEU D 899 23.88 2.67 21.86
N ALA D 900 23.26 1.63 22.41
CA ALA D 900 22.01 1.82 23.14
C ALA D 900 22.25 2.58 24.46
N ARG D 901 23.27 2.16 25.21
CA ARG D 901 23.60 2.77 26.48
C ARG D 901 25.11 2.87 26.61
N GLY D 902 25.56 3.40 27.75
CA GLY D 902 26.99 3.54 27.99
C GLY D 902 27.69 2.24 28.29
N THR D 903 26.94 1.20 28.65
CA THR D 903 27.55 -0.08 28.98
C THR D 903 28.15 -0.72 27.73
N PRO D 904 29.16 -1.57 27.89
CA PRO D 904 29.75 -2.24 26.72
C PRO D 904 28.75 -3.17 26.06
N VAL D 905 29.07 -3.56 24.82
CA VAL D 905 28.18 -4.44 24.08
C VAL D 905 28.18 -5.82 24.71
N ASN D 906 27.00 -6.42 24.79
CA ASN D 906 26.82 -7.75 25.36
C ASN D 906 26.60 -8.79 24.26
N ILE D 907 26.99 -10.03 24.56
CA ILE D 907 26.88 -11.10 23.58
C ILE D 907 25.41 -11.38 23.28
N GLY D 908 25.11 -11.55 21.99
CA GLY D 908 23.75 -11.81 21.52
C GLY D 908 23.13 -10.68 20.74
N GLU D 909 23.59 -9.45 20.92
CA GLU D 909 23.05 -8.33 20.17
C GLU D 909 23.29 -8.51 18.67
N ALA D 910 22.27 -8.18 17.87
CA ALA D 910 22.41 -8.18 16.42
C ALA D 910 23.22 -6.94 16.04
N VAL D 911 24.54 -7.08 16.12
CA VAL D 911 25.43 -5.96 15.82
C VAL D 911 25.28 -5.54 14.36
N GLY D 912 25.23 -6.52 13.45
CA GLY D 912 25.08 -6.20 12.05
C GLY D 912 23.77 -5.52 11.73
N VAL D 913 22.67 -6.00 12.33
CA VAL D 913 21.37 -5.39 12.09
C VAL D 913 21.32 -3.99 12.67
N ILE D 914 21.92 -3.78 13.85
CA ILE D 914 21.96 -2.46 14.45
C ILE D 914 22.75 -1.51 13.56
N ALA D 915 23.89 -1.97 13.02
CA ALA D 915 24.69 -1.13 12.15
C ALA D 915 23.96 -0.82 10.85
N ALA D 916 23.26 -1.80 10.29
CA ALA D 916 22.50 -1.57 9.07
C ALA D 916 21.40 -0.54 9.30
N GLN D 917 20.71 -0.64 10.43
CA GLN D 917 19.68 0.35 10.74
C GLN D 917 20.29 1.73 10.96
N SER D 918 21.44 1.79 11.63
CA SER D 918 22.09 3.08 11.85
C SER D 918 22.57 3.69 10.54
N ILE D 919 22.93 2.86 9.56
CA ILE D 919 23.35 3.40 8.27
C ILE D 919 22.15 3.79 7.43
N GLY D 920 21.01 3.10 7.59
CA GLY D 920 19.81 3.44 6.84
C GLY D 920 19.03 4.60 7.42
N GLU D 921 19.23 4.91 8.70
CA GLU D 921 18.55 6.05 9.29
C GLU D 921 18.88 7.38 8.64
N PRO D 922 20.15 7.70 8.33
CA PRO D 922 20.43 8.95 7.59
C PRO D 922 19.77 9.03 6.23
N GLY D 923 19.34 7.93 5.66
CA GLY D 923 18.55 7.95 4.44
C GLY D 923 17.27 8.73 4.61
N THR D 924 16.64 9.03 3.47
CA THR D 924 15.44 9.86 3.32
C THR D 924 15.77 11.33 3.48
N GLN D 925 17.00 11.70 3.83
CA GLN D 925 17.40 13.09 3.92
C GLN D 925 18.79 13.31 3.33
N LEU D 926 19.31 12.35 2.58
CA LEU D 926 20.62 12.47 1.96
C LEU D 926 20.50 13.16 0.61
N THR D 927 21.64 13.27 -0.09
CA THR D 927 21.70 13.91 -1.40
C THR D 927 21.28 15.38 -1.32
N ILE D 1125 23.97 9.93 -9.44
CA ILE D 1125 24.97 10.91 -9.06
C ILE D 1125 25.89 10.32 -7.98
N THR D 1126 26.63 11.19 -7.31
CA THR D 1126 27.53 10.79 -6.22
C THR D 1126 27.30 11.58 -4.96
N GLY D 1127 26.14 12.23 -4.82
CA GLY D 1127 25.88 13.07 -3.68
C GLY D 1127 25.17 12.37 -2.52
N GLY D 1128 25.94 11.91 -1.54
CA GLY D 1128 25.39 11.40 -0.30
C GLY D 1128 24.87 9.99 -0.36
N LEU D 1129 23.68 9.80 -0.91
CA LEU D 1129 23.04 8.49 -0.95
C LEU D 1129 23.58 7.62 -2.08
N PRO D 1130 23.63 8.13 -3.33
CA PRO D 1130 24.20 7.31 -4.40
C PRO D 1130 25.66 6.95 -4.17
N ARG D 1131 26.44 7.86 -3.57
CA ARG D 1131 27.83 7.54 -3.28
C ARG D 1131 27.94 6.45 -2.23
N VAL D 1132 27.09 6.49 -1.20
CA VAL D 1132 27.10 5.44 -0.19
C VAL D 1132 26.68 4.12 -0.79
N ALA D 1133 25.69 4.13 -1.68
CA ALA D 1133 25.26 2.89 -2.32
C ALA D 1133 26.36 2.34 -3.23
N GLU D 1134 27.11 3.22 -3.89
CA GLU D 1134 28.20 2.77 -4.75
C GLU D 1134 29.35 2.21 -3.93
N LEU D 1135 29.65 2.82 -2.78
CA LEU D 1135 30.76 2.36 -1.95
C LEU D 1135 30.42 1.05 -1.25
N PHE D 1136 29.16 0.90 -0.81
CA PHE D 1136 28.77 -0.34 -0.15
C PHE D 1136 28.71 -1.50 -1.14
N GLU D 1137 28.19 -1.25 -2.34
CA GLU D 1137 28.15 -2.28 -3.36
C GLU D 1137 29.51 -2.52 -4.00
N ALA D 1138 30.49 -1.65 -3.76
CA ALA D 1138 31.88 -1.86 -4.19
C ALA D 1138 32.00 -1.87 -5.71
N ARG D 1139 31.17 -1.08 -6.40
CA ARG D 1139 31.24 -1.04 -7.85
C ARG D 1139 32.39 -0.14 -8.30
N ARG D 1140 32.85 -0.38 -9.51
CA ARG D 1140 33.89 0.44 -10.10
C ARG D 1140 33.32 1.79 -10.49
N PRO D 1141 33.86 2.90 -9.98
CA PRO D 1141 33.30 4.23 -10.32
C PRO D 1141 33.44 4.56 -11.80
N LYS D 1142 32.89 5.70 -12.21
CA LYS D 1142 32.97 6.09 -13.61
C LYS D 1142 34.42 6.32 -14.05
N ASP D 1143 35.27 6.75 -13.13
CA ASP D 1143 36.70 6.94 -13.38
C ASP D 1143 37.44 5.94 -12.49
N CYS D 1144 37.66 4.74 -13.03
CA CYS D 1144 38.32 3.69 -12.26
C CYS D 1144 39.78 4.07 -12.02
N ALA D 1145 40.15 4.21 -10.75
CA ALA D 1145 41.52 4.52 -10.37
C ALA D 1145 42.34 3.25 -10.28
N VAL D 1146 43.61 3.34 -10.68
CA VAL D 1146 44.53 2.22 -10.64
C VAL D 1146 45.63 2.52 -9.64
N ILE D 1147 45.77 1.65 -8.63
CA ILE D 1147 46.80 1.85 -7.62
C ILE D 1147 48.17 1.53 -8.21
N ALA D 1148 49.21 2.14 -7.65
CA ALA D 1148 50.55 1.99 -8.20
C ALA D 1148 51.20 0.69 -7.76
N GLU D 1149 51.42 0.53 -6.44
CA GLU D 1149 52.08 -0.62 -5.82
C GLU D 1149 53.58 -0.64 -6.09
N MET D 1150 54.11 0.29 -6.89
CA MET D 1150 55.53 0.33 -7.19
C MET D 1150 56.24 1.26 -6.22
N ASP D 1151 57.51 0.93 -5.94
CA ASP D 1151 58.33 1.71 -5.04
C ASP D 1151 59.52 2.27 -5.81
N GLY D 1152 59.75 3.58 -5.68
CA GLY D 1152 60.88 4.20 -6.34
C GLY D 1152 60.59 4.47 -7.79
N ARG D 1153 61.52 4.10 -8.66
CA ARG D 1153 61.38 4.38 -10.08
C ARG D 1153 60.24 3.56 -10.69
N VAL D 1154 59.67 4.10 -11.76
CA VAL D 1154 58.60 3.44 -12.51
C VAL D 1154 58.95 3.47 -13.98
N GLU D 1155 58.84 2.33 -14.66
CA GLU D 1155 59.18 2.22 -16.06
C GLU D 1155 57.94 2.37 -16.92
N PHE D 1156 58.08 2.11 -18.22
CA PHE D 1156 56.98 2.19 -19.18
C PHE D 1156 56.41 0.80 -19.43
N GLY D 1157 55.11 0.76 -19.73
CA GLY D 1157 54.43 -0.49 -20.00
C GLY D 1157 54.82 -1.10 -21.33
N LYS D 1158 54.00 -2.04 -21.82
CA LYS D 1158 54.28 -2.69 -23.08
C LYS D 1158 54.19 -1.69 -24.24
N ASP D 1159 54.64 -2.14 -25.41
CA ASP D 1159 54.69 -1.30 -26.60
C ASP D 1159 53.41 -1.48 -27.40
N TYR D 1160 52.60 -0.43 -27.48
CA TYR D 1160 51.39 -0.39 -28.30
C TYR D 1160 50.40 -1.47 -27.87
N LYS D 1161 49.94 -1.35 -26.62
CA LYS D 1161 48.89 -2.22 -26.10
C LYS D 1161 47.70 -1.42 -25.60
N ASN D 1162 47.57 -0.16 -26.04
CA ASN D 1162 46.47 0.76 -25.79
C ASN D 1162 46.51 1.34 -24.37
N LYS D 1163 47.40 0.88 -23.49
CA LYS D 1163 47.47 1.41 -22.13
C LYS D 1163 48.66 0.80 -21.40
N ARG D 1164 49.19 1.52 -20.40
CA ARG D 1164 50.25 1.01 -19.54
C ARG D 1164 49.60 0.26 -18.39
N ARG D 1165 49.48 -1.06 -18.53
CA ARG D 1165 48.80 -1.86 -17.52
C ARG D 1165 49.54 -1.82 -16.19
N ILE D 1166 50.77 -2.31 -16.16
CA ILE D 1166 51.55 -2.36 -14.93
C ILE D 1166 53.01 -2.53 -15.30
N LYS D 1167 53.89 -2.01 -14.45
CA LYS D 1167 55.34 -2.12 -14.63
C LYS D 1167 55.94 -2.86 -13.45
N ILE D 1168 56.71 -3.90 -13.75
CA ILE D 1168 57.34 -4.74 -12.73
C ILE D 1168 58.82 -4.44 -12.72
N THR D 1169 59.34 -4.03 -11.56
CA THR D 1169 60.76 -3.72 -11.38
C THR D 1169 61.22 -4.30 -10.05
N PRO D 1170 61.34 -5.63 -9.97
CA PRO D 1170 61.80 -6.25 -8.72
C PRO D 1170 63.26 -5.97 -8.46
N ASP D 1171 63.58 -5.73 -7.20
CA ASP D 1171 64.96 -5.45 -6.79
C ASP D 1171 65.20 -5.85 -5.34
N LYS D 1190 46.13 6.48 -22.18
CA LYS D 1190 45.08 7.23 -21.50
C LYS D 1190 45.69 8.31 -20.60
N HIS D 1191 44.88 8.84 -19.68
CA HIS D 1191 45.35 9.86 -18.77
C HIS D 1191 46.32 9.27 -17.75
N ILE D 1192 47.49 9.89 -17.61
CA ILE D 1192 48.51 9.42 -16.70
C ILE D 1192 48.91 10.58 -15.79
N ALA D 1193 49.22 10.23 -14.54
CA ALA D 1193 49.62 11.23 -13.54
C ALA D 1193 51.04 11.02 -13.04
N VAL D 1194 51.81 10.12 -13.64
CA VAL D 1194 53.18 9.85 -13.24
C VAL D 1194 54.08 10.01 -14.46
N HIS D 1195 55.38 10.11 -14.20
CA HIS D 1195 56.38 10.28 -15.24
C HIS D 1195 56.98 8.93 -15.60
N ASP D 1196 58.03 8.95 -16.43
CA ASP D 1196 58.69 7.73 -16.89
C ASP D 1196 59.95 7.41 -16.11
N GLY D 1197 60.47 8.34 -15.31
CA GLY D 1197 61.68 8.10 -14.55
C GLY D 1197 61.61 8.61 -13.13
N ASP D 1198 60.48 9.19 -12.75
CA ASP D 1198 60.31 9.72 -11.41
C ASP D 1198 60.18 8.59 -10.40
N TYR D 1199 60.59 8.87 -9.17
CA TYR D 1199 60.50 7.89 -8.08
C TYR D 1199 59.10 7.91 -7.50
N ILE D 1200 58.31 6.89 -7.80
CA ILE D 1200 56.93 6.78 -7.35
C ILE D 1200 56.88 5.89 -6.12
N THR D 1201 56.05 6.27 -5.16
CA THR D 1201 55.84 5.51 -3.93
C THR D 1201 54.45 4.91 -3.92
N LYS D 1202 54.34 3.72 -3.34
CA LYS D 1202 53.05 3.04 -3.27
C LYS D 1202 52.05 3.87 -2.47
N GLY D 1203 50.84 4.00 -3.01
CA GLY D 1203 49.81 4.78 -2.36
C GLY D 1203 49.24 5.87 -3.26
N GLU D 1204 50.09 6.50 -4.05
CA GLU D 1204 49.68 7.54 -4.99
C GLU D 1204 49.24 6.87 -6.29
N TYR D 1205 47.95 6.92 -6.58
CA TYR D 1205 47.38 6.26 -7.74
C TYR D 1205 46.87 7.30 -8.74
N ILE D 1206 47.04 7.01 -10.02
CA ILE D 1206 46.70 7.94 -11.09
C ILE D 1206 45.18 7.95 -11.25
N ILE D 1207 44.54 9.06 -10.89
CA ILE D 1207 43.10 9.21 -11.02
C ILE D 1207 42.76 10.68 -10.85
N ASP D 1208 41.63 11.09 -11.43
CA ASP D 1208 41.06 12.40 -11.20
C ASP D 1208 40.04 12.41 -10.06
N GLY D 1209 39.96 11.32 -9.30
CA GLY D 1209 39.03 11.20 -8.20
C GLY D 1209 38.22 9.93 -8.27
N ASN D 1210 37.52 9.65 -7.18
CA ASN D 1210 36.66 8.49 -7.06
C ASN D 1210 37.46 7.19 -7.23
N PRO D 1211 38.29 6.83 -6.26
CA PRO D 1211 39.05 5.57 -6.37
C PRO D 1211 38.15 4.35 -6.32
N ASP D 1212 38.74 3.16 -6.48
CA ASP D 1212 37.99 1.91 -6.52
C ASP D 1212 38.36 1.05 -5.32
N PRO D 1213 37.37 0.59 -4.55
CA PRO D 1213 37.70 -0.28 -3.40
C PRO D 1213 38.24 -1.64 -3.80
N HIS D 1214 37.79 -2.18 -4.93
CA HIS D 1214 38.31 -3.46 -5.39
C HIS D 1214 39.82 -3.37 -5.65
N ASP D 1215 40.25 -2.32 -6.36
CA ASP D 1215 41.67 -2.10 -6.57
C ASP D 1215 42.38 -1.81 -5.25
N ILE D 1216 41.69 -1.16 -4.30
CA ILE D 1216 42.29 -0.87 -3.01
C ILE D 1216 42.60 -2.16 -2.27
N LEU D 1217 41.73 -3.16 -2.38
CA LEU D 1217 41.99 -4.44 -1.74
C LEU D 1217 43.01 -5.26 -2.51
N ARG D 1218 42.95 -5.21 -3.85
CA ARG D 1218 43.89 -5.99 -4.65
C ARG D 1218 45.32 -5.49 -4.48
N ILE D 1219 45.50 -4.19 -4.29
CA ILE D 1219 46.83 -3.60 -4.14
C ILE D 1219 47.15 -3.31 -2.69
N LEU D 1220 46.28 -2.58 -2.00
CA LEU D 1220 46.51 -2.18 -0.62
C LEU D 1220 45.82 -3.16 0.32
N GLY D 1221 46.14 -3.04 1.61
CA GLY D 1221 45.63 -3.96 2.60
C GLY D 1221 44.13 -3.85 2.80
N VAL D 1222 43.61 -4.78 3.61
CA VAL D 1222 42.18 -4.80 3.90
C VAL D 1222 41.83 -3.72 4.92
N GLU D 1223 42.69 -3.51 5.91
CA GLU D 1223 42.46 -2.43 6.87
C GLU D 1223 42.47 -1.07 6.19
N ALA D 1224 43.29 -0.89 5.16
CA ALA D 1224 43.28 0.36 4.43
C ALA D 1224 41.98 0.58 3.68
N LEU D 1225 41.46 -0.48 3.05
CA LEU D 1225 40.15 -0.37 2.39
C LEU D 1225 39.06 -0.07 3.39
N ALA D 1226 39.12 -0.71 4.57
CA ALA D 1226 38.12 -0.46 5.60
C ALA D 1226 38.17 0.99 6.07
N ASN D 1227 39.38 1.51 6.30
CA ASN D 1227 39.52 2.91 6.71
C ASN D 1227 39.02 3.84 5.62
N PHE D 1228 39.31 3.53 4.36
CA PHE D 1228 38.83 4.37 3.26
C PHE D 1228 37.31 4.39 3.21
N LEU D 1229 36.68 3.22 3.31
CA LEU D 1229 35.22 3.14 3.29
C LEU D 1229 34.61 3.89 4.47
N VAL D 1230 35.20 3.74 5.65
CA VAL D 1230 34.67 4.42 6.84
C VAL D 1230 34.80 5.93 6.70
N ASP D 1231 35.96 6.40 6.24
CA ASP D 1231 36.14 7.85 6.07
C ASP D 1231 35.21 8.40 4.99
N GLU D 1232 34.98 7.63 3.92
CA GLU D 1232 34.07 8.10 2.88
C GLU D 1232 32.64 8.19 3.39
N ILE D 1233 32.19 7.15 4.11
CA ILE D 1233 30.83 7.17 4.64
C ILE D 1233 30.67 8.29 5.65
N GLN D 1234 31.71 8.52 6.48
CA GLN D 1234 31.63 9.60 7.46
C GLN D 1234 31.60 10.96 6.78
N GLU D 1235 32.40 11.15 5.72
CA GLU D 1235 32.38 12.41 4.99
C GLU D 1235 31.02 12.64 4.34
N VAL D 1236 30.41 11.58 3.80
CA VAL D 1236 29.09 11.71 3.20
C VAL D 1236 28.06 12.10 4.26
N TYR D 1237 28.05 11.39 5.39
CA TYR D 1237 27.07 11.67 6.44
C TYR D 1237 27.31 13.01 7.10
N ARG D 1238 28.53 13.54 7.06
CA ARG D 1238 28.79 14.87 7.60
C ARG D 1238 28.40 15.96 6.61
N LEU D 1239 28.61 15.71 5.31
CA LEU D 1239 28.12 16.64 4.30
C LEU D 1239 26.60 16.70 4.30
N GLN D 1240 25.94 15.60 4.66
CA GLN D 1240 24.50 15.62 4.80
C GLN D 1240 24.06 16.05 6.20
N GLY D 1241 24.82 15.69 7.23
CA GLY D 1241 24.56 16.13 8.58
C GLY D 1241 24.08 15.08 9.55
N VAL D 1242 24.06 13.80 9.16
CA VAL D 1242 23.61 12.74 10.05
C VAL D 1242 24.82 12.00 10.60
N PRO D 1243 25.26 12.29 11.83
CA PRO D 1243 26.43 11.60 12.37
C PRO D 1243 26.12 10.15 12.69
N ILE D 1244 26.94 9.25 12.15
CA ILE D 1244 26.80 7.81 12.36
C ILE D 1244 28.11 7.28 12.94
N ASN D 1245 28.00 6.35 13.88
CA ASN D 1245 29.18 5.78 14.51
C ASN D 1245 30.01 4.98 13.49
N ASP D 1246 31.31 4.90 13.75
CA ASP D 1246 32.20 4.21 12.82
C ASP D 1246 31.99 2.71 12.84
N LYS D 1247 31.71 2.14 14.02
CA LYS D 1247 31.55 0.71 14.14
C LYS D 1247 30.37 0.20 13.32
N HIS D 1248 29.33 1.02 13.15
CA HIS D 1248 28.21 0.63 12.31
C HIS D 1248 28.63 0.44 10.86
N ILE D 1249 29.62 1.21 10.41
CA ILE D 1249 30.18 0.97 9.08
C ILE D 1249 31.22 -0.15 9.13
N GLU D 1250 31.88 -0.32 10.27
CA GLU D 1250 32.90 -1.36 10.39
C GLU D 1250 32.29 -2.75 10.25
N THR D 1251 31.14 -2.99 10.87
CA THR D 1251 30.50 -4.30 10.76
C THR D 1251 30.05 -4.56 9.33
N ILE D 1252 29.53 -3.55 8.65
CA ILE D 1252 29.14 -3.73 7.25
C ILE D 1252 30.35 -4.03 6.38
N VAL D 1253 31.46 -3.33 6.62
CA VAL D 1253 32.67 -3.58 5.84
C VAL D 1253 33.20 -4.97 6.12
N ARG D 1254 33.07 -5.45 7.36
CA ARG D 1254 33.49 -6.81 7.68
C ARG D 1254 32.61 -7.84 6.98
N GLN D 1255 31.29 -7.60 6.98
CA GLN D 1255 30.38 -8.51 6.29
C GLN D 1255 30.63 -8.50 4.78
N MET D 1256 31.10 -7.39 4.24
CA MET D 1256 31.48 -7.33 2.83
C MET D 1256 32.79 -8.06 2.55
N LEU D 1257 33.56 -8.38 3.58
CA LEU D 1257 34.84 -9.07 3.42
C LEU D 1257 34.78 -10.52 3.87
N GLN D 1258 33.59 -11.13 3.83
CA GLN D 1258 33.44 -12.53 4.22
C GLN D 1258 33.93 -13.51 3.16
N LYS D 1259 34.29 -13.02 1.98
CA LYS D 1259 34.77 -13.86 0.90
C LYS D 1259 36.25 -13.62 0.66
N VAL D 1260 36.97 -14.70 0.32
CA VAL D 1260 38.41 -14.63 0.07
C VAL D 1260 38.71 -15.47 -1.16
N GLU D 1261 39.42 -14.87 -2.12
CA GLU D 1261 39.81 -15.59 -3.33
C GLU D 1261 40.85 -16.66 -2.98
N ILE D 1262 40.55 -17.90 -3.35
CA ILE D 1262 41.41 -19.03 -3.02
C ILE D 1262 42.47 -19.16 -4.12
N LEU D 1263 43.70 -18.79 -3.79
CA LEU D 1263 44.83 -18.93 -4.71
C LEU D 1263 45.65 -20.18 -4.42
N GLU D 1264 45.02 -21.22 -3.90
CA GLU D 1264 45.73 -22.44 -3.55
C GLU D 1264 46.16 -23.17 -4.82
N PRO D 1265 47.46 -23.42 -5.02
CA PRO D 1265 47.88 -24.13 -6.23
C PRO D 1265 47.46 -25.59 -6.25
N GLY D 1266 47.32 -26.23 -5.10
CA GLY D 1266 46.93 -27.62 -5.04
C GLY D 1266 45.93 -27.84 -3.92
N ASP D 1267 45.25 -28.99 -4.00
CA ASP D 1267 44.24 -29.45 -3.05
C ASP D 1267 42.91 -28.71 -3.18
N THR D 1268 42.82 -27.71 -4.06
CA THR D 1268 41.57 -26.98 -4.27
C THR D 1268 41.67 -26.23 -5.59
N GLY D 1269 40.73 -26.51 -6.50
CA GLY D 1269 40.71 -25.89 -7.80
C GLY D 1269 39.86 -24.64 -7.90
N LEU D 1270 39.41 -24.09 -6.77
CA LEU D 1270 38.58 -22.90 -6.77
C LEU D 1270 39.47 -21.67 -6.62
N ILE D 1271 39.42 -20.79 -7.62
CA ILE D 1271 40.19 -19.55 -7.60
C ILE D 1271 39.32 -18.32 -7.32
N LYS D 1272 38.02 -18.39 -7.60
CA LYS D 1272 37.14 -17.26 -7.37
C LYS D 1272 36.92 -17.05 -5.87
N GLY D 1273 36.07 -16.08 -5.54
CA GLY D 1273 35.80 -15.79 -4.15
C GLY D 1273 35.14 -16.94 -3.43
N ASP D 1274 35.36 -17.01 -2.12
CA ASP D 1274 34.82 -18.08 -1.30
C ASP D 1274 34.69 -17.59 0.14
N HIS D 1275 33.68 -18.13 0.83
CA HIS D 1275 33.45 -17.76 2.22
C HIS D 1275 34.67 -18.11 3.08
N LEU D 1276 34.92 -17.28 4.10
CA LEU D 1276 36.12 -17.44 4.92
C LEU D 1276 36.11 -18.76 5.69
N ASP D 1277 34.92 -19.30 5.98
CA ASP D 1277 34.85 -20.57 6.70
C ASP D 1277 35.51 -21.71 5.93
N LYS D 1278 35.52 -21.62 4.59
CA LYS D 1278 36.20 -22.63 3.81
C LYS D 1278 37.71 -22.62 4.06
N PRO D 1279 38.42 -21.49 3.93
CA PRO D 1279 39.83 -21.47 4.34
C PRO D 1279 40.03 -21.78 5.81
N GLU D 1280 39.06 -21.45 6.67
CA GLU D 1280 39.15 -21.88 8.07
C GLU D 1280 39.13 -23.40 8.18
N PHE D 1281 38.42 -24.07 7.28
CA PHE D 1281 38.34 -25.53 7.28
C PHE D 1281 39.20 -26.19 6.21
N ASP D 1282 39.21 -25.65 4.99
CA ASP D 1282 39.98 -26.27 3.92
C ASP D 1282 41.48 -26.14 4.17
N LYS D 1283 41.94 -24.94 4.56
CA LYS D 1283 43.37 -24.75 4.80
C LYS D 1283 43.86 -25.55 6.00
N GLU D 1284 42.95 -25.88 6.94
CA GLU D 1284 43.35 -26.73 8.05
C GLU D 1284 43.38 -28.20 7.67
N GLN D 1285 42.54 -28.62 6.73
CA GLN D 1285 42.54 -30.02 6.30
C GLN D 1285 43.71 -30.34 5.39
N GLU D 1286 44.16 -29.37 4.58
CA GLU D 1286 45.31 -29.63 3.70
C GLU D 1286 46.59 -29.85 4.49
N LYS D 1287 46.72 -29.20 5.65
CA LYS D 1287 47.92 -29.37 6.46
C LYS D 1287 48.03 -30.76 7.06
N ALA D 1288 46.92 -31.47 7.20
CA ALA D 1288 46.92 -32.83 7.72
C ALA D 1288 47.23 -33.88 6.65
N ILE D 1289 47.57 -33.45 5.44
CA ILE D 1289 47.90 -34.37 4.36
C ILE D 1289 49.30 -34.14 3.79
N ALA D 1290 49.86 -32.95 3.91
CA ALA D 1290 51.19 -32.66 3.39
C ALA D 1290 52.26 -33.02 4.41
N ARG D 1294 50.96 -29.19 0.53
CA ARG D 1294 51.18 -27.89 -0.10
C ARG D 1294 50.54 -26.78 0.70
N PRO D 1295 51.34 -25.78 1.08
CA PRO D 1295 50.80 -24.65 1.84
C PRO D 1295 49.76 -23.89 1.04
N ALA D 1296 48.69 -23.48 1.71
CA ALA D 1296 47.58 -22.77 1.09
C ALA D 1296 47.56 -21.32 1.54
N VAL D 1297 47.33 -20.41 0.60
CA VAL D 1297 47.25 -18.98 0.88
C VAL D 1297 46.09 -18.41 0.07
N THR D 1298 45.36 -17.48 0.68
CA THR D 1298 44.19 -16.87 0.05
C THR D 1298 44.16 -15.39 0.38
N GLN D 1299 44.01 -14.56 -0.64
CA GLN D 1299 43.91 -13.12 -0.37
C GLN D 1299 42.45 -12.71 -0.22
N PRO D 1300 42.14 -11.88 0.77
CA PRO D 1300 40.75 -11.49 0.98
C PRO D 1300 40.22 -10.63 -0.15
N VAL D 1301 39.00 -10.92 -0.59
CA VAL D 1301 38.33 -10.19 -1.66
C VAL D 1301 37.14 -9.46 -1.06
N LEU D 1302 36.86 -8.28 -1.57
CA LEU D 1302 35.76 -7.44 -1.10
C LEU D 1302 34.64 -7.43 -2.13
N LEU D 1303 33.45 -7.81 -1.71
CA LEU D 1303 32.27 -7.82 -2.56
C LEU D 1303 31.19 -6.92 -1.98
N GLY D 1304 30.37 -6.36 -2.86
CA GLY D 1304 29.33 -5.45 -2.45
C GLY D 1304 28.31 -6.11 -1.54
N ILE D 1305 27.48 -5.27 -0.92
CA ILE D 1305 26.44 -5.77 -0.03
C ILE D 1305 25.42 -6.60 -0.79
N THR D 1306 25.19 -6.26 -2.06
CA THR D 1306 24.26 -7.05 -2.87
C THR D 1306 24.87 -8.39 -3.26
N LYS D 1307 26.19 -8.46 -3.38
CA LYS D 1307 26.87 -9.70 -3.76
C LYS D 1307 27.23 -10.57 -2.57
N ALA D 1308 26.83 -10.17 -1.35
CA ALA D 1308 27.10 -10.99 -0.19
C ALA D 1308 26.31 -12.30 -0.23
N SER D 1309 25.06 -12.24 -0.69
CA SER D 1309 24.23 -13.42 -0.80
C SER D 1309 24.63 -14.31 -1.96
N LEU D 1310 25.47 -13.83 -2.89
CA LEU D 1310 25.83 -14.64 -4.05
C LEU D 1310 26.71 -15.82 -3.67
N GLN D 1311 27.55 -15.67 -2.65
CA GLN D 1311 28.46 -16.73 -2.23
C GLN D 1311 28.29 -17.11 -0.77
N THR D 1312 27.24 -16.64 -0.11
CA THR D 1312 27.03 -16.97 1.29
C THR D 1312 26.73 -18.46 1.45
N LYS D 1313 27.10 -19.00 2.62
CA LYS D 1313 26.90 -20.42 2.88
C LYS D 1313 25.42 -20.77 2.94
N SER D 1314 24.63 -19.94 3.62
CA SER D 1314 23.20 -20.18 3.74
C SER D 1314 22.47 -19.70 2.49
N PHE D 1315 21.47 -20.47 2.06
CA PHE D 1315 20.67 -20.10 0.90
C PHE D 1315 19.39 -19.38 1.25
N ILE D 1316 18.79 -19.69 2.40
CA ILE D 1316 17.59 -18.97 2.82
C ILE D 1316 17.91 -17.51 3.09
N SER D 1317 19.08 -17.25 3.69
CA SER D 1317 19.52 -15.87 3.88
C SER D 1317 19.78 -15.18 2.55
N ALA D 1318 20.23 -15.92 1.54
CA ALA D 1318 20.51 -15.34 0.24
C ALA D 1318 19.29 -15.35 -0.68
N ALA D 1319 18.42 -16.35 -0.56
CA ALA D 1319 17.21 -16.43 -1.36
C ALA D 1319 16.08 -15.57 -0.79
N SER D 1320 16.34 -14.80 0.26
CA SER D 1320 15.30 -13.97 0.85
C SER D 1320 15.11 -12.68 0.07
N PHE D 1321 16.16 -11.86 -0.03
CA PHE D 1321 16.07 -10.58 -0.70
C PHE D 1321 16.71 -10.57 -2.08
N GLN D 1322 17.66 -11.45 -2.35
CA GLN D 1322 18.32 -11.49 -3.65
C GLN D 1322 17.39 -12.15 -4.66
N GLU D 1323 17.88 -12.33 -5.88
CA GLU D 1323 17.09 -13.00 -6.91
C GLU D 1323 16.88 -14.46 -6.52
N THR D 1324 15.64 -14.91 -6.58
CA THR D 1324 15.26 -16.25 -6.10
C THR D 1324 15.44 -17.32 -7.17
N THR D 1325 15.68 -16.95 -8.42
CA THR D 1325 15.88 -17.92 -9.49
C THR D 1325 17.34 -18.30 -9.68
N ARG D 1326 18.27 -17.54 -9.10
CA ARG D 1326 19.70 -17.83 -9.21
C ARG D 1326 20.30 -18.40 -7.94
N VAL D 1327 19.93 -17.86 -6.77
CA VAL D 1327 20.49 -18.37 -5.53
C VAL D 1327 19.92 -19.73 -5.20
N LEU D 1328 18.65 -19.98 -5.54
CA LEU D 1328 18.07 -21.31 -5.32
C LEU D 1328 18.74 -22.33 -6.23
N THR D 1329 18.93 -21.99 -7.51
CA THR D 1329 19.66 -22.87 -8.41
C THR D 1329 21.12 -22.99 -7.98
N GLU D 1330 21.70 -21.90 -7.49
CA GLU D 1330 23.05 -21.97 -6.94
C GLU D 1330 23.11 -22.80 -5.66
N ALA D 1331 21.98 -22.96 -4.98
CA ALA D 1331 21.92 -23.79 -3.78
C ALA D 1331 21.27 -25.15 -4.02
N SER D 1332 20.41 -25.26 -5.04
CA SER D 1332 19.79 -26.55 -5.32
C SER D 1332 20.79 -27.51 -5.95
N VAL D 1333 21.45 -27.08 -7.03
CA VAL D 1333 22.45 -27.95 -7.67
C VAL D 1333 23.64 -28.17 -6.75
N HIS D 1334 23.94 -27.20 -5.89
CA HIS D 1334 25.04 -27.35 -4.94
C HIS D 1334 24.65 -28.12 -3.69
N GLY D 1335 23.37 -28.42 -3.50
CA GLY D 1335 22.93 -29.08 -2.30
C GLY D 1335 23.21 -28.30 -1.03
N LYS D 1336 23.15 -26.97 -1.11
CA LYS D 1336 23.43 -26.13 0.05
C LYS D 1336 22.36 -26.36 1.12
N THR D 1337 22.80 -26.72 2.32
CA THR D 1337 21.90 -26.95 3.44
C THR D 1337 21.99 -25.77 4.40
N ASP D 1338 20.83 -25.24 4.79
CA ASP D 1338 20.77 -24.10 5.71
C ASP D 1338 20.90 -24.61 7.13
N THR D 1339 22.01 -24.28 7.78
CA THR D 1339 22.24 -24.66 9.16
C THR D 1339 21.48 -23.78 10.15
N LEU D 1340 20.77 -22.75 9.66
CA LEU D 1340 20.00 -21.86 10.52
C LEU D 1340 20.91 -21.10 11.49
N GLU D 1341 22.13 -20.80 11.06
CA GLU D 1341 23.07 -20.09 11.92
C GLU D 1341 22.81 -18.60 11.95
N GLY D 1342 22.30 -18.03 10.87
CA GLY D 1342 22.05 -16.61 10.79
C GLY D 1342 20.71 -16.21 11.39
N LEU D 1343 20.43 -14.91 11.28
CA LEU D 1343 19.20 -14.35 11.82
C LEU D 1343 18.05 -14.45 10.83
N LYS D 1344 18.28 -14.09 9.57
CA LYS D 1344 17.22 -14.16 8.57
C LYS D 1344 16.78 -15.58 8.31
N GLU D 1345 17.66 -16.56 8.52
CA GLU D 1345 17.29 -17.96 8.33
C GLU D 1345 16.25 -18.39 9.35
N ASN D 1346 16.50 -18.10 10.63
CA ASN D 1346 15.56 -18.50 11.67
C ASN D 1346 14.25 -17.70 11.59
N VAL D 1347 14.30 -16.47 11.08
CA VAL D 1347 13.08 -15.68 10.95
C VAL D 1347 12.17 -16.30 9.90
N ILE D 1348 12.72 -16.67 8.75
CA ILE D 1348 11.93 -17.32 7.72
C ILE D 1348 11.47 -18.70 8.18
N VAL D 1349 12.37 -19.45 8.80
CA VAL D 1349 12.03 -20.79 9.28
C VAL D 1349 11.04 -20.72 10.44
N GLY D 1350 11.03 -19.61 11.17
CA GLY D 1350 10.14 -19.43 12.30
C GLY D 1350 10.75 -19.76 13.64
N ARG D 1351 11.90 -20.42 13.67
CA ARG D 1351 12.55 -20.77 14.93
C ARG D 1351 13.05 -19.51 15.63
N LEU D 1352 13.59 -19.70 16.82
CA LEU D 1352 14.11 -18.58 17.60
C LEU D 1352 15.33 -17.97 16.92
N ILE D 1353 15.43 -16.65 16.97
CA ILE D 1353 16.55 -15.95 16.33
C ILE D 1353 17.83 -16.23 17.11
N PRO D 1354 18.98 -16.38 16.45
CA PRO D 1354 20.23 -16.62 17.18
C PRO D 1354 20.85 -15.36 17.75
N ALA D 1355 20.09 -14.27 17.79
CA ALA D 1355 20.59 -12.99 18.30
C ALA D 1355 19.67 -12.47 19.39
N GLY D 1356 20.26 -11.94 20.46
CA GLY D 1356 19.51 -11.36 21.56
C GLY D 1356 19.09 -12.38 22.60
N THR D 1357 17.84 -12.27 23.06
CA THR D 1357 17.29 -13.29 23.95
C THR D 1357 17.33 -14.66 23.29
N GLY D 1358 17.08 -14.71 21.98
CA GLY D 1358 17.26 -15.96 21.26
C GLY D 1358 18.69 -16.44 21.29
N SER D 1359 19.65 -15.51 21.21
CA SER D 1359 21.05 -15.90 21.31
C SER D 1359 21.37 -16.49 22.68
N TYR D 1360 20.85 -15.89 23.75
CA TYR D 1360 21.09 -16.41 25.08
C TYR D 1360 20.42 -17.77 25.26
N LEU D 1361 19.22 -17.95 24.72
CA LEU D 1361 18.58 -19.25 24.80
C LEU D 1361 19.31 -20.30 23.98
N ARG D 1362 19.92 -19.90 22.86
CA ARG D 1362 20.73 -20.84 22.09
C ARG D 1362 21.98 -21.23 22.86
N SER D 1363 22.60 -20.27 23.56
CA SER D 1363 23.75 -20.59 24.40
C SER D 1363 23.34 -21.54 25.54
N LEU D 1364 22.17 -21.31 26.13
CA LEU D 1364 21.69 -22.20 27.18
C LEU D 1364 21.39 -23.59 26.63
N GLN D 1365 20.84 -23.67 25.42
CA GLN D 1365 20.61 -24.97 24.79
C GLN D 1365 21.93 -25.69 24.53
N ARG D 1366 22.94 -24.95 24.08
CA ARG D 1366 24.25 -25.56 23.83
C ARG D 1366 24.87 -26.07 25.11
N VAL D 1367 24.81 -25.28 26.19
CA VAL D 1367 25.40 -25.73 27.45
C VAL D 1367 24.59 -26.90 28.03
N ALA D 1368 23.28 -26.92 27.82
CA ALA D 1368 22.48 -28.05 28.28
C ALA D 1368 22.80 -29.31 27.49
N ALA D 1369 23.04 -29.18 26.19
CA ALA D 1369 23.47 -30.33 25.40
C ALA D 1369 24.82 -30.83 25.85
N LYS D 1370 25.74 -29.91 26.17
CA LYS D 1370 27.04 -30.31 26.69
C LYS D 1370 26.90 -31.04 28.02
N ARG D 1371 26.02 -30.54 28.89
CA ARG D 1371 25.79 -31.20 30.18
C ARG D 1371 25.17 -32.58 29.98
N ASP D 1372 24.25 -32.71 29.03
CA ASP D 1372 23.66 -34.02 28.75
C ASP D 1372 24.70 -34.99 28.20
N GLU D 1373 25.61 -34.50 27.35
CA GLU D 1373 26.68 -35.36 26.84
C GLU D 1373 27.61 -35.79 27.97
N GLN D 1374 27.94 -34.87 28.88
CA GLN D 1374 28.78 -35.22 30.01
C GLN D 1374 28.10 -36.25 30.91
N LEU D 1375 26.78 -36.12 31.09
CA LEU D 1375 26.04 -37.09 31.89
C LEU D 1375 26.01 -38.44 31.21
N ALA D 1376 25.82 -38.46 29.89
CA ALA D 1376 25.83 -39.72 29.15
C ALA D 1376 27.19 -40.39 29.22
N GLN D 1377 28.27 -39.59 29.22
CA GLN D 1377 29.60 -40.15 29.38
C GLN D 1377 29.82 -40.74 30.76
N GLN D 1378 29.04 -40.33 31.76
CA GLN D 1378 29.19 -40.89 33.10
C GLN D 1378 28.68 -42.32 33.16
N ARG D 1379 27.54 -42.60 32.52
CA ARG D 1379 26.95 -43.92 32.50
C ARG D 1379 27.37 -44.75 31.28
N GLU D 1380 28.53 -44.47 30.71
CA GLU D 1380 29.04 -45.20 29.56
C GLU D 1380 28.11 -45.07 28.35
N ARG E 3 7.29 -0.62 35.77
CA ARG E 3 7.62 0.45 36.72
C ARG E 3 9.11 0.42 37.07
N VAL E 4 9.68 -0.77 37.10
CA VAL E 4 11.10 -0.95 37.44
C VAL E 4 11.92 -0.84 36.16
N THR E 5 13.01 -0.09 36.22
CA THR E 5 13.87 0.09 35.08
C THR E 5 14.85 -1.07 34.94
N VAL E 6 15.56 -1.11 33.83
CA VAL E 6 16.53 -2.16 33.58
C VAL E 6 17.92 -1.79 34.11
N GLU E 7 18.28 -0.51 34.05
CA GLU E 7 19.59 -0.08 34.55
C GLU E 7 19.74 -0.35 36.03
N ASP E 8 18.64 -0.27 36.79
CA ASP E 8 18.72 -0.53 38.23
C ASP E 8 18.95 -2.00 38.52
N CYS E 9 18.49 -2.89 37.64
CA CYS E 9 18.61 -4.33 37.84
C CYS E 9 19.56 -5.00 36.86
N VAL E 10 20.18 -4.24 35.95
CA VAL E 10 21.16 -4.80 35.03
C VAL E 10 22.56 -4.83 35.61
N GLU E 11 22.81 -4.12 36.71
CA GLU E 11 24.13 -4.15 37.33
C GLU E 11 24.46 -5.55 37.85
N LYS E 12 23.46 -6.31 38.26
CA LYS E 12 23.69 -7.68 38.73
C LYS E 12 23.80 -8.65 37.57
N VAL E 13 23.05 -8.42 36.49
CA VAL E 13 23.11 -9.27 35.30
C VAL E 13 23.60 -8.41 34.15
N PRO E 14 24.91 -8.23 33.98
CA PRO E 14 25.45 -7.35 32.92
C PRO E 14 25.47 -7.99 31.53
N ASN E 15 24.33 -8.56 31.13
CA ASN E 15 24.21 -9.18 29.82
C ASN E 15 22.98 -8.66 29.08
N ARG E 16 21.95 -8.29 29.84
CA ARG E 16 20.68 -7.73 29.34
C ARG E 16 19.83 -8.78 28.64
N PHE E 17 20.32 -10.00 28.46
CA PHE E 17 19.55 -11.10 27.90
C PHE E 17 19.27 -12.18 28.93
N ALA E 18 20.25 -12.51 29.78
CA ALA E 18 19.97 -13.32 30.96
C ALA E 18 18.97 -12.62 31.86
N LEU E 19 18.99 -11.28 31.89
CA LEU E 19 17.99 -10.53 32.64
C LEU E 19 16.59 -10.72 32.09
N VAL E 20 16.45 -11.21 30.85
CA VAL E 20 15.14 -11.48 30.28
C VAL E 20 14.74 -12.93 30.48
N LEU E 21 15.60 -13.88 30.10
CA LEU E 21 15.25 -15.29 30.21
C LEU E 21 15.15 -15.71 31.66
N LEU E 22 16.13 -15.34 32.49
CA LEU E 22 16.07 -15.69 33.91
C LEU E 22 14.90 -15.01 34.60
N SER E 23 14.57 -13.79 34.19
CA SER E 23 13.43 -13.10 34.77
C SER E 23 12.12 -13.77 34.37
N ALA E 24 12.01 -14.22 33.13
CA ALA E 24 10.82 -14.96 32.70
C ALA E 24 10.69 -16.28 33.45
N HIS E 25 11.81 -16.96 33.67
CA HIS E 25 11.78 -18.20 34.45
C HIS E 25 11.36 -17.93 35.89
N ARG E 26 11.86 -16.82 36.46
CA ARG E 26 11.46 -16.47 37.82
C ARG E 26 9.98 -16.13 37.89
N ALA E 27 9.45 -15.45 36.86
CA ALA E 27 8.03 -15.16 36.83
C ALA E 27 7.19 -16.43 36.71
N ARG E 28 7.65 -17.38 35.88
CA ARG E 28 6.95 -18.65 35.75
C ARG E 28 6.98 -19.41 37.07
N GLY E 29 8.10 -19.37 37.78
CA GLY E 29 8.14 -19.97 39.11
C GLY E 29 7.22 -19.27 40.09
N ILE E 30 7.10 -17.95 39.98
CA ILE E 30 6.15 -17.20 40.80
C ILE E 30 4.72 -17.61 40.48
N SER E 31 4.48 -18.04 39.24
CA SER E 31 3.16 -18.56 38.89
C SER E 31 2.83 -19.82 39.69
N ALA E 32 3.84 -20.56 40.11
CA ALA E 32 3.66 -21.74 40.95
C ALA E 32 4.13 -21.51 42.37
N GLY E 33 4.32 -20.26 42.78
CA GLY E 33 4.76 -19.94 44.12
C GLY E 33 6.23 -19.56 44.19
N ALA E 34 6.51 -18.27 44.21
CA ALA E 34 7.88 -17.77 44.27
C ALA E 34 7.83 -16.32 44.75
N ALA E 35 8.94 -15.60 44.57
CA ALA E 35 9.02 -14.18 44.91
C ALA E 35 8.94 -13.97 46.43
N LEU E 36 9.71 -14.77 47.16
CA LEU E 36 9.81 -14.65 48.61
C LEU E 36 10.87 -13.65 49.04
N MET E 37 11.39 -12.85 48.12
CA MET E 37 12.44 -11.88 48.41
C MET E 37 11.93 -10.44 48.44
N VAL E 38 11.01 -10.08 47.55
CA VAL E 38 10.48 -8.72 47.49
C VAL E 38 8.97 -8.78 47.37
N ASP E 39 8.31 -7.77 47.91
CA ASP E 39 6.85 -7.69 47.84
C ASP E 39 6.40 -7.41 46.41
N ARG E 40 5.19 -7.86 46.10
CA ARG E 40 4.65 -7.65 44.75
C ARG E 40 4.35 -6.19 44.50
N ASP E 41 3.75 -5.50 45.48
CA ASP E 41 3.39 -4.09 45.37
C ASP E 41 2.38 -3.88 44.24
N ASN E 42 1.49 -4.86 44.04
CA ASN E 42 0.47 -4.80 42.99
C ASN E 42 1.12 -4.71 41.61
N ASP E 43 2.08 -5.60 41.37
CA ASP E 43 2.81 -5.65 40.12
C ASP E 43 2.62 -7.00 39.45
N LYS E 44 2.81 -7.02 38.14
CA LYS E 44 2.68 -8.25 37.36
C LYS E 44 3.85 -9.17 37.64
N ASN E 45 3.86 -10.33 36.96
CA ASN E 45 4.94 -11.29 37.16
C ASN E 45 6.26 -10.82 36.55
N PRO E 46 6.32 -10.37 35.30
CA PRO E 46 7.62 -9.94 34.75
C PRO E 46 8.23 -8.74 35.48
N VAL E 47 7.41 -7.76 35.87
CA VAL E 47 7.95 -6.58 36.55
C VAL E 47 8.49 -6.98 37.92
N VAL E 48 7.76 -7.83 38.64
CA VAL E 48 8.24 -8.25 39.96
C VAL E 48 9.49 -9.12 39.83
N ALA E 49 9.56 -9.92 38.76
CA ALA E 49 10.77 -10.71 38.53
C ALA E 49 11.97 -9.81 38.25
N LEU E 50 11.78 -8.79 37.42
CA LEU E 50 12.86 -7.85 37.16
C LEU E 50 13.25 -7.07 38.41
N ARG E 51 12.28 -6.79 39.28
CA ARG E 51 12.58 -6.05 40.50
C ARG E 51 13.35 -6.92 41.50
N GLU E 52 13.00 -8.21 41.59
CA GLU E 52 13.66 -9.13 42.51
C GLU E 52 14.82 -9.87 41.86
N ILE E 53 15.21 -9.49 40.65
CA ILE E 53 16.35 -10.13 39.99
C ILE E 53 17.68 -9.80 40.65
N ALA E 54 17.71 -8.80 41.54
CA ALA E 54 18.95 -8.44 42.23
C ALA E 54 19.37 -9.48 43.27
N ASP E 55 18.50 -10.44 43.59
CA ASP E 55 18.80 -11.46 44.59
C ASP E 55 18.80 -12.87 44.04
N ASP E 56 18.50 -13.06 42.76
CA ASP E 56 18.43 -14.38 42.15
C ASP E 56 19.13 -14.37 40.80
N VAL E 57 20.32 -13.77 40.74
CA VAL E 57 21.05 -13.65 39.49
C VAL E 57 21.57 -15.01 39.05
N ILE E 58 22.20 -15.74 39.96
CA ILE E 58 22.76 -17.05 39.61
C ILE E 58 21.78 -18.18 39.89
N ASP E 59 20.93 -18.04 40.92
CA ASP E 59 19.99 -19.11 41.23
C ASP E 59 18.96 -19.30 40.13
N HIS E 60 18.57 -18.23 39.45
CA HIS E 60 17.59 -18.34 38.37
C HIS E 60 18.20 -18.97 37.12
N GLU E 61 19.47 -18.69 36.84
CA GLU E 61 20.10 -19.24 35.66
C GLU E 61 20.28 -20.75 35.78
N GLY E 62 20.61 -21.24 36.98
CA GLY E 62 20.77 -22.67 37.16
C GLY E 62 19.49 -23.45 36.94
N LEU E 63 18.38 -22.93 37.48
CA LEU E 63 17.10 -23.61 37.28
C LEU E 63 16.68 -23.60 35.82
N LYS E 64 16.91 -22.48 35.12
CA LYS E 64 16.60 -22.42 33.70
C LYS E 64 17.45 -23.38 32.90
N GLU E 65 18.74 -23.48 33.25
CA GLU E 65 19.61 -24.43 32.56
C GLU E 65 19.18 -25.86 32.80
N HIS E 66 18.78 -26.18 34.04
CA HIS E 66 18.30 -27.52 34.34
C HIS E 66 17.01 -27.83 33.58
N LEU E 67 16.11 -26.84 33.48
CA LEU E 67 14.87 -27.05 32.74
C LEU E 67 15.12 -27.22 31.25
N ILE E 68 16.13 -26.52 30.71
CA ILE E 68 16.43 -26.65 29.28
C ILE E 68 16.93 -28.04 28.96
N SER E 69 17.60 -28.69 29.91
CA SER E 69 18.09 -30.04 29.69
C SER E 69 16.93 -31.02 29.52
N THR E 70 17.09 -31.97 28.62
CA THR E 70 16.05 -32.95 28.35
C THR E 70 15.84 -33.85 29.56
N LEU E 71 14.61 -34.34 29.70
CA LEU E 71 14.24 -35.21 30.80
C LEU E 71 14.41 -34.51 32.15
N ASP F 109 19.36 -15.43 -34.05
CA ASP F 109 18.04 -15.70 -34.60
C ASP F 109 17.18 -16.50 -33.62
N ARG F 110 17.60 -16.50 -32.35
CA ARG F 110 16.87 -17.20 -31.31
C ARG F 110 15.51 -16.54 -31.11
N THR F 111 14.44 -17.24 -31.48
CA THR F 111 13.10 -16.67 -31.39
C THR F 111 12.59 -16.67 -29.94
N ASP F 112 12.85 -17.75 -29.20
CA ASP F 112 12.38 -17.89 -27.82
C ASP F 112 10.86 -17.82 -27.76
N ASP F 113 10.19 -18.50 -28.70
CA ASP F 113 8.75 -18.48 -28.78
C ASP F 113 8.28 -19.78 -29.41
N PRO F 114 7.35 -20.51 -28.78
CA PRO F 114 6.87 -21.75 -29.39
C PRO F 114 6.02 -21.52 -30.62
N VAL F 115 5.19 -20.49 -30.58
CA VAL F 115 4.31 -20.17 -31.71
C VAL F 115 5.13 -19.88 -32.97
N ARG F 116 6.14 -19.04 -32.83
CA ARG F 116 6.99 -18.70 -33.97
C ARG F 116 7.72 -19.93 -34.50
N MET F 117 8.20 -20.78 -33.59
CA MET F 117 8.90 -21.98 -34.00
C MET F 117 7.98 -22.92 -34.78
N TYR F 118 6.74 -23.05 -34.30
CA TYR F 118 5.77 -23.92 -34.96
C TYR F 118 5.46 -23.40 -36.36
N LEU F 119 5.30 -22.08 -36.47
CA LEU F 119 5.02 -21.43 -37.75
C LEU F 119 6.15 -21.61 -38.74
N ARG F 120 7.38 -21.49 -38.26
CA ARG F 120 8.55 -21.62 -39.12
C ARG F 120 8.65 -23.00 -39.74
N GLU F 121 8.40 -24.04 -38.95
CA GLU F 121 8.46 -25.40 -39.46
C GLU F 121 7.39 -25.62 -40.51
N MET F 122 6.19 -25.11 -40.23
CA MET F 122 5.06 -25.22 -41.15
C MET F 122 5.29 -24.49 -42.47
N GLY F 123 5.89 -23.30 -42.36
CA GLY F 123 6.15 -22.48 -43.53
C GLY F 123 7.43 -22.73 -44.30
N SER F 124 8.57 -22.50 -43.67
CA SER F 124 9.85 -22.69 -44.34
C SER F 124 10.11 -24.14 -44.71
N VAL F 125 9.45 -25.09 -44.05
CA VAL F 125 9.67 -26.51 -44.29
C VAL F 125 8.52 -27.13 -45.05
N GLU F 126 7.31 -27.07 -44.50
CA GLU F 126 6.15 -27.69 -45.13
C GLU F 126 5.62 -26.83 -46.28
N LEU F 127 5.15 -27.49 -47.32
CA LEU F 127 4.58 -26.83 -48.49
C LEU F 127 3.11 -27.21 -48.61
N LEU F 128 2.27 -26.21 -48.90
CA LEU F 128 0.84 -26.44 -49.03
C LEU F 128 0.52 -27.37 -50.20
N SER F 129 -0.03 -28.54 -49.89
CA SER F 129 -0.39 -29.51 -50.91
C SER F 129 -1.59 -29.03 -51.70
N ARG F 130 -1.33 -28.46 -52.87
CA ARG F 130 -2.39 -27.94 -53.72
C ARG F 130 -2.80 -29.01 -54.73
N GLU F 131 -4.07 -29.42 -54.68
CA GLU F 131 -4.61 -30.45 -55.55
C GLU F 131 -3.96 -31.81 -55.34
N GLY F 132 -3.36 -32.02 -54.17
CA GLY F 132 -2.72 -33.28 -53.86
C GLY F 132 -3.44 -34.03 -52.75
N GLU F 133 -4.57 -33.47 -52.31
CA GLU F 133 -5.38 -34.09 -51.27
C GLU F 133 -5.90 -35.43 -51.76
N ILE F 134 -6.45 -35.44 -52.97
CA ILE F 134 -6.98 -36.67 -53.55
C ILE F 134 -5.85 -37.69 -53.73
N ALA F 135 -4.65 -37.22 -54.07
CA ALA F 135 -3.51 -38.13 -54.20
C ALA F 135 -3.15 -38.73 -52.85
N ILE F 136 -3.19 -37.93 -51.78
CA ILE F 136 -2.90 -38.46 -50.45
C ILE F 136 -3.97 -39.44 -50.01
N ALA F 137 -5.23 -39.17 -50.38
CA ALA F 137 -6.30 -40.11 -50.07
C ALA F 137 -6.09 -41.44 -50.80
N LYS F 138 -5.71 -41.37 -52.08
CA LYS F 138 -5.43 -42.60 -52.83
C LYS F 138 -4.24 -43.34 -52.24
N ARG F 139 -3.23 -42.61 -51.75
CA ARG F 139 -2.09 -43.25 -51.12
C ARG F 139 -2.50 -43.93 -49.82
N ILE F 140 -3.38 -43.31 -49.05
CA ILE F 140 -3.88 -43.93 -47.82
C ILE F 140 -4.67 -45.18 -48.16
N GLU F 141 -5.47 -45.12 -49.22
CA GLU F 141 -6.22 -46.30 -49.65
C GLU F 141 -5.28 -47.42 -50.08
N ALA F 142 -4.21 -47.07 -50.79
CA ALA F 142 -3.22 -48.07 -51.19
C ALA F 142 -2.52 -48.69 -49.99
N GLY F 143 -2.22 -47.86 -48.97
CA GLY F 143 -1.63 -48.40 -47.76
C GLY F 143 -2.56 -49.34 -47.03
N ARG F 144 -3.85 -48.98 -46.95
CA ARG F 144 -4.83 -49.87 -46.34
C ARG F 144 -4.95 -51.16 -47.12
N ASP F 145 -4.91 -51.08 -48.45
CA ASP F 145 -4.97 -52.29 -49.28
C ASP F 145 -3.76 -53.17 -49.02
N THR F 146 -2.57 -52.57 -48.91
CA THR F 146 -1.37 -53.34 -48.63
C THR F 146 -1.46 -54.01 -47.26
N MET F 147 -1.96 -53.28 -46.26
CA MET F 147 -2.11 -53.85 -44.93
C MET F 147 -3.10 -55.01 -44.94
N ILE F 148 -4.22 -54.86 -45.66
CA ILE F 148 -5.21 -55.92 -45.72
C ILE F 148 -4.65 -57.14 -46.44
N ARG F 149 -3.89 -56.91 -47.53
CA ARG F 149 -3.30 -58.03 -48.26
C ARG F 149 -2.27 -58.76 -47.40
N GLY F 150 -1.46 -58.02 -46.64
CA GLY F 150 -0.53 -58.66 -45.73
C GLY F 150 -1.22 -59.38 -44.58
N LEU F 151 -2.39 -58.90 -44.17
CA LEU F 151 -3.11 -59.53 -43.07
C LEU F 151 -3.74 -60.85 -43.50
N CYS F 152 -4.44 -60.85 -44.64
CA CYS F 152 -5.12 -62.04 -45.15
C CYS F 152 -4.10 -62.93 -45.85
N GLU F 153 -3.34 -63.67 -45.05
CA GLU F 153 -2.35 -64.60 -45.56
C GLU F 153 -2.25 -65.78 -44.61
N SER F 154 -1.36 -66.71 -44.93
CA SER F 154 -1.18 -67.93 -44.14
C SER F 154 -0.39 -67.58 -42.88
N ALA F 155 -1.13 -67.29 -41.80
CA ALA F 155 -0.53 -66.97 -40.52
C ALA F 155 -1.61 -67.03 -39.45
N LEU F 156 -1.28 -66.60 -38.24
CA LEU F 156 -2.25 -66.58 -37.15
C LEU F 156 -3.36 -65.56 -37.37
N THR F 157 -3.11 -64.54 -38.20
CA THR F 157 -4.14 -63.54 -38.46
C THR F 157 -5.34 -64.16 -39.17
N PHE F 158 -5.08 -64.95 -40.21
CA PHE F 158 -6.16 -65.60 -40.93
C PHE F 158 -6.86 -66.65 -40.07
N GLU F 159 -6.11 -67.33 -39.19
CA GLU F 159 -6.73 -68.30 -38.30
C GLU F 159 -7.52 -67.61 -37.20
N ALA F 160 -6.98 -66.52 -36.64
CA ALA F 160 -7.70 -65.80 -35.60
C ALA F 160 -8.95 -65.12 -36.14
N ILE F 161 -8.86 -64.58 -37.37
CA ILE F 161 -10.02 -63.94 -37.97
C ILE F 161 -11.06 -64.98 -38.39
N MET F 162 -10.60 -66.17 -38.79
CA MET F 162 -11.52 -67.24 -39.17
C MET F 162 -12.14 -67.91 -37.95
N VAL F 163 -11.33 -68.18 -36.92
CA VAL F 163 -11.85 -68.80 -35.71
C VAL F 163 -12.79 -67.85 -34.98
N TRP F 164 -12.45 -66.56 -34.94
CA TRP F 164 -13.32 -65.60 -34.29
C TRP F 164 -14.62 -65.42 -35.07
N ARG F 165 -14.56 -65.51 -36.40
CA ARG F 165 -15.77 -65.40 -37.21
C ARG F 165 -16.62 -66.65 -37.16
N GLU F 166 -16.07 -67.79 -36.74
CA GLU F 166 -16.86 -69.01 -36.64
C GLU F 166 -17.93 -68.88 -35.58
N GLU F 167 -17.61 -68.29 -34.43
CA GLU F 167 -18.59 -68.07 -33.38
C GLU F 167 -19.55 -66.94 -33.69
N LEU F 168 -19.16 -66.01 -34.57
CA LEU F 168 -20.01 -64.90 -34.94
C LEU F 168 -21.00 -65.33 -36.02
N GLY F 169 -22.10 -64.58 -36.12
CA GLY F 169 -23.13 -64.87 -37.10
C GLY F 169 -24.37 -65.49 -36.49
N THR F 170 -24.18 -66.36 -35.50
CA THR F 170 -25.29 -67.03 -34.82
C THR F 170 -25.43 -66.61 -33.36
N GLY F 171 -24.36 -66.69 -32.58
CA GLY F 171 -24.42 -66.35 -31.17
C GLY F 171 -23.48 -65.24 -30.77
N ARG F 172 -22.67 -64.76 -31.72
CA ARG F 172 -21.71 -63.70 -31.47
C ARG F 172 -22.02 -62.51 -32.37
N ILE F 173 -21.20 -61.47 -32.24
CA ILE F 173 -21.38 -60.25 -33.02
C ILE F 173 -21.09 -60.56 -34.49
N LEU F 174 -22.13 -60.56 -35.32
CA LEU F 174 -21.97 -60.85 -36.74
C LEU F 174 -21.68 -59.60 -37.56
N LEU F 175 -22.31 -58.48 -37.21
CA LEU F 175 -22.11 -57.22 -37.92
C LEU F 175 -21.69 -56.15 -36.93
N ARG F 176 -21.09 -55.09 -37.46
CA ARG F 176 -20.61 -53.92 -36.73
C ARG F 176 -19.37 -54.20 -35.90
N GLU F 177 -18.85 -55.43 -35.89
CA GLU F 177 -17.66 -55.77 -35.13
C GLU F 177 -16.64 -56.59 -35.92
N VAL F 178 -17.02 -57.16 -37.06
CA VAL F 178 -16.12 -57.95 -37.89
C VAL F 178 -16.02 -57.38 -39.30
N ILE F 179 -17.16 -57.10 -39.92
CA ILE F 179 -17.22 -56.54 -41.27
C ILE F 179 -18.08 -55.30 -41.24
N ASP F 180 -17.61 -54.22 -41.86
CA ASP F 180 -18.37 -52.98 -41.90
C ASP F 180 -19.60 -53.14 -42.79
N LEU F 181 -20.74 -52.64 -42.29
CA LEU F 181 -21.98 -52.76 -43.04
C LEU F 181 -21.94 -51.92 -44.32
N GLU F 182 -21.31 -50.75 -44.26
CA GLU F 182 -21.24 -49.88 -45.43
C GLU F 182 -20.37 -50.50 -46.52
N GLY F 183 -19.28 -51.16 -46.14
CA GLY F 183 -18.41 -51.76 -47.13
C GLY F 183 -19.04 -52.93 -47.87
N THR F 184 -20.02 -53.59 -47.25
CA THR F 184 -20.66 -54.73 -47.89
C THR F 184 -21.51 -54.28 -49.07
N TYR F 185 -22.47 -53.39 -48.84
CA TYR F 185 -23.35 -52.89 -49.88
C TYR F 185 -22.75 -51.72 -50.65
N ALA F 186 -21.48 -51.38 -50.41
CA ALA F 186 -20.86 -50.28 -51.11
C ALA F 186 -20.71 -50.58 -52.60
N ALA F 187 -20.37 -51.82 -52.94
CA ALA F 187 -20.18 -52.22 -54.32
C ALA F 187 -21.44 -52.83 -54.94
N ILE F 188 -22.35 -53.33 -54.11
CA ILE F 188 -23.58 -53.94 -54.61
C ILE F 188 -24.47 -52.88 -55.27
N VAL F 235 -31.70 -50.37 -43.36
CA VAL F 235 -30.70 -50.83 -42.41
C VAL F 235 -31.00 -52.26 -41.98
N SER F 236 -32.29 -52.56 -41.76
CA SER F 236 -32.68 -53.90 -41.36
C SER F 236 -32.45 -54.90 -42.48
N ALA F 237 -32.81 -54.54 -43.72
CA ALA F 237 -32.62 -55.45 -44.84
C ALA F 237 -31.14 -55.64 -45.14
N MET F 238 -30.36 -54.57 -45.07
CA MET F 238 -28.92 -54.69 -45.34
C MET F 238 -28.21 -55.48 -44.25
N GLU F 239 -28.68 -55.38 -43.01
CA GLU F 239 -28.04 -56.13 -41.92
C GLU F 239 -28.25 -57.62 -42.08
N GLY F 240 -29.48 -58.05 -42.32
CA GLY F 240 -29.75 -59.46 -42.50
C GLY F 240 -29.17 -60.03 -43.77
N GLU F 241 -29.08 -59.22 -44.83
CA GLU F 241 -28.52 -59.68 -46.08
C GLU F 241 -27.03 -59.98 -45.95
N LEU F 242 -26.28 -59.03 -45.37
CA LEU F 242 -24.85 -59.25 -45.18
C LEU F 242 -24.56 -60.35 -44.17
N ARG F 243 -25.45 -60.53 -43.19
CA ARG F 243 -25.23 -61.57 -42.18
C ARG F 243 -25.30 -62.96 -42.80
N GLU F 244 -26.31 -63.19 -43.64
CA GLU F 244 -26.43 -64.51 -44.29
C GLU F 244 -25.26 -64.76 -45.23
N GLY F 245 -24.84 -63.73 -45.96
CA GLY F 245 -23.69 -63.88 -46.84
C GLY F 245 -22.41 -64.21 -46.07
N VAL F 246 -22.19 -63.51 -44.94
CA VAL F 246 -21.01 -63.79 -44.13
C VAL F 246 -21.08 -65.20 -43.54
N MET F 247 -22.27 -65.63 -43.14
CA MET F 247 -22.42 -66.98 -42.60
C MET F 247 -22.13 -68.03 -43.67
N ALA F 248 -22.63 -67.82 -44.88
CA ALA F 248 -22.37 -68.76 -45.97
C ALA F 248 -20.88 -68.78 -46.32
N ILE F 249 -20.24 -67.61 -46.32
CA ILE F 249 -18.81 -67.54 -46.61
C ILE F 249 -18.01 -68.29 -45.55
N LEU F 250 -18.38 -68.11 -44.28
CA LEU F 250 -17.69 -68.82 -43.21
C LEU F 250 -17.91 -70.33 -43.31
N ASP F 251 -19.13 -70.75 -43.62
CA ASP F 251 -19.40 -72.18 -43.76
C ASP F 251 -18.66 -72.79 -44.94
N ALA F 252 -18.45 -72.01 -46.01
CA ALA F 252 -17.73 -72.53 -47.17
C ALA F 252 -16.21 -72.48 -46.98
N ILE F 253 -15.72 -71.55 -46.13
CA ILE F 253 -14.28 -71.39 -45.95
C ILE F 253 -13.77 -72.09 -44.69
N ALA F 254 -14.65 -72.68 -43.89
CA ALA F 254 -14.19 -73.43 -42.73
C ALA F 254 -13.28 -74.59 -43.12
N SER F 255 -13.66 -75.34 -44.15
CA SER F 255 -12.83 -76.45 -44.60
C SER F 255 -11.49 -75.95 -45.15
N GLU F 256 -11.51 -74.83 -45.88
CA GLU F 256 -10.28 -74.27 -46.40
C GLU F 256 -9.36 -73.82 -45.27
N PHE F 257 -9.93 -73.20 -44.24
CA PHE F 257 -9.13 -72.77 -43.10
C PHE F 257 -8.57 -73.97 -42.34
N GLU F 258 -9.34 -75.04 -42.21
CA GLU F 258 -8.84 -76.24 -41.55
C GLU F 258 -7.70 -76.86 -42.34
N ALA F 259 -7.83 -76.92 -43.68
CA ALA F 259 -6.76 -77.46 -44.51
C ALA F 259 -5.52 -76.58 -44.42
N PHE F 260 -5.70 -75.26 -44.39
CA PHE F 260 -4.56 -74.36 -44.26
C PHE F 260 -3.86 -74.52 -42.92
N ARG F 261 -4.63 -74.69 -41.84
CA ARG F 261 -4.03 -74.92 -40.54
C ARG F 261 -3.28 -76.24 -40.50
N LYS F 262 -3.84 -77.29 -41.12
CA LYS F 262 -3.14 -78.57 -41.18
C LYS F 262 -1.84 -78.45 -41.97
N LEU F 263 -1.88 -77.74 -43.09
CA LEU F 263 -0.68 -77.55 -43.89
C LEU F 263 0.37 -76.74 -43.13
N GLN F 264 -0.06 -75.73 -42.39
CA GLN F 264 0.88 -74.94 -41.60
C GLN F 264 1.51 -75.77 -40.49
N ASP F 265 0.71 -76.62 -39.84
CA ASP F 265 1.26 -77.50 -38.81
C ASP F 265 2.25 -78.49 -39.41
N LYS F 266 1.93 -79.05 -40.59
CA LYS F 266 2.86 -79.96 -41.24
C LYS F 266 4.16 -79.26 -41.62
N LEU F 267 4.05 -78.02 -42.12
CA LEU F 267 5.26 -77.28 -42.49
C LEU F 267 6.10 -76.95 -41.26
N VAL F 268 5.45 -76.59 -40.15
CA VAL F 268 6.18 -76.31 -38.91
C VAL F 268 6.88 -77.56 -38.41
N GLY F 269 6.20 -78.71 -38.48
CA GLY F 269 6.84 -79.95 -38.08
C GLY F 269 8.02 -80.31 -38.95
N SER F 270 7.88 -80.10 -40.28
CA SER F 270 8.98 -80.40 -41.18
C SER F 270 10.16 -79.46 -40.96
N ARG F 271 9.88 -78.21 -40.61
CA ARG F 271 10.95 -77.25 -40.35
C ARG F 271 11.62 -77.50 -39.00
N LEU F 272 10.89 -78.05 -38.03
CA LEU F 272 11.47 -78.35 -36.73
C LEU F 272 12.17 -79.71 -36.72
N LYS F 273 11.83 -80.61 -37.63
CA LYS F 273 12.48 -81.91 -37.69
C LYS F 273 13.67 -81.91 -38.65
N GLY F 274 13.53 -81.32 -39.83
CA GLY F 274 14.61 -81.27 -40.78
C GLY F 274 14.20 -81.70 -42.18
N GLU F 275 13.27 -82.64 -42.26
CA GLU F 275 12.80 -83.11 -43.57
C GLU F 275 11.99 -82.03 -44.27
N ASP F 276 12.23 -81.89 -45.57
CA ASP F 276 11.54 -80.89 -46.38
C ASP F 276 10.31 -81.52 -47.00
N LEU F 277 9.14 -80.94 -46.70
CA LEU F 277 7.86 -81.43 -47.25
C LEU F 277 7.70 -80.87 -48.65
N SER F 278 8.04 -81.68 -49.66
CA SER F 278 7.94 -81.27 -51.05
C SER F 278 7.00 -82.13 -51.87
N ASP F 279 6.43 -83.19 -51.30
CA ASP F 279 5.52 -84.08 -52.01
C ASP F 279 4.11 -83.48 -52.00
N ALA F 280 3.98 -82.36 -52.71
CA ALA F 280 2.74 -81.60 -52.88
C ALA F 280 2.27 -80.91 -51.59
N ASP F 281 3.05 -80.98 -50.51
CA ASP F 281 2.63 -80.33 -49.27
C ASP F 281 2.57 -78.82 -49.42
N ARG F 282 3.60 -78.22 -50.02
CA ARG F 282 3.60 -76.77 -50.23
C ARG F 282 2.49 -76.37 -51.19
N LYS F 283 2.23 -77.19 -52.22
CA LYS F 283 1.16 -76.88 -53.15
C LYS F 283 -0.20 -76.90 -52.45
N ALA F 284 -0.44 -77.92 -51.62
CA ALA F 284 -1.70 -77.99 -50.89
C ALA F 284 -1.83 -76.83 -49.91
N TYR F 285 -0.73 -76.45 -49.26
CA TYR F 285 -0.77 -75.32 -48.34
C TYR F 285 -1.11 -74.02 -49.07
N GLU F 286 -0.48 -73.80 -50.22
CA GLU F 286 -0.77 -72.59 -50.99
C GLU F 286 -2.21 -72.60 -51.49
N GLY F 287 -2.71 -73.77 -51.92
CA GLY F 287 -4.09 -73.84 -52.37
C GLY F 287 -5.08 -73.59 -51.26
N LEU F 288 -4.78 -74.06 -50.05
CA LEU F 288 -5.68 -73.81 -48.92
C LEU F 288 -5.59 -72.38 -48.43
N SER F 289 -4.43 -71.74 -48.60
CA SER F 289 -4.28 -70.35 -48.16
C SER F 289 -4.89 -69.37 -49.17
N ALA F 290 -4.82 -69.67 -50.46
CA ALA F 290 -5.38 -68.77 -51.46
C ALA F 290 -6.89 -68.65 -51.33
N THR F 291 -7.57 -69.76 -51.04
CA THR F 291 -9.02 -69.70 -50.85
C THR F 291 -9.39 -68.83 -49.65
N ILE F 292 -8.67 -69.00 -48.54
CA ILE F 292 -8.96 -68.19 -47.36
C ILE F 292 -8.67 -66.72 -47.63
N ILE F 293 -7.60 -66.43 -48.37
CA ILE F 293 -7.25 -65.05 -48.68
C ILE F 293 -8.34 -64.42 -49.56
N GLN F 294 -8.80 -65.16 -50.58
CA GLN F 294 -9.85 -64.63 -51.45
C GLN F 294 -11.16 -64.46 -50.71
N HIS F 295 -11.45 -65.34 -49.75
CA HIS F 295 -12.68 -65.20 -48.96
C HIS F 295 -12.60 -63.99 -48.03
N LEU F 296 -11.46 -63.79 -47.38
CA LEU F 296 -11.33 -62.67 -46.46
C LEU F 296 -11.26 -61.34 -47.19
N LYS F 297 -10.65 -61.31 -48.38
CA LYS F 297 -10.53 -60.04 -49.10
C LYS F 297 -11.89 -59.56 -49.60
N THR F 298 -12.69 -60.46 -50.16
CA THR F 298 -14.01 -60.09 -50.65
C THR F 298 -15.05 -59.97 -49.55
N LEU F 299 -14.72 -60.36 -48.32
CA LEU F 299 -15.69 -60.27 -47.23
C LEU F 299 -15.92 -58.84 -46.78
N LYS F 300 -14.93 -57.97 -47.00
CA LYS F 300 -15.02 -56.56 -46.59
C LYS F 300 -15.21 -56.43 -45.07
N LEU F 301 -14.24 -56.97 -44.34
CA LEU F 301 -14.29 -56.95 -42.90
C LEU F 301 -14.01 -55.54 -42.36
N ASN F 302 -14.27 -55.37 -41.06
CA ASN F 302 -14.06 -54.09 -40.41
C ASN F 302 -12.62 -53.99 -39.89
N ASN F 303 -12.34 -52.89 -39.20
CA ASN F 303 -11.01 -52.64 -38.64
C ASN F 303 -10.90 -52.99 -37.17
N ASN F 304 -12.00 -53.41 -36.54
CA ASN F 304 -11.97 -53.73 -35.11
C ASN F 304 -11.01 -54.88 -34.84
N ARG F 305 -11.27 -56.05 -35.42
CA ARG F 305 -10.35 -57.18 -35.27
C ARG F 305 -9.03 -56.93 -36.00
N ILE F 306 -9.04 -56.08 -37.03
CA ILE F 306 -7.81 -55.77 -37.76
C ILE F 306 -6.82 -55.06 -36.83
N GLU F 307 -7.33 -54.22 -35.93
CA GLU F 307 -6.45 -53.53 -35.00
C GLU F 307 -5.76 -54.52 -34.06
N ALA F 308 -6.52 -55.47 -33.51
CA ALA F 308 -5.93 -56.47 -32.63
C ALA F 308 -4.95 -57.36 -33.38
N LEU F 309 -5.28 -57.72 -34.62
CA LEU F 309 -4.36 -58.53 -35.42
C LEU F 309 -3.07 -57.78 -35.69
N VAL F 310 -3.15 -56.50 -36.02
CA VAL F 310 -1.96 -55.70 -36.27
C VAL F 310 -1.14 -55.56 -34.99
N GLU F 311 -1.81 -55.41 -33.85
CA GLU F 311 -1.09 -55.31 -32.58
C GLU F 311 -0.34 -56.59 -32.26
N GLN F 312 -1.01 -57.74 -32.44
CA GLN F 312 -0.34 -59.02 -32.20
C GLN F 312 0.82 -59.22 -33.16
N LEU F 313 0.65 -58.86 -34.43
CA LEU F 313 1.72 -58.98 -35.40
C LEU F 313 2.90 -58.08 -35.03
N TYR F 314 2.62 -56.87 -34.58
CA TYR F 314 3.70 -55.96 -34.19
C TYR F 314 4.43 -56.48 -32.96
N ALA F 315 3.69 -57.06 -32.00
CA ALA F 315 4.35 -57.64 -30.83
C ALA F 315 5.24 -58.81 -31.23
N ILE F 316 4.74 -59.68 -32.10
CA ILE F 316 5.55 -60.83 -32.54
C ILE F 316 6.78 -60.35 -33.29
N ASN F 317 6.63 -59.32 -34.14
CA ASN F 317 7.76 -58.79 -34.88
C ASN F 317 8.78 -58.15 -33.97
N LYS F 318 8.33 -57.44 -32.93
CA LYS F 318 9.26 -56.85 -31.98
C LYS F 318 10.02 -57.93 -31.21
N ARG F 319 9.31 -59.00 -30.81
CA ARG F 319 9.99 -60.10 -30.13
C ARG F 319 11.03 -60.76 -31.03
N LEU F 320 10.67 -61.00 -32.30
CA LEU F 320 11.61 -61.61 -33.23
C LEU F 320 12.81 -60.71 -33.49
N ILE F 321 12.58 -59.40 -33.59
CA ILE F 321 13.67 -58.46 -33.82
C ILE F 321 14.59 -58.42 -32.61
N GLY F 322 14.02 -58.45 -31.41
CA GLY F 322 14.85 -58.50 -30.21
C GLY F 322 15.69 -59.76 -30.13
N LEU F 323 15.09 -60.90 -30.47
CA LEU F 323 15.84 -62.16 -30.48
C LEU F 323 16.96 -62.12 -31.51
N GLU F 324 16.67 -61.60 -32.70
CA GLU F 324 17.69 -61.50 -33.75
C GLU F 324 18.81 -60.56 -33.34
N GLY F 325 18.47 -59.44 -32.70
CA GLY F 325 19.50 -58.53 -32.24
C GLY F 325 20.37 -59.12 -31.15
N ARG F 326 19.76 -59.88 -30.23
CA ARG F 326 20.54 -60.57 -29.20
C ARG F 326 21.47 -61.59 -29.82
N LEU F 327 20.97 -62.36 -30.80
CA LEU F 327 21.82 -63.35 -31.46
C LEU F 327 22.96 -62.68 -32.21
N LEU F 328 22.68 -61.55 -32.87
CA LEU F 328 23.74 -60.84 -33.60
C LEU F 328 24.78 -60.27 -32.63
N ARG F 329 24.34 -59.73 -31.50
CA ARG F 329 25.29 -59.20 -30.52
C ARG F 329 26.11 -60.32 -29.89
N LEU F 330 25.54 -61.52 -29.77
CA LEU F 330 26.28 -62.64 -29.19
C LEU F 330 27.24 -63.29 -30.18
N ALA F 331 26.91 -63.25 -31.48
CA ALA F 331 27.73 -63.90 -32.50
C ALA F 331 28.73 -62.97 -33.16
N ASP F 332 28.54 -61.66 -33.08
CA ASP F 332 29.40 -60.69 -33.76
C ASP F 332 30.53 -60.19 -32.88
N SER F 333 31.00 -61.01 -31.94
CA SER F 333 32.07 -60.58 -31.05
C SER F 333 33.38 -60.39 -31.80
N TYR F 334 33.87 -61.43 -32.46
CA TYR F 334 35.17 -61.36 -33.10
C TYR F 334 35.09 -60.73 -34.49
N GLY F 335 34.43 -61.40 -35.44
CA GLY F 335 34.39 -60.91 -36.80
C GLY F 335 33.07 -61.08 -37.52
N ILE F 336 31.97 -61.17 -36.76
CA ILE F 336 30.66 -61.35 -37.34
C ILE F 336 29.95 -60.01 -37.39
N SER F 337 28.90 -59.94 -38.20
CA SER F 337 28.09 -58.74 -38.38
C SER F 337 26.65 -59.02 -37.96
N ARG F 338 25.79 -58.02 -38.17
CA ARG F 338 24.38 -58.14 -37.81
C ARG F 338 23.47 -58.40 -39.00
N GLY F 339 23.83 -57.91 -40.20
CA GLY F 339 22.99 -58.12 -41.36
C GLY F 339 23.03 -59.51 -41.94
N GLU F 340 24.06 -60.29 -41.60
CA GLU F 340 24.17 -61.66 -42.11
C GLU F 340 23.36 -62.65 -41.31
N PHE F 341 22.92 -62.28 -40.09
CA PHE F 341 22.15 -63.21 -39.27
C PHE F 341 20.82 -63.56 -39.93
N LEU F 342 20.14 -62.57 -40.51
CA LEU F 342 18.89 -62.83 -41.19
C LEU F 342 19.09 -63.71 -42.43
N LYS F 343 20.14 -63.42 -43.20
CA LYS F 343 20.42 -64.23 -44.38
C LYS F 343 20.80 -65.65 -44.02
N ALA F 344 21.40 -65.85 -42.85
CA ALA F 344 21.76 -67.20 -42.42
C ALA F 344 20.55 -67.94 -41.88
N TYR F 345 19.67 -67.24 -41.14
CA TYR F 345 18.51 -67.88 -40.55
C TYR F 345 17.39 -68.11 -41.55
N PHE F 346 17.39 -67.40 -42.68
CA PHE F 346 16.38 -67.64 -43.70
C PHE F 346 16.61 -68.94 -44.43
N GLY F 347 17.87 -69.36 -44.59
CA GLY F 347 18.18 -70.57 -45.31
C GLY F 347 18.77 -71.67 -44.45
N SER F 348 18.91 -71.43 -43.14
CA SER F 348 19.44 -72.42 -42.21
C SER F 348 18.59 -72.46 -40.95
N GLU F 349 17.27 -72.46 -41.10
CA GLU F 349 16.36 -72.50 -39.97
C GLU F 349 15.72 -73.87 -39.77
N LEU F 350 15.68 -74.71 -40.80
CA LEU F 350 15.08 -76.04 -40.64
C LEU F 350 15.96 -76.94 -39.79
N ASN F 351 17.25 -77.00 -40.09
CA ASN F 351 18.16 -77.84 -39.31
C ASN F 351 18.35 -77.25 -37.92
N PRO F 352 18.30 -78.07 -36.87
CA PRO F 352 18.50 -77.52 -35.52
C PRO F 352 19.91 -77.05 -35.27
N THR F 353 20.91 -77.66 -35.91
CA THR F 353 22.30 -77.27 -35.74
C THR F 353 22.69 -76.22 -36.79
N TRP F 354 21.97 -75.09 -36.75
CA TRP F 354 22.22 -74.03 -37.71
C TRP F 354 23.59 -73.39 -37.49
N SER F 355 23.97 -73.15 -36.22
CA SER F 355 25.26 -72.56 -35.93
C SER F 355 26.41 -73.53 -36.19
N GLU F 356 26.14 -74.83 -36.20
CA GLU F 356 27.18 -75.83 -36.42
C GLU F 356 27.36 -76.19 -37.88
N GLN F 357 26.28 -76.18 -38.67
CA GLN F 357 26.34 -76.51 -40.08
C GLN F 357 26.56 -75.28 -40.96
N VAL F 358 26.86 -74.13 -40.37
CA VAL F 358 27.08 -72.90 -41.12
C VAL F 358 28.54 -72.44 -41.02
N LYS F 359 29.43 -73.33 -40.59
CA LYS F 359 30.85 -73.01 -40.45
C LYS F 359 31.61 -73.44 -41.71
N ALA F 360 31.28 -72.80 -42.81
CA ALA F 360 31.93 -73.11 -44.09
C ALA F 360 33.29 -72.42 -44.20
N MET F 361 33.30 -71.10 -44.11
CA MET F 361 34.52 -70.32 -44.20
C MET F 361 34.56 -69.30 -43.05
N GLY F 362 35.74 -68.74 -42.83
CA GLY F 362 35.92 -67.77 -41.78
C GLY F 362 36.29 -68.39 -40.44
N VAL F 363 37.39 -67.93 -39.85
CA VAL F 363 37.83 -68.49 -38.58
C VAL F 363 37.03 -67.89 -37.42
N ARG F 364 36.49 -66.68 -37.60
CA ARG F 364 35.72 -66.06 -36.51
C ARG F 364 34.41 -66.77 -36.27
N TRP F 365 33.85 -67.42 -37.29
CA TRP F 365 32.58 -68.13 -37.12
C TRP F 365 32.72 -69.29 -36.15
N THR F 366 33.81 -70.05 -36.25
CA THR F 366 34.02 -71.17 -35.34
C THR F 366 34.16 -70.69 -33.90
N LYS F 367 34.93 -69.61 -33.69
CA LYS F 367 35.10 -69.09 -32.35
C LYS F 367 33.79 -68.52 -31.80
N PHE F 368 32.96 -67.92 -32.66
CA PHE F 368 31.68 -67.39 -32.20
C PHE F 368 30.69 -68.50 -31.91
N VAL F 369 30.81 -69.63 -32.61
CA VAL F 369 29.88 -70.73 -32.37
C VAL F 369 30.32 -71.58 -31.17
N GLU F 370 31.61 -71.65 -30.89
CA GLU F 370 32.13 -72.44 -29.78
C GLU F 370 32.51 -71.52 -28.63
N ASN F 371 31.78 -71.63 -27.53
CA ASN F 371 32.02 -70.90 -26.28
C ASN F 371 31.65 -69.42 -26.36
N ASP F 372 31.19 -68.93 -27.51
CA ASP F 372 30.82 -67.53 -27.67
C ASP F 372 29.31 -67.33 -27.73
N SER F 373 28.62 -68.05 -28.61
CA SER F 373 27.18 -67.91 -28.74
C SER F 373 26.48 -69.25 -28.88
N GLN F 374 27.13 -70.35 -28.49
CA GLN F 374 26.51 -71.67 -28.61
C GLN F 374 25.26 -71.79 -27.76
N SER F 375 25.23 -71.15 -26.59
CA SER F 375 24.03 -71.15 -25.77
C SER F 375 23.04 -70.08 -26.19
N VAL F 376 23.53 -68.93 -26.68
CA VAL F 376 22.64 -67.87 -27.13
C VAL F 376 21.82 -68.32 -28.32
N THR F 377 22.45 -69.01 -29.28
CA THR F 377 21.72 -69.50 -30.45
C THR F 377 20.68 -70.53 -30.04
N ASP F 378 21.02 -71.41 -29.10
CA ASP F 378 20.06 -72.41 -28.64
C ASP F 378 18.89 -71.75 -27.93
N ILE F 379 19.15 -70.74 -27.11
CA ILE F 379 18.08 -70.03 -26.42
C ILE F 379 17.18 -69.31 -27.42
N ARG F 380 17.78 -68.70 -28.45
CA ARG F 380 16.98 -68.03 -29.47
C ARG F 380 16.12 -69.02 -30.24
N SER F 381 16.68 -70.18 -30.59
CA SER F 381 15.90 -71.19 -31.29
C SER F 381 14.77 -71.72 -30.42
N GLU F 382 15.03 -71.91 -29.13
CA GLU F 382 13.97 -72.36 -28.22
C GLU F 382 12.87 -71.32 -28.10
N ILE F 383 13.24 -70.04 -28.00
CA ILE F 383 12.24 -68.98 -27.92
C ILE F 383 11.41 -68.93 -29.20
N ALA F 384 12.06 -69.09 -30.35
CA ALA F 384 11.33 -69.09 -31.62
C ALA F 384 10.38 -70.27 -31.71
N ALA F 385 10.83 -71.46 -31.26
CA ALA F 385 9.96 -72.63 -31.29
C ALA F 385 8.78 -72.47 -30.34
N LEU F 386 9.01 -71.83 -29.19
CA LEU F 386 7.91 -71.61 -28.24
C LEU F 386 6.93 -70.58 -28.77
N ALA F 387 7.42 -69.56 -29.48
CA ALA F 387 6.55 -68.53 -30.03
C ALA F 387 5.81 -69.00 -31.28
N THR F 388 6.35 -69.99 -31.99
CA THR F 388 5.67 -70.51 -33.18
C THR F 388 4.33 -71.13 -32.81
N GLU F 389 4.32 -72.00 -31.80
CA GLU F 389 3.06 -72.60 -31.37
C GLU F 389 2.12 -71.57 -30.76
N THR F 390 2.67 -70.54 -30.12
CA THR F 390 1.85 -69.47 -29.53
C THR F 390 1.66 -68.38 -30.58
N GLY F 391 0.66 -68.59 -31.43
CA GLY F 391 0.37 -67.65 -32.50
C GLY F 391 0.52 -68.25 -33.87
N VAL F 392 1.41 -67.67 -34.68
CA VAL F 392 1.65 -68.17 -36.04
C VAL F 392 2.97 -68.93 -36.07
N PRO F 393 3.20 -69.77 -37.06
CA PRO F 393 4.45 -70.53 -37.14
C PRO F 393 5.59 -69.64 -37.64
N ILE F 394 6.75 -70.26 -37.83
CA ILE F 394 7.93 -69.57 -38.32
C ILE F 394 8.04 -69.78 -39.83
N ASP F 395 8.79 -68.89 -40.47
CA ASP F 395 9.08 -68.88 -41.90
C ASP F 395 7.88 -68.44 -42.75
N ASP F 396 6.72 -68.20 -42.14
CA ASP F 396 5.55 -67.74 -42.87
C ASP F 396 4.96 -66.47 -42.28
N TYR F 397 5.00 -66.30 -40.96
CA TYR F 397 4.48 -65.10 -40.32
C TYR F 397 5.46 -63.93 -40.38
N ARG F 398 6.75 -64.21 -40.57
CA ARG F 398 7.74 -63.14 -40.59
C ARG F 398 7.50 -62.19 -41.76
N ARG F 399 7.41 -62.73 -42.98
CA ARG F 399 7.15 -61.89 -44.15
C ARG F 399 5.78 -61.23 -44.07
N ILE F 400 4.80 -61.91 -43.47
CA ILE F 400 3.46 -61.34 -43.35
C ILE F 400 3.48 -60.12 -42.44
N VAL F 401 4.10 -60.24 -41.26
CA VAL F 401 4.18 -59.10 -40.37
C VAL F 401 5.05 -58.01 -40.96
N GLN F 402 6.08 -58.38 -41.73
CA GLN F 402 6.93 -57.37 -42.36
C GLN F 402 6.13 -56.55 -43.37
N THR F 403 5.36 -57.22 -44.23
CA THR F 403 4.60 -56.49 -45.24
C THR F 403 3.47 -55.69 -44.61
N VAL F 404 2.84 -56.21 -43.55
CA VAL F 404 1.79 -55.46 -42.90
C VAL F 404 2.36 -54.23 -42.20
N GLN F 405 3.56 -54.36 -41.62
CA GLN F 405 4.21 -53.21 -41.00
C GLN F 405 4.62 -52.18 -42.06
N LYS F 406 5.07 -52.64 -43.22
CA LYS F 406 5.40 -51.72 -44.30
C LYS F 406 4.16 -50.96 -44.78
N GLY F 407 3.04 -51.66 -44.91
CA GLY F 407 1.80 -51.00 -45.30
C GLY F 407 1.34 -49.99 -44.26
N GLU F 408 1.41 -50.36 -42.98
CA GLU F 408 1.04 -49.43 -41.92
C GLU F 408 1.95 -48.22 -41.91
N ARG F 409 3.26 -48.43 -42.14
CA ARG F 409 4.19 -47.31 -42.17
C ARG F 409 3.90 -46.39 -43.35
N GLU F 410 3.57 -46.96 -44.51
CA GLU F 410 3.22 -46.13 -45.67
C GLU F 410 1.96 -45.33 -45.39
N ALA F 411 0.96 -45.96 -44.78
CA ALA F 411 -0.28 -45.24 -44.45
C ALA F 411 0.00 -44.11 -43.46
N ARG F 412 0.82 -44.38 -42.44
CA ARG F 412 1.14 -43.36 -41.45
C ARG F 412 1.94 -42.22 -42.09
N GLN F 413 2.82 -42.54 -43.03
CA GLN F 413 3.59 -41.50 -43.71
C GLN F 413 2.68 -40.64 -44.57
N ALA F 414 1.73 -41.26 -45.27
CA ALA F 414 0.78 -40.48 -46.06
C ALA F 414 -0.08 -39.58 -45.17
N LYS F 415 -0.54 -40.11 -44.03
CA LYS F 415 -1.32 -39.31 -43.10
C LYS F 415 -0.51 -38.15 -42.55
N LYS F 416 0.75 -38.40 -42.19
CA LYS F 416 1.61 -37.34 -41.68
C LYS F 416 1.87 -36.28 -42.74
N GLU F 417 2.05 -36.69 -43.99
CA GLU F 417 2.26 -35.73 -45.07
C GLU F 417 1.02 -34.88 -45.28
N MET F 418 -0.17 -35.51 -45.26
CA MET F 418 -1.40 -34.74 -45.42
C MET F 418 -1.61 -33.78 -44.25
N VAL F 419 -1.23 -34.20 -43.04
CA VAL F 419 -1.38 -33.34 -41.88
C VAL F 419 -0.45 -32.14 -41.97
N GLU F 420 0.83 -32.39 -42.26
CA GLU F 420 1.79 -31.30 -42.37
C GLU F 420 1.46 -30.37 -43.53
N ALA F 421 0.83 -30.91 -44.57
CA ALA F 421 0.47 -30.13 -45.74
C ALA F 421 -0.89 -29.46 -45.55
N ASN F 422 -1.40 -29.50 -44.32
CA ASN F 422 -2.69 -28.91 -44.00
C ASN F 422 -2.69 -28.18 -42.65
N LEU F 423 -1.59 -28.32 -41.91
CA LEU F 423 -1.49 -27.67 -40.61
C LEU F 423 -1.67 -26.16 -40.72
N ARG F 424 -1.34 -25.61 -41.88
CA ARG F 424 -1.49 -24.19 -42.10
C ARG F 424 -2.97 -23.87 -42.02
N LEU F 425 -3.79 -24.86 -42.35
CA LEU F 425 -5.24 -24.71 -42.30
C LEU F 425 -5.64 -24.51 -40.84
N VAL F 426 -5.16 -25.41 -39.98
CA VAL F 426 -5.45 -25.32 -38.56
C VAL F 426 -4.95 -24.00 -37.99
N ILE F 427 -3.80 -23.54 -38.48
CA ILE F 427 -3.25 -22.28 -38.02
C ILE F 427 -4.16 -21.12 -38.39
N SER F 428 -4.77 -21.21 -39.57
CA SER F 428 -5.69 -20.19 -40.07
C SER F 428 -7.04 -20.24 -39.36
N ILE F 429 -7.46 -21.42 -38.94
CA ILE F 429 -8.75 -21.56 -38.26
C ILE F 429 -8.64 -21.21 -36.78
N ALA F 430 -7.46 -21.38 -36.18
CA ALA F 430 -7.26 -21.08 -34.77
C ALA F 430 -7.12 -19.60 -34.48
N LYS F 431 -7.38 -18.73 -35.47
CA LYS F 431 -7.27 -17.29 -35.26
C LYS F 431 -8.57 -16.67 -34.76
N LYS F 432 -9.72 -17.29 -35.05
CA LYS F 432 -11.00 -16.76 -34.61
C LYS F 432 -11.36 -17.20 -33.20
N TYR F 433 -10.74 -18.25 -32.68
CA TYR F 433 -10.99 -18.73 -31.32
C TYR F 433 -9.96 -18.22 -30.33
N THR F 434 -9.16 -17.22 -30.71
CA THR F 434 -8.17 -16.66 -29.80
C THR F 434 -8.84 -15.93 -28.65
N ASN F 435 -8.22 -16.01 -27.47
CA ASN F 435 -8.73 -15.37 -26.27
C ASN F 435 -10.06 -16.00 -25.83
N ARG F 436 -10.16 -17.32 -25.95
CA ARG F 436 -11.35 -18.06 -25.54
C ARG F 436 -11.02 -19.08 -24.46
N GLY F 437 -9.92 -18.89 -23.74
CA GLY F 437 -9.49 -19.82 -22.71
C GLY F 437 -8.31 -20.69 -23.09
N LEU F 438 -7.73 -20.50 -24.27
CA LEU F 438 -6.59 -21.29 -24.70
C LEU F 438 -5.68 -20.43 -25.57
N GLN F 439 -4.38 -20.64 -25.44
CA GLN F 439 -3.42 -19.90 -26.23
C GLN F 439 -3.54 -20.27 -27.71
N PHE F 440 -2.84 -19.52 -28.55
CA PHE F 440 -2.92 -19.75 -29.99
C PHE F 440 -2.26 -21.07 -30.37
N LEU F 441 -1.03 -21.30 -29.93
CA LEU F 441 -0.36 -22.56 -30.23
C LEU F 441 -1.05 -23.73 -29.56
N ASP F 442 -1.61 -23.52 -28.36
CA ASP F 442 -2.38 -24.57 -27.71
C ASP F 442 -3.61 -24.92 -28.54
N LEU F 443 -4.31 -23.90 -29.05
CA LEU F 443 -5.47 -24.16 -29.90
C LEU F 443 -5.06 -24.88 -31.17
N ILE F 444 -3.92 -24.52 -31.75
CA ILE F 444 -3.46 -25.16 -32.99
C ILE F 444 -3.15 -26.63 -32.74
N GLN F 445 -2.38 -26.92 -31.69
CA GLN F 445 -2.02 -28.30 -31.39
C GLN F 445 -3.18 -29.10 -30.83
N GLU F 446 -4.26 -28.45 -30.39
CA GLU F 446 -5.46 -29.19 -30.02
C GLU F 446 -6.32 -29.49 -31.24
N GLY F 447 -6.47 -28.54 -32.15
CA GLY F 447 -7.15 -28.80 -33.41
C GLY F 447 -6.41 -29.79 -34.29
N ASN F 448 -5.10 -29.94 -34.09
CA ASN F 448 -4.37 -30.97 -34.79
C ASN F 448 -4.91 -32.36 -34.46
N ILE F 449 -5.44 -32.55 -33.25
CA ILE F 449 -6.06 -33.83 -32.89
C ILE F 449 -7.25 -34.10 -33.79
N GLY F 450 -8.15 -33.12 -33.92
CA GLY F 450 -9.28 -33.29 -34.82
C GLY F 450 -8.88 -33.44 -36.27
N LEU F 451 -7.81 -32.75 -36.69
CA LEU F 451 -7.33 -32.89 -38.06
C LEU F 451 -6.84 -34.30 -38.33
N MET F 452 -6.06 -34.85 -37.40
CA MET F 452 -5.61 -36.24 -37.54
C MET F 452 -6.77 -37.21 -37.47
N LYS F 453 -7.80 -36.90 -36.69
CA LYS F 453 -8.99 -37.74 -36.66
C LYS F 453 -9.80 -37.63 -37.95
N ALA F 454 -9.64 -36.54 -38.70
CA ALA F 454 -10.36 -36.38 -39.95
C ALA F 454 -9.76 -37.23 -41.06
N VAL F 455 -8.44 -37.37 -41.09
CA VAL F 455 -7.80 -38.17 -42.13
C VAL F 455 -8.14 -39.65 -41.95
N ASP F 456 -8.44 -40.07 -40.72
CA ASP F 456 -8.83 -41.46 -40.49
C ASP F 456 -10.16 -41.79 -41.17
N LYS F 457 -11.00 -40.79 -41.39
CA LYS F 457 -12.28 -40.95 -42.09
C LYS F 457 -12.32 -39.89 -43.19
N PHE F 458 -11.74 -40.23 -44.34
CA PHE F 458 -11.65 -39.29 -45.46
C PHE F 458 -11.64 -40.12 -46.75
N GLU F 459 -12.80 -40.24 -47.38
CA GLU F 459 -12.97 -41.05 -48.58
C GLU F 459 -13.16 -40.16 -49.80
N TYR F 460 -13.39 -40.80 -50.94
CA TYR F 460 -13.57 -40.09 -52.21
C TYR F 460 -15.05 -39.84 -52.47
N ARG F 461 -15.67 -39.11 -51.56
CA ARG F 461 -17.08 -38.76 -51.68
C ARG F 461 -17.23 -37.51 -52.55
N ARG F 462 -18.44 -36.97 -52.63
CA ARG F 462 -18.67 -35.77 -53.44
C ARG F 462 -17.92 -34.58 -52.83
N GLY F 463 -17.43 -33.71 -53.70
CA GLY F 463 -16.68 -32.55 -53.25
C GLY F 463 -15.36 -32.95 -52.63
N TYR F 464 -14.43 -33.47 -53.45
CA TYR F 464 -13.20 -34.06 -52.95
C TYR F 464 -12.28 -33.07 -52.24
N LYS F 465 -12.63 -31.79 -52.24
CA LYS F 465 -11.79 -30.80 -51.56
C LYS F 465 -11.76 -31.05 -50.05
N PHE F 466 -10.57 -31.31 -49.51
CA PHE F 466 -10.41 -31.57 -48.09
C PHE F 466 -10.46 -30.30 -47.24
N SER F 467 -10.51 -29.14 -47.89
CA SER F 467 -10.56 -27.87 -47.18
C SER F 467 -11.74 -27.78 -46.22
N THR F 468 -12.95 -27.93 -46.76
CA THR F 468 -14.16 -27.87 -45.97
C THR F 468 -14.16 -28.86 -44.81
N TYR F 469 -13.81 -30.11 -45.10
CA TYR F 469 -13.79 -31.14 -44.07
C TYR F 469 -12.79 -30.82 -42.98
N ALA F 470 -11.60 -30.37 -43.37
CA ALA F 470 -10.59 -30.01 -42.38
C ALA F 470 -11.07 -28.86 -41.52
N THR F 471 -11.67 -27.84 -42.12
CA THR F 471 -12.12 -26.70 -41.33
C THR F 471 -13.25 -27.09 -40.39
N TRP F 472 -14.15 -27.97 -40.84
CA TRP F 472 -15.22 -28.43 -39.96
C TRP F 472 -14.66 -29.22 -38.78
N TRP F 473 -13.68 -30.09 -39.03
CA TRP F 473 -13.15 -30.90 -37.95
C TRP F 473 -12.31 -30.07 -36.98
N ILE F 474 -11.56 -29.09 -37.49
CA ILE F 474 -10.81 -28.22 -36.58
C ILE F 474 -11.76 -27.38 -35.75
N ARG F 475 -12.86 -26.91 -36.35
CA ARG F 475 -13.84 -26.15 -35.57
C ARG F 475 -14.48 -27.02 -34.50
N GLN F 476 -14.80 -28.27 -34.84
CA GLN F 476 -15.40 -29.16 -33.86
C GLN F 476 -14.43 -29.52 -32.74
N ALA F 477 -13.13 -29.66 -33.07
CA ALA F 477 -12.15 -30.01 -32.05
C ALA F 477 -11.85 -28.82 -31.15
N ILE F 478 -11.79 -27.62 -31.72
CA ILE F 478 -11.55 -26.43 -30.90
C ILE F 478 -12.76 -26.15 -30.00
N THR F 479 -13.97 -26.23 -30.57
CA THR F 479 -15.16 -26.04 -29.75
C THR F 479 -15.33 -27.15 -28.72
N ARG F 480 -14.84 -28.35 -29.03
CA ARG F 480 -14.91 -29.45 -28.07
C ARG F 480 -13.88 -29.28 -26.96
N SER F 481 -12.74 -28.67 -27.25
CA SER F 481 -11.71 -28.46 -26.24
C SER F 481 -11.80 -27.10 -25.57
N ILE F 482 -12.22 -26.07 -26.30
CA ILE F 482 -12.40 -24.75 -25.70
C ILE F 482 -13.49 -24.79 -24.64
N ALA F 483 -14.48 -25.66 -24.80
CA ALA F 483 -15.55 -25.79 -23.84
C ALA F 483 -15.12 -26.47 -22.54
N ASP F 484 -13.92 -27.04 -22.50
CA ASP F 484 -13.45 -27.76 -21.32
C ASP F 484 -12.32 -27.04 -20.61
N GLN F 485 -11.23 -26.72 -21.30
CA GLN F 485 -10.07 -26.06 -20.68
C GLN F 485 -10.09 -24.56 -20.89
N ALA F 486 -11.21 -23.91 -20.56
CA ALA F 486 -11.31 -22.46 -20.66
C ALA F 486 -11.93 -21.78 -19.45
N ARG F 487 -12.71 -22.48 -18.64
CA ARG F 487 -13.40 -21.87 -17.51
C ARG F 487 -12.72 -22.12 -16.18
N THR F 488 -11.66 -22.93 -16.15
CA THR F 488 -10.91 -23.34 -14.96
C THR F 488 -11.68 -24.35 -14.12
N ILE F 489 -12.93 -24.65 -14.47
CA ILE F 489 -13.75 -25.62 -13.74
C ILE F 489 -14.14 -26.80 -14.61
N ARG F 490 -13.74 -26.82 -15.88
CA ARG F 490 -14.06 -27.90 -16.81
C ARG F 490 -15.58 -28.04 -16.97
N ILE F 491 -16.19 -26.95 -17.46
CA ILE F 491 -17.63 -26.99 -17.75
C ILE F 491 -17.88 -28.00 -18.85
N PRO F 492 -18.97 -28.76 -18.81
CA PRO F 492 -19.22 -29.76 -19.85
C PRO F 492 -19.46 -29.11 -21.20
N VAL F 493 -19.29 -29.91 -22.25
CA VAL F 493 -19.42 -29.41 -23.61
C VAL F 493 -20.85 -28.99 -23.90
N HIS F 494 -21.82 -29.82 -23.48
CA HIS F 494 -23.21 -29.47 -23.73
C HIS F 494 -23.65 -28.26 -22.92
N MET F 495 -23.13 -28.10 -21.70
CA MET F 495 -23.44 -26.88 -20.94
C MET F 495 -22.77 -25.67 -21.56
N ILE F 496 -21.58 -25.83 -22.14
CA ILE F 496 -20.93 -24.72 -22.83
C ILE F 496 -21.75 -24.31 -24.04
N GLU F 497 -22.25 -25.29 -24.80
CA GLU F 497 -23.07 -24.95 -25.97
C GLU F 497 -24.41 -24.34 -25.54
N THR F 498 -24.96 -24.78 -24.40
CA THR F 498 -26.20 -24.18 -23.91
C THR F 498 -25.98 -22.73 -23.48
N ILE F 499 -24.89 -22.46 -22.78
CA ILE F 499 -24.60 -21.08 -22.37
C ILE F 499 -24.28 -20.22 -23.58
N ASN F 500 -23.66 -20.80 -24.61
CA ASN F 500 -23.41 -20.05 -25.84
C ASN F 500 -24.72 -19.73 -26.56
N LYS F 501 -25.65 -20.68 -26.58
CA LYS F 501 -26.96 -20.40 -27.16
C LYS F 501 -27.69 -19.32 -26.36
N ILE F 502 -27.56 -19.35 -25.04
CA ILE F 502 -28.22 -18.35 -24.20
C ILE F 502 -27.64 -16.97 -24.46
N VAL F 503 -26.32 -16.87 -24.53
CA VAL F 503 -25.70 -15.56 -24.76
C VAL F 503 -26.00 -15.07 -26.17
N ARG F 504 -26.08 -15.97 -27.14
CA ARG F 504 -26.44 -15.57 -28.50
C ARG F 504 -27.87 -15.06 -28.55
N THR F 505 -28.78 -15.72 -27.84
CA THR F 505 -30.16 -15.26 -27.78
C THR F 505 -30.25 -13.89 -27.10
N SER F 506 -29.49 -13.71 -26.02
CA SER F 506 -29.48 -12.41 -25.35
C SER F 506 -28.93 -11.31 -26.26
N ARG F 507 -27.88 -11.62 -27.03
CA ARG F 507 -27.33 -10.64 -27.95
C ARG F 507 -28.32 -10.30 -29.05
N GLN F 508 -28.98 -11.30 -29.63
CA GLN F 508 -29.97 -11.03 -30.67
C GLN F 508 -31.15 -10.24 -30.11
N MET F 509 -31.53 -10.49 -28.86
CA MET F 509 -32.60 -9.72 -28.25
C MET F 509 -32.19 -8.27 -28.03
N LEU F 510 -30.96 -8.06 -27.53
CA LEU F 510 -30.45 -6.70 -27.39
C LEU F 510 -30.36 -5.99 -28.74
N HIS F 511 -30.10 -6.73 -29.81
CA HIS F 511 -29.94 -6.12 -31.12
C HIS F 511 -31.29 -5.79 -31.77
N GLU F 512 -32.28 -6.66 -31.61
CA GLU F 512 -33.56 -6.50 -32.29
C GLU F 512 -34.67 -5.99 -31.38
N ILE F 513 -34.93 -6.70 -30.29
CA ILE F 513 -36.06 -6.34 -29.42
C ILE F 513 -35.77 -5.05 -28.68
N GLY F 514 -34.60 -4.96 -28.04
CA GLY F 514 -34.26 -3.77 -27.28
C GLY F 514 -33.42 -4.05 -26.05
N ARG F 515 -33.91 -3.63 -24.88
CA ARG F 515 -33.16 -3.76 -23.65
C ARG F 515 -32.91 -5.24 -23.31
N GLU F 516 -32.08 -5.45 -22.31
CA GLU F 516 -31.71 -6.80 -21.90
C GLU F 516 -32.92 -7.53 -21.34
N PRO F 517 -33.22 -8.73 -21.81
CA PRO F 517 -34.37 -9.49 -21.27
C PRO F 517 -34.05 -10.09 -19.92
N THR F 518 -35.12 -10.32 -19.15
CA THR F 518 -34.97 -10.93 -17.85
C THR F 518 -34.50 -12.39 -17.99
N PRO F 519 -33.80 -12.91 -16.98
CA PRO F 519 -33.39 -14.32 -17.04
C PRO F 519 -34.56 -15.28 -17.11
N GLU F 520 -35.72 -14.92 -16.56
CA GLU F 520 -36.88 -15.79 -16.66
C GLU F 520 -37.43 -15.82 -18.07
N GLU F 521 -37.23 -14.76 -18.85
CA GLU F 521 -37.70 -14.73 -20.23
C GLU F 521 -36.83 -15.58 -21.13
N LEU F 522 -35.53 -15.64 -20.88
CA LEU F 522 -34.64 -16.47 -21.68
C LEU F 522 -34.96 -17.95 -21.55
N ALA F 523 -35.58 -18.36 -20.44
CA ALA F 523 -35.95 -19.76 -20.28
C ALA F 523 -37.02 -20.16 -21.27
N GLU F 524 -38.01 -19.30 -21.51
CA GLU F 524 -39.05 -19.57 -22.48
C GLU F 524 -38.66 -19.18 -23.90
N LYS F 525 -37.68 -18.29 -24.06
CA LYS F 525 -37.25 -17.90 -25.40
C LYS F 525 -36.55 -19.04 -26.12
N LEU F 526 -35.96 -19.98 -25.37
CA LEU F 526 -35.26 -21.11 -25.96
C LEU F 526 -36.04 -22.41 -25.85
N ALA F 527 -37.25 -22.37 -25.30
CA ALA F 527 -38.09 -23.57 -25.15
C ALA F 527 -37.42 -24.60 -24.25
N MET F 528 -36.99 -24.15 -23.08
CA MET F 528 -36.35 -24.98 -22.07
C MET F 528 -36.98 -24.71 -20.71
N PRO F 529 -36.68 -25.55 -19.72
CA PRO F 529 -37.26 -25.33 -18.39
C PRO F 529 -36.85 -23.99 -17.80
N LEU F 530 -37.78 -23.37 -17.07
CA LEU F 530 -37.53 -22.05 -16.50
C LEU F 530 -36.47 -22.13 -15.39
N GLU F 531 -36.49 -23.20 -14.60
CA GLU F 531 -35.52 -23.35 -13.53
C GLU F 531 -34.15 -23.72 -14.04
N LYS F 532 -34.07 -24.41 -15.18
CA LYS F 532 -32.77 -24.80 -15.73
C LYS F 532 -31.99 -23.58 -16.22
N VAL F 533 -32.68 -22.62 -16.84
CA VAL F 533 -32.00 -21.42 -17.31
C VAL F 533 -31.55 -20.56 -16.14
N ARG F 534 -32.28 -20.61 -15.02
CA ARG F 534 -31.86 -19.84 -13.84
C ARG F 534 -30.56 -20.39 -13.26
N LYS F 535 -30.31 -21.68 -13.41
CA LYS F 535 -29.08 -22.28 -12.92
C LYS F 535 -27.97 -22.31 -13.97
N VAL F 536 -28.31 -22.18 -15.25
CA VAL F 536 -27.29 -22.11 -16.29
C VAL F 536 -26.43 -20.87 -16.09
N LEU F 537 -27.06 -19.70 -16.06
CA LEU F 537 -26.34 -18.49 -15.67
C LEU F 537 -25.93 -18.59 -14.21
N LYS F 538 -24.94 -17.76 -13.83
CA LYS F 538 -24.35 -17.83 -12.50
C LYS F 538 -23.72 -19.21 -12.28
N ILE F 539 -22.76 -19.52 -13.14
CA ILE F 539 -22.14 -20.85 -13.14
C ILE F 539 -20.62 -20.69 -13.05
N ALA F 540 -20.16 -19.59 -12.46
CA ALA F 540 -18.74 -19.29 -12.35
C ALA F 540 -18.10 -19.21 -13.74
N LYS F 541 -18.55 -18.21 -14.49
CA LYS F 541 -18.14 -18.07 -15.89
C LYS F 541 -16.64 -17.92 -16.02
N GLU F 542 -16.02 -17.08 -15.19
CA GLU F 542 -14.59 -16.85 -15.25
C GLU F 542 -14.02 -16.58 -13.86
N PRO F 543 -13.30 -17.54 -13.28
CA PRO F 543 -12.71 -17.32 -11.95
C PRO F 543 -11.60 -16.26 -12.04
N ILE F 544 -11.80 -15.16 -11.30
CA ILE F 544 -10.81 -14.08 -11.32
C ILE F 544 -9.50 -14.55 -10.71
N SER F 545 -8.40 -14.06 -11.25
CA SER F 545 -7.08 -14.44 -10.75
C SER F 545 -6.90 -13.94 -9.32
N LEU F 546 -6.40 -14.81 -8.45
CA LEU F 546 -6.20 -14.45 -7.05
C LEU F 546 -5.01 -13.50 -6.85
N GLU F 547 -4.21 -13.26 -7.89
CA GLU F 547 -3.07 -12.37 -7.80
C GLU F 547 -3.33 -11.02 -8.47
N THR F 548 -4.58 -10.72 -8.79
CA THR F 548 -4.90 -9.45 -9.43
C THR F 548 -4.65 -8.29 -8.46
N PRO F 549 -4.28 -7.12 -8.98
CA PRO F 549 -4.06 -5.96 -8.10
C PRO F 549 -5.38 -5.47 -7.50
N ILE F 550 -5.26 -4.86 -6.33
CA ILE F 550 -6.43 -4.36 -5.61
C ILE F 550 -6.48 -2.84 -5.57
N GLY F 551 -5.33 -2.15 -5.58
CA GLY F 551 -5.28 -0.71 -5.56
C GLY F 551 -4.83 -0.12 -6.88
N ASP F 552 -4.41 1.13 -6.83
CA ASP F 552 -3.91 1.80 -8.03
C ASP F 552 -2.61 1.19 -8.51
N GLU F 553 -1.85 0.54 -7.64
CA GLU F 553 -0.61 -0.14 -7.98
C GLU F 553 -0.81 -1.65 -7.94
N GLU F 554 0.27 -2.38 -8.16
CA GLU F 554 0.26 -3.84 -8.17
C GLU F 554 0.54 -4.43 -6.79
N ASP F 555 0.28 -3.68 -5.72
CA ASP F 555 0.56 -4.14 -4.36
C ASP F 555 -0.74 -4.58 -3.68
N SER F 556 -0.61 -5.56 -2.78
CA SER F 556 -1.73 -6.08 -2.00
C SER F 556 -2.82 -6.64 -2.93
N HIS F 557 -2.44 -7.70 -3.64
CA HIS F 557 -3.36 -8.35 -4.56
C HIS F 557 -4.55 -8.94 -3.81
N LEU F 558 -5.54 -9.40 -4.58
CA LEU F 558 -6.76 -9.94 -3.99
C LEU F 558 -6.51 -11.19 -3.16
N GLY F 559 -5.44 -11.94 -3.45
CA GLY F 559 -5.16 -13.13 -2.69
C GLY F 559 -4.84 -12.85 -1.23
N ASP F 560 -4.28 -11.67 -0.95
CA ASP F 560 -3.95 -11.28 0.42
C ASP F 560 -5.15 -10.73 1.19
N PHE F 561 -6.30 -10.56 0.54
CA PHE F 561 -7.49 -10.03 1.20
C PHE F 561 -8.61 -11.04 1.34
N ILE F 562 -8.50 -12.21 0.70
CA ILE F 562 -9.54 -13.22 0.83
C ILE F 562 -9.50 -13.83 2.23
N GLU F 563 -10.67 -13.98 2.83
CA GLU F 563 -10.77 -14.52 4.18
C GLU F 563 -10.65 -16.04 4.13
N ASP F 564 -10.87 -16.69 5.27
CA ASP F 564 -10.81 -18.14 5.37
C ASP F 564 -12.02 -18.62 6.15
N LYS F 565 -12.90 -19.36 5.47
CA LYS F 565 -14.11 -19.89 6.08
C LYS F 565 -13.89 -21.26 6.74
N ASN F 566 -12.69 -21.82 6.64
CA ASN F 566 -12.38 -23.10 7.25
C ASN F 566 -11.30 -23.03 8.32
N ALA F 567 -10.46 -21.99 8.32
CA ALA F 567 -9.43 -21.86 9.34
C ALA F 567 -10.09 -21.59 10.69
N ILE F 568 -9.89 -22.52 11.63
CA ILE F 568 -10.48 -22.39 12.96
C ILE F 568 -9.86 -21.20 13.67
N LEU F 569 -10.67 -20.21 14.00
CA LEU F 569 -10.18 -19.04 14.71
C LEU F 569 -9.73 -19.43 16.12
N PRO F 570 -8.76 -18.71 16.69
CA PRO F 570 -8.31 -19.06 18.04
C PRO F 570 -9.39 -18.91 19.11
N ILE F 571 -10.34 -17.99 18.92
CA ILE F 571 -11.45 -17.88 19.86
C ILE F 571 -12.28 -19.15 19.85
N ASP F 572 -12.68 -19.60 18.66
CA ASP F 572 -13.49 -20.82 18.56
C ASP F 572 -12.75 -22.04 19.08
N ALA F 573 -11.42 -22.04 19.05
CA ALA F 573 -10.65 -23.08 19.71
C ALA F 573 -10.65 -22.91 21.22
N ALA F 574 -10.68 -21.66 21.70
CA ALA F 574 -10.77 -21.41 23.13
C ALA F 574 -12.04 -22.02 23.72
N ILE F 575 -13.18 -21.78 23.07
CA ILE F 575 -14.42 -22.39 23.52
C ILE F 575 -14.38 -23.91 23.38
N GLN F 576 -13.58 -24.44 22.47
CA GLN F 576 -13.43 -25.88 22.35
C GLN F 576 -12.69 -26.45 23.55
N SER F 577 -11.54 -25.86 23.89
CA SER F 577 -10.78 -26.32 25.05
C SER F 577 -11.58 -26.15 26.33
N ASN F 578 -12.26 -25.01 26.50
CA ASN F 578 -13.05 -24.81 27.70
C ASN F 578 -14.27 -25.72 27.72
N LEU F 579 -14.86 -25.98 26.55
CA LEU F 579 -15.94 -26.96 26.49
C LEU F 579 -15.44 -28.36 26.80
N ARG F 580 -14.15 -28.62 26.63
CA ARG F 580 -13.57 -29.87 27.11
C ARG F 580 -13.31 -29.83 28.62
N GLU F 581 -13.01 -28.63 29.15
CA GLU F 581 -12.85 -28.49 30.59
C GLU F 581 -14.18 -28.38 31.30
N THR F 582 -15.12 -27.61 30.75
CA THR F 582 -16.42 -27.44 31.38
C THR F 582 -17.26 -28.70 31.34
N THR F 583 -16.94 -29.65 30.46
CA THR F 583 -17.65 -30.92 30.42
C THR F 583 -17.04 -31.94 31.37
N THR F 584 -15.71 -31.93 31.51
CA THR F 584 -15.08 -32.82 32.48
C THR F 584 -15.45 -32.46 33.91
N ARG F 585 -15.75 -31.19 34.16
CA ARG F 585 -16.15 -30.79 35.50
C ARG F 585 -17.60 -31.17 35.80
N VAL F 586 -18.49 -30.99 34.82
CA VAL F 586 -19.89 -31.36 35.03
C VAL F 586 -20.03 -32.88 35.12
N LEU F 587 -19.18 -33.63 34.41
CA LEU F 587 -19.23 -35.08 34.47
C LEU F 587 -18.56 -35.64 35.71
N ALA F 588 -17.77 -34.83 36.43
CA ALA F 588 -17.13 -35.31 37.65
C ALA F 588 -18.11 -35.46 38.80
N SER F 589 -19.29 -34.84 38.70
CA SER F 589 -20.31 -34.95 39.74
C SER F 589 -21.22 -36.16 39.56
N LEU F 590 -21.26 -36.73 38.37
CA LEU F 590 -22.10 -37.88 38.10
C LEU F 590 -21.46 -39.16 38.66
N THR F 591 -22.15 -40.28 38.50
CA THR F 591 -21.61 -41.56 38.92
C THR F 591 -20.39 -41.91 38.09
N PRO F 592 -19.38 -42.58 38.68
CA PRO F 592 -18.19 -42.97 37.93
C PRO F 592 -18.51 -43.84 36.72
N ARG F 593 -19.19 -44.96 36.94
CA ARG F 593 -19.61 -45.80 35.82
C ARG F 593 -20.60 -45.07 34.93
N GLU F 594 -21.50 -44.29 35.52
CA GLU F 594 -22.46 -43.54 34.72
C GLU F 594 -21.76 -42.47 33.90
N GLU F 595 -20.79 -41.77 34.50
CA GLU F 595 -20.01 -40.78 33.74
C GLU F 595 -19.23 -41.46 32.61
N ARG F 596 -18.69 -42.64 32.88
CA ARG F 596 -17.95 -43.36 31.85
C ARG F 596 -18.85 -43.76 30.69
N VAL F 597 -20.05 -44.27 30.98
CA VAL F 597 -20.94 -44.68 29.91
C VAL F 597 -21.48 -43.47 29.15
N LEU F 598 -21.70 -42.36 29.85
CA LEU F 598 -22.13 -41.14 29.17
C LEU F 598 -21.05 -40.61 28.25
N ARG F 599 -19.79 -40.66 28.70
CA ARG F 599 -18.68 -40.23 27.83
C ARG F 599 -18.52 -41.17 26.65
N MET F 600 -18.72 -42.47 26.86
CA MET F 600 -18.67 -43.42 25.76
C MET F 600 -19.81 -43.20 24.78
N ARG F 601 -20.93 -42.66 25.25
CA ARG F 601 -22.05 -42.39 24.36
C ARG F 601 -21.67 -41.35 23.29
N PHE F 602 -20.83 -40.39 23.67
CA PHE F 602 -20.38 -39.35 22.74
C PHE F 602 -18.89 -39.42 22.46
N GLY F 603 -18.07 -39.42 23.50
CA GLY F 603 -16.63 -39.55 23.33
C GLY F 603 -15.86 -38.28 23.63
N ILE F 604 -15.27 -38.20 24.83
CA ILE F 604 -14.44 -37.06 25.21
C ILE F 604 -12.99 -37.31 24.83
N GLY F 605 -12.46 -38.47 25.21
CA GLY F 605 -11.10 -38.84 24.84
C GLY F 605 -11.07 -39.70 23.60
N MET F 606 -11.99 -40.66 23.53
CA MET F 606 -12.13 -41.51 22.36
C MET F 606 -13.11 -40.89 21.38
N ASN F 607 -12.68 -40.74 20.12
CA ASN F 607 -13.51 -40.11 19.11
C ASN F 607 -14.52 -41.07 18.49
N THR F 608 -14.48 -42.35 18.85
CA THR F 608 -15.40 -43.34 18.30
C THR F 608 -16.75 -43.17 18.99
N ASP F 609 -17.61 -42.34 18.42
CA ASP F 609 -18.93 -42.10 18.97
C ASP F 609 -19.77 -43.37 18.87
N HIS F 610 -20.02 -44.01 20.01
CA HIS F 610 -20.81 -45.23 20.06
C HIS F 610 -22.29 -44.91 20.16
N THR F 611 -23.12 -45.83 19.70
CA THR F 611 -24.56 -45.68 19.78
C THR F 611 -25.02 -46.09 21.18
N LEU F 612 -26.33 -46.22 21.36
CA LEU F 612 -26.87 -46.60 22.67
C LEU F 612 -26.49 -48.04 23.01
N GLU F 613 -26.70 -48.97 22.08
CA GLU F 613 -26.38 -50.36 22.35
C GLU F 613 -24.88 -50.57 22.50
N GLU F 614 -24.08 -49.92 21.65
CA GLU F 614 -22.63 -50.09 21.70
C GLU F 614 -22.06 -49.65 23.05
N VAL F 615 -22.51 -48.51 23.55
CA VAL F 615 -22.10 -48.08 24.89
C VAL F 615 -22.79 -48.92 25.96
N GLY F 616 -23.89 -49.59 25.62
CA GLY F 616 -24.55 -50.44 26.60
C GLY F 616 -23.77 -51.70 26.89
N GLN F 617 -23.23 -52.34 25.85
CA GLN F 617 -22.48 -53.57 26.05
C GLN F 617 -21.25 -53.36 26.91
N GLN F 618 -20.67 -52.15 26.87
CA GLN F 618 -19.46 -51.88 27.63
C GLN F 618 -19.70 -51.84 29.14
N PHE F 619 -20.94 -51.65 29.57
CA PHE F 619 -21.26 -51.52 30.99
C PHE F 619 -22.11 -52.67 31.52
N SER F 620 -23.24 -52.95 30.90
CA SER F 620 -24.17 -53.97 31.38
C SER F 620 -24.87 -54.57 30.18
N VAL F 621 -25.99 -55.25 30.43
CA VAL F 621 -26.79 -55.80 29.34
C VAL F 621 -27.30 -54.66 28.47
N THR F 622 -27.06 -54.76 27.17
CA THR F 622 -27.46 -53.73 26.22
C THR F 622 -28.97 -53.72 26.08
N ARG F 623 -29.62 -52.79 26.78
CA ARG F 623 -31.08 -52.68 26.75
C ARG F 623 -31.44 -51.22 26.98
N GLU F 624 -32.71 -50.96 27.31
CA GLU F 624 -33.17 -49.60 27.59
C GLU F 624 -32.62 -49.06 28.90
N ARG F 625 -31.98 -49.88 29.72
CA ARG F 625 -31.38 -49.40 30.96
C ARG F 625 -30.31 -48.36 30.69
N ILE F 626 -29.52 -48.56 29.64
CA ILE F 626 -28.50 -47.57 29.28
C ILE F 626 -29.15 -46.28 28.81
N ARG F 627 -30.21 -46.38 27.99
CA ARG F 627 -30.94 -45.19 27.58
C ARG F 627 -31.59 -44.51 28.77
N GLN F 628 -32.08 -45.29 29.73
CA GLN F 628 -32.71 -44.72 30.92
C GLN F 628 -31.69 -43.94 31.75
N ILE F 629 -30.51 -44.53 31.95
CA ILE F 629 -29.49 -43.84 32.74
C ILE F 629 -28.98 -42.61 31.98
N GLU F 630 -28.92 -42.68 30.64
CA GLU F 630 -28.52 -41.52 29.87
C GLU F 630 -29.53 -40.39 30.01
N ALA F 631 -30.83 -40.71 29.95
CA ALA F 631 -31.85 -39.68 30.14
C ALA F 631 -31.80 -39.12 31.55
N LYS F 632 -31.58 -39.97 32.55
CA LYS F 632 -31.47 -39.50 33.92
C LYS F 632 -30.29 -38.55 34.09
N ALA F 633 -29.14 -38.89 33.50
CA ALA F 633 -27.99 -38.00 33.58
C ALA F 633 -28.25 -36.69 32.85
N LEU F 634 -28.86 -36.76 31.67
CA LEU F 634 -29.14 -35.55 30.91
C LEU F 634 -30.08 -34.62 31.68
N ARG F 635 -31.11 -35.17 32.30
CA ARG F 635 -31.98 -34.36 33.15
C ARG F 635 -31.32 -34.00 34.48
N LYS F 636 -30.19 -34.62 34.82
CA LYS F 636 -29.51 -34.32 36.08
C LYS F 636 -28.84 -32.95 36.02
N LEU F 637 -27.97 -32.74 35.03
CA LEU F 637 -27.23 -31.48 34.93
C LEU F 637 -27.99 -30.43 34.14
N LYS F 638 -29.25 -30.22 34.53
CA LYS F 638 -30.07 -29.15 33.96
C LYS F 638 -30.48 -28.11 35.00
N HIS F 639 -30.00 -28.25 36.23
CA HIS F 639 -30.35 -27.32 37.29
C HIS F 639 -29.44 -26.09 37.24
N PRO F 640 -29.81 -25.02 37.94
CA PRO F 640 -28.95 -23.83 37.97
C PRO F 640 -27.62 -24.05 38.65
N SER F 641 -27.48 -25.10 39.46
CA SER F 641 -26.22 -25.37 40.14
C SER F 641 -25.21 -26.06 39.21
N ARG F 642 -25.62 -27.17 38.60
CA ARG F 642 -24.73 -27.91 37.72
C ARG F 642 -24.59 -27.22 36.36
N SER F 643 -25.71 -26.91 35.72
CA SER F 643 -25.70 -26.23 34.43
C SER F 643 -25.72 -24.71 34.59
N ARG F 644 -24.76 -24.19 35.36
CA ARG F 644 -24.65 -22.76 35.58
C ARG F 644 -23.73 -22.09 34.58
N LYS F 645 -22.52 -22.62 34.39
CA LYS F 645 -21.59 -22.07 33.44
C LYS F 645 -21.90 -22.46 31.99
N LEU F 646 -22.84 -23.37 31.78
CA LEU F 646 -23.23 -23.78 30.44
C LEU F 646 -24.46 -23.05 29.93
N ARG F 647 -25.18 -22.33 30.79
CA ARG F 647 -26.37 -21.60 30.35
C ARG F 647 -26.01 -20.52 29.34
N SER F 648 -24.84 -19.92 29.48
CA SER F 648 -24.33 -18.94 28.52
C SER F 648 -23.36 -19.55 27.52
N PHE F 649 -23.28 -20.87 27.46
CA PHE F 649 -22.36 -21.57 26.57
C PHE F 649 -23.02 -21.99 25.25
N LEU F 650 -24.30 -22.34 25.28
CA LEU F 650 -24.99 -22.77 24.07
C LEU F 650 -25.35 -21.61 23.15
N ASP F 651 -25.47 -20.41 23.68
CA ASP F 651 -25.82 -19.23 22.89
C ASP F 651 -27.19 -19.38 22.24
P 6MA G 63 19.91 7.10 -15.46
OP1 6MA G 63 20.88 8.23 -15.25
OP2 6MA G 63 19.91 6.68 -16.87
O5' 6MA G 63 20.26 5.83 -14.45
C5' 6MA G 63 20.30 6.06 -13.08
C4' 6MA G 63 20.06 4.74 -12.33
O4' 6MA G 63 18.64 4.09 -12.77
C3' 6MA G 63 20.99 3.87 -12.67
O3' 6MA G 63 21.98 3.74 -11.57
C2' 6MA G 63 20.24 2.48 -12.85
C1' 6MA G 63 18.78 2.77 -12.53
N9 6MA G 63 17.93 1.96 -13.37
C8 6MA G 63 17.98 2.61 -14.52
N7 6MA G 63 17.23 1.94 -15.40
C5 6MA G 63 16.72 0.90 -14.78
C6 6MA G 63 15.89 -0.11 -15.19
N1 6MA G 63 15.51 -1.06 -14.35
C2 6MA G 63 15.95 -1.04 -13.08
N3 6MA G 63 16.77 -0.05 -12.67
C4 6MA G 63 17.15 0.91 -13.51
N6 6MA G 63 15.59 0.09 -16.48
C1 6MA G 63 14.18 -0.02 -16.94
P 6MA G 71 31.91 -11.60 -36.48
OP1 6MA G 71 31.12 -10.66 -37.35
OP2 6MA G 71 32.10 -12.91 -37.15
O5' 6MA G 71 33.35 -10.94 -36.03
C5' 6MA G 71 34.10 -10.28 -37.00
C4' 6MA G 71 34.08 -8.77 -36.69
O4' 6MA G 71 34.13 -8.52 -35.09
C3' 6MA G 71 35.15 -8.21 -37.19
O3' 6MA G 71 34.88 -6.78 -37.48
C2' 6MA G 71 36.21 -8.34 -36.04
C1' 6MA G 71 35.38 -8.07 -34.79
N9 6MA G 71 35.92 -8.75 -33.64
C8 6MA G 71 35.53 -9.99 -33.83
N7 6MA G 71 35.97 -10.72 -32.81
C5 6MA G 71 36.63 -9.92 -32.00
C6 6MA G 71 37.27 -10.14 -30.81
N1 6MA G 71 37.87 -9.15 -30.17
C2 6MA G 71 37.83 -7.92 -30.68
N3 6MA G 71 37.20 -7.69 -31.85
C4 6MA G 71 36.59 -8.69 -32.50
N6 6MA G 71 37.16 -11.46 -30.51
C1 6MA G 71 38.08 -12.44 -31.16
P 6MA H 18 44.84 -21.07 -31.08
OP1 6MA H 18 45.46 -22.08 -30.16
OP2 6MA H 18 43.50 -20.47 -31.25
O5' 6MA H 18 44.72 -20.27 -29.64
C5' 6MA H 18 44.30 -18.95 -29.63
C4' 6MA H 18 45.29 -18.09 -28.83
O4' 6MA H 18 46.00 -17.00 -29.80
C3' 6MA H 18 44.63 -17.38 -27.94
O3' 6MA H 18 45.55 -16.91 -26.89
C2' 6MA H 18 44.13 -16.16 -28.80
C1' 6MA H 18 45.37 -15.81 -29.61
N9 6MA H 18 45.06 -15.20 -30.88
C8 6MA H 18 44.31 -16.12 -31.45
N7 6MA H 18 43.96 -15.68 -32.65
C5 6MA H 18 44.50 -14.48 -32.81
C6 6MA H 18 44.46 -13.58 -33.84
N1 6MA H 18 45.09 -12.42 -33.76
C2 6MA H 18 45.79 -12.13 -32.65
N3 6MA H 18 45.83 -13.01 -31.62
C4 6MA H 18 45.18 -14.19 -31.72
N6 6MA H 18 43.71 -14.11 -34.83
C1 6MA H 18 42.23 -13.91 -34.82
P 6MA H 26 16.41 -10.43 -21.07
OP1 6MA H 26 15.12 -11.14 -21.19
OP2 6MA H 26 16.19 -8.98 -20.71
O5' 6MA H 26 17.40 -11.17 -19.95
C5' 6MA H 26 16.85 -11.54 -18.73
C4' 6MA H 26 17.87 -11.33 -17.60
O4' 6MA H 26 19.12 -10.43 -18.11
C3' 6MA H 26 17.27 -10.67 -16.63
O3' 6MA H 26 17.84 -11.03 -15.31
C2' 6MA H 26 17.61 -9.17 -16.99
C1' 6MA H 26 19.06 -9.25 -17.43
N9 6MA H 26 19.39 -8.11 -18.26
C8 6MA H 26 18.93 -8.48 -19.44
N7 6MA H 26 19.17 -7.50 -20.29
C5 6MA H 26 19.79 -6.53 -19.65
C6 6MA H 26 20.27 -5.32 -20.03
N1 6MA H 26 20.87 -4.51 -19.17
C2 6MA H 26 21.00 -4.90 -17.90
N3 6MA H 26 20.54 -6.10 -17.50
C4 6MA H 26 19.93 -6.92 -18.38
N6 6MA H 26 20.00 -5.17 -21.35
C1 6MA H 26 18.78 -4.44 -21.80
N PRO I 105 0.49 -45.28 -66.24
CA PRO I 105 1.01 -46.35 -65.38
C PRO I 105 2.48 -46.16 -65.02
N GLY I 106 2.89 -46.69 -63.87
CA GLY I 106 4.25 -46.58 -63.40
C GLY I 106 5.03 -47.86 -63.59
N SER I 107 6.10 -47.99 -62.80
CA SER I 107 6.97 -49.16 -62.85
C SER I 107 7.29 -49.66 -61.45
N ALA I 108 6.37 -49.48 -60.51
CA ALA I 108 6.57 -49.92 -59.13
C ALA I 108 5.22 -50.07 -58.46
N THR I 109 4.99 -51.23 -57.85
CA THR I 109 3.72 -51.50 -57.19
C THR I 109 3.71 -50.88 -55.79
N VAL I 110 2.65 -51.16 -55.02
CA VAL I 110 2.53 -50.61 -53.67
C VAL I 110 3.37 -51.36 -52.65
N LEU I 111 4.00 -52.47 -53.04
CA LEU I 111 4.82 -53.26 -52.14
C LEU I 111 6.31 -53.03 -52.32
N THR I 112 6.78 -52.96 -53.57
CA THR I 112 8.21 -52.74 -53.85
C THR I 112 8.55 -51.25 -53.95
N LEU I 113 8.13 -50.50 -52.93
CA LEU I 113 8.38 -49.06 -52.86
C LEU I 113 9.49 -48.81 -51.85
N GLY I 114 10.68 -48.47 -52.36
CA GLY I 114 11.83 -48.21 -51.53
C GLY I 114 12.01 -46.72 -51.23
N ALA I 115 13.07 -46.43 -50.49
CA ALA I 115 13.38 -45.05 -50.12
C ALA I 115 13.91 -44.29 -51.33
N HIS I 116 13.68 -42.97 -51.33
CA HIS I 116 14.15 -42.10 -52.39
C HIS I 116 13.51 -42.47 -53.73
N MET I 117 12.19 -42.65 -53.71
CA MET I 117 11.43 -42.99 -54.91
C MET I 117 10.15 -42.16 -54.94
N CYS I 118 9.60 -42.02 -56.14
CA CYS I 118 8.37 -41.28 -56.30
C CYS I 118 7.21 -42.03 -55.67
N LYS I 119 6.22 -41.27 -55.18
CA LYS I 119 5.07 -41.85 -54.49
C LYS I 119 3.75 -41.28 -54.98
N TRP I 120 3.74 -40.56 -56.10
CA TRP I 120 2.50 -40.01 -56.62
C TRP I 120 1.60 -41.14 -57.12
N PRO I 121 0.37 -41.26 -56.63
CA PRO I 121 -0.51 -42.34 -57.07
C PRO I 121 -1.11 -42.07 -58.43
N ILE I 122 -1.30 -43.15 -59.19
CA ILE I 122 -1.92 -43.10 -60.51
C ILE I 122 -3.02 -44.14 -60.57
N GLY I 123 -4.25 -43.71 -60.83
CA GLY I 123 -5.35 -44.63 -60.95
C GLY I 123 -6.21 -44.73 -59.70
N ASP I 124 -6.83 -45.89 -59.50
CA ASP I 124 -7.70 -46.14 -58.36
C ASP I 124 -7.10 -47.20 -57.47
N PRO I 125 -6.91 -46.91 -56.17
CA PRO I 125 -6.36 -47.95 -55.28
C PRO I 125 -7.25 -49.16 -55.15
N SER I 126 -8.56 -49.01 -55.31
CA SER I 126 -9.50 -50.13 -55.27
C SER I 126 -9.70 -50.76 -56.64
N SER I 127 -8.84 -50.46 -57.60
CA SER I 127 -8.95 -51.00 -58.96
C SER I 127 -7.97 -52.16 -59.13
N GLU I 128 -7.87 -52.66 -60.36
CA GLU I 128 -6.98 -53.78 -60.64
C GLU I 128 -5.53 -53.32 -60.74
N GLY I 129 -5.25 -52.34 -61.59
CA GLY I 129 -3.91 -51.85 -61.77
C GLY I 129 -3.68 -50.49 -61.12
N PHE I 130 -2.96 -50.47 -60.01
CA PHE I 130 -2.66 -49.24 -59.29
C PHE I 130 -1.20 -49.28 -58.84
N THR I 131 -0.36 -48.47 -59.48
CA THR I 131 1.06 -48.40 -59.16
C THR I 131 1.47 -46.93 -59.07
N PHE I 132 2.74 -46.72 -58.72
CA PHE I 132 3.33 -45.39 -58.60
C PHE I 132 4.40 -45.20 -59.66
N CYS I 133 4.96 -43.99 -59.70
CA CYS I 133 6.02 -43.70 -60.66
C CYS I 133 7.27 -44.53 -60.38
N GLY I 134 7.81 -44.41 -59.17
CA GLY I 134 8.98 -45.17 -58.79
C GLY I 134 10.23 -44.78 -59.57
N ARG I 135 10.61 -43.51 -59.49
CA ARG I 135 11.80 -43.02 -60.17
C ARG I 135 12.73 -42.31 -59.20
N ARG I 136 13.78 -41.68 -59.73
CA ARG I 136 14.72 -40.95 -58.90
C ARG I 136 14.10 -39.65 -58.42
N SER I 137 13.51 -39.68 -57.22
CA SER I 137 12.84 -38.52 -56.62
C SER I 137 13.29 -38.35 -55.18
N SER I 138 14.60 -38.42 -54.95
CA SER I 138 15.15 -38.26 -53.61
C SER I 138 14.88 -36.86 -53.08
N GLU I 139 14.83 -36.75 -51.75
CA GLU I 139 14.56 -35.48 -51.08
C GLU I 139 13.18 -34.95 -51.44
N GLY I 140 12.20 -35.85 -51.51
CA GLY I 140 10.85 -35.48 -51.88
C GLY I 140 9.97 -36.70 -52.05
N PRO I 141 8.72 -36.60 -51.58
CA PRO I 141 7.79 -37.74 -51.69
C PRO I 141 7.43 -38.04 -53.14
N TYR I 142 7.10 -37.00 -53.90
CA TYR I 142 6.75 -37.15 -55.31
C TYR I 142 7.95 -36.82 -56.18
N CYS I 143 7.76 -36.93 -57.49
CA CYS I 143 8.81 -36.58 -58.45
C CYS I 143 8.85 -35.06 -58.62
N VAL I 144 9.62 -34.59 -59.60
CA VAL I 144 9.82 -33.15 -59.75
C VAL I 144 8.51 -32.47 -60.16
N GLU I 145 7.95 -32.88 -61.31
CA GLU I 145 6.77 -32.21 -61.84
C GLU I 145 5.56 -32.41 -60.96
N HIS I 146 5.36 -33.62 -60.43
CA HIS I 146 4.20 -33.87 -59.58
C HIS I 146 4.30 -33.11 -58.26
N ALA I 147 5.50 -33.02 -57.68
CA ALA I 147 5.67 -32.23 -56.47
C ALA I 147 5.46 -30.75 -56.76
N ARG I 148 5.92 -30.28 -57.92
CA ARG I 148 5.70 -28.87 -58.28
C ARG I 148 4.22 -28.56 -58.43
N VAL I 149 3.47 -29.44 -59.09
CA VAL I 149 2.05 -29.20 -59.29
C VAL I 149 1.28 -29.37 -57.99
N ALA I 150 1.76 -30.21 -57.09
CA ALA I 150 1.07 -30.46 -55.82
C ALA I 150 1.47 -29.50 -54.71
N TYR I 151 2.61 -28.81 -54.85
CA TYR I 151 3.12 -27.93 -53.80
C TYR I 151 2.64 -26.49 -53.96
N GLN I 152 1.49 -26.28 -54.59
CA GLN I 152 0.95 -24.94 -54.79
C GLN I 152 1.92 -24.07 -55.58
N PRO I 153 2.09 -24.34 -56.88
CA PRO I 153 3.06 -23.57 -57.68
C PRO I 153 2.74 -22.08 -57.68
N GLN I 154 3.76 -21.29 -58.01
CA GLN I 154 3.68 -19.83 -57.95
C GLN I 154 3.42 -19.37 -56.52
N GLN I 155 4.25 -19.86 -55.60
CA GLN I 155 4.11 -19.54 -54.18
C GLN I 155 4.51 -18.09 -53.95
N THR I 156 3.53 -17.22 -53.69
CA THR I 156 3.78 -15.80 -53.44
C THR I 156 2.88 -15.39 -52.27
N LYS I 157 3.43 -15.47 -51.06
CA LYS I 157 2.69 -15.10 -49.85
C LYS I 157 3.63 -14.93 -48.66
ZN ZN J . 37.06 -9.94 17.38
ZN ZN K . -16.56 -40.80 0.45
MG MG L . 4.87 13.29 11.75
ZN ZN M . 5.02 -39.04 -59.65
#